data_6O1O
#
_entry.id   6O1O
#
_cell.length_a   1.00
_cell.length_b   1.00
_cell.length_c   1.00
_cell.angle_alpha   90.00
_cell.angle_beta   90.00
_cell.angle_gamma   90.00
#
_symmetry.space_group_name_H-M   'P 1'
#
loop_
_entity.id
_entity.type
_entity.pdbx_description
1 polymer Csm1
2 polymer Csm4
3 polymer Csm3
4 polymer Csm2
5 polymer 'RNA (36-MER)'
6 polymer 'RNA (30-MER)'
#
loop_
_entity_poly.entity_id
_entity_poly.type
_entity_poly.pdbx_seq_one_letter_code
_entity_poly.pdbx_strand_id
1 'polypeptide(L)'
;(UNK)(UNK)(UNK)(UNK)(UNK)(UNK)(UNK)(UNK)(UNK)(UNK)(UNK)(UNK)(UNK)(UNK)(UNK)(UNK)
(UNK)(UNK)(UNK)(UNK)(UNK)(UNK)(UNK)(UNK)(UNK)(UNK)(UNK)(UNK)(UNK)(UNK)(UNK)(UNK)
(UNK)(UNK)(UNK)(UNK)(UNK)(UNK)(UNK)(UNK)(UNK)(UNK)(UNK)(UNK)(UNK)(UNK)(UNK)(UNK)
(UNK)(UNK)(UNK)(UNK)(UNK)(UNK)(UNK)(UNK)(UNK)(UNK)(UNK)(UNK)(UNK)(UNK)(UNK)(UNK)
(UNK)(UNK)(UNK)(UNK)(UNK)(UNK)(UNK)(UNK)(UNK)(UNK)(UNK)(UNK)(UNK)(UNK)(UNK)(UNK)
(UNK)(UNK)(UNK)(UNK)(UNK)(UNK)(UNK)(UNK)(UNK)(UNK)(UNK)(UNK)(UNK)(UNK)(UNK)(UNK)
(UNK)(UNK)(UNK)(UNK)(UNK)(UNK)(UNK)(UNK)(UNK)(UNK)(UNK)(UNK)(UNK)(UNK)(UNK)(UNK)
(UNK)(UNK)(UNK)(UNK)(UNK)(UNK)(UNK)(UNK)(UNK)(UNK)(UNK)(UNK)(UNK)(UNK)(UNK)(UNK)
(UNK)(UNK)(UNK)(UNK)(UNK)(UNK)(UNK)(UNK)(UNK)(UNK)(UNK)(UNK)(UNK)(UNK)(UNK)(UNK)
(UNK)(UNK)(UNK)(UNK)(UNK)(UNK)(UNK)(UNK)(UNK)(UNK)(UNK)(UNK)(UNK)(UNK)(UNK)(UNK)
(UNK)(UNK)(UNK)(UNK)(UNK)(UNK)(UNK)(UNK)(UNK)(UNK)(UNK)(UNK)(UNK)(UNK)(UNK)(UNK)
(UNK)(UNK)(UNK)(UNK)(UNK)(UNK)(UNK)(UNK)(UNK)(UNK)(UNK)(UNK)(UNK)(UNK)(UNK)(UNK)
(UNK)(UNK)(UNK)(UNK)(UNK)(UNK)(UNK)(UNK)(UNK)(UNK)(UNK)(UNK)(UNK)(UNK)(UNK)(UNK)
(UNK)(UNK)(UNK)(UNK)(UNK)(UNK)(UNK)(UNK)(UNK)(UNK)(UNK)(UNK)(UNK)(UNK)(UNK)(UNK)
(UNK)(UNK)(UNK)(UNK)(UNK)(UNK)(UNK)(UNK)(UNK)(UNK)(UNK)(UNK)(UNK)(UNK)(UNK)(UNK)
(UNK)(UNK)(UNK)(UNK)(UNK)(UNK)(UNK)(UNK)(UNK)(UNK)(UNK)(UNK)(UNK)(UNK)(UNK)(UNK)
(UNK)(UNK)(UNK)(UNK)(UNK)(UNK)(UNK)(UNK)(UNK)(UNK)(UNK)(UNK)(UNK)(UNK)(UNK)(UNK)
(UNK)(UNK)(UNK)(UNK)(UNK)(UNK)(UNK)(UNK)(UNK)(UNK)(UNK)(UNK)(UNK)(UNK)(UNK)(UNK)
(UNK)(UNK)(UNK)(UNK)(UNK)(UNK)(UNK)(UNK)(UNK)(UNK)(UNK)(UNK)(UNK)(UNK)(UNK)(UNK)
(UNK)(UNK)(UNK)(UNK)(UNK)(UNK)(UNK)(UNK)(UNK)(UNK)(UNK)(UNK)(UNK)(UNK)(UNK)(UNK)
(UNK)(UNK)(UNK)(UNK)(UNK)(UNK)(UNK)(UNK)(UNK)(UNK)(UNK)(UNK)(UNK)(UNK)(UNK)(UNK)
(UNK)(UNK)(UNK)(UNK)(UNK)(UNK)(UNK)(UNK)(UNK)(UNK)(UNK)(UNK)(UNK)(UNK)(UNK)(UNK)
(UNK)(UNK)(UNK)(UNK)(UNK)(UNK)(UNK)(UNK)(UNK)(UNK)(UNK)(UNK)(UNK)(UNK)(UNK)(UNK)
(UNK)(UNK)(UNK)(UNK)(UNK)(UNK)(UNK)(UNK)(UNK)(UNK)(UNK)(UNK)(UNK)(UNK)(UNK)(UNK)
(UNK)(UNK)(UNK)(UNK)(UNK)(UNK)(UNK)(UNK)(UNK)(UNK)(UNK)(UNK)(UNK)(UNK)(UNK)(UNK)
(UNK)(UNK)(UNK)(UNK)(UNK)(UNK)(UNK)(UNK)(UNK)(UNK)(UNK)(UNK)(UNK)(UNK)(UNK)(UNK)
(UNK)(UNK)(UNK)(UNK)(UNK)(UNK)(UNK)(UNK)(UNK)(UNK)(UNK)(UNK)(UNK)(UNK)(UNK)(UNK)
(UNK)(UNK)(UNK)(UNK)(UNK)(UNK)(UNK)(UNK)(UNK)(UNK)(UNK)(UNK)(UNK)(UNK)(UNK)(UNK)
(UNK)(UNK)(UNK)(UNK)(UNK)(UNK)(UNK)(UNK)(UNK)(UNK)(UNK)(UNK)(UNK)(UNK)(UNK)(UNK)
(UNK)(UNK)(UNK)(UNK)(UNK)(UNK)(UNK)(UNK)(UNK)(UNK)(UNK)(UNK)(UNK)(UNK)(UNK)(UNK)
(UNK)(UNK)(UNK)(UNK)(UNK)(UNK)(UNK)(UNK)(UNK)(UNK)(UNK)(UNK)(UNK)(UNK)(UNK)(UNK)
(UNK)(UNK)(UNK)(UNK)(UNK)(UNK)(UNK)(UNK)(UNK)(UNK)(UNK)(UNK)(UNK)(UNK)(UNK)(UNK)
(UNK)(UNK)(UNK)(UNK)(UNK)(UNK)(UNK)(UNK)(UNK)(UNK)(UNK)(UNK)(UNK)(UNK)(UNK)(UNK)
(UNK)(UNK)(UNK)(UNK)(UNK)(UNK)(UNK)(UNK)(UNK)(UNK)(UNK)(UNK)(UNK)(UNK)(UNK)(UNK)
(UNK)(UNK)(UNK)(UNK)(UNK)(UNK)(UNK)(UNK)(UNK)(UNK)(UNK)(UNK)(UNK)(UNK)(UNK)(UNK)
(UNK)(UNK)(UNK)(UNK)(UNK)(UNK)(UNK)(UNK)(UNK)(UNK)(UNK)(UNK)(UNK)(UNK)(UNK)(UNK)
(UNK)(UNK)(UNK)(UNK)(UNK)(UNK)(UNK)(UNK)(UNK)(UNK)(UNK)(UNK)(UNK)(UNK)(UNK)(UNK)
(UNK)(UNK)(UNK)(UNK)(UNK)(UNK)(UNK)(UNK)(UNK)(UNK)(UNK)(UNK)(UNK)(UNK)(UNK)(UNK)
(UNK)(UNK)(UNK)(UNK)(UNK)(UNK)(UNK)(UNK)(UNK)(UNK)(UNK)(UNK)(UNK)(UNK)(UNK)(UNK)
(UNK)(UNK)(UNK)(UNK)(UNK)(UNK)(UNK)(UNK)(UNK)(UNK)(UNK)(UNK)(UNK)(UNK)(UNK)(UNK)
(UNK)(UNK)(UNK)(UNK)(UNK)(UNK)(UNK)(UNK)(UNK)(UNK)(UNK)(UNK)(UNK)(UNK)(UNK)(UNK)
(UNK)(UNK)(UNK)(UNK)(UNK)(UNK)(UNK)(UNK)(UNK)(UNK)(UNK)(UNK)(UNK)(UNK)(UNK)(UNK)
(UNK)(UNK)(UNK)(UNK)(UNK)(UNK)(UNK)(UNK)(UNK)(UNK)(UNK)(UNK)(UNK)(UNK)(UNK)(UNK)
(UNK)(UNK)(UNK)(UNK)(UNK)(UNK)(UNK)(UNK)(UNK)(UNK)(UNK)(UNK)(UNK)(UNK)(UNK)(UNK)
(UNK)(UNK)(UNK)(UNK)(UNK)(UNK)(UNK)(UNK)(UNK)(UNK)(UNK)(UNK)
;
A
2 'polypeptide(L)'
;(UNK)(UNK)(UNK)(UNK)(UNK)(UNK)(UNK)(UNK)(UNK)(UNK)(UNK)(UNK)(UNK)(UNK)(UNK)(UNK)
(UNK)(UNK)(UNK)(UNK)(UNK)(UNK)(UNK)(UNK)(UNK)(UNK)(UNK)(UNK)(UNK)(UNK)(UNK)(UNK)
(UNK)(UNK)(UNK)(UNK)(UNK)(UNK)(UNK)(UNK)(UNK)(UNK)(UNK)(UNK)(UNK)(UNK)(UNK)(UNK)
(UNK)(UNK)(UNK)(UNK)(UNK)(UNK)(UNK)(UNK)(UNK)(UNK)(UNK)(UNK)(UNK)(UNK)(UNK)(UNK)
(UNK)(UNK)(UNK)(UNK)(UNK)(UNK)(UNK)(UNK)(UNK)(UNK)(UNK)(UNK)(UNK)(UNK)(UNK)(UNK)
(UNK)(UNK)(UNK)(UNK)(UNK)(UNK)(UNK)(UNK)(UNK)(UNK)(UNK)(UNK)(UNK)(UNK)(UNK)(UNK)
(UNK)(UNK)(UNK)(UNK)(UNK)(UNK)(UNK)(UNK)(UNK)(UNK)(UNK)(UNK)(UNK)(UNK)(UNK)(UNK)
(UNK)(UNK)(UNK)(UNK)(UNK)(UNK)(UNK)(UNK)(UNK)(UNK)(UNK)(UNK)(UNK)(UNK)(UNK)(UNK)
(UNK)(UNK)(UNK)(UNK)(UNK)(UNK)(UNK)(UNK)(UNK)(UNK)(UNK)(UNK)(UNK)(UNK)(UNK)(UNK)
(UNK)(UNK)(UNK)(UNK)(UNK)(UNK)(UNK)(UNK)(UNK)(UNK)(UNK)(UNK)(UNK)(UNK)(UNK)(UNK)
(UNK)(UNK)(UNK)(UNK)(UNK)(UNK)(UNK)(UNK)(UNK)(UNK)(UNK)(UNK)(UNK)(UNK)(UNK)(UNK)
(UNK)(UNK)(UNK)(UNK)(UNK)(UNK)(UNK)(UNK)(UNK)(UNK)(UNK)(UNK)(UNK)(UNK)(UNK)(UNK)
(UNK)(UNK)(UNK)(UNK)(UNK)(UNK)(UNK)(UNK)(UNK)(UNK)(UNK)(UNK)(UNK)(UNK)(UNK)(UNK)
(UNK)(UNK)(UNK)(UNK)(UNK)(UNK)(UNK)(UNK)(UNK)(UNK)(UNK)(UNK)(UNK)(UNK)(UNK)(UNK)
(UNK)(UNK)(UNK)(UNK)(UNK)(UNK)(UNK)(UNK)(UNK)(UNK)(UNK)(UNK)(UNK)(UNK)(UNK)(UNK)
(UNK)(UNK)(UNK)(UNK)(UNK)(UNK)(UNK)(UNK)(UNK)(UNK)(UNK)(UNK)(UNK)(UNK)(UNK)(UNK)
(UNK)(UNK)(UNK)(UNK)(UNK)(UNK)(UNK)(UNK)(UNK)(UNK)(UNK)(UNK)(UNK)(UNK)(UNK)(UNK)
(UNK)(UNK)(UNK)(UNK)(UNK)(UNK)(UNK)
;
B,G,H
3 'polypeptide(L)'
;(UNK)(UNK)(UNK)(UNK)(UNK)(UNK)(UNK)(UNK)(UNK)(UNK)(UNK)(UNK)(UNK)(UNK)(UNK)(UNK)
(UNK)(UNK)(UNK)(UNK)(UNK)(UNK)(UNK)(UNK)(UNK)(UNK)(UNK)(UNK)(UNK)(UNK)(UNK)(UNK)
(UNK)(UNK)(UNK)(UNK)(UNK)(UNK)(UNK)(UNK)(UNK)(UNK)(UNK)(UNK)(UNK)(UNK)(UNK)(UNK)
(UNK)(UNK)(UNK)(UNK)(UNK)(UNK)(UNK)(UNK)(UNK)(UNK)(UNK)(UNK)(UNK)(UNK)(UNK)(UNK)
(UNK)(UNK)(UNK)(UNK)(UNK)(UNK)(UNK)(UNK)(UNK)(UNK)(UNK)(UNK)(UNK)(UNK)(UNK)(UNK)
(UNK)(UNK)(UNK)(UNK)(UNK)(UNK)(UNK)(UNK)(UNK)(UNK)(UNK)(UNK)(UNK)(UNK)(UNK)(UNK)
(UNK)(UNK)(UNK)(UNK)(UNK)(UNK)(UNK)(UNK)(UNK)(UNK)(UNK)(UNK)(UNK)(UNK)(UNK)(UNK)
(UNK)(UNK)(UNK)(UNK)(UNK)(UNK)(UNK)(UNK)(UNK)(UNK)(UNK)(UNK)(UNK)(UNK)(UNK)(UNK)
(UNK)(UNK)(UNK)(UNK)(UNK)(UNK)(UNK)(UNK)(UNK)(UNK)(UNK)(UNK)(UNK)(UNK)(UNK)(UNK)
(UNK)(UNK)(UNK)(UNK)(UNK)(UNK)(UNK)(UNK)(UNK)(UNK)(UNK)(UNK)(UNK)(UNK)(UNK)(UNK)
(UNK)(UNK)(UNK)(UNK)(UNK)(UNK)(UNK)(UNK)(UNK)(UNK)(UNK)(UNK)(UNK)(UNK)(UNK)(UNK)
(UNK)(UNK)(UNK)(UNK)(UNK)(UNK)(UNK)(UNK)(UNK)(UNK)(UNK)(UNK)(UNK)(UNK)(UNK)(UNK)
(UNK)(UNK)(UNK)(UNK)(UNK)(UNK)(UNK)(UNK)(UNK)(UNK)(UNK)(UNK)(UNK)(UNK)(UNK)(UNK)
(UNK)(UNK)(UNK)(UNK)(UNK)(UNK)(UNK)(UNK)(UNK)(UNK)
;
C,D,E,F
4 'polypeptide(L)'
;(UNK)(UNK)(UNK)(UNK)(UNK)(UNK)(UNK)(UNK)(UNK)(UNK)(UNK)(UNK)(UNK)(UNK)(UNK)(UNK)
(UNK)(UNK)(UNK)(UNK)(UNK)(UNK)(UNK)(UNK)(UNK)(UNK)(UNK)(UNK)(UNK)(UNK)(UNK)(UNK)
(UNK)(UNK)(UNK)(UNK)(UNK)(UNK)(UNK)(UNK)(UNK)(UNK)(UNK)(UNK)(UNK)(UNK)(UNK)(UNK)
(UNK)(UNK)(UNK)(UNK)(UNK)(UNK)(UNK)(UNK)(UNK)(UNK)(UNK)(UNK)(UNK)(UNK)(UNK)(UNK)
(UNK)(UNK)(UNK)(UNK)(UNK)(UNK)(UNK)(UNK)(UNK)(UNK)(UNK)(UNK)(UNK)(UNK)(UNK)(UNK)
(UNK)(UNK)(UNK)(UNK)(UNK)(UNK)(UNK)(UNK)(UNK)(UNK)(UNK)(UNK)(UNK)(UNK)(UNK)(UNK)
(UNK)(UNK)(UNK)(UNK)(UNK)(UNK)(UNK)(UNK)(UNK)(UNK)(UNK)(UNK)(UNK)(UNK)(UNK)(UNK)
(UNK)(UNK)(UNK)(UNK)(UNK)(UNK)
;
I,J,K,L
5 'polyribonucleotide' AUUGCGACCCGUAGAUAAGGCGCCCGGGGACGACCACGUCAAGGCGCA M
6 'polyribonucleotide' GGAUAUGCGCCUUGACGUGGUCGUCCCCGGGCGCCUUAUCUACGGUAUCA N
#
loop_
_chem_comp.id
_chem_comp.type
_chem_comp.name
_chem_comp.formula
A RNA linking ADENOSINE-5'-MONOPHOSPHATE 'C10 H14 N5 O7 P'
C RNA linking CYTIDINE-5'-MONOPHOSPHATE 'C9 H14 N3 O8 P'
G RNA linking GUANOSINE-5'-MONOPHOSPHATE 'C10 H14 N5 O8 P'
U RNA linking URIDINE-5'-MONOPHOSPHATE 'C9 H13 N2 O9 P'
#
# COMPACT_ATOMS: atom_id res chain seq x y z
N UNK A 1 -53.97 -2.00 -78.20
CA UNK A 1 -53.07 -0.85 -78.21
C UNK A 1 -51.94 -1.03 -77.21
N UNK A 2 -51.13 0.02 -77.07
CA UNK A 2 -49.90 -0.01 -76.28
C UNK A 2 -50.15 0.12 -74.79
N UNK A 3 -50.97 -0.73 -74.19
CA UNK A 3 -51.16 -0.72 -72.75
C UNK A 3 -49.86 -1.09 -72.05
N UNK A 4 -49.45 -2.34 -72.17
CA UNK A 4 -48.15 -2.78 -71.74
C UNK A 4 -47.38 -3.43 -72.87
N UNK A 5 -47.98 -3.51 -74.06
CA UNK A 5 -47.40 -4.18 -75.21
C UNK A 5 -46.23 -3.43 -75.82
N UNK A 6 -45.93 -2.25 -75.33
CA UNK A 6 -44.68 -1.60 -75.67
C UNK A 6 -43.56 -2.02 -74.74
N UNK A 7 -43.69 -3.15 -74.06
CA UNK A 7 -42.60 -3.68 -73.24
C UNK A 7 -41.49 -4.21 -74.12
N UNK A 8 -40.72 -3.31 -74.70
CA UNK A 8 -39.58 -3.66 -75.54
C UNK A 8 -38.30 -3.58 -74.73
N UNK A 9 -38.40 -3.92 -73.44
CA UNK A 9 -37.23 -4.06 -72.57
C UNK A 9 -36.21 -5.01 -73.17
N UNK A 10 -36.69 -6.08 -73.78
CA UNK A 10 -35.85 -7.05 -74.47
C UNK A 10 -35.60 -6.68 -75.93
N UNK A 11 -35.68 -5.40 -76.28
CA UNK A 11 -35.58 -5.07 -77.70
C UNK A 11 -34.80 -3.80 -78.01
N UNK A 12 -34.15 -3.16 -77.04
CA UNK A 12 -33.55 -1.85 -77.29
C UNK A 12 -32.35 -2.00 -78.23
N UNK A 13 -31.33 -2.66 -77.75
CA UNK A 13 -30.42 -3.42 -78.58
C UNK A 13 -30.25 -4.78 -77.92
N UNK A 14 -31.31 -5.24 -77.26
CA UNK A 14 -31.20 -6.10 -76.10
C UNK A 14 -31.09 -7.57 -76.45
N UNK A 15 -30.64 -7.86 -77.66
CA UNK A 15 -30.11 -9.18 -77.94
C UNK A 15 -28.78 -9.08 -78.64
N UNK A 16 -27.93 -8.14 -78.23
CA UNK A 16 -26.55 -8.15 -78.68
C UNK A 16 -25.75 -9.24 -77.98
N UNK A 17 -26.37 -9.94 -77.02
CA UNK A 17 -25.85 -11.24 -76.58
C UNK A 17 -25.83 -12.22 -77.74
N UNK A 18 -26.78 -12.12 -78.66
CA UNK A 18 -26.74 -12.87 -79.92
C UNK A 18 -25.76 -12.27 -80.92
N UNK A 19 -25.05 -11.22 -80.53
CA UNK A 19 -23.79 -10.86 -81.16
C UNK A 19 -22.63 -11.04 -80.20
N UNK A 20 -22.88 -11.50 -78.98
CA UNK A 20 -21.77 -11.78 -78.08
C UNK A 20 -21.17 -13.16 -78.29
N UNK A 21 -21.71 -13.94 -79.23
CA UNK A 21 -20.99 -15.12 -79.69
C UNK A 21 -19.70 -14.74 -80.36
N UNK A 22 -19.71 -13.60 -81.06
CA UNK A 22 -18.56 -12.92 -81.65
C UNK A 22 -17.86 -13.76 -82.71
N UNK A 23 -18.51 -14.81 -83.18
CA UNK A 23 -17.91 -15.70 -84.15
C UNK A 23 -18.40 -15.32 -85.54
N UNK A 24 -17.91 -16.04 -86.54
CA UNK A 24 -18.44 -15.89 -87.88
C UNK A 24 -19.85 -16.46 -87.95
N UNK A 25 -20.75 -15.68 -88.53
CA UNK A 25 -22.17 -15.99 -88.45
C UNK A 25 -22.57 -17.00 -89.51
N UNK A 26 -23.44 -17.93 -89.12
CA UNK A 26 -24.07 -18.84 -90.08
C UNK A 26 -25.57 -19.02 -89.89
N UNK A 27 -26.11 -18.88 -88.67
CA UNK A 27 -27.52 -19.18 -88.42
C UNK A 27 -28.46 -18.14 -89.00
N UNK A 28 -27.95 -16.94 -89.26
CA UNK A 28 -28.73 -15.90 -89.90
C UNK A 28 -27.76 -14.99 -90.61
N UNK A 29 -28.09 -14.59 -91.83
CA UNK A 29 -27.34 -13.50 -92.45
C UNK A 29 -27.67 -12.17 -91.82
N UNK A 30 -28.79 -12.09 -91.09
CA UNK A 30 -29.00 -10.96 -90.19
C UNK A 30 -28.05 -11.02 -89.01
N UNK A 31 -27.71 -12.23 -88.56
CA UNK A 31 -26.61 -12.32 -87.61
C UNK A 31 -25.27 -12.03 -88.29
N UNK A 32 -25.19 -12.19 -89.61
CA UNK A 32 -24.08 -11.64 -90.39
C UNK A 32 -24.37 -10.20 -90.81
N UNK A 33 -24.76 -9.39 -89.83
CA UNK A 33 -25.10 -7.99 -89.99
C UNK A 33 -25.00 -7.35 -88.62
N UNK A 34 -25.61 -6.18 -88.47
CA UNK A 34 -25.49 -5.37 -87.27
C UNK A 34 -26.11 -6.06 -86.06
N UNK A 35 -25.78 -5.51 -84.88
CA UNK A 35 -26.26 -6.05 -83.63
C UNK A 35 -27.76 -5.88 -83.48
N UNK A 36 -28.34 -4.95 -84.21
CA UNK A 36 -29.80 -4.92 -84.31
C UNK A 36 -30.30 -6.10 -85.12
N UNK A 37 -29.71 -6.35 -86.28
CA UNK A 37 -30.11 -7.51 -87.06
C UNK A 37 -29.66 -8.80 -86.40
N UNK A 38 -28.51 -8.79 -85.74
CA UNK A 38 -28.12 -9.94 -84.94
C UNK A 38 -29.02 -10.10 -83.73
N UNK A 39 -29.60 -9.01 -83.26
CA UNK A 39 -30.63 -9.10 -82.24
C UNK A 39 -31.93 -9.56 -82.82
N UNK A 40 -32.12 -9.35 -84.12
CA UNK A 40 -33.39 -9.63 -84.75
C UNK A 40 -33.61 -11.12 -84.93
N UNK A 41 -32.53 -11.86 -85.15
CA UNK A 41 -32.66 -13.30 -85.22
C UNK A 41 -33.02 -13.87 -83.86
N UNK A 42 -32.46 -13.30 -82.80
CA UNK A 42 -32.86 -13.70 -81.46
C UNK A 42 -34.27 -13.23 -81.14
N UNK A 43 -34.68 -12.12 -81.74
CA UNK A 43 -36.06 -11.70 -81.64
C UNK A 43 -37.00 -12.66 -82.33
N UNK A 44 -36.60 -13.18 -83.48
CA UNK A 44 -37.41 -14.17 -84.18
C UNK A 44 -37.41 -15.50 -83.43
N UNK A 45 -36.29 -15.86 -82.82
CA UNK A 45 -36.24 -17.06 -82.00
C UNK A 45 -37.04 -16.90 -80.73
N UNK A 46 -37.07 -15.70 -80.17
CA UNK A 46 -37.92 -15.44 -79.02
C UNK A 46 -39.39 -15.40 -79.42
N UNK A 47 -39.66 -14.93 -80.64
CA UNK A 47 -41.01 -14.97 -81.18
C UNK A 47 -41.45 -16.39 -81.39
N UNK A 48 -40.54 -17.24 -81.84
CA UNK A 48 -40.76 -18.68 -81.85
C UNK A 48 -40.93 -19.22 -80.44
N UNK A 49 -40.26 -18.64 -79.47
CA UNK A 49 -40.28 -19.15 -78.11
C UNK A 49 -41.62 -18.91 -77.43
N UNK A 50 -42.02 -17.66 -77.27
CA UNK A 50 -43.05 -17.34 -76.29
C UNK A 50 -44.26 -16.66 -76.90
N UNK A 51 -44.52 -16.90 -78.19
CA UNK A 51 -45.76 -16.41 -78.78
C UNK A 51 -46.96 -17.13 -78.19
N UNK A 52 -46.81 -18.42 -77.91
CA UNK A 52 -47.82 -19.17 -77.20
C UNK A 52 -47.94 -18.74 -75.74
N UNK A 53 -46.92 -18.05 -75.20
CA UNK A 53 -47.02 -17.46 -73.87
C UNK A 53 -47.78 -16.13 -73.94
N UNK A 54 -49.05 -16.22 -74.36
CA UNK A 54 -50.00 -15.12 -74.55
C UNK A 54 -49.47 -14.00 -75.44
N UNK A 55 -48.51 -14.30 -76.32
CA UNK A 55 -47.81 -13.24 -77.03
C UNK A 55 -47.74 -13.55 -78.52
N UNK A 56 -48.69 -14.33 -79.02
CA UNK A 56 -48.79 -14.53 -80.45
C UNK A 56 -49.14 -13.24 -81.18
N UNK A 57 -50.03 -12.43 -80.59
CA UNK A 57 -50.39 -11.15 -81.18
C UNK A 57 -49.28 -10.11 -81.04
N UNK A 58 -48.30 -10.36 -80.19
CA UNK A 58 -47.18 -9.45 -80.04
C UNK A 58 -46.12 -9.63 -81.12
N UNK A 59 -46.27 -10.62 -81.99
CA UNK A 59 -45.24 -10.89 -83.00
C UNK A 59 -45.14 -9.75 -84.00
N UNK A 60 -46.26 -9.11 -84.31
CA UNK A 60 -46.22 -7.89 -85.11
C UNK A 60 -45.66 -6.73 -84.32
N UNK A 61 -46.00 -6.63 -83.04
CA UNK A 61 -45.30 -5.69 -82.18
C UNK A 61 -43.84 -6.08 -82.01
N UNK A 62 -43.54 -7.38 -82.12
CA UNK A 62 -42.14 -7.80 -82.16
C UNK A 62 -41.54 -7.72 -83.54
N UNK A 63 -42.09 -6.90 -84.42
CA UNK A 63 -41.32 -6.42 -85.57
C UNK A 63 -40.54 -5.18 -85.15
N UNK A 64 -40.46 -4.92 -83.84
CA UNK A 64 -39.71 -3.84 -83.23
C UNK A 64 -38.20 -4.02 -83.29
N UNK A 65 -37.72 -5.05 -83.98
CA UNK A 65 -36.30 -5.27 -84.13
C UNK A 65 -35.64 -4.28 -85.07
N UNK A 66 -36.40 -3.38 -85.70
CA UNK A 66 -35.78 -2.32 -86.47
C UNK A 66 -35.29 -1.17 -85.62
N UNK A 67 -35.17 -1.37 -84.31
CA UNK A 67 -34.83 -0.35 -83.33
C UNK A 67 -33.34 -0.06 -83.33
N UNK A 68 -32.90 0.65 -82.27
CA UNK A 68 -31.52 1.08 -82.04
C UNK A 68 -30.96 1.91 -83.19
N UNK A 69 -31.83 2.71 -83.82
CA UNK A 69 -31.53 3.66 -84.89
C UNK A 69 -30.78 3.05 -86.08
N UNK A 70 -30.38 -0.28 -92.46
CA UNK A 70 -31.62 -0.31 -93.24
C UNK A 70 -32.82 -0.39 -92.33
N UNK A 71 -32.58 -0.82 -91.10
CA UNK A 71 -33.67 -0.99 -90.13
C UNK A 71 -34.07 0.35 -89.56
N UNK A 72 -35.01 1.02 -90.22
CA UNK A 72 -35.45 2.37 -89.87
C UNK A 72 -36.50 2.30 -88.75
N UNK A 73 -37.24 3.38 -88.53
CA UNK A 73 -38.28 3.41 -87.51
C UNK A 73 -39.66 3.45 -88.14
N UNK A 74 -40.61 2.76 -87.50
CA UNK A 74 -42.02 2.82 -87.86
C UNK A 74 -42.76 3.71 -86.87
N UNK A 75 -44.09 3.76 -86.99
CA UNK A 75 -44.92 4.69 -86.22
C UNK A 75 -44.89 4.44 -84.72
N UNK A 76 -45.45 3.33 -84.27
CA UNK A 76 -45.35 2.98 -82.86
C UNK A 76 -43.96 2.50 -82.49
N UNK A 77 -43.16 2.12 -83.47
CA UNK A 77 -41.80 1.66 -83.23
C UNK A 77 -40.87 2.78 -82.80
N UNK A 78 -41.01 3.97 -83.36
CA UNK A 78 -40.08 5.07 -83.10
C UNK A 78 -40.10 5.55 -81.65
N UNK A 79 -41.07 5.09 -80.85
CA UNK A 79 -41.05 5.34 -79.42
C UNK A 79 -39.84 4.72 -78.75
N UNK A 80 -39.55 3.46 -79.07
CA UNK A 80 -38.50 2.73 -78.37
C UNK A 80 -37.12 3.29 -78.70
N UNK A 81 -36.84 3.49 -79.98
CA UNK A 81 -35.55 3.99 -80.41
C UNK A 81 -35.34 5.46 -80.03
N UNK A 82 -36.42 6.22 -79.83
CA UNK A 82 -36.24 7.54 -79.26
C UNK A 82 -35.92 7.46 -77.77
N UNK A 83 -36.63 6.59 -77.06
CA UNK A 83 -36.46 6.48 -75.61
C UNK A 83 -35.07 6.01 -75.24
N UNK A 84 -34.53 5.05 -75.98
CA UNK A 84 -33.19 4.58 -75.70
C UNK A 84 -32.14 5.60 -76.10
N UNK A 85 -32.35 6.31 -77.21
CA UNK A 85 -31.41 7.37 -77.60
C UNK A 85 -31.39 8.48 -76.57
N UNK A 86 -32.53 8.72 -75.92
CA UNK A 86 -32.53 9.53 -74.71
C UNK A 86 -31.71 8.88 -73.63
N UNK A 87 -31.84 7.56 -73.47
CA UNK A 87 -31.31 6.92 -72.27
C UNK A 87 -29.79 6.80 -72.25
N UNK A 88 -29.12 6.95 -73.38
CA UNK A 88 -27.67 6.79 -73.39
C UNK A 88 -27.04 7.93 -74.15
N UNK A 89 -25.75 8.16 -73.91
CA UNK A 89 -25.08 9.31 -74.49
C UNK A 89 -24.71 9.05 -75.94
N UNK A 90 -23.82 8.10 -76.18
CA UNK A 90 -23.29 7.87 -77.52
C UNK A 90 -24.19 6.95 -78.32
N UNK A 91 -16.46 -9.99 -82.52
CA UNK A 91 -16.84 -8.83 -81.72
C UNK A 91 -16.01 -8.76 -80.43
N UNK A 92 -15.47 -7.57 -80.12
CA UNK A 92 -14.55 -7.42 -79.00
C UNK A 92 -15.28 -7.48 -77.68
N UNK A 93 -15.78 -8.66 -77.33
CA UNK A 93 -16.63 -8.87 -76.17
C UNK A 93 -15.83 -9.39 -75.00
N UNK A 94 -14.59 -8.96 -74.86
CA UNK A 94 -13.73 -9.50 -73.82
C UNK A 94 -13.73 -8.68 -72.55
N UNK A 95 -14.40 -7.52 -72.54
CA UNK A 95 -14.24 -6.59 -71.44
C UNK A 95 -14.99 -7.05 -70.19
N UNK A 96 -14.62 -6.46 -69.07
CA UNK A 96 -15.30 -6.72 -67.82
C UNK A 96 -16.11 -5.51 -67.44
N UNK A 97 -17.26 -5.73 -66.83
CA UNK A 97 -18.14 -4.64 -66.41
C UNK A 97 -17.56 -3.97 -65.18
N UNK A 98 -17.01 -2.76 -65.37
CA UNK A 98 -16.40 -2.03 -64.27
C UNK A 98 -17.47 -1.65 -63.27
N UNK A 99 -17.24 -2.01 -62.00
CA UNK A 99 -18.27 -2.07 -60.99
C UNK A 99 -18.87 -0.69 -60.75
N UNK A 100 -20.13 -0.69 -60.35
CA UNK A 100 -20.87 0.56 -60.30
C UNK A 100 -20.41 1.42 -59.16
N UNK A 101 -20.15 0.83 -57.99
CA UNK A 101 -19.60 1.55 -56.85
C UNK A 101 -18.15 1.85 -57.21
N UNK A 102 -17.99 2.88 -58.01
CA UNK A 102 -16.90 2.93 -58.97
C UNK A 102 -15.62 3.39 -58.29
N UNK A 103 -14.49 3.27 -58.96
CA UNK A 103 -13.28 2.81 -58.28
C UNK A 103 -12.20 3.84 -58.01
N UNK A 104 -12.51 5.13 -57.94
CA UNK A 104 -11.59 6.04 -57.26
C UNK A 104 -11.83 5.91 -55.76
N UNK A 105 -10.92 6.44 -54.96
CA UNK A 105 -10.81 6.05 -53.56
C UNK A 105 -11.85 6.70 -52.66
N UNK A 106 -11.62 6.67 -51.34
CA UNK A 106 -12.43 7.44 -50.41
C UNK A 106 -11.99 8.90 -50.38
N UNK A 107 -11.92 9.52 -51.57
CA UNK A 107 -11.77 10.96 -51.74
C UNK A 107 -13.08 11.55 -52.25
N UNK A 108 -14.18 10.81 -52.09
CA UNK A 108 -15.53 11.18 -52.49
C UNK A 108 -15.61 11.48 -53.99
N UNK A 109 -15.42 10.42 -54.77
CA UNK A 109 -15.70 10.44 -56.19
C UNK A 109 -16.06 9.01 -56.58
N UNK A 110 -16.40 8.82 -57.86
CA UNK A 110 -16.75 7.49 -58.35
C UNK A 110 -16.57 7.47 -59.87
N UNK A 111 -15.61 6.68 -60.34
CA UNK A 111 -15.39 6.44 -61.75
C UNK A 111 -14.63 5.13 -61.86
N UNK A 112 -14.49 4.62 -63.08
CA UNK A 112 -13.78 3.35 -63.28
C UNK A 112 -12.29 3.56 -63.08
N UNK A 113 -11.76 3.13 -61.93
CA UNK A 113 -10.34 3.33 -61.61
C UNK A 113 -9.74 2.14 -60.86
N UNK A 114 -10.12 0.92 -61.24
CA UNK A 114 -9.46 -0.30 -60.77
C UNK A 114 -9.76 -1.39 -61.78
N UNK A 115 -9.52 -2.63 -61.39
CA UNK A 115 -10.13 -3.78 -62.02
C UNK A 115 -11.41 -4.10 -61.27
N UNK A 116 -12.28 -4.89 -61.89
CA UNK A 116 -13.61 -5.03 -61.34
C UNK A 116 -14.26 -6.34 -61.75
N UNK A 117 -15.47 -6.52 -61.23
CA UNK A 117 -16.17 -7.80 -61.21
C UNK A 117 -16.52 -8.26 -62.61
N UNK A 118 -16.65 -9.58 -62.73
CA UNK A 118 -16.95 -10.24 -63.99
C UNK A 118 -17.57 -11.58 -63.65
N UNK A 119 -18.89 -11.67 -63.75
CA UNK A 119 -19.63 -12.84 -63.32
C UNK A 119 -19.96 -13.75 -64.48
N UNK A 120 -19.07 -13.85 -65.41
CA UNK A 120 -19.29 -14.59 -66.63
C UNK A 120 -19.32 -16.09 -66.44
N UNK A 121 -19.32 -16.66 -65.24
CA UNK A 121 -19.46 -18.10 -65.04
C UNK A 121 -20.52 -18.38 -64.01
N UNK A 122 -21.72 -17.81 -64.23
CA UNK A 122 -22.91 -17.91 -63.39
C UNK A 122 -23.15 -19.33 -62.87
N UNK A 123 -23.44 -19.41 -61.56
CA UNK A 123 -23.47 -20.60 -60.70
C UNK A 123 -22.11 -21.26 -60.51
N UNK A 124 -21.02 -20.64 -60.97
CA UNK A 124 -19.70 -20.97 -60.45
C UNK A 124 -18.94 -19.65 -60.28
N UNK A 125 -19.50 -18.60 -60.88
CA UNK A 125 -19.18 -17.19 -60.63
C UNK A 125 -20.46 -16.40 -60.53
N UNK A 126 -21.38 -16.90 -59.71
CA UNK A 126 -22.81 -16.62 -59.78
C UNK A 126 -23.21 -15.15 -59.65
N UNK A 127 -24.36 -14.80 -60.24
CA UNK A 127 -24.97 -13.47 -60.13
C UNK A 127 -26.17 -13.49 -59.21
N UNK A 128 -26.29 -14.53 -58.41
CA UNK A 128 -27.47 -14.74 -57.58
C UNK A 128 -27.08 -15.24 -56.22
N UNK A 129 -25.91 -14.84 -55.75
CA UNK A 129 -25.26 -15.52 -54.66
C UNK A 129 -24.39 -14.50 -53.96
N UNK A 130 -23.30 -14.95 -53.38
CA UNK A 130 -22.14 -14.08 -53.23
C UNK A 130 -21.94 -13.39 -54.57
N UNK A 131 -22.20 -12.10 -54.59
CA UNK A 131 -22.58 -11.37 -55.79
C UNK A 131 -21.34 -10.80 -56.47
N UNK A 132 -21.53 -9.79 -57.30
CA UNK A 132 -20.47 -9.24 -58.13
C UNK A 132 -19.42 -8.48 -57.34
N UNK A 133 -18.78 -9.15 -56.39
CA UNK A 133 -17.61 -8.59 -55.76
C UNK A 133 -16.53 -8.51 -56.80
N UNK A 134 -15.72 -7.45 -56.72
CA UNK A 134 -14.77 -7.20 -57.78
C UNK A 134 -13.63 -8.21 -57.73
N UNK A 135 -12.87 -8.25 -58.81
CA UNK A 135 -11.78 -9.20 -59.01
C UNK A 135 -10.86 -8.59 -60.06
N UNK A 136 -10.05 -9.41 -60.71
CA UNK A 136 -9.40 -8.99 -61.95
C UNK A 136 -9.91 -9.88 -63.08
N UNK A 137 -11.08 -9.50 -63.63
CA UNK A 137 -11.61 -9.95 -64.92
C UNK A 137 -11.79 -11.47 -64.98
N UNK A 138 -12.73 -11.94 -64.16
CA UNK A 138 -12.98 -13.38 -64.04
C UNK A 138 -13.67 -13.87 -65.31
N UNK A 139 -12.84 -14.19 -66.30
CA UNK A 139 -13.17 -15.04 -67.44
C UNK A 139 -14.25 -14.41 -68.33
N UNK A 140 -14.03 -13.14 -68.66
CA UNK A 140 -14.96 -12.42 -69.54
C UNK A 140 -14.70 -12.85 -70.98
N UNK A 141 -15.12 -14.07 -71.30
CA UNK A 141 -14.84 -14.71 -72.57
C UNK A 141 -16.11 -14.88 -73.38
N UNK A 142 -15.93 -15.00 -74.70
CA UNK A 142 -17.07 -15.21 -75.57
C UNK A 142 -17.67 -16.60 -75.35
N UNK A 143 -16.86 -17.57 -74.97
CA UNK A 143 -17.39 -18.86 -74.56
C UNK A 143 -18.14 -18.74 -73.26
N UNK A 144 -17.66 -17.88 -72.36
CA UNK A 144 -18.41 -17.59 -71.17
C UNK A 144 -19.70 -16.86 -71.52
N UNK A 145 -19.66 -16.02 -72.56
CA UNK A 145 -20.89 -15.39 -73.04
C UNK A 145 -21.84 -16.41 -73.63
N UNK A 146 -21.31 -17.45 -74.26
CA UNK A 146 -22.13 -18.55 -74.75
C UNK A 146 -22.77 -19.30 -73.60
N UNK A 147 -22.00 -19.58 -72.56
CA UNK A 147 -22.54 -20.17 -71.34
C UNK A 147 -23.60 -19.30 -70.71
N UNK A 148 -23.42 -17.99 -70.76
CA UNK A 148 -24.40 -17.05 -70.24
C UNK A 148 -25.69 -17.09 -71.03
N UNK A 149 -25.59 -17.10 -72.37
CA UNK A 149 -26.79 -17.16 -73.20
C UNK A 149 -27.49 -18.48 -73.05
N UNK A 150 -26.73 -19.55 -72.81
CA UNK A 150 -27.29 -20.85 -72.53
C UNK A 150 -28.10 -20.82 -71.24
N UNK A 151 -27.48 -20.38 -70.14
CA UNK A 151 -28.18 -20.28 -68.87
C UNK A 151 -29.29 -19.24 -68.89
N UNK A 152 -29.22 -18.30 -69.82
CA UNK A 152 -30.24 -17.30 -70.02
C UNK A 152 -31.47 -17.94 -70.62
N UNK A 153 -31.32 -18.49 -71.82
CA UNK A 153 -32.43 -19.11 -72.52
C UNK A 153 -32.95 -20.34 -71.79
N UNK A 154 -32.16 -20.90 -70.88
CA UNK A 154 -32.56 -21.98 -70.00
C UNK A 154 -33.79 -21.62 -69.20
N UNK A 155 -33.69 -20.64 -68.32
CA UNK A 155 -34.86 -20.21 -67.59
C UNK A 155 -35.62 -19.12 -68.33
N UNK A 156 -35.23 -18.81 -69.57
CA UNK A 156 -35.83 -17.68 -70.28
C UNK A 156 -36.57 -18.10 -71.53
N UNK A 157 -35.90 -18.72 -72.49
CA UNK A 157 -36.63 -19.26 -73.63
C UNK A 157 -37.44 -20.46 -73.19
N UNK A 158 -36.83 -21.33 -72.41
CA UNK A 158 -37.59 -22.33 -71.67
C UNK A 158 -37.88 -21.82 -70.26
N UNK A 159 -38.40 -20.61 -70.17
CA UNK A 159 -39.07 -20.19 -68.95
C UNK A 159 -40.24 -21.12 -68.74
N UNK A 160 -40.28 -21.74 -67.56
CA UNK A 160 -41.35 -22.67 -67.23
C UNK A 160 -42.70 -21.96 -67.23
N UNK A 161 -42.71 -20.68 -66.86
CA UNK A 161 -43.88 -19.84 -67.07
C UNK A 161 -44.19 -19.73 -68.57
N UNK A 162 -43.20 -19.32 -69.36
CA UNK A 162 -43.40 -19.25 -70.81
C UNK A 162 -43.58 -20.63 -71.42
N UNK A 163 -43.11 -21.68 -70.76
CA UNK A 163 -43.59 -23.01 -71.08
C UNK A 163 -45.05 -23.17 -70.68
N UNK A 164 -45.38 -22.90 -69.41
CA UNK A 164 -46.70 -23.27 -68.90
C UNK A 164 -47.54 -22.06 -68.50
N UNK A 165 -47.07 -21.23 -67.59
CA UNK A 165 -47.92 -20.24 -66.93
C UNK A 165 -47.86 -18.93 -67.71
N UNK A 166 -48.82 -18.74 -68.61
CA UNK A 166 -48.80 -17.63 -69.55
C UNK A 166 -49.70 -16.50 -69.09
N UNK A 167 -49.28 -15.27 -69.36
CA UNK A 167 -50.01 -14.03 -69.07
C UNK A 167 -49.36 -12.90 -69.89
N UNK A 168 -49.67 -11.66 -69.51
CA UNK A 168 -48.89 -10.52 -69.97
C UNK A 168 -47.76 -10.19 -69.00
N UNK A 169 -46.97 -11.20 -68.66
CA UNK A 169 -46.00 -11.13 -67.56
C UNK A 169 -44.65 -10.65 -68.08
N UNK A 170 -44.64 -9.37 -68.47
CA UNK A 170 -43.38 -8.73 -68.83
C UNK A 170 -42.48 -8.61 -67.62
N UNK A 171 -43.07 -8.35 -66.46
CA UNK A 171 -42.32 -8.31 -65.21
C UNK A 171 -41.66 -9.65 -64.91
N UNK A 172 -42.33 -10.76 -65.27
CA UNK A 172 -41.71 -12.05 -65.05
C UNK A 172 -40.57 -12.30 -66.01
N UNK A 173 -40.65 -11.74 -67.22
CA UNK A 173 -39.52 -11.82 -68.12
C UNK A 173 -38.36 -10.99 -67.61
N UNK A 174 -38.64 -9.82 -67.09
CA UNK A 174 -37.57 -8.92 -66.68
C UNK A 174 -36.93 -9.37 -65.39
N UNK A 175 -37.69 -9.99 -64.49
CA UNK A 175 -37.13 -10.48 -63.24
C UNK A 175 -36.16 -11.62 -63.46
N UNK A 176 -36.24 -12.30 -64.59
CA UNK A 176 -35.23 -13.28 -64.94
C UNK A 176 -34.11 -12.65 -65.76
N UNK A 177 -34.47 -11.69 -66.62
CA UNK A 177 -33.47 -11.07 -67.48
C UNK A 177 -32.45 -10.30 -66.67
N UNK A 178 -32.87 -9.70 -65.56
CA UNK A 178 -31.91 -9.15 -64.61
C UNK A 178 -31.05 -10.26 -64.04
N UNK A 179 -31.65 -11.17 -63.27
CA UNK A 179 -30.95 -12.16 -62.44
C UNK A 179 -30.06 -13.10 -63.24
N UNK A 180 -30.22 -13.17 -64.55
CA UNK A 180 -29.18 -13.73 -65.39
C UNK A 180 -28.26 -12.65 -65.94
N UNK A 181 -28.80 -11.75 -66.75
CA UNK A 181 -27.97 -10.93 -67.60
C UNK A 181 -27.55 -9.64 -66.94
N UNK A 182 -27.59 -9.55 -65.61
CA UNK A 182 -27.27 -8.29 -64.95
C UNK A 182 -25.82 -7.92 -65.15
N UNK A 183 -24.92 -8.84 -64.86
CA UNK A 183 -23.52 -8.52 -64.73
C UNK A 183 -22.79 -8.36 -66.06
N UNK A 184 -23.49 -8.22 -67.18
CA UNK A 184 -22.83 -8.04 -68.47
C UNK A 184 -22.31 -6.61 -68.60
N UNK A 185 -21.85 -6.25 -69.78
CA UNK A 185 -21.37 -4.91 -70.05
C UNK A 185 -22.36 -4.23 -70.98
N UNK A 186 -22.85 -3.06 -70.60
CA UNK A 186 -23.83 -2.36 -71.43
C UNK A 186 -23.22 -1.92 -72.74
N UNK A 187 -22.21 -1.09 -72.68
CA UNK A 187 -21.49 -0.72 -73.88
C UNK A 187 -20.15 -1.42 -73.90
N UNK A 188 -19.39 -1.16 -74.96
CA UNK A 188 -18.03 -1.68 -75.06
C UNK A 188 -17.02 -0.66 -75.57
N UNK A 189 -17.44 0.38 -76.30
CA UNK A 189 -16.50 1.36 -76.81
C UNK A 189 -15.89 2.16 -75.69
N UNK A 190 -16.72 2.80 -74.88
CA UNK A 190 -16.28 3.34 -73.62
C UNK A 190 -16.18 2.20 -72.60
N UNK A 191 -15.71 2.55 -71.40
CA UNK A 191 -15.59 1.57 -70.34
C UNK A 191 -16.97 1.14 -69.84
N UNK A 192 -16.99 -0.04 -69.24
CA UNK A 192 -18.24 -0.70 -68.92
C UNK A 192 -18.62 -0.39 -67.48
N UNK A 193 -19.07 0.84 -67.29
CA UNK A 193 -19.60 1.20 -65.98
C UNK A 193 -21.06 0.82 -65.86
N UNK A 194 -21.85 1.14 -66.88
CA UNK A 194 -23.28 0.89 -66.84
C UNK A 194 -23.54 -0.60 -66.94
N UNK A 195 -24.36 -1.13 -66.04
CA UNK A 195 -24.74 -2.53 -66.18
C UNK A 195 -25.75 -2.68 -67.30
N UNK A 196 -25.62 -3.76 -68.08
CA UNK A 196 -26.47 -3.95 -69.25
C UNK A 196 -27.92 -4.26 -68.89
N UNK A 197 -28.21 -4.63 -67.64
CA UNK A 197 -29.61 -4.73 -67.25
C UNK A 197 -30.26 -3.37 -67.20
N UNK A 198 -29.48 -2.33 -66.91
CA UNK A 198 -30.05 -1.00 -66.80
C UNK A 198 -30.44 -0.44 -68.16
N UNK A 199 -29.55 -0.51 -69.15
CA UNK A 199 -29.90 0.04 -70.45
C UNK A 199 -30.88 -0.83 -71.21
N UNK A 200 -31.47 -1.82 -70.56
CA UNK A 200 -32.81 -2.27 -70.84
C UNK A 200 -33.85 -1.70 -69.87
N UNK A 201 -33.62 -1.73 -68.56
CA UNK A 201 -34.70 -1.45 -67.63
C UNK A 201 -35.08 0.02 -67.55
N UNK A 202 -34.11 0.91 -67.69
CA UNK A 202 -34.42 2.31 -67.81
C UNK A 202 -35.15 2.58 -69.11
N UNK A 203 -34.63 2.05 -70.21
CA UNK A 203 -35.25 2.19 -71.52
C UNK A 203 -36.61 1.54 -71.59
N UNK A 204 -36.94 0.67 -70.65
CA UNK A 204 -38.32 0.26 -70.46
C UNK A 204 -39.17 1.45 -70.06
N UNK A 205 -38.92 2.00 -68.87
CA UNK A 205 -39.83 2.99 -68.29
C UNK A 205 -39.84 4.27 -69.12
N UNK A 206 -38.71 4.60 -69.73
CA UNK A 206 -38.64 5.78 -70.56
C UNK A 206 -39.38 5.63 -71.88
N UNK A 207 -39.95 4.46 -72.17
CA UNK A 207 -40.90 4.38 -73.27
C UNK A 207 -42.29 4.04 -72.81
N UNK A 208 -42.41 3.32 -71.69
CA UNK A 208 -43.72 3.04 -71.12
C UNK A 208 -44.43 4.31 -70.73
N UNK A 209 -43.71 5.28 -70.19
CA UNK A 209 -44.32 6.57 -69.90
C UNK A 209 -44.66 7.32 -71.17
N UNK A 210 -43.80 7.22 -72.21
CA UNK A 210 -44.04 7.97 -73.43
C UNK A 210 -45.29 7.49 -74.15
N UNK A 211 -45.50 6.18 -74.21
CA UNK A 211 -46.76 5.70 -74.76
C UNK A 211 -47.90 5.80 -73.76
N UNK A 212 -47.62 5.98 -72.48
CA UNK A 212 -48.70 6.36 -71.57
C UNK A 212 -49.17 7.77 -71.84
N UNK A 213 -48.32 8.61 -72.42
CA UNK A 213 -48.78 9.88 -72.96
C UNK A 213 -49.56 9.72 -74.26
N UNK A 214 -49.67 8.49 -74.77
CA UNK A 214 -50.67 8.04 -75.73
C UNK A 214 -50.60 8.76 -77.07
N UNK A 215 -49.56 9.55 -77.31
CA UNK A 215 -49.43 10.35 -78.52
C UNK A 215 -49.11 9.39 -79.65
N UNK A 216 -50.18 8.82 -80.23
CA UNK A 216 -50.07 7.69 -81.15
C UNK A 216 -49.29 8.03 -82.41
N UNK A 217 -49.38 9.27 -82.87
CA UNK A 217 -48.44 9.77 -83.86
C UNK A 217 -48.00 11.19 -83.56
N UNK A 218 -48.54 11.84 -82.52
CA UNK A 218 -48.28 13.25 -82.26
C UNK A 218 -46.83 13.46 -81.86
N UNK A 219 -46.39 12.77 -80.82
CA UNK A 219 -44.97 12.73 -80.49
C UNK A 219 -44.20 11.77 -81.39
N UNK A 220 -44.82 11.23 -82.44
CA UNK A 220 -44.15 10.28 -83.33
C UNK A 220 -44.01 10.79 -84.76
N UNK A 221 -45.11 11.14 -85.42
CA UNK A 221 -44.99 11.68 -86.78
C UNK A 221 -44.32 13.03 -86.76
N UNK A 222 -44.52 13.79 -85.70
CA UNK A 222 -43.57 14.79 -85.27
C UNK A 222 -42.84 14.16 -84.09
N UNK A 223 -41.68 13.55 -84.38
CA UNK A 223 -40.97 12.75 -83.38
C UNK A 223 -40.49 13.60 -82.20
N UNK A 224 -40.05 14.83 -82.47
CA UNK A 224 -39.54 15.72 -81.43
C UNK A 224 -40.62 16.56 -80.78
N UNK A 225 -41.86 16.09 -80.77
CA UNK A 225 -42.95 16.91 -80.28
C UNK A 225 -42.94 17.01 -78.76
N UNK A 226 -42.93 15.87 -78.06
CA UNK A 226 -43.18 15.85 -76.62
C UNK A 226 -41.95 16.39 -75.89
N UNK A 227 -41.82 17.72 -75.90
CA UNK A 227 -40.61 18.35 -75.40
C UNK A 227 -40.57 18.43 -73.88
N UNK A 228 -41.70 18.18 -73.21
CA UNK A 228 -41.68 17.97 -71.76
C UNK A 228 -42.86 17.06 -71.43
N UNK A 229 -42.61 15.76 -71.42
CA UNK A 229 -43.68 14.80 -71.22
C UNK A 229 -43.43 13.81 -70.10
N UNK A 230 -42.24 13.78 -69.54
CA UNK A 230 -41.99 13.00 -68.34
C UNK A 230 -42.03 13.93 -67.15
N UNK A 231 -42.69 13.50 -66.09
CA UNK A 231 -42.83 14.32 -64.89
C UNK A 231 -42.34 13.44 -63.75
N UNK A 232 -41.08 13.62 -63.36
CA UNK A 232 -40.51 12.83 -62.29
C UNK A 232 -41.23 13.14 -60.99
N UNK A 233 -41.38 12.11 -60.17
CA UNK A 233 -42.16 12.23 -58.96
C UNK A 233 -41.28 11.71 -57.84
N UNK A 234 -40.45 12.61 -57.31
CA UNK A 234 -39.71 12.31 -56.10
C UNK A 234 -40.69 12.07 -54.98
N UNK A 235 -40.35 11.15 -54.11
CA UNK A 235 -41.37 10.65 -53.20
C UNK A 235 -40.70 10.26 -51.90
N UNK A 236 -40.64 11.19 -50.97
CA UNK A 236 -40.02 10.94 -49.69
C UNK A 236 -41.06 10.66 -48.63
N UNK A 237 -40.72 9.78 -47.72
CA UNK A 237 -41.56 9.44 -46.58
C UNK A 237 -41.04 10.24 -45.41
N UNK A 238 -41.68 11.37 -45.15
CA UNK A 238 -41.23 12.29 -44.11
C UNK A 238 -41.39 11.68 -42.73
N UNK A 239 -40.31 11.82 -41.93
CA UNK A 239 -40.23 11.39 -40.52
C UNK A 239 -40.30 9.87 -40.38
N UNK A 240 -39.66 9.16 -41.31
CA UNK A 240 -39.76 7.71 -41.37
C UNK A 240 -39.07 7.06 -40.18
N UNK A 241 -37.79 7.36 -39.99
CA UNK A 241 -37.08 6.91 -38.81
C UNK A 241 -37.59 7.56 -37.54
N UNK A 242 -38.26 8.71 -37.66
CA UNK A 242 -38.90 9.31 -36.50
C UNK A 242 -40.06 8.47 -36.01
N UNK A 243 -40.90 7.96 -36.92
CA UNK A 243 -41.92 7.01 -36.50
C UNK A 243 -41.33 5.66 -36.10
N UNK A 244 -40.17 5.29 -36.68
CA UNK A 244 -39.50 4.06 -36.30
C UNK A 244 -39.05 4.10 -34.85
N UNK A 245 -38.47 5.21 -34.42
CA UNK A 245 -38.13 5.36 -33.02
C UNK A 245 -39.32 5.74 -32.17
N UNK A 246 -40.40 6.24 -32.77
CA UNK A 246 -41.63 6.46 -32.02
C UNK A 246 -42.28 5.14 -31.65
N UNK A 247 -42.04 4.10 -32.42
CA UNK A 247 -42.36 2.76 -31.98
C UNK A 247 -41.22 2.14 -31.15
N UNK A 248 -39.97 2.50 -31.43
CA UNK A 248 -38.80 1.92 -30.78
C UNK A 248 -38.41 2.65 -29.50
N UNK A 249 -39.22 3.61 -29.08
CA UNK A 249 -39.24 4.10 -27.71
C UNK A 249 -40.70 4.33 -27.30
N UNK A 250 -41.55 3.36 -27.63
CA UNK A 250 -42.97 3.40 -27.32
C UNK A 250 -43.26 2.70 -26.01
N UNK A 251 -42.33 2.85 -25.07
CA UNK A 251 -42.42 2.18 -23.78
C UNK A 251 -43.48 2.87 -22.93
N UNK A 252 -44.74 2.52 -23.20
CA UNK A 252 -45.81 2.75 -22.26
C UNK A 252 -46.07 1.53 -21.40
N UNK A 253 -45.08 0.64 -21.32
CA UNK A 253 -45.11 -0.62 -20.56
C UNK A 253 -46.27 -1.53 -20.99
N UNK A 254 -46.67 -1.47 -22.26
CA UNK A 254 -47.76 -2.30 -22.74
C UNK A 254 -47.53 -2.79 -24.17
N UNK A 255 -46.32 -3.28 -24.47
CA UNK A 255 -46.04 -3.81 -25.80
C UNK A 255 -44.96 -4.88 -25.70
N UNK A 256 -44.37 -5.23 -26.85
CA UNK A 256 -43.25 -6.16 -26.95
C UNK A 256 -42.22 -5.62 -27.94
N UNK A 257 -41.79 -4.36 -27.72
CA UNK A 257 -41.40 -3.39 -28.77
C UNK A 257 -40.36 -3.85 -29.78
N UNK A 258 -39.64 -4.96 -29.54
CA UNK A 258 -38.65 -5.44 -30.49
C UNK A 258 -39.31 -5.98 -31.76
N UNK A 259 -40.15 -7.00 -31.61
CA UNK A 259 -40.95 -7.50 -32.73
C UNK A 259 -41.89 -6.43 -33.26
N UNK A 260 -42.33 -5.50 -32.41
CA UNK A 260 -43.14 -4.39 -32.87
C UNK A 260 -42.37 -3.49 -33.83
N UNK A 261 -41.09 -3.25 -33.55
CA UNK A 261 -40.28 -2.46 -34.48
C UNK A 261 -39.98 -3.26 -35.74
N UNK A 262 -39.72 -4.57 -35.59
CA UNK A 262 -39.44 -5.42 -36.74
C UNK A 262 -40.64 -5.52 -37.67
N UNK A 263 -41.85 -5.37 -37.12
CA UNK A 263 -43.04 -5.31 -37.95
C UNK A 263 -43.25 -3.91 -38.52
N UNK A 264 -43.17 -2.89 -37.66
CA UNK A 264 -43.56 -1.54 -38.03
C UNK A 264 -42.60 -0.93 -39.04
N UNK A 265 -41.35 -1.36 -39.02
CA UNK A 265 -40.41 -0.88 -40.02
C UNK A 265 -40.76 -1.45 -41.39
N UNK A 266 -41.08 -2.75 -41.44
CA UNK A 266 -41.52 -3.36 -42.69
C UNK A 266 -42.79 -2.74 -43.17
N UNK A 267 -43.66 -2.36 -42.24
CA UNK A 267 -44.87 -1.63 -42.53
C UNK A 267 -44.56 -0.30 -43.22
N UNK A 268 -43.82 0.57 -42.53
CA UNK A 268 -43.56 1.91 -43.05
C UNK A 268 -42.72 1.88 -44.31
N UNK A 269 -41.84 0.89 -44.44
CA UNK A 269 -41.02 0.76 -45.62
C UNK A 269 -41.86 0.32 -46.81
N UNK A 270 -42.70 -0.70 -46.61
CA UNK A 270 -43.55 -1.15 -47.68
C UNK A 270 -44.64 -0.14 -48.00
N UNK A 271 -44.89 0.79 -47.08
CA UNK A 271 -46.01 1.72 -47.23
C UNK A 271 -45.84 2.67 -48.39
N UNK A 272 -44.66 3.27 -48.51
CA UNK A 272 -44.43 4.17 -49.64
C UNK A 272 -44.37 3.40 -50.94
N UNK A 273 -43.84 2.16 -50.88
CA UNK A 273 -43.87 1.29 -52.04
C UNK A 273 -45.28 0.92 -52.42
N UNK A 274 -46.15 0.80 -51.42
CA UNK A 274 -47.55 0.53 -51.66
C UNK A 274 -48.19 1.73 -52.34
N UNK A 275 -47.84 2.93 -51.89
CA UNK A 275 -48.33 4.13 -52.56
C UNK A 275 -47.75 4.24 -53.97
N UNK A 276 -46.55 3.71 -54.18
CA UNK A 276 -45.91 3.79 -55.48
C UNK A 276 -46.57 2.88 -56.49
N UNK A 277 -46.76 1.61 -56.13
CA UNK A 277 -47.54 0.70 -56.95
C UNK A 277 -48.99 1.15 -57.05
N UNK A 278 -49.51 1.83 -56.04
CA UNK A 278 -50.84 2.40 -56.12
C UNK A 278 -50.91 3.50 -57.14
N UNK A 279 -49.83 4.27 -57.31
CA UNK A 279 -49.82 5.25 -58.38
C UNK A 279 -49.71 4.54 -59.72
N UNK A 280 -48.61 3.80 -59.91
CA UNK A 280 -48.23 3.30 -61.22
C UNK A 280 -49.17 2.22 -61.75
N UNK A 281 -49.74 1.40 -60.87
CA UNK A 281 -50.82 0.53 -61.26
C UNK A 281 -52.03 1.35 -61.71
N UNK A 282 -52.50 2.26 -60.85
CA UNK A 282 -53.66 3.06 -61.23
C UNK A 282 -53.33 4.09 -62.28
N UNK A 283 -52.08 4.38 -62.53
CA UNK A 283 -51.77 5.17 -63.70
C UNK A 283 -51.57 4.32 -64.94
N UNK A 284 -51.83 3.01 -64.84
CA UNK A 284 -51.65 2.03 -65.90
C UNK A 284 -50.20 2.01 -66.42
N UNK A 285 -49.31 1.64 -65.51
CA UNK A 285 -47.93 1.40 -65.86
C UNK A 285 -47.47 0.18 -65.08
N UNK A 286 -46.23 -0.23 -65.34
CA UNK A 286 -45.72 -1.48 -64.83
C UNK A 286 -45.33 -1.39 -63.36
N UNK A 287 -44.58 -2.37 -62.88
CA UNK A 287 -43.75 -2.16 -61.72
C UNK A 287 -42.34 -1.75 -62.09
N UNK A 288 -42.18 -1.13 -63.25
CA UNK A 288 -40.93 -0.54 -63.70
C UNK A 288 -40.95 0.95 -63.43
N UNK A 289 -41.52 1.35 -62.30
CA UNK A 289 -41.51 2.74 -61.89
C UNK A 289 -40.68 2.99 -60.64
N UNK A 290 -40.38 1.96 -59.86
CA UNK A 290 -39.53 2.13 -58.69
C UNK A 290 -38.07 2.28 -59.13
N UNK A 291 -37.73 3.36 -59.82
CA UNK A 291 -36.45 3.51 -60.47
C UNK A 291 -35.34 3.97 -59.53
N UNK A 292 -35.53 3.78 -58.23
CA UNK A 292 -34.52 3.80 -57.16
C UNK A 292 -35.18 3.34 -55.88
N UNK A 293 -34.41 3.24 -54.78
CA UNK A 293 -35.04 3.03 -53.47
C UNK A 293 -34.31 3.71 -52.31
N UNK A 294 -33.55 4.78 -52.54
CA UNK A 294 -32.75 5.42 -51.49
C UNK A 294 -33.63 6.21 -50.53
N UNK A 295 -33.57 5.89 -49.24
CA UNK A 295 -34.50 6.37 -48.20
C UNK A 295 -35.94 6.03 -48.56
N UNK A 296 -36.11 4.87 -49.21
CA UNK A 296 -37.35 4.42 -49.82
C UNK A 296 -37.99 5.49 -50.69
N UNK A 297 -37.16 6.26 -51.40
CA UNK A 297 -37.71 7.29 -52.27
C UNK A 297 -38.31 6.64 -53.50
N UNK A 298 -39.63 6.65 -53.58
CA UNK A 298 -40.26 6.11 -54.76
C UNK A 298 -40.11 7.06 -55.93
N UNK A 299 -38.88 7.25 -56.40
CA UNK A 299 -38.55 8.35 -57.31
C UNK A 299 -39.08 8.04 -58.72
N UNK A 300 -40.40 8.00 -58.82
CA UNK A 300 -41.05 7.36 -59.94
C UNK A 300 -40.98 8.27 -61.16
N UNK A 301 -41.31 7.70 -62.31
CA UNK A 301 -41.60 8.51 -63.48
C UNK A 301 -43.11 8.50 -63.69
N UNK A 302 -43.57 9.41 -64.56
CA UNK A 302 -44.99 9.51 -64.85
C UNK A 302 -45.16 10.28 -66.16
N UNK A 303 -46.16 9.88 -66.92
CA UNK A 303 -46.47 10.58 -68.16
C UNK A 303 -47.12 11.91 -67.86
N UNK A 304 -46.57 13.00 -68.40
CA UNK A 304 -47.10 14.34 -68.06
C UNK A 304 -48.39 14.60 -68.84
N UNK A 305 -49.43 13.87 -68.45
CA UNK A 305 -50.77 14.05 -68.99
C UNK A 305 -51.69 14.54 -67.88
N UNK A 306 -52.76 15.20 -68.31
CA UNK A 306 -53.64 15.90 -67.37
C UNK A 306 -54.34 14.94 -66.45
N UNK A 307 -54.68 13.75 -66.94
CA UNK A 307 -55.20 12.70 -66.07
C UNK A 307 -54.18 12.31 -65.03
N UNK A 308 -52.93 12.15 -65.45
CA UNK A 308 -51.88 11.88 -64.50
C UNK A 308 -51.54 13.10 -63.67
N UNK A 309 -51.64 14.30 -64.26
CA UNK A 309 -51.35 15.52 -63.53
C UNK A 309 -52.36 15.74 -62.40
N UNK A 310 -53.58 15.26 -62.59
CA UNK A 310 -54.55 15.31 -61.50
C UNK A 310 -54.40 14.11 -60.58
N UNK A 311 -54.03 12.96 -61.14
CA UNK A 311 -53.89 11.75 -60.35
C UNK A 311 -52.75 11.85 -59.36
N UNK A 312 -51.74 12.66 -59.69
CA UNK A 312 -50.65 12.93 -58.77
C UNK A 312 -51.15 13.60 -57.51
N UNK A 313 -51.84 14.74 -57.66
CA UNK A 313 -52.37 15.47 -56.51
C UNK A 313 -53.42 14.66 -55.78
N UNK A 314 -54.16 13.84 -56.52
CA UNK A 314 -55.08 12.90 -55.91
C UNK A 314 -54.35 11.92 -55.01
N UNK A 315 -53.25 11.36 -55.51
CA UNK A 315 -52.45 10.45 -54.71
C UNK A 315 -51.83 11.13 -53.50
N UNK A 316 -51.45 12.40 -53.67
CA UNK A 316 -50.88 13.21 -52.61
C UNK A 316 -51.86 13.35 -51.48
N UNK A 317 -53.06 13.83 -51.81
CA UNK A 317 -54.11 14.00 -50.81
C UNK A 317 -54.56 12.67 -50.22
N UNK A 318 -54.58 11.62 -51.02
CA UNK A 318 -55.08 10.33 -50.57
C UNK A 318 -54.14 9.70 -49.56
N UNK A 319 -52.86 9.55 -49.94
CA UNK A 319 -51.89 9.02 -49.01
C UNK A 319 -51.65 10.00 -47.85
N UNK A 320 -51.91 11.29 -48.09
CA UNK A 320 -51.80 12.27 -47.03
C UNK A 320 -52.84 12.05 -45.93
N UNK A 321 -54.10 11.92 -46.31
CA UNK A 321 -55.13 11.64 -45.32
C UNK A 321 -54.93 10.25 -44.73
N UNK A 322 -54.42 9.30 -45.52
CA UNK A 322 -54.05 7.98 -45.04
C UNK A 322 -52.95 8.03 -44.00
N UNK A 323 -52.14 9.08 -44.03
CA UNK A 323 -51.25 9.39 -42.92
C UNK A 323 -51.95 10.11 -41.79
N UNK A 324 -52.97 10.92 -42.10
CA UNK A 324 -53.42 11.96 -41.19
C UNK A 324 -54.03 11.38 -39.93
N UNK A 325 -55.09 10.60 -40.07
CA UNK A 325 -55.76 10.09 -38.87
C UNK A 325 -55.02 8.89 -38.32
N UNK A 326 -55.05 7.78 -39.04
CA UNK A 326 -54.36 6.59 -38.59
C UNK A 326 -52.88 6.75 -38.86
N UNK A 327 -52.07 6.37 -37.87
CA UNK A 327 -50.62 6.50 -37.90
C UNK A 327 -50.21 7.95 -38.18
N UNK A 328 -50.49 8.80 -37.19
CA UNK A 328 -50.50 10.26 -37.35
C UNK A 328 -49.13 10.90 -37.16
N UNK A 329 -48.03 10.21 -37.45
CA UNK A 329 -46.69 10.76 -37.27
C UNK A 329 -45.91 10.91 -38.58
N UNK A 330 -45.73 9.83 -39.34
CA UNK A 330 -44.88 9.85 -40.53
C UNK A 330 -45.59 10.54 -41.67
N UNK A 331 -45.12 11.71 -42.07
CA UNK A 331 -45.74 12.41 -43.19
C UNK A 331 -45.17 11.85 -44.49
N UNK A 332 -45.55 12.46 -45.61
CA UNK A 332 -45.01 12.05 -46.90
C UNK A 332 -44.92 13.28 -47.78
N UNK A 333 -44.43 13.08 -49.00
CA UNK A 333 -44.40 14.14 -49.99
C UNK A 333 -44.42 13.48 -51.35
N UNK A 334 -44.68 14.27 -52.38
CA UNK A 334 -44.63 13.79 -53.76
C UNK A 334 -44.44 15.01 -54.66
N UNK A 335 -43.22 15.23 -55.10
CA UNK A 335 -42.89 16.49 -55.75
C UNK A 335 -42.97 16.32 -57.25
N UNK A 336 -44.10 16.71 -57.83
CA UNK A 336 -44.35 16.51 -59.25
C UNK A 336 -43.53 17.49 -60.09
N UNK A 337 -42.24 17.17 -60.25
CA UNK A 337 -41.44 18.06 -61.07
C UNK A 337 -41.71 17.79 -62.55
N UNK A 338 -40.98 18.44 -63.44
CA UNK A 338 -41.33 18.36 -64.86
C UNK A 338 -40.09 18.29 -65.72
N UNK A 339 -39.78 17.10 -66.22
CA UNK A 339 -38.63 16.88 -67.08
C UNK A 339 -38.92 17.39 -68.48
N UNK A 340 -37.98 18.13 -69.04
CA UNK A 340 -38.03 18.55 -70.42
C UNK A 340 -37.50 17.43 -71.32
N UNK A 341 -37.24 17.80 -72.58
CA UNK A 341 -36.91 16.82 -73.61
C UNK A 341 -35.54 16.21 -73.38
N UNK A 342 -34.49 17.03 -73.42
CA UNK A 342 -33.16 16.51 -73.14
C UNK A 342 -32.86 16.46 -71.65
N UNK A 343 -33.89 16.48 -70.80
CA UNK A 343 -33.67 16.47 -69.36
C UNK A 343 -33.11 15.14 -68.90
N UNK A 344 -33.40 14.06 -69.63
CA UNK A 344 -32.75 12.80 -69.33
C UNK A 344 -31.28 12.84 -69.73
N UNK A 345 -30.92 13.70 -70.69
CA UNK A 345 -29.55 13.77 -71.16
C UNK A 345 -28.64 14.52 -70.20
N UNK A 346 -29.21 15.15 -69.18
CA UNK A 346 -28.42 15.75 -68.11
C UNK A 346 -29.10 15.50 -66.78
N UNK A 347 -29.49 14.25 -66.54
CA UNK A 347 -30.48 13.92 -65.51
C UNK A 347 -29.95 13.98 -64.08
N UNK A 348 -28.83 14.66 -63.87
CA UNK A 348 -28.45 15.15 -62.55
C UNK A 348 -28.93 16.56 -62.29
N UNK A 349 -28.93 17.41 -63.31
CA UNK A 349 -29.51 18.74 -63.17
C UNK A 349 -30.99 18.65 -62.88
N UNK A 350 -31.67 17.73 -63.55
CA UNK A 350 -33.08 17.48 -63.26
C UNK A 350 -33.24 16.90 -61.87
N UNK A 351 -32.30 16.08 -61.42
CA UNK A 351 -32.38 15.55 -60.07
C UNK A 351 -32.13 16.64 -59.04
N UNK A 352 -31.34 17.64 -59.41
CA UNK A 352 -31.15 18.79 -58.53
C UNK A 352 -32.43 19.60 -58.42
N UNK A 353 -33.08 19.85 -59.57
CA UNK A 353 -34.36 20.53 -59.56
C UNK A 353 -35.40 19.75 -58.78
N UNK A 354 -35.34 18.43 -58.86
CA UNK A 354 -36.29 17.59 -58.16
C UNK A 354 -36.02 17.58 -56.66
N UNK A 355 -34.75 17.49 -56.27
CA UNK A 355 -34.42 17.54 -54.85
C UNK A 355 -34.74 18.90 -54.26
N UNK A 356 -34.59 19.96 -55.07
CA UNK A 356 -34.95 21.31 -54.65
C UNK A 356 -36.45 21.43 -54.45
N UNK A 357 -37.23 20.99 -55.42
CA UNK A 357 -38.66 21.09 -55.29
C UNK A 357 -39.22 20.12 -54.26
N UNK A 358 -38.47 19.08 -53.89
CA UNK A 358 -38.87 18.23 -52.78
C UNK A 358 -38.96 19.01 -51.49
N UNK A 359 -37.92 19.76 -51.17
CA UNK A 359 -37.96 20.66 -50.03
C UNK A 359 -38.95 21.79 -50.21
N UNK A 360 -38.98 22.39 -51.40
CA UNK A 360 -39.86 23.54 -51.65
C UNK A 360 -41.33 23.15 -51.57
N UNK A 361 -41.65 21.88 -51.75
CA UNK A 361 -42.96 21.35 -51.47
C UNK A 361 -42.97 20.44 -50.25
N UNK A 362 -41.98 20.55 -49.36
CA UNK A 362 -42.09 19.92 -48.06
C UNK A 362 -42.82 20.80 -47.05
N UNK A 363 -43.75 21.63 -47.52
CA UNK A 363 -44.66 22.41 -46.68
C UNK A 363 -45.87 21.61 -46.26
N UNK A 364 -45.63 20.39 -45.77
CA UNK A 364 -46.32 19.71 -44.68
C UNK A 364 -47.82 19.90 -44.67
N UNK A 365 -48.48 19.47 -45.72
CA UNK A 365 -49.92 19.67 -45.76
C UNK A 365 -50.67 18.50 -45.16
N UNK A 366 -50.09 17.78 -44.20
CA UNK A 366 -50.61 16.48 -43.77
C UNK A 366 -51.87 16.64 -42.92
N UNK A 367 -52.93 17.14 -43.55
CA UNK A 367 -54.21 17.42 -42.88
C UNK A 367 -55.40 17.10 -43.77
N UNK A 368 -50.44 4.91 -34.82
CA UNK A 368 -51.09 5.05 -33.53
C UNK A 368 -50.18 4.61 -32.39
N UNK A 369 -49.63 5.58 -31.67
CA UNK A 369 -48.80 5.30 -30.51
C UNK A 369 -49.60 4.66 -29.39
N UNK A 370 -50.88 4.99 -29.30
CA UNK A 370 -51.79 4.40 -28.35
C UNK A 370 -52.30 3.07 -28.91
N UNK A 371 -53.38 2.54 -28.32
CA UNK A 371 -53.95 1.26 -28.75
C UNK A 371 -54.76 1.42 -30.03
N UNK A 372 -55.59 0.41 -30.32
CA UNK A 372 -56.42 0.32 -31.52
C UNK A 372 -55.61 0.32 -32.82
N UNK A 373 -54.34 -0.07 -32.74
CA UNK A 373 -53.60 -0.45 -33.93
C UNK A 373 -54.20 -1.76 -34.44
N UNK A 374 -54.89 -1.68 -35.58
CA UNK A 374 -55.54 -2.87 -36.14
C UNK A 374 -54.52 -3.89 -36.61
N UNK A 375 -53.71 -3.51 -37.61
CA UNK A 375 -52.62 -4.36 -38.05
C UNK A 375 -51.49 -4.28 -37.04
N UNK A 376 -51.51 -5.13 -36.03
CA UNK A 376 -50.56 -5.01 -34.93
C UNK A 376 -49.77 -6.28 -34.67
N UNK A 377 -50.34 -7.45 -34.95
CA UNK A 377 -49.81 -8.72 -34.47
C UNK A 377 -49.56 -9.69 -35.60
N UNK A 378 -48.87 -9.23 -36.64
CA UNK A 378 -48.42 -10.13 -37.69
C UNK A 378 -47.01 -10.59 -37.34
N UNK A 379 -46.88 -11.81 -36.83
CA UNK A 379 -45.56 -12.34 -36.50
C UNK A 379 -44.86 -12.86 -37.76
N UNK A 380 -45.47 -13.86 -38.41
CA UNK A 380 -45.07 -14.41 -39.71
C UNK A 380 -43.63 -14.91 -39.70
N UNK A 381 -43.38 -15.91 -38.84
CA UNK A 381 -42.06 -16.51 -38.74
C UNK A 381 -41.78 -17.32 -39.98
N UNK A 382 -40.62 -17.04 -40.61
CA UNK A 382 -40.13 -17.72 -41.81
C UNK A 382 -41.12 -17.62 -42.97
N UNK A 383 -41.49 -16.39 -43.29
CA UNK A 383 -42.36 -16.13 -44.43
C UNK A 383 -41.52 -15.87 -45.68
N UNK A 384 -42.20 -15.84 -46.82
CA UNK A 384 -41.50 -15.77 -48.09
C UNK A 384 -42.06 -14.76 -49.08
N UNK A 385 -43.30 -14.33 -48.95
CA UNK A 385 -43.87 -13.45 -49.94
C UNK A 385 -44.80 -12.48 -49.26
N UNK A 386 -45.10 -11.39 -49.96
CA UNK A 386 -45.96 -10.35 -49.43
C UNK A 386 -47.04 -10.03 -50.45
N UNK A 387 -48.27 -9.92 -49.97
CA UNK A 387 -49.44 -9.92 -50.85
C UNK A 387 -49.96 -8.50 -51.03
N UNK A 388 -49.41 -7.79 -52.03
CA UNK A 388 -49.93 -6.48 -52.41
C UNK A 388 -51.25 -6.68 -53.16
N UNK A 389 -52.30 -6.92 -52.39
CA UNK A 389 -53.58 -7.39 -52.93
C UNK A 389 -54.63 -6.31 -52.78
N UNK A 390 -55.31 -5.96 -53.88
CA UNK A 390 -56.36 -4.96 -53.83
C UNK A 390 -57.73 -5.58 -53.59
N UNK A 391 -57.80 -6.43 -52.58
CA UNK A 391 -59.00 -7.20 -52.22
C UNK A 391 -58.84 -7.61 -50.76
N UNK A 392 -59.63 -8.60 -50.33
CA UNK A 392 -59.54 -9.09 -48.97
C UNK A 392 -58.27 -9.91 -48.76
N UNK A 393 -57.66 -9.75 -47.59
CA UNK A 393 -56.50 -10.52 -47.17
C UNK A 393 -56.42 -10.48 -45.65
N UNK A 394 -55.40 -11.14 -45.10
CA UNK A 394 -55.23 -11.30 -43.66
C UNK A 394 -54.52 -10.11 -43.01
N UNK A 395 -54.29 -9.04 -43.76
CA UNK A 395 -53.86 -7.76 -43.20
C UNK A 395 -54.39 -6.67 -44.13
N UNK A 396 -53.86 -5.45 -43.99
CA UNK A 396 -54.36 -4.32 -44.78
C UNK A 396 -53.33 -3.21 -44.79
N UNK A 397 -53.57 -2.23 -45.65
CA UNK A 397 -52.76 -1.03 -45.71
C UNK A 397 -53.63 0.12 -46.22
N UNK A 398 -52.98 1.19 -46.66
CA UNK A 398 -53.64 2.50 -46.68
C UNK A 398 -54.54 2.68 -47.89
N UNK A 399 -53.97 2.77 -49.08
CA UNK A 399 -54.76 3.01 -50.28
C UNK A 399 -55.04 1.72 -51.03
N UNK A 400 -54.57 0.60 -50.50
CA UNK A 400 -54.78 -0.73 -51.04
C UNK A 400 -54.48 -1.69 -49.91
N UNK A 401 -55.07 -2.87 -49.95
CA UNK A 401 -54.76 -3.78 -48.87
C UNK A 401 -53.41 -4.43 -49.14
N UNK A 402 -52.83 -4.99 -48.09
CA UNK A 402 -51.55 -5.67 -48.21
C UNK A 402 -51.42 -6.61 -47.03
N UNK A 403 -50.76 -7.74 -47.27
CA UNK A 403 -50.58 -8.72 -46.22
C UNK A 403 -49.28 -9.49 -46.48
N UNK A 404 -48.83 -10.19 -45.45
CA UNK A 404 -47.58 -10.93 -45.50
C UNK A 404 -47.83 -12.32 -44.93
N UNK A 405 -47.62 -13.33 -45.76
CA UNK A 405 -47.81 -14.71 -45.34
C UNK A 405 -46.83 -15.57 -46.12
N UNK A 406 -47.06 -16.88 -46.13
CA UNK A 406 -46.19 -17.76 -46.88
C UNK A 406 -46.78 -18.16 -48.22
N UNK A 407 -48.09 -18.31 -48.29
CA UNK A 407 -48.74 -18.75 -49.52
C UNK A 407 -50.16 -18.22 -49.53
N UNK A 408 -50.43 -17.25 -50.39
CA UNK A 408 -51.77 -16.67 -50.48
C UNK A 408 -51.95 -16.17 -51.90
N UNK A 409 -53.02 -16.59 -52.56
CA UNK A 409 -53.31 -16.14 -53.91
C UNK A 409 -53.69 -14.67 -53.85
N UNK A 410 -52.98 -13.84 -54.61
CA UNK A 410 -53.20 -12.39 -54.60
C UNK A 410 -52.74 -11.78 -55.91
N UNK A 411 -48.23 -7.21 -57.95
CA UNK A 411 -47.12 -8.10 -57.74
C UNK A 411 -47.07 -8.60 -56.31
N UNK A 412 -46.77 -9.88 -56.13
CA UNK A 412 -46.46 -10.40 -54.81
C UNK A 412 -44.98 -10.20 -54.58
N UNK A 413 -44.63 -9.45 -53.55
CA UNK A 413 -43.23 -9.14 -53.28
C UNK A 413 -42.51 -10.39 -52.82
N UNK A 414 -41.50 -10.80 -53.57
CA UNK A 414 -40.69 -11.93 -53.18
C UNK A 414 -39.64 -11.48 -52.18
N UNK A 415 -38.83 -12.44 -51.73
CA UNK A 415 -37.78 -12.13 -50.78
C UNK A 415 -36.68 -13.16 -50.93
N UNK A 416 -35.75 -13.15 -49.98
CA UNK A 416 -34.88 -14.26 -49.61
C UNK A 416 -33.80 -14.60 -50.62
N UNK A 417 -33.85 -14.00 -51.80
CA UNK A 417 -32.98 -14.38 -52.90
C UNK A 417 -33.10 -13.35 -53.99
N UNK A 418 -32.26 -13.52 -55.01
CA UNK A 418 -32.45 -12.91 -56.31
C UNK A 418 -32.65 -13.94 -57.40
N UNK A 419 -32.46 -15.23 -57.09
CA UNK A 419 -32.69 -16.31 -58.03
C UNK A 419 -34.11 -16.82 -57.98
N UNK A 420 -34.89 -16.42 -56.98
CA UNK A 420 -36.26 -16.87 -56.76
C UNK A 420 -37.28 -16.17 -57.63
N UNK A 421 -36.83 -15.53 -58.73
CA UNK A 421 -37.75 -14.83 -59.61
C UNK A 421 -38.64 -15.80 -60.36
N UNK A 422 -38.04 -16.78 -61.05
CA UNK A 422 -38.78 -17.70 -61.92
C UNK A 422 -39.74 -18.57 -61.14
N UNK A 423 -39.47 -18.81 -59.85
CA UNK A 423 -40.35 -19.61 -59.01
C UNK A 423 -41.72 -18.98 -58.87
N UNK A 424 -41.78 -17.76 -58.33
CA UNK A 424 -43.04 -17.05 -58.27
C UNK A 424 -43.55 -16.65 -59.65
N UNK A 425 -42.67 -16.59 -60.66
CA UNK A 425 -43.12 -16.28 -62.02
C UNK A 425 -44.01 -17.38 -62.57
N UNK A 426 -43.47 -18.60 -62.64
CA UNK A 426 -44.28 -19.75 -63.04
C UNK A 426 -45.36 -20.06 -62.02
N UNK A 427 -45.17 -19.68 -60.77
CA UNK A 427 -46.20 -19.87 -59.76
C UNK A 427 -47.31 -18.86 -59.94
N UNK A 428 -47.01 -17.59 -59.72
CA UNK A 428 -48.03 -16.56 -59.84
C UNK A 428 -47.97 -16.07 -61.28
N UNK A 429 -48.93 -16.48 -62.08
CA UNK A 429 -48.96 -16.14 -63.50
C UNK A 429 -49.76 -14.87 -63.74
N UNK A 430 -49.44 -13.81 -63.02
CA UNK A 430 -50.04 -12.52 -63.28
C UNK A 430 -49.24 -11.79 -64.34
N UNK A 431 -49.84 -10.74 -64.91
CA UNK A 431 -49.11 -9.85 -65.80
C UNK A 431 -47.99 -9.11 -65.08
N UNK A 432 -48.10 -8.98 -63.76
CA UNK A 432 -46.99 -8.57 -62.89
C UNK A 432 -47.18 -9.28 -61.57
N UNK A 433 -46.21 -10.12 -61.20
CA UNK A 433 -46.39 -10.94 -60.02
C UNK A 433 -45.20 -10.98 -59.06
N UNK A 434 -43.97 -10.76 -59.52
CA UNK A 434 -42.77 -10.93 -58.71
C UNK A 434 -42.07 -9.59 -58.46
N UNK A 435 -41.29 -9.56 -57.39
CA UNK A 435 -40.59 -8.35 -56.99
C UNK A 435 -39.37 -8.76 -56.19
N UNK A 436 -38.70 -7.79 -55.58
CA UNK A 436 -37.49 -8.09 -54.83
C UNK A 436 -37.28 -7.10 -53.70
N UNK A 437 -37.19 -7.62 -52.49
CA UNK A 437 -36.75 -6.92 -51.28
C UNK A 437 -36.33 -7.99 -50.29
N UNK A 438 -36.16 -7.62 -49.01
CA UNK A 438 -35.80 -8.60 -48.00
C UNK A 438 -36.20 -8.11 -46.62
N UNK A 439 -36.00 -8.99 -45.65
CA UNK A 439 -36.06 -8.83 -44.20
C UNK A 439 -35.61 -10.14 -43.58
N UNK A 440 -34.98 -10.08 -42.41
CA UNK A 440 -34.50 -11.30 -41.76
C UNK A 440 -34.86 -11.28 -40.29
N UNK A 441 -35.11 -12.48 -39.74
CA UNK A 441 -35.34 -12.66 -38.31
C UNK A 441 -34.66 -13.93 -37.85
N UNK A 442 -33.43 -14.10 -38.33
CA UNK A 442 -32.78 -15.40 -38.43
C UNK A 442 -32.58 -16.04 -37.05
N UNK A 443 -32.55 -17.37 -37.06
CA UNK A 443 -32.30 -18.20 -35.90
C UNK A 443 -31.94 -19.60 -36.39
N UNK A 444 -31.28 -20.36 -35.52
CA UNK A 444 -30.79 -21.70 -35.80
C UNK A 444 -30.79 -22.48 -34.50
N UNK A 445 -30.08 -23.59 -34.47
CA UNK A 445 -30.00 -24.33 -33.23
C UNK A 445 -28.57 -24.51 -32.74
N UNK A 446 -27.68 -24.95 -33.65
CA UNK A 446 -26.24 -25.20 -33.52
C UNK A 446 -25.93 -26.44 -32.68
N UNK A 447 -26.96 -27.00 -32.04
CA UNK A 447 -27.08 -28.26 -31.33
C UNK A 447 -28.49 -28.25 -30.75
N UNK A 448 -28.98 -29.44 -30.38
CA UNK A 448 -30.20 -29.56 -29.57
C UNK A 448 -30.19 -30.91 -28.85
N UNK A 449 -29.73 -30.91 -27.60
CA UNK A 449 -29.78 -32.14 -26.80
C UNK A 449 -30.58 -31.98 -25.51
N UNK A 450 -30.29 -30.94 -24.72
CA UNK A 450 -30.74 -30.94 -23.33
C UNK A 450 -31.31 -29.61 -22.85
N UNK A 451 -31.49 -29.52 -21.53
CA UNK A 451 -32.10 -28.37 -20.88
C UNK A 451 -31.29 -27.08 -21.02
N UNK A 452 -30.12 -27.05 -20.37
CA UNK A 452 -29.42 -25.81 -20.01
C UNK A 452 -30.41 -24.81 -19.44
N UNK A 453 -31.01 -25.22 -18.32
CA UNK A 453 -32.19 -24.57 -17.79
C UNK A 453 -31.84 -23.22 -17.19
N UNK A 454 -32.12 -22.16 -17.95
CA UNK A 454 -32.23 -20.80 -17.43
C UNK A 454 -33.39 -20.05 -18.06
N UNK A 455 -34.17 -20.70 -18.92
CA UNK A 455 -35.30 -20.10 -19.60
C UNK A 455 -36.32 -21.21 -19.82
N UNK A 456 -37.28 -20.97 -20.71
CA UNK A 456 -38.27 -21.99 -21.05
C UNK A 456 -37.68 -22.92 -22.11
N UNK A 457 -38.52 -23.78 -22.70
CA UNK A 457 -38.07 -24.70 -23.73
C UNK A 457 -39.20 -25.01 -24.70
N UNK A 458 -38.82 -25.29 -25.94
CA UNK A 458 -39.78 -25.56 -27.01
C UNK A 458 -39.05 -26.34 -28.11
N UNK A 459 -39.64 -26.37 -29.29
CA UNK A 459 -39.08 -27.11 -30.43
C UNK A 459 -38.72 -26.24 -31.61
N UNK A 460 -39.46 -25.17 -31.86
CA UNK A 460 -39.10 -24.25 -32.93
C UNK A 460 -37.97 -23.33 -32.44
N UNK A 461 -36.91 -23.23 -33.23
CA UNK A 461 -35.65 -22.63 -32.79
C UNK A 461 -35.66 -21.10 -32.81
N UNK A 462 -36.83 -20.47 -32.81
CA UNK A 462 -36.93 -19.03 -32.58
C UNK A 462 -36.75 -18.74 -31.11
N UNK A 463 -35.66 -18.02 -30.78
CA UNK A 463 -35.15 -17.94 -29.42
C UNK A 463 -35.44 -16.59 -28.79
N UNK A 464 -35.23 -16.53 -27.48
CA UNK A 464 -35.46 -15.32 -26.71
C UNK A 464 -34.38 -14.28 -27.00
N UNK A 465 -34.65 -13.04 -26.61
CA UNK A 465 -33.60 -12.03 -26.72
C UNK A 465 -32.59 -12.12 -25.59
N UNK A 466 -32.78 -13.05 -24.65
CA UNK A 466 -31.84 -13.28 -23.57
C UNK A 466 -31.08 -14.59 -23.70
N UNK A 467 -31.73 -15.66 -24.14
CA UNK A 467 -31.02 -16.88 -24.46
C UNK A 467 -30.09 -16.68 -25.65
N UNK A 468 -30.37 -15.70 -26.51
CA UNK A 468 -29.41 -15.26 -27.51
C UNK A 468 -28.18 -14.65 -26.90
N UNK A 469 -28.28 -14.18 -25.66
CA UNK A 469 -27.09 -13.70 -24.96
C UNK A 469 -26.39 -14.81 -24.20
N UNK A 470 -27.15 -15.72 -23.61
CA UNK A 470 -26.51 -16.75 -22.80
C UNK A 470 -25.80 -17.80 -23.63
N UNK A 471 -26.00 -17.83 -24.95
CA UNK A 471 -25.20 -18.67 -25.83
C UNK A 471 -23.99 -17.94 -26.37
N UNK A 472 -23.47 -16.95 -25.64
CA UNK A 472 -22.23 -16.29 -26.02
C UNK A 472 -21.05 -17.11 -25.51
N UNK A 473 -19.86 -16.54 -25.55
CA UNK A 473 -18.65 -17.22 -25.11
C UNK A 473 -18.17 -16.59 -23.81
N UNK A 474 -18.67 -17.12 -22.69
CA UNK A 474 -18.27 -16.76 -21.32
C UNK A 474 -18.53 -15.28 -21.02
N UNK A 475 -19.58 -14.72 -21.58
CA UNK A 475 -19.94 -13.34 -21.30
C UNK A 475 -21.45 -13.23 -21.47
N UNK A 476 -22.17 -13.37 -20.36
CA UNK A 476 -23.62 -13.29 -20.38
C UNK A 476 -24.02 -11.83 -20.58
N UNK A 477 -24.00 -11.42 -21.85
CA UNK A 477 -24.31 -10.05 -22.22
C UNK A 477 -24.57 -10.03 -23.71
N UNK A 478 -25.70 -9.46 -24.13
CA UNK A 478 -25.94 -9.41 -25.56
C UNK A 478 -25.16 -8.26 -26.15
N UNK A 479 -25.13 -8.17 -27.46
CA UNK A 479 -24.38 -7.10 -28.09
C UNK A 479 -25.30 -6.30 -29.00
N UNK A 480 -24.78 -5.21 -29.54
CA UNK A 480 -25.57 -4.46 -30.50
C UNK A 480 -24.65 -3.74 -31.45
N UNK A 481 -25.09 -3.63 -32.70
CA UNK A 481 -24.28 -2.99 -33.71
C UNK A 481 -25.18 -2.27 -34.69
N UNK A 482 -24.71 -1.11 -35.14
CA UNK A 482 -25.37 -0.37 -36.21
C UNK A 482 -24.29 0.21 -37.10
N UNK A 483 -24.67 0.57 -38.32
CA UNK A 483 -23.68 0.98 -39.30
C UNK A 483 -24.35 1.80 -40.37
N UNK A 484 -23.58 2.65 -41.03
CA UNK A 484 -24.08 3.45 -42.12
C UNK A 484 -22.93 3.82 -43.01
N UNK A 485 -23.24 4.40 -44.16
CA UNK A 485 -22.25 4.57 -45.21
C UNK A 485 -21.30 5.73 -44.93
N UNK A 486 -20.48 6.02 -45.92
CA UNK A 486 -19.57 7.15 -45.88
C UNK A 486 -20.14 8.29 -46.71
N UNK A 487 -21.23 8.86 -46.18
CA UNK A 487 -22.04 9.90 -46.84
C UNK A 487 -22.54 9.40 -48.20
N UNK A 488 -23.41 8.39 -48.09
CA UNK A 488 -24.16 7.89 -49.24
C UNK A 488 -24.94 9.00 -49.90
N UNK A 489 -25.38 9.99 -49.13
CA UNK A 489 -25.88 11.24 -49.70
C UNK A 489 -24.84 11.92 -50.56
N UNK A 490 -23.67 12.22 -49.99
CA UNK A 490 -22.64 12.88 -50.77
C UNK A 490 -22.03 11.95 -51.79
N UNK A 491 -22.18 10.64 -51.61
CA UNK A 491 -21.89 9.73 -52.69
C UNK A 491 -22.82 9.98 -53.86
N UNK A 492 -24.12 9.76 -53.67
CA UNK A 492 -25.08 9.73 -54.76
C UNK A 492 -25.24 11.09 -55.41
N UNK A 493 -25.02 12.15 -54.65
CA UNK A 493 -25.11 13.48 -55.23
C UNK A 493 -23.89 13.79 -56.09
N UNK A 494 -22.71 13.44 -55.61
CA UNK A 494 -21.48 13.91 -56.24
C UNK A 494 -20.82 12.79 -57.00
N UNK A 495 -21.06 12.75 -58.30
CA UNK A 495 -20.17 12.06 -59.21
C UNK A 495 -19.25 13.12 -59.79
N UNK A 496 -18.00 12.76 -60.01
CA UNK A 496 -16.94 13.69 -60.35
C UNK A 496 -17.16 14.34 -61.70
N UNK A 497 -17.54 15.62 -61.69
CA UNK A 497 -17.78 16.36 -62.92
C UNK A 497 -16.48 16.66 -63.65
N UNK A 498 -20.30 14.40 -64.70
CA UNK A 498 -21.56 13.97 -65.32
C UNK A 498 -21.86 12.51 -64.99
N UNK A 499 -23.14 12.22 -64.79
CA UNK A 499 -23.57 10.88 -64.43
C UNK A 499 -25.03 10.73 -64.87
N UNK A 500 -25.23 10.03 -65.98
CA UNK A 500 -26.56 9.85 -66.55
C UNK A 500 -27.42 8.97 -65.66
N UNK A 501 -28.72 8.94 -65.97
CA UNK A 501 -29.71 8.29 -65.11
C UNK A 501 -29.53 6.79 -65.07
N UNK A 502 -28.77 6.24 -66.02
CA UNK A 502 -28.31 4.87 -65.93
C UNK A 502 -27.50 4.65 -64.66
N UNK A 503 -26.43 5.42 -64.50
CA UNK A 503 -25.46 5.12 -63.46
C UNK A 503 -26.02 5.36 -62.07
N UNK A 504 -26.79 6.44 -61.91
CA UNK A 504 -27.42 6.72 -60.63
C UNK A 504 -28.46 5.68 -60.30
N UNK A 505 -29.07 5.08 -61.31
CA UNK A 505 -29.89 3.91 -61.06
C UNK A 505 -29.04 2.75 -60.60
N UNK A 506 -27.86 2.59 -61.21
CA UNK A 506 -27.07 1.39 -60.99
C UNK A 506 -26.54 1.33 -59.57
N UNK A 507 -26.15 2.48 -59.04
CA UNK A 507 -25.65 2.55 -57.68
C UNK A 507 -26.68 2.09 -56.67
N UNK A 508 -27.96 2.41 -56.92
CA UNK A 508 -29.03 2.00 -56.04
C UNK A 508 -29.15 0.49 -55.97
N UNK A 509 -29.18 -0.16 -57.13
CA UNK A 509 -29.33 -1.61 -57.18
C UNK A 509 -28.11 -2.29 -56.56
N UNK A 510 -26.93 -1.72 -56.78
CA UNK A 510 -25.73 -2.35 -56.24
C UNK A 510 -25.70 -2.28 -54.74
N UNK A 511 -26.03 -1.11 -54.18
CA UNK A 511 -26.00 -1.00 -52.73
C UNK A 511 -27.15 -1.76 -52.09
N UNK A 512 -28.26 -1.89 -52.80
CA UNK A 512 -29.34 -2.74 -52.31
C UNK A 512 -28.91 -4.19 -52.30
N UNK A 513 -28.16 -4.59 -53.32
CA UNK A 513 -27.68 -5.97 -53.37
C UNK A 513 -26.69 -6.22 -52.26
N UNK A 514 -25.88 -5.22 -51.93
CA UNK A 514 -24.97 -5.40 -50.81
C UNK A 514 -25.71 -5.35 -49.50
N UNK A 515 -26.88 -4.71 -49.46
CA UNK A 515 -27.72 -4.84 -48.28
C UNK A 515 -28.34 -6.23 -48.19
N UNK A 516 -28.54 -6.90 -49.32
CA UNK A 516 -29.00 -8.29 -49.33
C UNK A 516 -27.91 -9.29 -49.00
N UNK A 517 -26.66 -8.97 -49.34
CA UNK A 517 -25.54 -9.87 -49.11
C UNK A 517 -25.23 -10.03 -47.63
N UNK A 518 -25.63 -9.07 -46.80
CA UNK A 518 -25.49 -9.23 -45.36
C UNK A 518 -26.34 -10.38 -44.84
N UNK A 519 -27.47 -10.66 -45.50
CA UNK A 519 -28.25 -11.84 -45.12
C UNK A 519 -27.52 -13.11 -45.50
N UNK A 520 -26.81 -13.08 -46.63
CA UNK A 520 -26.00 -14.21 -47.02
C UNK A 520 -24.91 -14.45 -46.00
N UNK A 521 -24.28 -13.38 -45.53
CA UNK A 521 -23.28 -13.49 -44.48
C UNK A 521 -23.89 -13.86 -43.13
N UNK A 522 -25.16 -13.54 -42.92
CA UNK A 522 -25.82 -13.93 -41.70
C UNK A 522 -26.05 -15.43 -41.68
N UNK A 523 -26.73 -15.94 -42.70
CA UNK A 523 -27.15 -17.34 -42.71
C UNK A 523 -26.11 -18.25 -43.35
N UNK A 524 -25.82 -18.05 -44.63
CA UNK A 524 -24.95 -18.98 -45.33
C UNK A 524 -23.51 -18.53 -45.15
N UNK A 525 -22.91 -18.98 -44.08
CA UNK A 525 -21.54 -18.60 -43.78
C UNK A 525 -20.51 -19.20 -44.71
N UNK A 526 -20.81 -19.91 -45.78
CA UNK A 526 -19.78 -20.48 -46.66
C UNK A 526 -19.41 -19.45 -47.70
N UNK A 527 -18.31 -18.73 -47.45
CA UNK A 527 -17.68 -17.85 -48.44
C UNK A 527 -16.22 -17.69 -48.02
N UNK A 528 -15.32 -18.40 -48.68
CA UNK A 528 -13.91 -18.24 -48.35
C UNK A 528 -13.25 -17.22 -49.26
N UNK A 529 -13.82 -16.03 -49.34
CA UNK A 529 -13.08 -14.88 -49.86
C UNK A 529 -12.44 -14.20 -48.66
N UNK A 530 -13.21 -14.08 -47.57
CA UNK A 530 -12.73 -13.75 -46.23
C UNK A 530 -13.84 -14.12 -45.25
N UNK A 531 -13.52 -15.02 -44.33
CA UNK A 531 -14.58 -15.65 -43.55
C UNK A 531 -14.69 -15.10 -42.14
N UNK A 532 -12.43 -18.74 -39.57
CA UNK A 532 -13.08 -19.43 -40.66
C UNK A 532 -13.66 -20.75 -40.17
N UNK A 533 -13.29 -21.13 -38.94
CA UNK A 533 -13.74 -22.40 -38.42
C UNK A 533 -15.12 -22.30 -37.80
N UNK A 534 -15.43 -21.17 -37.16
CA UNK A 534 -16.64 -21.03 -36.36
C UNK A 534 -17.73 -20.40 -37.20
N UNK A 535 -18.57 -21.23 -37.80
CA UNK A 535 -19.85 -20.78 -38.32
C UNK A 535 -20.92 -20.83 -37.25
N UNK A 536 -20.70 -20.12 -36.15
CA UNK A 536 -21.75 -19.76 -35.22
C UNK A 536 -22.33 -18.40 -35.56
N UNK A 537 -21.80 -17.74 -36.58
CA UNK A 537 -22.34 -16.51 -37.11
C UNK A 537 -23.69 -16.69 -37.79
N UNK A 538 -24.20 -17.91 -37.90
CA UNK A 538 -25.62 -18.08 -38.17
C UNK A 538 -26.38 -18.24 -36.87
N UNK A 539 -26.11 -17.35 -35.91
CA UNK A 539 -26.93 -17.20 -34.72
C UNK A 539 -27.26 -15.76 -34.42
N UNK A 540 -26.71 -14.82 -35.17
CA UNK A 540 -27.08 -13.42 -35.03
C UNK A 540 -28.51 -13.20 -35.51
N UNK A 541 -29.23 -12.31 -34.82
CA UNK A 541 -30.67 -12.11 -35.05
C UNK A 541 -30.90 -10.69 -35.50
N UNK A 542 -30.71 -10.45 -36.78
CA UNK A 542 -30.67 -9.10 -37.33
C UNK A 542 -32.06 -8.50 -37.29
N UNK A 543 -32.33 -7.70 -36.27
CA UNK A 543 -33.70 -7.30 -36.00
C UNK A 543 -34.18 -6.27 -37.00
N UNK A 544 -33.64 -5.07 -36.94
CA UNK A 544 -34.26 -3.98 -37.67
C UNK A 544 -33.77 -4.01 -39.09
N UNK A 545 -34.25 -3.07 -39.86
CA UNK A 545 -33.67 -2.74 -41.14
C UNK A 545 -33.93 -1.27 -41.41
N UNK A 546 -33.32 -0.79 -42.48
CA UNK A 546 -33.68 0.45 -43.16
C UNK A 546 -33.04 0.39 -44.54
N UNK A 547 -33.04 1.53 -45.22
CA UNK A 547 -32.49 1.61 -46.57
C UNK A 547 -30.98 1.38 -46.57
N UNK A 548 -30.25 2.07 -45.70
CA UNK A 548 -28.80 1.96 -45.64
C UNK A 548 -28.31 1.95 -44.20
N UNK A 549 -28.95 1.14 -43.34
CA UNK A 549 -28.53 1.04 -41.95
C UNK A 549 -28.96 -0.31 -41.41
N UNK A 550 -28.01 -1.10 -40.92
CA UNK A 550 -28.29 -2.38 -40.28
C UNK A 550 -28.28 -2.22 -38.78
N UNK A 551 -28.89 -3.17 -38.07
CA UNK A 551 -28.87 -3.10 -36.61
C UNK A 551 -29.02 -4.51 -36.05
N UNK A 552 -27.91 -5.12 -35.68
CA UNK A 552 -27.88 -6.53 -35.30
C UNK A 552 -27.67 -6.65 -33.80
N UNK A 553 -28.39 -7.58 -33.18
CA UNK A 553 -28.29 -7.83 -31.76
C UNK A 553 -28.11 -9.32 -31.53
N UNK A 554 -26.98 -9.70 -30.95
CA UNK A 554 -26.57 -11.10 -31.01
C UNK A 554 -25.78 -11.46 -29.77
N UNK A 555 -25.09 -12.60 -29.84
CA UNK A 555 -24.25 -13.11 -28.76
C UNK A 555 -22.90 -12.41 -28.74
N UNK A 556 -22.33 -12.28 -27.53
CA UNK A 556 -21.23 -11.36 -27.23
C UNK A 556 -19.97 -11.68 -27.99
N UNK A 557 -19.79 -12.91 -28.43
CA UNK A 557 -18.66 -13.20 -29.29
C UNK A 557 -18.97 -12.81 -30.71
N UNK A 558 -20.17 -13.14 -31.16
CA UNK A 558 -20.36 -13.35 -32.59
C UNK A 558 -20.64 -12.05 -33.31
N UNK A 559 -21.42 -11.15 -32.72
CA UNK A 559 -21.63 -9.84 -33.36
C UNK A 559 -20.32 -9.08 -33.41
N UNK A 560 -19.50 -9.25 -32.36
CA UNK A 560 -18.18 -8.63 -32.33
C UNK A 560 -17.30 -9.17 -33.44
N UNK A 561 -17.38 -10.47 -33.71
CA UNK A 561 -16.63 -11.01 -34.83
C UNK A 561 -17.22 -10.60 -36.17
N UNK A 562 -18.55 -10.51 -36.25
CA UNK A 562 -19.22 -10.19 -37.51
C UNK A 562 -18.99 -8.75 -37.91
N UNK A 563 -18.63 -7.92 -36.94
CA UNK A 563 -18.25 -6.54 -37.20
C UNK A 563 -17.13 -6.45 -38.22
N UNK A 564 -15.97 -7.03 -37.88
CA UNK A 564 -14.79 -6.89 -38.73
C UNK A 564 -14.98 -7.60 -40.07
N UNK A 565 -15.73 -8.71 -40.07
CA UNK A 565 -15.97 -9.42 -41.32
C UNK A 565 -16.87 -8.61 -42.24
N UNK A 566 -17.91 -7.98 -41.70
CA UNK A 566 -18.78 -7.17 -42.53
C UNK A 566 -18.05 -5.93 -43.01
N UNK A 567 -17.09 -5.45 -42.23
CA UNK A 567 -16.24 -4.37 -42.73
C UNK A 567 -15.40 -4.82 -43.91
N UNK A 568 -14.78 -5.99 -43.79
CA UNK A 568 -13.89 -6.48 -44.83
C UNK A 568 -14.66 -6.76 -46.11
N UNK A 569 -15.78 -7.46 -45.98
CA UNK A 569 -16.63 -7.72 -47.14
C UNK A 569 -17.22 -6.43 -47.68
N UNK A 570 -17.42 -5.42 -46.84
CA UNK A 570 -17.93 -4.15 -47.29
C UNK A 570 -16.92 -3.45 -48.18
N UNK A 571 -15.67 -3.43 -47.75
CA UNK A 571 -14.65 -2.84 -48.59
C UNK A 571 -14.35 -3.73 -49.79
N UNK A 572 -14.73 -4.99 -49.74
CA UNK A 572 -14.54 -5.84 -50.91
C UNK A 572 -15.66 -5.65 -51.92
N UNK A 573 -16.89 -5.43 -51.46
CA UNK A 573 -17.97 -5.17 -52.41
C UNK A 573 -17.85 -3.78 -52.99
N UNK A 574 -17.27 -2.86 -52.23
CA UNK A 574 -16.84 -1.62 -52.84
C UNK A 574 -15.50 -1.85 -53.51
N UNK A 575 -14.99 -0.83 -54.16
CA UNK A 575 -13.72 -0.97 -54.83
C UNK A 575 -12.59 -0.72 -53.82
N UNK A 576 -11.37 -0.54 -54.33
CA UNK A 576 -10.20 -0.34 -53.48
C UNK A 576 -10.32 1.00 -52.76
N UNK A 577 -10.70 0.93 -51.48
CA UNK A 577 -10.90 2.06 -50.57
C UNK A 577 -11.84 3.11 -51.12
N UNK A 578 -12.80 2.71 -51.94
CA UNK A 578 -13.62 3.67 -52.66
C UNK A 578 -14.59 4.42 -51.77
N UNK A 579 -14.90 3.89 -50.59
CA UNK A 579 -15.85 4.43 -49.64
C UNK A 579 -15.37 4.02 -48.24
N UNK A 580 -16.27 4.01 -47.27
CA UNK A 580 -15.94 3.51 -45.95
C UNK A 580 -17.19 2.88 -45.36
N UNK A 581 -17.14 2.52 -44.08
CA UNK A 581 -18.37 2.12 -43.39
C UNK A 581 -18.24 2.48 -41.92
N UNK A 582 -18.69 3.68 -41.58
CA UNK A 582 -18.62 4.18 -40.22
C UNK A 582 -19.76 3.65 -39.39
N UNK A 583 -19.49 3.38 -38.12
CA UNK A 583 -20.40 2.46 -37.43
C UNK A 583 -20.15 2.48 -35.93
N UNK A 584 -20.90 1.63 -35.22
CA UNK A 584 -20.81 1.58 -33.78
C UNK A 584 -21.36 0.27 -33.24
N UNK A 585 -20.59 -0.36 -32.37
CA UNK A 585 -21.10 -1.44 -31.54
C UNK A 585 -21.17 -0.96 -30.11
N UNK A 586 -21.75 -1.80 -29.25
CA UNK A 586 -21.83 -1.60 -27.82
C UNK A 586 -22.30 -2.89 -27.19
N UNK A 587 -21.69 -3.32 -26.09
CA UNK A 587 -22.30 -4.43 -25.39
C UNK A 587 -23.52 -3.93 -24.62
N UNK A 588 -24.30 -4.86 -24.10
CA UNK A 588 -25.43 -4.51 -23.28
C UNK A 588 -25.73 -5.69 -22.39
N UNK A 589 -26.33 -5.39 -21.25
CA UNK A 589 -26.77 -6.44 -20.34
C UNK A 589 -27.92 -7.20 -20.99
N UNK A 590 -28.31 -8.32 -20.41
CA UNK A 590 -29.33 -9.12 -21.07
C UNK A 590 -30.74 -8.55 -20.90
N UNK A 591 -30.91 -7.43 -20.21
CA UNK A 591 -32.23 -6.90 -19.91
C UNK A 591 -32.25 -5.37 -20.02
N UNK A 592 -31.65 -4.82 -21.06
CA UNK A 592 -31.86 -3.41 -21.34
C UNK A 592 -33.11 -3.30 -22.18
N UNK A 593 -34.04 -2.49 -21.71
CA UNK A 593 -35.29 -2.26 -22.43
C UNK A 593 -34.99 -1.63 -23.77
N UNK A 594 -35.60 -2.15 -24.82
CA UNK A 594 -35.13 -1.90 -26.18
C UNK A 594 -35.48 -0.54 -26.72
N UNK A 595 -35.83 0.41 -25.87
CA UNK A 595 -35.65 1.82 -26.22
C UNK A 595 -34.26 2.29 -25.87
N UNK A 596 -33.78 1.90 -24.70
CA UNK A 596 -32.51 2.43 -24.21
C UNK A 596 -31.33 1.82 -24.92
N UNK A 597 -31.35 0.51 -25.13
CA UNK A 597 -30.25 -0.12 -25.88
C UNK A 597 -30.36 0.09 -27.37
N UNK A 598 -31.25 0.98 -27.83
CA UNK A 598 -31.30 1.47 -29.19
C UNK A 598 -31.19 2.98 -29.28
N UNK A 599 -31.24 3.66 -28.16
CA UNK A 599 -30.87 5.08 -28.13
C UNK A 599 -29.40 5.27 -27.87
N UNK A 600 -28.80 4.41 -27.05
CA UNK A 600 -27.38 4.55 -26.72
C UNK A 600 -26.51 4.36 -27.95
N UNK A 601 -26.77 3.32 -28.72
CA UNK A 601 -26.01 3.09 -29.93
C UNK A 601 -26.31 4.12 -31.01
N UNK A 602 -27.52 4.67 -31.06
CA UNK A 602 -27.79 5.73 -32.04
C UNK A 602 -27.11 7.02 -31.64
N UNK A 603 -26.81 7.19 -30.37
CA UNK A 603 -25.95 8.31 -29.97
C UNK A 603 -24.52 8.06 -30.40
N UNK A 604 -23.99 6.88 -30.05
CA UNK A 604 -22.58 6.57 -30.27
C UNK A 604 -22.23 6.55 -31.75
N UNK A 605 -23.16 6.14 -32.59
CA UNK A 605 -22.89 6.14 -34.03
C UNK A 605 -22.84 7.56 -34.58
N UNK A 606 -23.69 8.45 -34.07
CA UNK A 606 -23.63 9.85 -34.51
C UNK A 606 -22.35 10.49 -34.03
N UNK A 607 -21.90 10.10 -32.83
CA UNK A 607 -20.62 10.57 -32.31
C UNK A 607 -19.46 10.15 -33.20
N UNK A 608 -19.38 8.86 -33.51
CA UNK A 608 -18.26 8.39 -34.29
C UNK A 608 -18.35 8.81 -35.75
N UNK A 609 -19.55 9.01 -36.27
CA UNK A 609 -19.69 9.60 -37.59
C UNK A 609 -19.17 11.02 -37.60
N UNK A 610 -19.41 11.75 -36.50
CA UNK A 610 -18.84 13.08 -36.37
C UNK A 610 -17.34 13.07 -36.15
N UNK A 611 -16.76 11.94 -35.74
CA UNK A 611 -15.33 11.90 -35.45
C UNK A 611 -14.54 11.42 -36.65
N UNK A 612 -14.96 11.89 -37.83
CA UNK A 612 -14.43 11.66 -39.18
C UNK A 612 -14.75 10.27 -39.72
N UNK A 613 -15.58 9.51 -39.01
CA UNK A 613 -16.42 8.47 -39.61
C UNK A 613 -15.62 7.30 -40.20
N UNK A 614 -14.72 6.72 -39.42
CA UNK A 614 -14.09 5.48 -39.82
C UNK A 614 -13.82 4.59 -38.61
N UNK A 615 -14.80 4.42 -37.74
CA UNK A 615 -14.54 3.69 -36.51
C UNK A 615 -15.75 2.85 -36.16
N UNK A 616 -15.62 2.08 -35.09
CA UNK A 616 -16.70 1.22 -34.62
C UNK A 616 -16.58 1.14 -33.10
N UNK A 617 -17.30 1.99 -32.38
CA UNK A 617 -16.90 2.39 -31.04
C UNK A 617 -16.99 1.27 -30.02
N UNK A 618 -16.12 0.29 -30.17
CA UNK A 618 -16.17 -0.95 -29.43
C UNK A 618 -15.53 -0.75 -28.08
N UNK A 619 -16.29 -1.02 -27.02
CA UNK A 619 -15.95 -0.71 -25.62
C UNK A 619 -15.54 0.76 -25.44
N UNK A 620 -16.13 1.63 -26.27
CA UNK A 620 -16.11 3.09 -26.19
C UNK A 620 -14.69 3.66 -26.27
N UNK A 621 -14.09 3.47 -27.43
CA UNK A 621 -13.00 4.31 -27.93
C UNK A 621 -13.04 4.11 -29.43
N UNK A 622 -13.08 5.19 -30.19
CA UNK A 622 -13.44 5.07 -31.60
C UNK A 622 -12.34 4.46 -32.43
N UNK A 623 -12.13 3.15 -32.27
CA UNK A 623 -10.99 2.46 -32.85
C UNK A 623 -11.09 2.45 -34.36
N UNK A 624 -9.99 2.80 -35.04
CA UNK A 624 -9.98 2.78 -36.49
C UNK A 624 -10.14 1.35 -36.98
N UNK A 625 -10.77 1.21 -38.16
CA UNK A 625 -11.29 -0.08 -38.57
C UNK A 625 -10.17 -1.05 -38.88
N UNK A 626 -9.11 -0.58 -39.54
CA UNK A 626 -7.96 -1.41 -39.82
C UNK A 626 -7.25 -1.83 -38.55
N UNK A 627 -6.85 -0.84 -37.74
CA UNK A 627 -6.17 -1.05 -36.47
C UNK A 627 -6.97 -1.86 -35.48
N UNK A 628 -8.28 -1.97 -35.67
CA UNK A 628 -9.08 -2.87 -34.87
C UNK A 628 -8.61 -4.31 -35.05
N UNK A 629 -8.22 -4.69 -36.26
CA UNK A 629 -7.83 -6.07 -36.50
C UNK A 629 -6.52 -6.39 -35.81
N UNK A 630 -5.56 -5.50 -35.90
CA UNK A 630 -4.29 -5.74 -35.23
C UNK A 630 -4.43 -5.60 -33.73
N UNK A 631 -5.42 -4.85 -33.25
CA UNK A 631 -5.72 -4.93 -31.84
C UNK A 631 -6.30 -6.29 -31.50
N UNK A 632 -7.10 -6.86 -32.40
CA UNK A 632 -7.70 -8.16 -32.15
C UNK A 632 -6.67 -9.26 -32.14
N UNK A 633 -5.56 -9.06 -32.82
CA UNK A 633 -4.45 -10.02 -32.76
C UNK A 633 -3.90 -10.11 -31.35
N UNK A 634 -3.48 -8.97 -30.80
CA UNK A 634 -2.90 -8.95 -29.46
C UNK A 634 -3.93 -9.34 -28.42
N UNK A 635 -5.19 -9.04 -28.67
CA UNK A 635 -6.23 -9.35 -27.71
C UNK A 635 -6.54 -10.83 -27.69
N UNK A 636 -6.73 -11.42 -28.87
CA UNK A 636 -7.23 -12.78 -28.94
C UNK A 636 -6.12 -13.80 -28.72
N UNK A 637 -4.92 -13.34 -28.43
CA UNK A 637 -3.89 -14.19 -27.87
C UNK A 637 -3.29 -13.56 -26.64
N UNK A 638 -4.09 -12.90 -25.81
CA UNK A 638 -3.56 -12.19 -24.66
C UNK A 638 -3.18 -13.22 -23.61
N UNK A 639 -1.94 -13.73 -23.72
CA UNK A 639 -1.43 -14.87 -22.97
C UNK A 639 -2.38 -16.06 -23.10
N UNK A 640 -2.74 -16.32 -24.37
CA UNK A 640 -3.77 -17.25 -24.81
C UNK A 640 -5.05 -17.01 -24.03
N UNK A 641 -5.54 -15.78 -24.09
CA UNK A 641 -6.58 -15.25 -23.19
C UNK A 641 -6.22 -15.50 -21.73
N UNK A 642 -5.03 -15.03 -21.31
CA UNK A 642 -4.60 -14.82 -19.92
C UNK A 642 -4.47 -16.04 -19.05
N UNK A 643 -4.31 -17.22 -19.63
CA UNK A 643 -4.37 -18.43 -18.83
C UNK A 643 -3.31 -19.42 -19.19
N UNK A 644 -2.32 -18.98 -19.95
CA UNK A 644 -1.18 -19.79 -20.35
C UNK A 644 -0.15 -18.82 -20.91
N UNK A 645 1.00 -19.38 -21.35
CA UNK A 645 1.97 -18.70 -22.21
C UNK A 645 2.47 -17.39 -21.62
N UNK A 646 3.24 -17.50 -20.54
CA UNK A 646 3.81 -16.50 -19.63
C UNK A 646 2.83 -16.03 -18.58
N UNK A 647 1.59 -16.53 -18.65
CA UNK A 647 0.64 -16.58 -17.54
C UNK A 647 0.43 -15.23 -16.84
N UNK A 648 0.26 -14.15 -17.60
CA UNK A 648 -0.08 -12.85 -17.03
C UNK A 648 -1.49 -12.96 -16.46
N UNK A 649 -1.61 -13.02 -15.13
CA UNK A 649 -2.88 -13.39 -14.53
C UNK A 649 -3.79 -12.26 -14.05
N UNK A 650 -3.38 -11.51 -13.03
CA UNK A 650 -4.17 -10.41 -12.54
C UNK A 650 -3.40 -9.10 -12.57
N UNK A 651 -2.29 -9.07 -13.28
CA UNK A 651 -1.69 -7.80 -13.67
C UNK A 651 -2.46 -7.16 -14.80
N UNK A 652 -3.35 -7.93 -15.44
CA UNK A 652 -4.14 -7.39 -16.53
C UNK A 652 -5.14 -6.38 -16.01
N UNK A 653 -5.71 -6.61 -14.83
CA UNK A 653 -6.62 -5.64 -14.24
C UNK A 653 -5.88 -4.35 -13.90
N UNK A 654 -4.64 -4.46 -13.42
CA UNK A 654 -3.88 -3.26 -13.16
C UNK A 654 -3.41 -2.59 -14.44
N UNK A 655 -3.20 -3.33 -15.51
CA UNK A 655 -2.88 -2.66 -16.77
C UNK A 655 -4.08 -1.93 -17.31
N UNK A 656 -5.28 -2.41 -17.00
CA UNK A 656 -6.48 -1.64 -17.28
C UNK A 656 -6.53 -0.39 -16.43
N UNK A 657 -6.17 -0.50 -15.14
CA UNK A 657 -6.29 0.62 -14.22
C UNK A 657 -5.39 1.78 -14.61
N UNK A 658 -4.18 1.49 -15.08
CA UNK A 658 -3.27 2.57 -15.46
C UNK A 658 -3.76 3.29 -16.71
N UNK A 659 -4.10 2.54 -17.76
CA UNK A 659 -4.60 3.16 -18.98
C UNK A 659 -5.98 3.76 -18.82
N UNK A 660 -6.62 3.54 -17.68
CA UNK A 660 -7.65 4.46 -17.24
C UNK A 660 -7.05 5.72 -16.66
N UNK A 661 -6.17 5.59 -15.67
CA UNK A 661 -5.75 6.75 -14.88
C UNK A 661 -4.80 7.69 -15.61
N UNK A 662 -3.62 7.21 -15.95
CA UNK A 662 -2.56 8.07 -16.46
C UNK A 662 -2.63 8.27 -17.96
N UNK A 663 -3.69 7.80 -18.62
CA UNK A 663 -3.82 7.98 -20.05
C UNK A 663 -4.71 9.14 -20.43
N UNK A 664 -5.87 9.25 -19.83
CA UNK A 664 -6.77 10.37 -20.09
C UNK A 664 -6.31 11.60 -19.33
N UNK A 665 -5.25 12.23 -19.86
CA UNK A 665 -4.71 13.42 -19.20
C UNK A 665 -4.32 14.47 -20.21
N UNK A 666 -3.79 15.60 -19.73
CA UNK A 666 -3.69 16.77 -20.60
C UNK A 666 -2.26 17.15 -20.92
N UNK A 667 -1.35 16.96 -19.98
CA UNK A 667 0.04 17.37 -20.14
C UNK A 667 0.81 16.36 -21.00
N UNK A 668 2.12 16.37 -20.87
CA UNK A 668 2.90 15.26 -21.42
C UNK A 668 2.43 14.01 -20.71
N UNK A 669 1.63 13.21 -21.41
CA UNK A 669 0.80 12.17 -20.81
C UNK A 669 1.56 10.90 -20.51
N UNK A 670 2.88 10.88 -20.71
CA UNK A 670 3.73 9.82 -20.21
C UNK A 670 4.10 10.11 -18.77
N UNK A 671 3.35 11.01 -18.13
CA UNK A 671 3.60 11.57 -16.81
C UNK A 671 3.43 10.50 -15.76
N UNK A 672 4.55 9.87 -15.39
CA UNK A 672 4.62 8.73 -14.48
C UNK A 672 3.66 7.64 -14.94
N UNK A 673 3.87 7.15 -16.15
CA UNK A 673 2.75 6.59 -16.87
C UNK A 673 3.15 5.45 -17.77
N UNK A 674 2.42 5.33 -18.87
CA UNK A 674 2.59 4.34 -19.93
C UNK A 674 4.00 4.23 -20.52
N UNK A 675 4.95 5.07 -20.08
CA UNK A 675 6.37 4.71 -20.13
C UNK A 675 6.86 4.13 -18.81
N UNK A 676 6.85 4.93 -17.74
CA UNK A 676 7.70 4.59 -16.60
C UNK A 676 7.11 3.51 -15.70
N UNK A 677 6.00 3.81 -15.03
CA UNK A 677 5.49 2.93 -13.98
C UNK A 677 4.87 1.65 -14.49
N UNK A 678 4.66 1.53 -15.80
CA UNK A 678 4.11 0.31 -16.36
C UNK A 678 5.16 -0.75 -16.57
N UNK A 679 6.34 -0.61 -15.97
CA UNK A 679 7.29 -1.71 -15.86
C UNK A 679 7.08 -2.49 -14.59
N UNK A 680 5.82 -2.61 -14.15
CA UNK A 680 5.35 -3.66 -13.28
C UNK A 680 5.20 -4.98 -14.00
N UNK A 681 5.31 -4.98 -15.34
CA UNK A 681 5.29 -6.19 -16.14
C UNK A 681 6.41 -7.14 -15.79
N UNK A 682 7.49 -6.63 -15.20
CA UNK A 682 8.55 -7.47 -14.68
C UNK A 682 8.12 -8.39 -13.56
N UNK A 683 6.95 -8.18 -12.95
CA UNK A 683 6.57 -9.02 -11.82
C UNK A 683 6.21 -10.42 -12.26
N UNK A 684 5.68 -10.56 -13.44
CA UNK A 684 5.61 -11.90 -13.98
C UNK A 684 6.05 -12.01 -15.42
N UNK A 685 5.92 -10.97 -16.23
CA UNK A 685 6.09 -11.31 -17.62
C UNK A 685 7.52 -11.10 -18.07
N UNK A 686 7.89 -9.88 -18.39
CA UNK A 686 9.14 -9.65 -19.11
C UNK A 686 10.25 -9.67 -18.10
N UNK A 687 11.26 -10.49 -18.38
CA UNK A 687 12.28 -10.92 -17.41
C UNK A 687 11.68 -11.55 -16.16
N UNK A 688 10.51 -12.19 -16.28
CA UNK A 688 10.13 -13.24 -15.35
C UNK A 688 9.35 -14.35 -16.03
N UNK A 689 9.14 -14.26 -17.35
CA UNK A 689 8.71 -15.32 -18.26
C UNK A 689 9.12 -14.87 -19.67
N UNK A 690 8.49 -15.45 -20.70
CA UNK A 690 8.86 -15.16 -22.08
C UNK A 690 7.91 -14.19 -22.77
N UNK A 691 7.47 -13.14 -22.09
CA UNK A 691 6.48 -12.22 -22.66
C UNK A 691 7.10 -10.89 -23.02
N UNK A 692 8.24 -10.90 -23.70
CA UNK A 692 8.80 -9.69 -24.28
C UNK A 692 7.93 -9.04 -25.33
N UNK A 693 6.87 -9.71 -25.80
CA UNK A 693 5.95 -9.13 -26.77
C UNK A 693 5.13 -8.00 -26.18
N UNK A 694 5.02 -7.93 -24.85
CA UNK A 694 4.32 -6.81 -24.21
C UNK A 694 5.25 -5.61 -24.17
N UNK A 695 5.56 -5.10 -25.36
CA UNK A 695 6.28 -3.85 -25.56
C UNK A 695 5.30 -2.72 -25.67
N UNK A 696 4.39 -2.65 -24.71
CA UNK A 696 3.29 -1.70 -24.70
C UNK A 696 3.72 -0.31 -24.29
N UNK A 697 4.99 -0.02 -24.24
CA UNK A 697 5.42 1.37 -24.13
C UNK A 697 5.55 1.92 -25.54
N UNK A 698 6.02 3.16 -25.66
CA UNK A 698 6.28 3.87 -26.92
C UNK A 698 5.04 3.96 -27.80
N UNK A 699 4.11 4.81 -27.35
CA UNK A 699 2.69 4.75 -27.68
C UNK A 699 2.36 4.73 -29.17
N UNK A 700 1.96 3.56 -29.69
CA UNK A 700 1.55 3.42 -31.08
C UNK A 700 0.28 2.62 -31.29
N UNK A 701 0.11 1.49 -30.62
CA UNK A 701 -1.16 0.77 -30.68
C UNK A 701 -1.48 0.11 -29.35
N UNK A 702 -0.87 0.58 -28.28
CA UNK A 702 -1.50 0.55 -26.98
C UNK A 702 -1.92 1.94 -26.56
N UNK A 703 -2.33 2.76 -27.51
CA UNK A 703 -3.16 3.91 -27.19
C UNK A 703 -4.58 3.45 -26.94
N UNK A 704 -5.06 2.55 -27.79
CA UNK A 704 -6.41 2.04 -27.67
C UNK A 704 -6.48 0.85 -26.74
N UNK A 705 -5.62 0.80 -25.72
CA UNK A 705 -5.35 -0.42 -24.98
C UNK A 705 -6.37 -0.69 -23.89
N UNK A 706 -7.58 -0.19 -24.04
CA UNK A 706 -8.68 -0.70 -23.25
C UNK A 706 -9.44 -1.76 -24.00
N UNK A 707 -9.60 -1.60 -25.31
CA UNK A 707 -10.32 -2.58 -26.10
C UNK A 707 -9.56 -3.90 -26.18
N UNK A 708 -8.25 -3.84 -26.37
CA UNK A 708 -7.41 -5.04 -26.41
C UNK A 708 -7.49 -5.83 -25.13
N UNK A 709 -7.47 -5.16 -23.99
CA UNK A 709 -7.56 -5.90 -22.73
C UNK A 709 -8.98 -6.35 -22.45
N UNK A 710 -9.98 -5.52 -22.71
CA UNK A 710 -11.32 -5.81 -22.28
C UNK A 710 -11.98 -6.89 -23.14
N UNK A 711 -11.64 -6.94 -24.43
CA UNK A 711 -12.21 -7.97 -25.30
C UNK A 711 -11.68 -9.34 -24.95
N UNK A 712 -10.61 -9.43 -24.17
CA UNK A 712 -10.08 -10.72 -23.77
C UNK A 712 -10.42 -11.04 -22.32
N UNK A 713 -10.42 -10.04 -21.45
CA UNK A 713 -10.81 -10.31 -20.07
C UNK A 713 -12.28 -10.62 -19.98
N UNK A 714 -13.11 -9.98 -20.81
CA UNK A 714 -14.52 -10.29 -20.84
C UNK A 714 -14.83 -11.41 -21.78
N UNK A 715 -13.88 -12.26 -22.09
CA UNK A 715 -14.11 -13.53 -22.75
C UNK A 715 -13.59 -14.67 -21.87
N UNK A 716 -13.78 -14.54 -20.57
CA UNK A 716 -13.54 -15.63 -19.63
C UNK A 716 -14.40 -15.46 -18.39
N UNK B 1 -42.83 44.04 -24.76
CA UNK B 1 -41.87 44.18 -23.68
C UNK B 1 -41.12 42.88 -23.46
N UNK B 2 -39.80 42.91 -23.65
CA UNK B 2 -38.97 41.71 -23.56
C UNK B 2 -38.82 41.31 -22.11
N UNK B 3 -39.87 40.68 -21.58
CA UNK B 3 -39.88 40.28 -20.18
C UNK B 3 -38.99 39.06 -20.02
N UNK B 4 -37.70 39.32 -19.89
CA UNK B 4 -36.75 38.25 -19.67
C UNK B 4 -36.95 37.65 -18.28
N UNK B 5 -36.42 36.45 -18.09
CA UNK B 5 -36.53 35.78 -16.81
C UNK B 5 -35.29 34.91 -16.62
N UNK B 6 -35.39 34.00 -15.67
CA UNK B 6 -34.27 33.15 -15.31
C UNK B 6 -34.87 31.91 -14.65
N UNK B 7 -34.97 30.83 -15.42
CA UNK B 7 -35.50 29.60 -14.87
C UNK B 7 -34.44 28.98 -13.98
N UNK B 8 -34.83 28.61 -12.76
CA UNK B 8 -33.87 28.17 -11.77
C UNK B 8 -33.78 26.66 -11.64
N UNK B 9 -34.89 25.96 -11.80
CA UNK B 9 -34.95 24.51 -11.57
C UNK B 9 -34.71 23.78 -12.88
N UNK B 10 -35.03 22.49 -12.89
CA UNK B 10 -34.92 21.66 -14.08
C UNK B 10 -36.31 21.48 -14.67
N UNK B 11 -36.51 22.05 -15.86
CA UNK B 11 -37.83 22.07 -16.49
C UNK B 11 -38.02 20.84 -17.38
N UNK B 12 -39.29 20.56 -17.68
CA UNK B 12 -39.64 19.47 -18.58
C UNK B 12 -39.96 19.94 -19.98
N UNK B 13 -40.06 21.25 -20.16
CA UNK B 13 -40.04 21.89 -21.46
C UNK B 13 -39.71 23.34 -21.20
N UNK B 14 -39.21 24.01 -22.23
CA UNK B 14 -39.29 25.46 -22.19
C UNK B 14 -40.77 25.80 -22.28
N UNK B 15 -41.15 26.89 -21.61
CA UNK B 15 -42.56 27.22 -21.47
C UNK B 15 -43.12 27.57 -22.83
N UNK B 16 -43.80 26.62 -23.43
CA UNK B 16 -44.41 26.84 -24.72
C UNK B 16 -45.59 27.79 -24.57
N UNK B 17 -45.84 28.55 -25.64
CA UNK B 17 -46.70 29.73 -25.59
C UNK B 17 -48.12 29.39 -25.19
N UNK B 18 -48.80 28.57 -25.98
CA UNK B 18 -50.16 28.19 -25.66
C UNK B 18 -50.25 27.26 -24.46
N UNK B 19 -49.12 26.86 -23.87
CA UNK B 19 -49.15 26.45 -22.48
C UNK B 19 -48.93 27.64 -21.54
N UNK B 20 -48.18 28.65 -21.97
CA UNK B 20 -47.77 29.71 -21.05
C UNK B 20 -48.93 30.61 -20.69
N UNK B 21 -49.68 31.06 -21.71
CA UNK B 21 -50.82 31.92 -21.48
C UNK B 21 -51.90 31.21 -20.67
N UNK B 22 -51.98 29.90 -20.80
CA UNK B 22 -52.97 29.18 -20.04
C UNK B 22 -52.50 28.89 -18.62
N UNK B 23 -51.20 28.64 -18.44
CA UNK B 23 -50.64 28.52 -17.09
C UNK B 23 -50.79 29.82 -16.33
N UNK B 24 -50.72 30.95 -17.05
CA UNK B 24 -51.15 32.23 -16.52
C UNK B 24 -52.62 32.20 -16.15
N UNK B 25 -53.49 31.98 -17.15
CA UNK B 25 -54.94 32.13 -17.02
C UNK B 25 -55.56 31.21 -15.98
N UNK B 26 -54.85 30.18 -15.54
CA UNK B 26 -55.28 29.44 -14.36
C UNK B 26 -55.19 30.30 -13.10
N UNK B 27 -54.18 31.16 -13.02
CA UNK B 27 -54.09 32.01 -11.85
C UNK B 27 -55.07 33.15 -11.87
N UNK B 28 -55.67 33.45 -13.03
CA UNK B 28 -56.72 34.45 -13.07
C UNK B 28 -58.01 33.99 -12.44
N UNK B 29 -58.16 32.69 -12.18
CA UNK B 29 -59.19 32.18 -11.30
C UNK B 29 -58.64 31.86 -9.92
N UNK B 30 -57.38 31.42 -9.84
CA UNK B 30 -56.80 31.08 -8.55
C UNK B 30 -56.61 32.31 -7.69
N UNK B 31 -56.50 33.48 -8.29
CA UNK B 31 -56.18 34.72 -7.62
C UNK B 31 -57.27 35.77 -7.72
N UNK B 32 -57.90 35.95 -8.88
CA UNK B 32 -58.88 37.02 -8.96
C UNK B 32 -60.24 36.59 -8.43
N UNK B 33 -60.96 35.76 -9.19
CA UNK B 33 -62.29 35.20 -8.88
C UNK B 33 -62.69 34.31 -10.04
N UNK B 34 -63.75 33.52 -9.81
CA UNK B 34 -64.22 32.58 -10.83
C UNK B 34 -64.92 33.31 -11.96
N UNK B 35 -65.82 34.23 -11.62
CA UNK B 35 -66.44 35.07 -12.63
C UNK B 35 -65.44 36.04 -13.22
N UNK B 36 -64.40 36.40 -12.48
CA UNK B 36 -63.34 37.25 -13.01
C UNK B 36 -62.61 36.57 -14.15
N UNK B 37 -62.17 35.32 -13.92
CA UNK B 37 -61.52 34.57 -14.98
C UNK B 37 -62.49 34.22 -16.09
N UNK B 38 -63.78 34.07 -15.75
CA UNK B 38 -64.81 33.85 -16.76
C UNK B 38 -64.92 35.05 -17.69
N UNK B 39 -64.97 36.25 -17.13
CA UNK B 39 -65.07 37.46 -17.94
C UNK B 39 -63.78 37.70 -18.71
N UNK B 40 -62.63 37.41 -18.09
CA UNK B 40 -61.34 37.56 -18.77
C UNK B 40 -61.23 36.61 -19.95
N UNK B 41 -61.71 35.38 -19.78
CA UNK B 41 -61.75 34.44 -20.90
C UNK B 41 -62.71 34.88 -21.97
N UNK B 42 -63.86 35.45 -21.59
CA UNK B 42 -64.84 35.87 -22.56
C UNK B 42 -64.35 37.04 -23.38
N UNK B 43 -63.65 37.97 -22.74
CA UNK B 43 -63.07 39.08 -23.49
C UNK B 43 -61.91 38.62 -24.34
N UNK B 44 -61.04 37.77 -23.78
CA UNK B 44 -59.82 37.38 -24.48
C UNK B 44 -60.08 36.43 -25.63
N UNK B 45 -61.23 35.78 -25.66
CA UNK B 45 -61.53 34.87 -26.76
C UNK B 45 -62.13 35.62 -27.94
N UNK B 46 -63.15 36.44 -27.68
CA UNK B 46 -63.79 37.21 -28.73
C UNK B 46 -62.84 38.24 -29.31
N UNK B 47 -62.05 38.85 -28.46
CA UNK B 47 -60.95 39.68 -28.91
C UNK B 47 -59.69 38.83 -29.01
N UNK B 48 -58.57 39.51 -29.19
CA UNK B 48 -57.26 38.91 -29.09
C UNK B 48 -56.41 39.72 -28.13
N UNK B 49 -56.96 39.95 -26.94
CA UNK B 49 -56.50 41.00 -26.04
C UNK B 49 -55.08 40.83 -25.55
N UNK B 50 -54.82 39.82 -24.72
CA UNK B 50 -53.46 39.58 -24.28
C UNK B 50 -52.75 38.75 -25.33
N UNK B 51 -51.43 38.71 -25.22
CA UNK B 51 -50.63 37.93 -26.14
C UNK B 51 -49.30 37.65 -25.46
N UNK B 52 -48.76 36.46 -25.73
CA UNK B 52 -47.47 36.10 -25.20
C UNK B 52 -46.62 35.53 -26.32
N UNK B 53 -45.47 34.99 -25.97
CA UNK B 53 -44.60 34.34 -26.93
C UNK B 53 -43.83 33.26 -26.21
N UNK B 54 -43.59 32.14 -26.90
CA UNK B 54 -43.01 30.97 -26.29
C UNK B 54 -41.57 31.23 -25.87
N UNK B 55 -41.09 30.42 -24.95
CA UNK B 55 -39.78 30.69 -24.36
C UNK B 55 -38.65 30.36 -25.31
N UNK B 56 -38.56 31.09 -26.41
CA UNK B 56 -37.37 31.03 -27.24
C UNK B 56 -36.22 31.63 -26.46
N UNK B 57 -35.05 30.98 -26.53
CA UNK B 57 -33.91 31.31 -25.68
C UNK B 57 -33.39 32.72 -25.98
N UNK B 58 -32.59 33.26 -25.06
CA UNK B 58 -32.34 34.69 -24.96
C UNK B 58 -31.55 35.25 -26.13
N UNK B 59 -32.01 36.41 -26.64
CA UNK B 59 -31.40 37.19 -27.73
C UNK B 59 -31.27 36.38 -29.02
N UNK B 60 -32.21 35.48 -29.26
CA UNK B 60 -32.21 34.68 -30.48
C UNK B 60 -33.63 34.29 -30.80
N UNK B 61 -34.00 34.42 -32.07
CA UNK B 61 -35.39 34.36 -32.48
C UNK B 61 -35.89 32.93 -32.55
N UNK B 62 -37.05 32.77 -33.16
CA UNK B 62 -37.48 31.45 -33.58
C UNK B 62 -36.80 31.12 -34.91
N UNK B 63 -37.02 29.89 -35.38
CA UNK B 63 -36.40 29.42 -36.62
C UNK B 63 -36.88 30.21 -37.82
N UNK B 64 -36.08 30.21 -38.88
CA UNK B 64 -36.44 31.02 -40.04
C UNK B 64 -37.54 30.35 -40.85
N UNK B 65 -37.23 29.19 -41.46
CA UNK B 65 -38.14 28.36 -42.28
C UNK B 65 -38.87 29.16 -43.35
N UNK B 66 -38.13 29.98 -44.08
CA UNK B 66 -38.75 30.95 -44.98
C UNK B 66 -39.28 30.24 -46.22
N UNK B 67 -40.60 30.09 -46.28
CA UNK B 67 -41.26 29.46 -47.42
C UNK B 67 -41.04 30.25 -48.69
N UNK B 68 -40.93 31.57 -48.57
CA UNK B 68 -40.70 32.41 -49.74
C UNK B 68 -39.33 32.17 -50.36
N UNK B 69 -38.35 31.79 -49.56
CA UNK B 69 -36.98 31.64 -50.05
C UNK B 69 -36.36 30.36 -49.52
N UNK B 70 -37.06 29.25 -49.68
CA UNK B 70 -36.65 27.97 -49.08
C UNK B 70 -35.37 27.39 -49.66
N UNK B 71 -34.77 28.01 -50.68
CA UNK B 71 -33.60 27.46 -51.35
C UNK B 71 -32.37 27.53 -50.45
N UNK B 72 -31.73 26.38 -50.28
CA UNK B 72 -30.43 26.25 -49.59
C UNK B 72 -29.56 25.34 -50.43
N UNK B 73 -29.41 25.68 -51.71
CA UNK B 73 -29.05 24.73 -52.75
C UNK B 73 -27.62 24.19 -52.63
N UNK B 74 -26.75 24.84 -51.86
CA UNK B 74 -25.33 24.52 -51.94
C UNK B 74 -24.78 24.06 -50.60
N UNK B 75 -25.48 23.16 -49.92
CA UNK B 75 -25.00 22.64 -48.65
C UNK B 75 -23.80 21.72 -48.88
N UNK B 76 -22.65 22.09 -48.32
CA UNK B 76 -21.43 21.32 -48.54
C UNK B 76 -21.50 20.02 -47.76
N UNK B 77 -21.49 20.11 -46.44
CA UNK B 77 -22.00 19.06 -45.60
C UNK B 77 -23.45 19.40 -45.28
N UNK B 78 -24.04 18.72 -44.29
CA UNK B 78 -25.43 18.98 -43.88
C UNK B 78 -25.44 20.34 -43.21
N UNK B 79 -25.51 21.37 -44.06
CA UNK B 79 -25.13 22.71 -43.63
C UNK B 79 -26.21 23.34 -42.77
N UNK B 80 -27.40 23.52 -43.32
CA UNK B 80 -28.43 24.28 -42.63
C UNK B 80 -29.32 23.38 -41.78
N UNK B 81 -28.80 22.32 -41.19
CA UNK B 81 -29.65 21.37 -40.47
C UNK B 81 -29.79 21.71 -38.99
N UNK B 82 -30.07 22.99 -38.71
CA UNK B 82 -30.54 23.53 -37.44
C UNK B 82 -30.98 24.97 -37.72
N UNK B 83 -32.18 25.32 -37.28
CA UNK B 83 -32.72 26.63 -37.66
C UNK B 83 -33.24 27.48 -36.51
N UNK B 84 -33.61 26.89 -35.38
CA UNK B 84 -34.07 27.68 -34.25
C UNK B 84 -32.94 28.49 -33.64
N UNK B 85 -33.33 29.54 -32.92
CA UNK B 85 -32.43 30.39 -32.13
C UNK B 85 -31.33 31.05 -32.98
N UNK B 86 -31.65 31.37 -34.23
CA UNK B 86 -30.81 32.27 -35.00
C UNK B 86 -30.81 33.64 -34.34
N UNK B 87 -29.69 34.35 -34.45
CA UNK B 87 -29.44 35.55 -33.65
C UNK B 87 -30.37 36.69 -34.07
N UNK B 88 -30.46 37.70 -33.18
CA UNK B 88 -31.44 38.75 -33.32
C UNK B 88 -31.19 39.66 -34.51
N UNK B 89 -29.92 39.87 -34.89
CA UNK B 89 -29.65 40.53 -36.14
C UNK B 89 -29.71 39.57 -37.31
N UNK B 90 -29.40 38.29 -37.05
CA UNK B 90 -29.52 37.27 -38.08
C UNK B 90 -30.96 37.12 -38.53
N UNK B 91 -31.89 37.06 -37.58
CA UNK B 91 -33.30 37.05 -37.95
C UNK B 91 -33.74 38.40 -38.51
N UNK B 92 -33.07 39.48 -38.12
CA UNK B 92 -33.42 40.79 -38.65
C UNK B 92 -33.11 40.89 -40.13
N UNK B 93 -31.95 40.41 -40.54
CA UNK B 93 -31.63 40.32 -41.95
C UNK B 93 -32.42 39.23 -42.64
N UNK B 94 -32.76 38.17 -41.92
CA UNK B 94 -33.52 37.08 -42.51
C UNK B 94 -34.92 37.51 -42.88
N UNK B 95 -35.56 38.29 -42.01
CA UNK B 95 -36.90 38.76 -42.27
C UNK B 95 -36.95 39.77 -43.40
N UNK B 96 -35.85 40.48 -43.65
CA UNK B 96 -35.74 41.34 -44.81
C UNK B 96 -35.25 40.61 -46.03
N UNK B 97 -35.26 39.28 -46.00
CA UNK B 97 -34.83 38.37 -47.06
C UNK B 97 -33.35 38.53 -47.42
N UNK B 98 -32.58 39.22 -46.60
CA UNK B 98 -31.14 39.18 -46.77
C UNK B 98 -30.58 37.85 -46.30
N UNK B 99 -30.83 37.51 -45.03
CA UNK B 99 -30.35 36.24 -44.50
C UNK B 99 -31.38 35.14 -44.66
N UNK B 100 -31.94 35.05 -45.87
CA UNK B 100 -32.56 33.82 -46.35
C UNK B 100 -31.61 33.12 -47.30
N UNK B 101 -31.23 33.80 -48.38
CA UNK B 101 -30.09 33.36 -49.18
C UNK B 101 -28.81 33.47 -48.37
N UNK B 102 -28.68 34.53 -47.60
CA UNK B 102 -27.51 34.68 -46.74
C UNK B 102 -27.71 33.98 -45.40
N UNK B 103 -28.07 32.69 -45.46
CA UNK B 103 -28.09 31.84 -44.28
C UNK B 103 -26.68 31.43 -43.83
N UNK B 104 -25.67 31.91 -44.55
CA UNK B 104 -24.28 31.85 -44.10
C UNK B 104 -23.99 33.04 -43.19
N UNK B 105 -24.64 33.01 -42.03
CA UNK B 105 -24.32 33.93 -40.94
C UNK B 105 -23.43 33.22 -39.93
N UNK B 106 -22.22 32.88 -40.39
CA UNK B 106 -21.36 31.88 -39.79
C UNK B 106 -20.96 32.19 -38.34
N UNK B 107 -21.11 33.42 -37.89
CA UNK B 107 -21.08 33.69 -36.46
C UNK B 107 -22.22 32.96 -35.77
N UNK B 108 -23.46 33.34 -36.08
CA UNK B 108 -24.60 32.63 -35.52
C UNK B 108 -24.77 31.25 -36.15
N UNK B 109 -24.37 31.08 -37.41
CA UNK B 109 -24.54 29.79 -38.05
C UNK B 109 -23.44 28.81 -37.66
N UNK B 110 -22.20 29.12 -38.02
CA UNK B 110 -21.13 28.13 -37.99
C UNK B 110 -20.25 28.22 -36.76
N UNK B 111 -20.16 29.37 -36.10
CA UNK B 111 -19.21 29.55 -35.01
C UNK B 111 -19.87 29.60 -33.65
N UNK B 112 -20.78 30.55 -33.42
CA UNK B 112 -21.40 30.69 -32.12
C UNK B 112 -22.80 30.06 -32.18
N UNK B 113 -23.10 29.18 -31.24
CA UNK B 113 -24.47 28.75 -31.06
C UNK B 113 -25.09 29.74 -30.10
N UNK B 114 -26.38 29.98 -30.28
CA UNK B 114 -27.10 30.68 -29.23
C UNK B 114 -27.28 29.75 -28.04
N UNK B 115 -27.79 30.30 -26.94
CA UNK B 115 -27.70 29.70 -25.61
C UNK B 115 -28.33 28.32 -25.52
N UNK B 116 -27.50 27.30 -25.29
CA UNK B 116 -27.92 25.92 -25.40
C UNK B 116 -28.59 25.44 -24.11
N UNK B 117 -29.06 24.18 -24.15
CA UNK B 117 -29.69 23.53 -23.00
C UNK B 117 -29.40 22.04 -23.10
N UNK B 118 -29.03 21.44 -21.98
CA UNK B 118 -28.54 20.06 -21.96
C UNK B 118 -29.50 19.19 -21.15
N UNK B 119 -29.92 18.08 -21.73
CA UNK B 119 -31.00 17.30 -21.17
C UNK B 119 -30.46 16.27 -20.18
N UNK B 120 -31.37 15.50 -19.60
CA UNK B 120 -31.05 14.38 -18.71
C UNK B 120 -32.26 13.48 -18.68
N UNK B 121 -32.05 12.20 -18.37
CA UNK B 121 -33.11 11.20 -18.44
C UNK B 121 -33.09 10.32 -17.19
N UNK B 122 -33.84 10.71 -16.17
CA UNK B 122 -33.87 9.98 -14.91
C UNK B 122 -34.78 8.76 -15.01
N UNK B 123 -35.20 8.22 -13.87
CA UNK B 123 -36.02 7.01 -13.86
C UNK B 123 -36.99 7.14 -12.71
N UNK B 124 -37.56 6.03 -12.28
CA UNK B 124 -38.47 6.01 -11.14
C UNK B 124 -38.53 4.60 -10.59
N UNK B 125 -39.43 4.38 -9.64
CA UNK B 125 -39.58 3.06 -9.01
C UNK B 125 -40.93 3.00 -8.32
N UNK B 126 -41.10 1.96 -7.50
CA UNK B 126 -42.39 1.59 -6.94
C UNK B 126 -42.14 0.68 -5.74
N UNK B 127 -43.12 0.62 -4.84
CA UNK B 127 -42.96 -0.22 -3.66
C UNK B 127 -44.31 -0.75 -3.24
N UNK B 128 -44.39 -1.20 -1.99
CA UNK B 128 -45.64 -1.68 -1.41
C UNK B 128 -45.59 -1.61 0.10
N UNK B 129 -44.36 -4.52 -9.05
CA UNK B 129 -43.99 -3.12 -9.09
C UNK B 129 -43.86 -2.70 -10.55
N UNK B 130 -43.67 -1.41 -10.83
CA UNK B 130 -43.53 -0.97 -12.22
C UNK B 130 -42.81 0.37 -12.28
N UNK B 131 -41.74 0.41 -13.08
CA UNK B 131 -40.84 1.54 -13.26
C UNK B 131 -41.43 2.62 -14.14
N UNK B 132 -40.59 3.54 -14.61
CA UNK B 132 -40.98 4.64 -15.46
C UNK B 132 -39.73 5.13 -16.16
N UNK B 133 -39.81 6.33 -16.75
CA UNK B 133 -38.68 7.17 -17.15
C UNK B 133 -39.22 8.57 -17.40
N UNK B 134 -38.37 9.45 -17.89
CA UNK B 134 -38.73 10.82 -18.25
C UNK B 134 -37.53 11.39 -19.01
N UNK B 135 -37.63 12.65 -19.41
CA UNK B 135 -36.47 13.39 -19.87
C UNK B 135 -36.65 14.87 -19.55
N UNK B 136 -36.22 15.27 -18.37
CA UNK B 136 -36.27 16.67 -17.96
C UNK B 136 -35.13 17.42 -18.63
N UNK B 137 -35.09 18.73 -18.48
CA UNK B 137 -34.05 19.53 -19.09
C UNK B 137 -33.21 20.17 -17.98
N UNK B 138 -32.37 21.11 -18.36
CA UNK B 138 -31.65 21.95 -17.41
C UNK B 138 -31.74 23.40 -17.87
N UNK B 139 -31.31 24.33 -17.03
CA UNK B 139 -31.42 25.74 -17.41
C UNK B 139 -30.32 26.57 -16.76
N UNK B 140 -29.82 27.54 -17.50
CA UNK B 140 -28.68 28.37 -17.12
C UNK B 140 -29.18 29.60 -16.35
N UNK B 141 -28.36 30.64 -16.29
CA UNK B 141 -28.74 31.88 -15.65
C UNK B 141 -29.38 32.89 -16.60
N UNK B 142 -29.69 32.52 -17.85
CA UNK B 142 -30.46 33.39 -18.74
C UNK B 142 -31.17 32.57 -19.82
N UNK B 143 -32.48 32.77 -19.97
CA UNK B 143 -33.25 32.24 -21.11
C UNK B 143 -34.51 33.09 -21.25
N UNK B 144 -34.49 34.06 -22.18
CA UNK B 144 -35.46 35.15 -22.16
C UNK B 144 -36.80 34.70 -22.71
N UNK B 145 -37.73 34.41 -21.81
CA UNK B 145 -38.88 33.58 -22.16
C UNK B 145 -39.94 34.30 -22.97
N UNK B 146 -40.59 35.30 -22.37
CA UNK B 146 -41.77 35.91 -23.00
C UNK B 146 -41.32 37.15 -23.74
N UNK B 147 -40.62 36.95 -24.85
CA UNK B 147 -40.01 38.05 -25.58
C UNK B 147 -41.01 38.89 -26.36
N UNK B 148 -42.29 38.57 -26.26
CA UNK B 148 -43.35 39.50 -26.55
C UNK B 148 -44.30 39.54 -25.35
N UNK B 149 -45.15 40.56 -25.34
CA UNK B 149 -46.27 40.62 -24.43
C UNK B 149 -47.31 41.49 -25.09
N UNK B 150 -48.49 41.56 -24.50
CA UNK B 150 -49.50 42.53 -24.90
C UNK B 150 -49.98 43.26 -23.66
N UNK B 151 -50.48 44.48 -23.86
CA UNK B 151 -50.83 45.33 -22.73
C UNK B 151 -52.11 44.84 -22.06
N UNK B 152 -53.10 44.45 -22.86
CA UNK B 152 -54.45 44.22 -22.37
C UNK B 152 -54.55 42.96 -21.53
N UNK B 153 -53.92 42.97 -20.38
CA UNK B 153 -53.89 41.86 -19.46
C UNK B 153 -54.48 42.30 -18.13
N UNK B 154 -54.65 41.35 -17.24
CA UNK B 154 -55.04 41.65 -15.87
C UNK B 154 -53.76 41.84 -15.04
N UNK B 155 -53.90 41.80 -13.72
CA UNK B 155 -52.75 41.89 -12.82
C UNK B 155 -51.97 40.58 -12.70
N UNK B 156 -52.29 39.57 -13.52
CA UNK B 156 -51.55 38.32 -13.47
C UNK B 156 -50.17 38.45 -14.10
N UNK B 157 -49.93 39.51 -14.87
CA UNK B 157 -48.62 39.73 -15.47
C UNK B 157 -47.59 40.11 -14.41
N UNK B 158 -48.01 40.77 -13.35
CA UNK B 158 -47.07 41.20 -12.32
C UNK B 158 -46.94 40.13 -11.24
N UNK B 159 -48.02 39.89 -10.52
CA UNK B 159 -47.90 39.06 -9.32
C UNK B 159 -48.04 37.59 -9.67
N UNK B 160 -49.04 37.25 -10.46
CA UNK B 160 -49.28 35.83 -10.72
C UNK B 160 -48.29 35.25 -11.71
N UNK B 161 -47.57 36.08 -12.48
CA UNK B 161 -46.40 35.57 -13.19
C UNK B 161 -45.37 35.05 -12.22
N UNK B 162 -45.14 35.79 -11.14
CA UNK B 162 -44.27 35.31 -10.08
C UNK B 162 -44.91 34.17 -9.30
N UNK B 163 -46.24 34.09 -9.27
CA UNK B 163 -46.88 32.96 -8.62
C UNK B 163 -46.71 31.69 -9.43
N UNK B 164 -46.86 31.80 -10.75
CA UNK B 164 -46.59 30.68 -11.65
C UNK B 164 -45.13 30.28 -11.59
N UNK B 165 -44.24 31.26 -11.51
CA UNK B 165 -42.84 30.99 -11.25
C UNK B 165 -42.61 30.42 -9.86
N UNK B 166 -43.51 30.67 -8.92
CA UNK B 166 -43.27 30.28 -7.55
C UNK B 166 -43.56 28.81 -7.36
N UNK B 167 -44.78 28.38 -7.65
CA UNK B 167 -45.13 26.99 -7.43
C UNK B 167 -44.49 26.09 -8.48
N UNK B 168 -44.95 26.21 -9.72
CA UNK B 168 -44.48 25.54 -10.94
C UNK B 168 -45.25 26.16 -12.09
N UNK B 169 -44.61 26.26 -13.25
CA UNK B 169 -45.22 27.04 -14.32
C UNK B 169 -45.55 26.23 -15.56
N UNK B 170 -44.58 25.77 -16.31
CA UNK B 170 -44.86 24.93 -17.44
C UNK B 170 -44.54 23.52 -17.02
N UNK B 171 -45.36 22.58 -17.50
CA UNK B 171 -45.40 21.15 -17.18
C UNK B 171 -45.85 20.86 -15.76
N UNK B 172 -46.12 21.88 -14.95
CA UNK B 172 -46.99 21.83 -13.79
C UNK B 172 -46.55 20.91 -12.64
N UNK B 173 -45.45 20.18 -12.77
CA UNK B 173 -45.11 19.14 -11.80
C UNK B 173 -44.72 19.75 -10.45
N UNK B 174 -45.08 19.06 -9.38
CA UNK B 174 -44.68 19.43 -8.03
C UNK B 174 -43.39 18.71 -7.64
N UNK B 175 -43.44 17.38 -7.66
CA UNK B 175 -42.23 16.58 -7.54
C UNK B 175 -41.27 16.94 -8.65
N UNK B 176 -40.12 17.47 -8.25
CA UNK B 176 -39.05 17.98 -9.12
C UNK B 176 -39.59 19.10 -10.02
N UNK B 177 -39.92 20.19 -9.34
CA UNK B 177 -40.83 21.20 -9.84
C UNK B 177 -40.25 22.00 -11.00
N UNK B 178 -41.04 22.97 -11.42
CA UNK B 178 -40.59 24.10 -12.22
C UNK B 178 -40.54 25.33 -11.32
N UNK B 179 -39.66 26.26 -11.66
CA UNK B 179 -39.63 27.55 -11.00
C UNK B 179 -38.96 28.52 -11.95
N UNK B 180 -39.21 29.80 -11.74
CA UNK B 180 -38.61 30.85 -12.56
C UNK B 180 -38.39 32.09 -11.71
N UNK B 181 -37.58 33.01 -12.23
CA UNK B 181 -37.29 34.27 -11.56
C UNK B 181 -37.33 35.35 -12.62
N UNK B 182 -38.34 36.22 -12.54
CA UNK B 182 -38.63 37.15 -13.63
C UNK B 182 -37.77 38.39 -13.54
N UNK B 183 -37.79 39.16 -14.62
CA UNK B 183 -37.26 40.51 -14.64
C UNK B 183 -38.15 41.26 -15.62
N UNK B 184 -37.72 42.45 -15.99
CA UNK B 184 -38.52 43.23 -16.92
C UNK B 184 -37.64 44.02 -17.86
N UNK B 185 -38.26 44.45 -18.95
CA UNK B 185 -37.71 45.39 -19.90
C UNK B 185 -38.90 45.92 -20.68
N UNK B 186 -38.67 46.65 -21.75
CA UNK B 186 -39.82 47.26 -22.41
C UNK B 186 -39.64 47.46 -23.90
N UNK B 187 -40.64 48.13 -24.49
CA UNK B 187 -40.70 48.71 -25.84
C UNK B 187 -40.86 47.68 -26.96
N UNK B 188 -40.72 46.39 -26.64
CA UNK B 188 -40.88 45.26 -27.57
C UNK B 188 -40.02 45.46 -28.83
N UNK B 189 -38.72 45.57 -28.61
CA UNK B 189 -37.79 45.83 -29.69
C UNK B 189 -37.54 44.57 -30.52
N UNK B 190 -38.17 44.51 -31.69
CA UNK B 190 -38.24 43.28 -32.47
C UNK B 190 -37.34 43.40 -33.68
N UNK B 191 -37.14 42.27 -34.36
CA UNK B 191 -36.20 42.20 -35.46
C UNK B 191 -36.91 42.18 -36.79
N UNK B 192 -38.24 42.25 -36.75
CA UNK B 192 -39.08 42.11 -37.94
C UNK B 192 -39.42 43.45 -38.55
N UNK B 193 -38.47 44.40 -38.48
CA UNK B 193 -38.71 45.77 -38.90
C UNK B 193 -38.87 45.90 -40.41
N UNK B 194 -38.53 44.89 -41.18
CA UNK B 194 -38.86 44.88 -42.60
C UNK B 194 -40.36 44.78 -42.78
N UNK B 195 -40.88 45.56 -43.74
CA UNK B 195 -42.29 45.52 -44.09
C UNK B 195 -42.41 44.99 -45.51
N UNK B 196 -41.69 43.91 -45.80
CA UNK B 196 -41.50 43.47 -47.18
C UNK B 196 -42.73 42.77 -47.74
N UNK B 197 -43.10 41.62 -47.18
CA UNK B 197 -44.18 40.93 -47.87
C UNK B 197 -45.32 40.47 -46.97
N UNK B 198 -45.03 39.94 -45.80
CA UNK B 198 -46.05 39.21 -45.06
C UNK B 198 -45.75 39.31 -43.56
N UNK B 199 -46.33 38.41 -42.78
CA UNK B 199 -46.03 38.31 -41.37
C UNK B 199 -45.63 36.88 -41.06
N UNK B 200 -44.38 36.69 -40.67
CA UNK B 200 -43.93 35.45 -40.08
C UNK B 200 -44.44 35.34 -38.65
N UNK B 201 -44.15 34.22 -38.02
CA UNK B 201 -44.71 33.90 -36.72
C UNK B 201 -43.63 34.01 -35.68
N UNK B 202 -43.75 35.02 -34.82
CA UNK B 202 -43.02 35.08 -33.56
C UNK B 202 -43.74 34.33 -32.45
N UNK B 203 -44.61 33.40 -32.82
CA UNK B 203 -45.22 32.45 -31.92
C UNK B 203 -45.51 31.20 -32.73
N UNK B 204 -46.28 30.29 -32.15
CA UNK B 204 -46.62 29.03 -32.81
C UNK B 204 -47.91 28.53 -32.18
N UNK B 205 -49.02 28.73 -32.87
CA UNK B 205 -50.30 28.18 -32.45
C UNK B 205 -51.09 27.93 -33.73
N UNK B 206 -52.40 27.76 -33.60
CA UNK B 206 -53.19 27.23 -34.70
C UNK B 206 -53.35 28.23 -35.83
N UNK B 207 -52.24 28.51 -36.49
CA UNK B 207 -52.25 29.27 -37.73
C UNK B 207 -52.75 28.32 -38.81
N UNK B 208 -54.08 28.27 -38.95
CA UNK B 208 -54.71 27.48 -39.98
C UNK B 208 -54.88 28.25 -41.27
N UNK B 209 -54.04 29.25 -41.51
CA UNK B 209 -54.05 30.00 -42.76
C UNK B 209 -52.64 30.34 -43.26
N UNK B 210 -51.60 29.79 -42.63
CA UNK B 210 -50.24 30.26 -42.85
C UNK B 210 -49.69 29.78 -44.19
N UNK B 211 -48.63 30.45 -44.64
CA UNK B 211 -47.97 30.06 -45.88
C UNK B 211 -47.12 28.82 -45.66
N UNK B 212 -46.09 28.92 -44.82
CA UNK B 212 -45.34 27.74 -44.42
C UNK B 212 -46.12 26.95 -43.37
N UNK B 213 -45.56 25.83 -42.95
CA UNK B 213 -46.11 25.02 -41.87
C UNK B 213 -45.03 24.08 -41.37
N UNK B 214 -45.28 23.50 -40.20
CA UNK B 214 -44.67 22.25 -39.74
C UNK B 214 -45.60 21.71 -38.67
N UNK B 215 -46.46 20.77 -39.04
CA UNK B 215 -47.59 20.45 -38.19
C UNK B 215 -47.18 19.54 -37.04
N UNK B 216 -48.15 19.26 -36.17
CA UNK B 216 -47.99 18.42 -34.99
C UNK B 216 -49.39 18.12 -34.45
N UNK B 217 -49.45 17.45 -33.31
CA UNK B 217 -50.72 17.17 -32.65
C UNK B 217 -50.60 17.61 -31.21
N UNK B 218 -51.69 17.54 -30.46
CA UNK B 218 -51.57 17.82 -29.03
C UNK B 218 -52.51 16.95 -28.19
N UNK B 219 -52.11 16.82 -26.94
CA UNK B 219 -52.89 16.24 -25.87
C UNK B 219 -53.64 17.38 -25.16
N UNK B 220 -54.16 17.13 -23.96
CA UNK B 220 -55.12 18.05 -23.38
C UNK B 220 -54.95 18.39 -21.91
N UNK B 221 -55.99 19.00 -21.34
CA UNK B 221 -55.97 19.80 -20.13
C UNK B 221 -56.30 18.97 -18.89
N UNK B 222 -56.60 19.63 -17.78
CA UNK B 222 -56.50 19.06 -16.43
C UNK B 222 -57.81 18.51 -15.87
N UNK B 223 -58.58 17.67 -16.58
CA UNK B 223 -59.43 16.69 -15.90
C UNK B 223 -59.49 15.35 -16.60
N UNK B 224 -59.27 15.29 -17.91
CA UNK B 224 -59.24 14.05 -18.66
C UNK B 224 -58.56 14.42 -19.97
N UNK B 225 -57.44 13.78 -20.25
CA UNK B 225 -56.67 14.04 -21.45
C UNK B 225 -56.21 12.73 -22.05
N UNK B 226 -57.15 11.82 -22.27
CA UNK B 226 -56.88 10.53 -22.88
C UNK B 226 -57.04 10.59 -24.41
N UNK B 227 -56.66 11.76 -24.98
CA UNK B 227 -56.91 12.10 -26.39
C UNK B 227 -56.26 11.09 -27.33
N UNK B 228 -55.06 10.65 -27.00
CA UNK B 228 -54.52 9.51 -27.72
C UNK B 228 -55.19 8.23 -27.27
N UNK B 229 -55.39 8.06 -25.96
CA UNK B 229 -55.81 6.76 -25.47
C UNK B 229 -57.32 6.57 -25.59
N UNK B 230 -58.09 7.29 -24.80
CA UNK B 230 -59.47 6.89 -24.55
C UNK B 230 -60.40 8.08 -24.42
N UNK B 231 -60.30 9.07 -25.28
CA UNK B 231 -61.15 10.24 -25.07
C UNK B 231 -61.53 10.84 -26.42
N UNK B 232 -61.98 12.09 -26.36
CA UNK B 232 -62.75 12.78 -27.39
C UNK B 232 -61.85 13.57 -28.33
N UNK B 233 -62.48 14.47 -29.08
CA UNK B 233 -61.79 15.35 -30.01
C UNK B 233 -61.25 16.61 -29.30
N UNK B 234 -60.37 16.37 -28.34
CA UNK B 234 -59.51 17.42 -27.82
C UNK B 234 -58.33 17.67 -28.74
N UNK B 235 -58.05 16.74 -29.64
CA UNK B 235 -56.77 16.66 -30.31
C UNK B 235 -56.60 17.79 -31.30
N UNK B 236 -56.10 18.91 -30.81
CA UNK B 236 -55.77 20.05 -31.65
C UNK B 236 -54.55 19.69 -32.48
N UNK B 237 -54.70 19.75 -33.79
CA UNK B 237 -53.52 19.80 -34.62
C UNK B 237 -53.03 21.24 -34.59
N UNK B 238 -51.94 21.49 -33.87
CA UNK B 238 -51.37 22.82 -33.79
C UNK B 238 -50.53 23.06 -35.03
N UNK B 239 -49.76 24.13 -35.03
CA UNK B 239 -48.84 24.39 -36.12
C UNK B 239 -47.62 25.07 -35.54
N UNK B 240 -46.47 24.42 -35.65
CA UNK B 240 -45.28 24.87 -34.95
C UNK B 240 -44.69 26.08 -35.67
N UNK B 241 -43.54 26.55 -35.19
CA UNK B 241 -43.04 27.90 -35.37
C UNK B 241 -42.74 28.22 -36.84
N UNK B 242 -42.61 29.51 -37.11
CA UNK B 242 -42.28 30.16 -38.37
C UNK B 242 -43.36 30.04 -39.43
N UNK B 243 -44.53 29.52 -39.09
CA UNK B 243 -45.61 29.41 -40.05
C UNK B 243 -46.21 30.79 -40.29
N UNK B 244 -46.00 31.33 -41.49
CA UNK B 244 -46.27 32.73 -41.79
C UNK B 244 -47.75 32.95 -42.10
N UNK B 245 -48.53 33.25 -41.07
CA UNK B 245 -49.94 33.61 -41.21
C UNK B 245 -50.11 35.10 -40.96
N UNK B 246 -51.30 35.61 -41.26
CA UNK B 246 -51.63 37.01 -41.00
C UNK B 246 -52.45 37.16 -39.72
N UNK B 247 -51.87 36.68 -38.62
CA UNK B 247 -52.40 36.81 -37.25
C UNK B 247 -53.77 36.17 -37.07
N UNK B 248 -53.81 34.85 -37.22
CA UNK B 248 -55.03 34.09 -36.91
C UNK B 248 -55.28 34.11 -35.41
N UNK B 249 -56.56 34.12 -35.05
CA UNK B 249 -56.91 34.63 -33.72
C UNK B 249 -57.05 33.58 -32.62
N UNK B 250 -58.02 32.67 -32.71
CA UNK B 250 -58.47 32.08 -31.45
C UNK B 250 -59.29 30.83 -31.70
N UNK B 251 -59.88 30.35 -30.60
CA UNK B 251 -60.87 29.31 -30.40
C UNK B 251 -61.16 29.35 -28.90
N UNK B 252 -62.21 28.66 -28.48
CA UNK B 252 -62.58 28.59 -27.06
C UNK B 252 -62.91 27.19 -26.57
N UNK B 253 -63.12 26.23 -27.47
CA UNK B 253 -63.49 24.88 -27.11
C UNK B 253 -62.45 23.91 -27.68
N UNK B 254 -61.79 23.17 -26.78
CA UNK B 254 -60.91 22.07 -27.17
C UNK B 254 -61.43 20.74 -26.66
N UNK B 255 -61.59 20.60 -25.36
CA UNK B 255 -62.12 19.39 -24.76
C UNK B 255 -63.35 19.76 -23.95
N UNK B 256 -64.20 18.77 -23.69
CA UNK B 256 -65.48 19.06 -23.07
C UNK B 256 -66.04 17.80 -22.41
N UNK B 257 -66.09 17.82 -21.09
CA UNK B 257 -67.14 17.12 -20.34
C UNK B 257 -67.53 17.98 -19.16
N UNK B 258 -67.18 19.26 -19.21
CA UNK B 258 -67.27 20.21 -18.12
C UNK B 258 -67.80 21.50 -18.73
N UNK B 259 -67.57 22.65 -18.07
CA UNK B 259 -68.03 23.95 -18.56
C UNK B 259 -67.54 24.32 -19.96
N UNK B 260 -66.23 24.53 -20.13
CA UNK B 260 -65.65 24.77 -21.45
C UNK B 260 -64.16 24.44 -21.37
N UNK B 261 -63.39 24.85 -22.38
CA UNK B 261 -61.95 24.72 -22.34
C UNK B 261 -61.32 26.10 -22.17
N UNK B 262 -61.28 26.53 -20.91
CA UNK B 262 -60.88 27.90 -20.60
C UNK B 262 -59.95 28.04 -19.39
N UNK B 263 -59.99 27.10 -18.44
CA UNK B 263 -59.34 27.34 -17.16
C UNK B 263 -59.08 26.03 -16.43
N UNK B 264 -57.89 25.85 -15.87
CA UNK B 264 -57.62 24.55 -15.25
C UNK B 264 -56.61 24.59 -14.10
N UNK B 265 -56.06 23.40 -13.82
CA UNK B 265 -54.83 23.22 -13.07
C UNK B 265 -53.65 23.10 -14.02
N UNK B 266 -53.90 22.84 -15.31
CA UNK B 266 -52.81 22.72 -16.29
C UNK B 266 -52.84 23.73 -17.41
N UNK B 267 -53.95 23.87 -18.12
CA UNK B 267 -53.92 24.55 -19.40
C UNK B 267 -55.31 25.05 -19.76
N UNK B 268 -55.49 25.41 -21.04
CA UNK B 268 -56.71 25.98 -21.62
C UNK B 268 -56.59 25.93 -23.15
N UNK B 269 -57.53 26.60 -23.86
CA UNK B 269 -57.65 26.52 -25.32
C UNK B 269 -57.54 27.90 -25.95
N UNK B 270 -56.41 28.17 -26.61
CA UNK B 270 -56.19 29.49 -27.21
C UNK B 270 -55.15 29.38 -28.32
N UNK B 271 -55.30 30.21 -29.34
CA UNK B 271 -54.53 30.06 -30.58
C UNK B 271 -54.07 31.39 -31.17
N UNK B 272 -53.49 32.27 -30.37
CA UNK B 272 -53.05 33.54 -30.92
C UNK B 272 -51.71 33.39 -31.64
N UNK B 273 -51.39 34.38 -32.48
CA UNK B 273 -50.27 34.28 -33.42
C UNK B 273 -49.50 35.59 -33.48
N UNK B 274 -48.29 35.62 -32.90
CA UNK B 274 -47.48 36.84 -32.82
C UNK B 274 -46.89 37.16 -34.20
N UNK B 275 -47.74 37.73 -35.05
CA UNK B 275 -47.47 37.85 -36.48
C UNK B 275 -46.46 38.97 -36.74
N UNK B 276 -45.19 38.64 -36.51
CA UNK B 276 -44.12 39.58 -36.76
C UNK B 276 -43.87 39.68 -38.26
N UNK B 277 -43.90 40.90 -38.80
CA UNK B 277 -43.92 41.12 -40.25
C UNK B 277 -42.56 40.82 -40.86
N UNK B 278 -42.50 39.84 -41.74
CA UNK B 278 -41.28 39.45 -42.44
C UNK B 278 -41.52 39.53 -43.94
N UNK B 279 -40.57 39.01 -44.72
CA UNK B 279 -40.77 38.97 -46.16
C UNK B 279 -41.61 37.76 -46.54
N UNK C 1 -59.89 29.21 -2.00
CA UNK C 1 -58.64 29.34 -2.75
C UNK C 1 -57.45 29.14 -1.83
N UNK C 2 -56.24 29.30 -2.38
CA UNK C 2 -55.01 29.12 -1.62
C UNK C 2 -54.85 30.25 -0.61
N UNK C 3 -55.06 29.95 0.67
CA UNK C 3 -55.01 30.99 1.68
C UNK C 3 -53.59 31.46 1.93
N UNK C 4 -52.65 30.53 2.13
CA UNK C 4 -51.25 30.89 2.32
C UNK C 4 -50.38 29.76 1.80
N UNK C 5 -49.08 29.90 1.95
CA UNK C 5 -48.16 28.88 1.46
C UNK C 5 -47.00 28.80 2.44
N UNK C 6 -47.09 27.86 3.37
CA UNK C 6 -46.10 27.75 4.42
C UNK C 6 -44.80 27.18 3.88
N UNK C 7 -43.90 28.02 3.40
CA UNK C 7 -42.65 27.53 2.85
C UNK C 7 -41.73 27.08 3.97
N UNK C 8 -41.49 25.79 4.07
CA UNK C 8 -40.54 25.23 5.00
C UNK C 8 -39.17 25.20 4.35
N UNK C 9 -38.15 25.55 5.09
CA UNK C 9 -36.80 25.56 4.55
C UNK C 9 -35.82 25.15 5.63
N UNK C 10 -34.82 24.36 5.22
CA UNK C 10 -33.79 23.85 6.13
C UNK C 10 -32.59 23.44 5.30
N UNK C 11 -31.54 23.05 5.99
CA UNK C 11 -30.32 22.55 5.37
C UNK C 11 -30.03 21.20 5.96
N UNK C 12 -30.16 20.16 5.15
CA UNK C 12 -29.92 18.79 5.59
C UNK C 12 -28.50 18.45 5.24
N UNK C 13 -27.68 18.30 6.26
CA UNK C 13 -26.43 17.60 6.10
C UNK C 13 -26.70 16.10 6.11
N UNK C 14 -25.65 15.32 5.95
CA UNK C 14 -25.82 13.88 5.93
C UNK C 14 -25.13 13.33 7.16
N UNK C 15 -25.93 12.93 8.15
CA UNK C 15 -25.35 12.53 9.44
C UNK C 15 -24.62 11.21 9.30
N UNK C 16 -25.30 10.17 8.86
CA UNK C 16 -24.63 8.91 8.64
C UNK C 16 -24.04 8.89 7.24
N UNK C 17 -23.78 7.72 6.74
CA UNK C 17 -22.67 7.50 5.84
C UNK C 17 -22.91 7.92 4.41
N UNK C 18 -22.09 7.32 3.54
CA UNK C 18 -22.00 7.55 2.12
C UNK C 18 -23.30 7.19 1.40
N UNK C 19 -24.10 8.20 1.00
CA UNK C 19 -25.57 8.07 0.88
C UNK C 19 -26.18 8.37 -0.50
N UNK C 20 -26.16 7.38 -1.42
CA UNK C 20 -26.74 7.39 -2.77
C UNK C 20 -26.59 6.03 -3.47
N UNK C 21 -26.57 6.05 -4.82
CA UNK C 21 -26.59 4.92 -5.75
C UNK C 21 -25.50 3.88 -5.64
N UNK C 22 -25.54 2.91 -6.56
CA UNK C 22 -24.63 1.74 -6.55
C UNK C 22 -24.13 1.36 -7.94
N UNK C 23 -23.52 2.29 -8.67
CA UNK C 23 -23.36 1.95 -10.08
C UNK C 23 -22.17 1.04 -10.38
N UNK C 24 -20.98 1.60 -10.66
CA UNK C 24 -19.89 0.81 -11.24
C UNK C 24 -18.65 1.64 -11.54
N UNK C 25 -17.56 0.96 -11.92
CA UNK C 25 -16.38 1.61 -12.49
C UNK C 25 -15.98 1.09 -13.86
N UNK C 26 -15.74 -0.22 -14.02
CA UNK C 26 -14.75 -0.73 -14.99
C UNK C 26 -15.33 -1.79 -15.94
N UNK C 27 -16.46 -1.49 -16.57
CA UNK C 27 -17.29 -2.57 -17.09
C UNK C 27 -18.05 -2.13 -18.34
N UNK C 28 -19.13 -2.87 -18.63
CA UNK C 28 -20.04 -2.61 -19.74
C UNK C 28 -20.86 -1.35 -19.50
N UNK C 29 -21.61 -0.95 -20.52
CA UNK C 29 -22.37 0.29 -20.43
C UNK C 29 -23.70 0.07 -19.70
N UNK C 30 -24.44 1.18 -19.56
CA UNK C 30 -25.86 1.20 -19.19
C UNK C 30 -26.14 0.60 -17.81
N UNK C 31 -25.66 1.32 -16.79
CA UNK C 31 -26.01 0.99 -15.41
C UNK C 31 -27.23 1.80 -14.98
N UNK C 32 -27.50 1.85 -13.68
CA UNK C 32 -28.66 2.50 -13.08
C UNK C 32 -28.34 3.96 -12.71
N UNK C 33 -29.16 4.55 -11.85
CA UNK C 33 -28.99 5.95 -11.47
C UNK C 33 -29.12 6.12 -9.96
N UNK C 34 -29.30 7.37 -9.55
CA UNK C 34 -28.98 7.93 -8.21
C UNK C 34 -29.76 7.45 -7.00
N UNK C 35 -37.74 15.10 -5.57
CA UNK C 35 -38.74 14.09 -5.92
C UNK C 35 -38.40 12.79 -5.26
N UNK C 36 -37.10 12.56 -5.07
CA UNK C 36 -36.63 11.35 -4.41
C UNK C 36 -36.95 11.34 -2.93
N UNK C 37 -37.38 12.45 -2.37
CA UNK C 37 -37.85 12.54 -1.00
C UNK C 37 -39.32 12.23 -0.88
N UNK C 38 -39.91 11.49 -1.81
CA UNK C 38 -41.22 10.94 -1.53
C UNK C 38 -41.15 9.68 -0.71
N UNK C 39 -39.95 9.29 -0.28
CA UNK C 39 -39.79 8.39 0.86
C UNK C 39 -40.48 8.95 2.10
N UNK C 40 -40.57 10.28 2.20
CA UNK C 40 -41.43 10.90 3.19
C UNK C 40 -42.85 10.39 3.05
N UNK C 41 -43.35 10.29 1.82
CA UNK C 41 -44.70 9.76 1.64
C UNK C 41 -44.75 8.29 1.98
N UNK C 42 -43.68 7.58 1.68
CA UNK C 42 -43.60 6.16 2.01
C UNK C 42 -43.70 5.95 3.51
N UNK C 43 -42.85 6.64 4.25
CA UNK C 43 -42.82 6.43 5.68
C UNK C 43 -44.00 7.06 6.35
N UNK C 44 -44.60 8.09 5.73
CA UNK C 44 -45.85 8.60 6.26
C UNK C 44 -46.95 7.59 6.12
N UNK C 45 -47.00 6.91 4.98
CA UNK C 45 -48.00 5.89 4.77
C UNK C 45 -47.80 4.75 5.75
N UNK C 46 -46.60 4.17 5.76
CA UNK C 46 -46.31 3.06 6.66
C UNK C 46 -46.30 3.46 8.12
N UNK C 47 -46.29 4.75 8.42
CA UNK C 47 -46.46 5.16 9.80
C UNK C 47 -47.91 5.28 10.14
N UNK C 48 -48.75 5.65 9.17
CA UNK C 48 -50.05 6.17 9.56
C UNK C 48 -51.07 5.08 9.86
N UNK C 49 -50.65 4.08 10.65
CA UNK C 49 -51.43 2.93 11.12
C UNK C 49 -52.23 2.28 10.00
N UNK C 50 -51.64 2.23 8.82
CA UNK C 50 -52.39 2.44 7.59
C UNK C 50 -53.10 1.19 7.14
N UNK C 51 -54.41 1.29 6.98
CA UNK C 51 -55.05 0.45 5.98
C UNK C 51 -54.85 1.00 4.58
N UNK C 52 -54.11 2.09 4.43
CA UNK C 52 -53.45 2.49 3.20
C UNK C 52 -52.17 1.68 2.94
N UNK C 53 -51.75 0.84 3.88
CA UNK C 53 -50.64 -0.08 3.66
C UNK C 53 -51.10 -1.48 3.39
N UNK C 54 -51.96 -2.01 4.24
CA UNK C 54 -52.49 -3.34 4.04
C UNK C 54 -53.38 -3.39 2.81
N UNK C 55 -54.50 -2.67 2.83
CA UNK C 55 -55.56 -2.87 1.84
C UNK C 55 -55.36 -2.06 0.58
N UNK C 56 -54.12 -1.80 0.21
CA UNK C 56 -53.82 -1.26 -1.10
C UNK C 56 -52.95 -2.29 -1.79
N UNK C 57 -53.51 -2.94 -2.81
CA UNK C 57 -52.98 -4.17 -3.38
C UNK C 57 -51.61 -3.95 -3.99
N UNK C 58 -50.85 -5.05 -4.06
CA UNK C 58 -49.42 -5.00 -4.40
C UNK C 58 -49.24 -4.49 -5.82
N UNK C 59 -48.52 -3.37 -5.94
CA UNK C 59 -48.34 -2.56 -7.15
C UNK C 59 -49.64 -1.97 -7.69
N UNK C 60 -50.77 -2.16 -7.00
CA UNK C 60 -51.99 -1.39 -7.23
C UNK C 60 -52.19 -0.36 -6.14
N UNK C 61 -51.19 -0.20 -5.27
CA UNK C 61 -51.24 0.65 -4.09
C UNK C 61 -51.03 2.11 -4.45
N UNK C 62 -50.75 2.93 -3.44
CA UNK C 62 -51.31 4.28 -3.27
C UNK C 62 -52.82 4.18 -3.17
N UNK C 63 -53.27 3.73 -1.99
CA UNK C 63 -54.68 3.50 -1.65
C UNK C 63 -55.62 4.58 -2.11
N UNK C 64 -55.43 5.80 -1.59
CA UNK C 64 -56.25 6.98 -1.86
C UNK C 64 -57.71 6.66 -1.63
N UNK C 65 -58.00 6.31 -0.38
CA UNK C 65 -59.21 5.61 -0.04
C UNK C 65 -60.42 6.52 -0.20
N UNK C 66 -61.59 5.90 -0.15
CA UNK C 66 -62.84 6.59 -0.43
C UNK C 66 -63.19 7.49 0.74
N UNK C 67 -62.56 8.65 0.76
CA UNK C 67 -62.85 9.66 1.77
C UNK C 67 -62.48 11.02 1.21
N UNK C 68 -63.11 12.05 1.76
CA UNK C 68 -62.83 13.40 1.29
C UNK C 68 -61.47 13.86 1.76
N UNK C 69 -61.18 13.70 3.04
CA UNK C 69 -60.13 14.45 3.69
C UNK C 69 -59.11 13.56 4.35
N UNK C 70 -58.59 12.56 3.63
CA UNK C 70 -57.50 11.77 4.18
C UNK C 70 -56.25 12.60 4.28
N UNK C 71 -55.43 12.29 5.28
CA UNK C 71 -54.21 13.05 5.51
C UNK C 71 -53.23 12.86 4.37
N UNK C 72 -52.92 11.61 4.05
CA UNK C 72 -51.91 11.31 3.04
C UNK C 72 -52.43 11.53 1.65
N UNK C 73 -53.75 11.61 1.49
CA UNK C 73 -54.28 11.89 0.17
C UNK C 73 -54.16 13.36 -0.16
N UNK C 74 -54.48 14.23 0.78
CA UNK C 74 -54.39 15.65 0.49
C UNK C 74 -52.98 16.17 0.66
N UNK C 75 -52.19 15.52 1.51
CA UNK C 75 -51.02 16.19 2.08
C UNK C 75 -49.83 16.15 1.14
N UNK C 76 -49.29 14.96 0.92
CA UNK C 76 -48.09 14.79 0.09
C UNK C 76 -48.45 14.25 -1.28
N UNK C 77 -49.04 13.08 -1.31
CA UNK C 77 -49.44 12.55 -2.59
C UNK C 77 -50.74 13.18 -3.02
N UNK C 78 -51.24 12.70 -4.15
CA UNK C 78 -52.44 13.19 -4.78
C UNK C 78 -52.85 12.17 -5.81
N UNK C 79 -54.08 11.72 -5.73
CA UNK C 79 -54.54 10.63 -6.58
C UNK C 79 -54.84 11.15 -7.99
N UNK C 80 -55.50 10.31 -8.76
CA UNK C 80 -55.91 10.63 -10.12
C UNK C 80 -57.31 10.07 -10.29
N UNK C 81 -57.72 9.88 -11.53
CA UNK C 81 -59.10 9.56 -11.89
C UNK C 81 -59.58 8.23 -11.31
N UNK C 82 -60.90 8.05 -11.39
CA UNK C 82 -61.63 6.93 -10.84
C UNK C 82 -63.02 6.88 -11.48
N UNK C 83 -63.95 6.16 -10.86
CA UNK C 83 -65.34 6.20 -11.27
C UNK C 83 -66.14 7.35 -10.65
N UNK C 84 -65.71 7.85 -9.50
CA UNK C 84 -66.37 9.00 -8.88
C UNK C 84 -65.39 10.14 -8.77
N UNK C 85 -64.70 10.43 -9.88
CA UNK C 85 -63.60 11.39 -9.92
C UNK C 85 -64.01 12.82 -9.60
N UNK C 86 -65.29 13.15 -9.65
CA UNK C 86 -65.73 14.45 -9.17
C UNK C 86 -65.56 14.59 -7.67
N UNK C 87 -65.56 13.49 -6.92
CA UNK C 87 -65.16 13.53 -5.52
C UNK C 87 -63.67 13.73 -5.35
N UNK C 88 -62.89 13.75 -6.41
CA UNK C 88 -61.53 14.22 -6.36
C UNK C 88 -61.35 15.61 -6.92
N UNK C 89 -62.16 16.00 -7.91
CA UNK C 89 -62.17 17.38 -8.36
C UNK C 89 -62.63 18.31 -7.25
N UNK C 90 -63.59 17.86 -6.45
CA UNK C 90 -63.92 18.43 -5.18
C UNK C 90 -63.38 17.54 -4.07
N UNK C 91 -63.83 17.83 -2.85
CA UNK C 91 -63.50 17.06 -1.65
C UNK C 91 -62.00 16.99 -1.41
N UNK C 92 -61.37 18.15 -1.50
CA UNK C 92 -60.10 18.51 -0.89
C UNK C 92 -58.90 17.77 -1.46
N UNK C 93 -59.09 16.85 -2.39
CA UNK C 93 -57.90 16.28 -3.00
C UNK C 93 -57.31 17.17 -4.08
N UNK C 94 -57.90 18.35 -4.31
CA UNK C 94 -57.34 19.28 -5.28
C UNK C 94 -56.16 20.03 -4.71
N UNK C 95 -56.06 20.13 -3.39
CA UNK C 95 -54.91 20.75 -2.76
C UNK C 95 -53.71 19.81 -2.81
N UNK C 96 -53.21 19.53 -4.02
CA UNK C 96 -52.09 18.61 -4.24
C UNK C 96 -50.82 19.31 -3.77
N UNK C 97 -50.73 19.50 -2.47
CA UNK C 97 -50.09 20.68 -1.96
C UNK C 97 -48.57 20.59 -1.94
N UNK C 98 -47.99 19.60 -1.26
CA UNK C 98 -46.62 19.70 -0.79
C UNK C 98 -45.61 19.64 -1.90
N UNK C 99 -45.54 20.72 -2.68
CA UNK C 99 -44.68 20.79 -3.84
C UNK C 99 -43.22 20.89 -3.42
N UNK C 100 -42.61 19.74 -3.15
CA UNK C 100 -41.20 19.70 -2.79
C UNK C 100 -40.35 19.98 -4.01
N UNK C 101 -39.48 20.97 -3.90
CA UNK C 101 -38.54 21.25 -4.97
C UNK C 101 -37.33 20.33 -4.79
N UNK C 102 -36.33 20.48 -5.65
CA UNK C 102 -35.16 19.64 -5.58
C UNK C 102 -34.24 20.13 -4.47
N UNK C 103 -33.04 19.60 -4.42
CA UNK C 103 -32.16 19.89 -3.29
C UNK C 103 -30.71 19.90 -3.77
N UNK C 104 -30.20 21.07 -4.09
CA UNK C 104 -28.80 21.20 -4.47
C UNK C 104 -27.96 21.31 -3.19
N UNK C 105 -26.69 21.68 -3.35
CA UNK C 105 -25.76 21.66 -2.24
C UNK C 105 -25.29 23.07 -1.90
N UNK C 106 -25.19 23.35 -0.61
CA UNK C 106 -24.76 24.62 -0.02
C UNK C 106 -23.26 24.78 -0.09
N UNK C 107 -22.69 25.48 0.88
CA UNK C 107 -21.27 25.83 0.96
C UNK C 107 -20.26 24.69 0.96
N UNK C 108 -20.72 23.44 0.85
CA UNK C 108 -19.81 22.31 0.78
C UNK C 108 -18.98 22.34 -0.49
N UNK C 109 -17.70 22.69 -0.33
CA UNK C 109 -16.66 22.44 -1.32
C UNK C 109 -15.54 21.74 -0.56
N UNK C 110 -15.17 20.53 -0.99
CA UNK C 110 -14.39 19.68 -0.10
C UNK C 110 -13.70 18.55 -0.87
N UNK C 111 -12.83 17.81 -0.13
CA UNK C 111 -12.43 16.40 -0.41
C UNK C 111 -12.04 15.71 0.91
N UNK C 112 -13.02 15.10 1.59
CA UNK C 112 -12.88 14.75 3.02
C UNK C 112 -13.64 13.49 3.47
N UNK C 113 -13.51 12.37 2.76
CA UNK C 113 -14.52 11.32 2.90
C UNK C 113 -14.37 10.43 4.16
N UNK C 114 -13.29 9.69 4.27
CA UNK C 114 -13.22 8.49 5.11
C UNK C 114 -12.01 8.51 6.04
N UNK C 115 -11.83 9.61 6.79
CA UNK C 115 -10.73 9.79 7.77
C UNK C 115 -11.21 9.59 9.20
N UNK C 116 -2.57 8.18 9.64
CA UNK C 116 -3.31 9.02 10.55
C UNK C 116 -4.10 8.16 11.48
N UNK C 117 -5.17 8.73 12.02
CA UNK C 117 -6.21 7.91 12.59
C UNK C 117 -6.77 7.05 11.44
N UNK C 118 -7.44 7.69 10.47
CA UNK C 118 -7.99 7.11 9.21
C UNK C 118 -8.94 5.94 9.46
N UNK C 119 -10.11 6.24 10.00
CA UNK C 119 -11.10 5.19 10.24
C UNK C 119 -12.51 5.71 10.05
N UNK C 120 -13.14 5.36 8.95
CA UNK C 120 -14.58 5.60 8.77
C UNK C 120 -15.35 4.35 9.13
N UNK C 121 -15.10 3.93 10.36
CA UNK C 121 -15.12 2.55 10.78
C UNK C 121 -16.48 1.89 10.57
N UNK C 122 -16.44 0.58 10.41
CA UNK C 122 -17.59 -0.29 10.28
C UNK C 122 -18.46 0.07 9.09
N UNK C 123 -17.91 0.70 8.08
CA UNK C 123 -18.63 0.93 6.86
C UNK C 123 -18.08 -0.05 5.87
N UNK C 124 -17.54 10.08 -1.83
CA UNK C 124 -16.77 8.87 -1.67
C UNK C 124 -17.01 8.05 -2.90
N UNK C 125 -16.24 6.98 -3.07
CA UNK C 125 -16.56 5.92 -4.03
C UNK C 125 -16.32 4.63 -3.24
N UNK C 126 -17.33 4.20 -2.48
CA UNK C 126 -17.17 3.05 -1.61
C UNK C 126 -17.05 1.78 -2.43
N UNK C 127 -16.56 0.71 -1.81
CA UNK C 127 -16.35 -0.55 -2.50
C UNK C 127 -16.72 -1.68 -1.56
N UNK C 128 -17.43 -2.69 -2.06
CA UNK C 128 -17.96 -3.70 -1.16
C UNK C 128 -18.02 -5.07 -1.83
N UNK C 129 -18.29 -6.10 -1.03
CA UNK C 129 -17.89 -7.45 -1.40
C UNK C 129 -19.04 -8.39 -1.71
N UNK C 130 -20.01 -8.58 -0.82
CA UNK C 130 -21.18 -9.45 -1.05
C UNK C 130 -20.80 -10.90 -1.32
N UNK C 131 -20.01 -11.47 -0.43
CA UNK C 131 -19.24 -12.64 -0.80
C UNK C 131 -20.08 -13.89 -0.81
N UNK C 132 -19.41 -15.01 -1.06
CA UNK C 132 -20.09 -16.29 -0.95
C UNK C 132 -20.24 -16.65 0.50
N UNK C 133 -21.15 -17.58 0.78
CA UNK C 133 -21.54 -17.85 2.15
C UNK C 133 -21.33 -19.29 2.57
N UNK C 134 -20.74 -20.10 1.71
CA UNK C 134 -20.18 -21.40 2.07
C UNK C 134 -18.85 -21.60 1.34
N UNK C 135 -18.01 -20.57 1.39
CA UNK C 135 -16.63 -20.58 0.93
C UNK C 135 -16.50 -20.83 -0.57
N UNK C 136 -16.93 -19.84 -1.36
CA UNK C 136 -16.58 -19.78 -2.78
C UNK C 136 -15.92 -18.42 -3.05
N UNK C 137 -15.77 -18.01 -4.31
CA UNK C 137 -15.22 -16.69 -4.59
C UNK C 137 -16.23 -15.59 -4.23
N UNK C 138 -15.75 -14.35 -4.20
CA UNK C 138 -16.57 -13.22 -3.76
C UNK C 138 -17.06 -12.39 -4.95
N UNK C 139 -17.62 -11.22 -4.67
CA UNK C 139 -18.50 -10.50 -5.61
C UNK C 139 -18.27 -8.99 -5.67
N UNK C 140 -17.05 -8.54 -5.97
CA UNK C 140 -16.60 -7.15 -5.75
C UNK C 140 -17.46 -6.08 -6.43
N UNK C 141 -18.15 -5.28 -5.63
CA UNK C 141 -19.05 -4.22 -6.08
C UNK C 141 -18.57 -2.85 -5.65
N UNK C 142 -18.75 -1.84 -6.50
CA UNK C 142 -18.17 -0.53 -6.22
C UNK C 142 -19.21 0.56 -6.37
N UNK C 143 -20.00 0.78 -5.32
CA UNK C 143 -21.02 1.82 -5.32
C UNK C 143 -20.38 3.19 -5.33
N UNK C 144 -21.18 4.20 -5.65
CA UNK C 144 -20.73 5.59 -5.58
C UNK C 144 -21.68 6.33 -4.68
N UNK C 145 -21.16 7.26 -3.90
CA UNK C 145 -21.99 7.88 -2.88
C UNK C 145 -21.44 9.23 -2.45
N UNK C 146 -22.34 10.20 -2.29
CA UNK C 146 -21.97 11.54 -1.91
C UNK C 146 -21.49 11.54 -0.48
N UNK C 147 -20.34 12.21 -0.27
CA UNK C 147 -19.56 12.09 0.95
C UNK C 147 -20.39 12.46 2.15
N UNK C 148 -20.19 11.74 3.25
CA UNK C 148 -21.05 11.94 4.40
C UNK C 148 -20.85 13.33 4.95
N UNK C 149 -21.97 14.00 5.20
CA UNK C 149 -22.09 15.40 5.60
C UNK C 149 -21.52 16.37 4.59
N UNK C 150 -21.95 16.26 3.35
CA UNK C 150 -22.21 17.49 2.62
C UNK C 150 -23.54 18.01 3.12
N UNK C 151 -23.75 19.30 3.03
CA UNK C 151 -24.96 19.92 3.57
C UNK C 151 -25.78 20.45 2.41
N UNK C 152 -26.69 19.62 1.92
CA UNK C 152 -27.55 19.97 0.81
C UNK C 152 -28.73 20.75 1.36
N UNK C 153 -29.18 21.76 0.62
CA UNK C 153 -30.31 22.57 1.07
C UNK C 153 -31.61 21.78 0.97
N UNK C 154 -32.70 22.41 1.41
CA UNK C 154 -34.02 21.79 1.33
C UNK C 154 -35.08 22.86 1.41
N UNK C 155 -35.95 22.89 0.41
CA UNK C 155 -37.14 23.72 0.41
C UNK C 155 -38.34 22.82 0.23
N UNK C 156 -39.46 23.17 0.85
CA UNK C 156 -40.68 22.41 0.73
C UNK C 156 -41.83 23.35 1.01
N UNK C 157 -43.03 22.99 0.55
CA UNK C 157 -44.18 23.87 0.65
C UNK C 157 -45.41 23.11 1.12
N UNK C 158 -46.49 23.85 1.33
CA UNK C 158 -47.80 23.26 1.54
C UNK C 158 -48.80 24.34 1.14
N UNK C 159 -49.45 24.15 0.00
CA UNK C 159 -50.34 25.17 -0.53
C UNK C 159 -51.59 25.23 0.32
N UNK C 160 -51.53 25.95 1.44
CA UNK C 160 -52.58 25.92 2.45
C UNK C 160 -53.81 26.62 1.89
N UNK C 161 -54.71 25.83 1.34
CA UNK C 161 -55.90 26.36 0.68
C UNK C 161 -57.06 26.52 1.67
N UNK C 162 -57.53 25.42 2.24
CA UNK C 162 -58.65 25.47 3.17
C UNK C 162 -58.15 25.43 4.61
N UNK C 163 -58.97 25.97 5.51
CA UNK C 163 -58.61 25.98 6.93
C UNK C 163 -58.69 24.60 7.55
N UNK C 164 -59.32 23.64 6.89
CA UNK C 164 -59.11 22.24 7.24
C UNK C 164 -57.65 21.87 7.05
N UNK C 165 -57.06 22.23 5.91
CA UNK C 165 -55.63 22.04 5.66
C UNK C 165 -54.82 23.10 6.40
N UNK C 166 -54.94 23.07 7.72
CA UNK C 166 -54.10 23.86 8.60
C UNK C 166 -53.54 22.92 9.65
N UNK C 167 -54.36 21.97 10.08
CA UNK C 167 -53.85 20.92 10.94
C UNK C 167 -53.29 19.79 10.11
N UNK C 168 -53.79 19.60 8.88
CA UNK C 168 -53.29 18.52 8.03
C UNK C 168 -51.86 18.77 7.61
N UNK C 169 -51.58 19.92 7.01
CA UNK C 169 -50.22 20.26 6.62
C UNK C 169 -49.39 20.83 7.78
N UNK C 170 -49.80 20.58 9.03
CA UNK C 170 -48.91 20.83 10.16
C UNK C 170 -48.68 19.59 10.98
N UNK C 171 -49.75 18.91 11.38
CA UNK C 171 -49.62 17.80 12.32
C UNK C 171 -49.07 16.56 11.64
N UNK C 172 -49.66 16.15 10.52
CA UNK C 172 -49.23 14.94 9.86
C UNK C 172 -47.91 15.16 9.13
N UNK C 173 -47.90 16.06 8.18
CA UNK C 173 -46.70 16.16 7.35
C UNK C 173 -45.59 16.86 7.98
N UNK C 174 -45.56 17.10 9.28
CA UNK C 174 -44.32 17.27 10.01
C UNK C 174 -43.94 16.04 10.81
N UNK C 175 -44.91 15.21 11.22
CA UNK C 175 -44.57 13.92 11.79
C UNK C 175 -43.88 13.04 10.77
N UNK C 176 -44.25 13.20 9.51
CA UNK C 176 -43.57 12.48 8.44
C UNK C 176 -42.15 12.98 8.27
N UNK C 177 -41.94 14.29 8.32
CA UNK C 177 -40.58 14.77 8.19
C UNK C 177 -39.76 14.39 9.40
N UNK C 178 -40.39 14.24 10.56
CA UNK C 178 -39.72 13.72 11.72
C UNK C 178 -39.44 12.23 11.62
N UNK C 179 -40.20 11.49 10.82
CA UNK C 179 -39.93 10.08 10.66
C UNK C 179 -39.00 9.78 9.51
N UNK C 180 -38.81 10.71 8.58
CA UNK C 180 -37.68 10.63 7.66
C UNK C 180 -36.39 10.97 8.37
N UNK C 181 -36.48 11.44 9.59
CA UNK C 181 -35.31 11.55 10.43
C UNK C 181 -35.09 10.31 11.24
N UNK C 182 -35.94 9.29 11.11
CA UNK C 182 -35.66 8.10 11.90
C UNK C 182 -34.69 7.21 11.15
N UNK C 183 -33.52 7.77 10.85
CA UNK C 183 -32.34 7.11 10.28
C UNK C 183 -32.59 6.53 8.89
N UNK C 184 -33.59 7.06 8.19
CA UNK C 184 -33.89 6.41 6.94
C UNK C 184 -34.30 7.42 5.87
N UNK C 185 -33.37 8.04 5.14
CA UNK C 185 -33.82 8.88 4.01
C UNK C 185 -32.76 8.99 2.90
N UNK C 186 -32.75 8.01 2.00
CA UNK C 186 -31.60 7.82 1.14
C UNK C 186 -31.85 6.78 0.06
N UNK C 187 -30.77 6.24 -0.48
CA UNK C 187 -30.90 5.10 -1.36
C UNK C 187 -30.72 3.76 -0.65
N UNK C 188 -29.52 3.38 -0.22
CA UNK C 188 -29.29 2.01 0.20
C UNK C 188 -29.20 2.01 1.71
N UNK C 189 -30.27 1.57 2.37
CA UNK C 189 -30.38 1.75 3.81
C UNK C 189 -29.95 0.51 4.58
N UNK C 190 -28.92 -0.16 4.14
CA UNK C 190 -27.99 -0.83 5.04
C UNK C 190 -26.75 0.05 5.16
N UNK C 191 -26.95 1.11 5.94
CA UNK C 191 -26.02 2.12 6.43
C UNK C 191 -25.56 3.16 5.42
N UNK C 192 -25.77 2.95 4.13
CA UNK C 192 -25.35 3.98 3.19
C UNK C 192 -26.41 5.08 3.10
N UNK C 193 -26.68 5.75 4.23
CA UNK C 193 -27.98 6.36 4.44
C UNK C 193 -28.06 7.35 5.59
N UNK C 194 -29.29 7.62 6.06
CA UNK C 194 -29.59 8.20 7.39
C UNK C 194 -29.07 9.61 7.56
N UNK C 195 -29.72 10.54 6.88
CA UNK C 195 -29.31 11.93 6.83
C UNK C 195 -30.22 12.80 7.68
N UNK C 196 -30.53 12.35 8.87
CA UNK C 196 -31.34 13.12 9.80
C UNK C 196 -30.55 14.28 10.37
N UNK C 197 -30.27 15.29 9.56
CA UNK C 197 -29.55 16.42 10.11
C UNK C 197 -30.49 17.57 10.45
N UNK C 198 -31.18 18.13 9.46
CA UNK C 198 -32.18 19.20 9.59
C UNK C 198 -31.62 20.38 10.39
N UNK C 199 -30.65 21.04 9.80
CA UNK C 199 -29.95 22.17 10.41
C UNK C 199 -30.51 23.48 9.88
N UNK C 200 -30.99 24.37 10.77
CA UNK C 200 -31.91 25.44 10.41
C UNK C 200 -31.38 26.47 9.42
N UNK C 201 -30.44 27.31 9.82
CA UNK C 201 -29.68 28.08 8.85
C UNK C 201 -28.20 27.76 8.92
N UNK C 202 -27.56 28.01 10.07
CA UNK C 202 -26.21 27.60 10.42
C UNK C 202 -26.05 27.89 11.90
N UNK C 203 -25.50 26.96 12.65
CA UNK C 203 -25.48 27.02 14.11
C UNK C 203 -24.44 26.02 14.60
N UNK C 204 -24.62 25.52 15.83
CA UNK C 204 -24.15 24.19 16.22
C UNK C 204 -25.27 23.51 17.03
N UNK C 205 -26.16 22.77 16.35
CA UNK C 205 -27.50 22.56 16.89
C UNK C 205 -27.68 21.31 17.74
N UNK C 206 -27.63 20.13 17.12
CA UNK C 206 -28.02 18.84 17.72
C UNK C 206 -29.35 18.86 18.48
N UNK C 207 -30.29 19.69 18.05
CA UNK C 207 -31.61 19.79 18.63
C UNK C 207 -32.69 19.23 17.70
N UNK C 208 -32.70 19.67 16.44
CA UNK C 208 -33.37 19.08 15.29
C UNK C 208 -34.88 18.92 15.44
N UNK C 209 -35.49 19.50 16.47
CA UNK C 209 -36.93 19.34 16.67
C UNK C 209 -37.70 20.22 15.71
N UNK C 210 -37.55 21.52 15.86
CA UNK C 210 -38.06 22.45 14.87
C UNK C 210 -36.90 23.26 14.33
N UNK C 211 -35.82 22.58 13.99
CA UNK C 211 -34.64 23.24 13.43
C UNK C 211 -34.76 23.36 11.92
N UNK C 212 -35.87 23.96 11.50
CA UNK C 212 -36.18 24.11 10.08
C UNK C 212 -37.05 25.34 9.94
N UNK C 213 -36.63 26.29 9.11
CA UNK C 213 -37.28 27.60 9.03
C UNK C 213 -38.63 27.45 8.34
N UNK C 214 -39.70 27.59 9.12
CA UNK C 214 -41.06 27.42 8.61
C UNK C 214 -41.62 28.79 8.23
N UNK C 215 -41.01 29.37 7.20
CA UNK C 215 -41.34 30.72 6.76
C UNK C 215 -42.73 30.74 6.13
N UNK C 216 -43.71 31.29 6.84
CA UNK C 216 -45.10 31.19 6.41
C UNK C 216 -45.45 32.40 5.58
N UNK C 217 -45.16 32.32 4.29
CA UNK C 217 -45.63 33.33 3.37
C UNK C 217 -47.14 33.27 3.28
N UNK C 218 -47.77 34.43 3.35
CA UNK C 218 -49.22 34.48 3.30
C UNK C 218 -49.66 35.47 2.23
N UNK D 1 -47.56 -0.51 10.17
CA UNK D 1 -47.71 0.30 11.38
C UNK D 1 -46.48 0.17 12.27
N UNK D 2 -45.46 0.99 12.03
CA UNK D 2 -44.16 0.83 12.67
C UNK D 2 -44.32 1.20 14.13
N UNK D 3 -44.85 0.24 14.89
CA UNK D 3 -45.43 0.54 16.19
C UNK D 3 -44.38 0.87 17.23
N UNK D 4 -43.16 0.38 17.09
CA UNK D 4 -42.13 0.73 18.07
C UNK D 4 -40.78 0.65 17.38
N UNK D 5 -40.29 1.78 16.92
CA UNK D 5 -38.93 1.82 16.38
C UNK D 5 -37.94 1.66 17.53
N UNK D 6 -37.42 0.46 17.73
CA UNK D 6 -36.45 0.21 18.78
C UNK D 6 -35.04 0.41 18.25
N UNK D 7 -34.32 1.37 18.83
CA UNK D 7 -32.98 1.73 18.40
C UNK D 7 -31.96 1.29 19.44
N UNK D 8 -30.88 0.65 18.99
CA UNK D 8 -29.84 0.13 19.85
C UNK D 8 -28.53 0.85 19.55
N UNK D 9 -28.01 1.57 20.52
CA UNK D 9 -26.78 2.32 20.35
C UNK D 9 -25.76 1.88 21.38
N UNK D 10 -24.51 1.74 20.97
CA UNK D 10 -23.44 1.28 21.86
C UNK D 10 -22.10 1.67 21.22
N UNK D 11 -21.02 1.26 21.88
CA UNK D 11 -19.68 1.66 21.49
C UNK D 11 -18.83 0.39 21.41
N UNK D 12 -18.53 -0.04 20.20
CA UNK D 12 -17.70 -1.22 20.00
C UNK D 12 -16.27 -0.83 20.33
N UNK D 13 -15.68 -1.51 21.32
CA UNK D 13 -14.32 -1.24 21.75
C UNK D 13 -13.43 -2.32 21.19
N UNK D 14 -12.58 -1.95 20.25
CA UNK D 14 -11.80 -2.92 19.50
C UNK D 14 -10.70 -3.52 20.36
N UNK D 15 -11.02 -4.61 21.06
CA UNK D 15 -10.09 -5.23 22.01
C UNK D 15 -8.83 -5.65 21.31
N UNK D 16 -8.93 -6.60 20.39
CA UNK D 16 -7.75 -7.02 19.64
C UNK D 16 -7.43 -6.05 18.54
N UNK D 17 -6.53 -6.49 17.67
CA UNK D 17 -5.57 -5.66 16.97
C UNK D 17 -6.15 -4.89 15.80
N UNK D 18 -5.26 -4.54 14.88
CA UNK D 18 -5.50 -3.53 13.88
C UNK D 18 -6.67 -3.93 12.99
N UNK D 19 -7.84 -3.36 13.27
CA UNK D 19 -9.10 -4.01 12.97
C UNK D 19 -9.73 -3.51 11.67
N UNK D 20 -9.05 -3.75 10.55
CA UNK D 20 -9.58 -3.87 9.19
C UNK D 20 -8.46 -4.45 8.33
N UNK D 21 -8.62 -4.43 7.02
CA UNK D 21 -7.58 -5.01 6.18
C UNK D 21 -6.68 -4.02 5.47
N UNK D 22 -5.87 -4.54 4.56
CA UNK D 22 -4.60 -3.97 4.10
C UNK D 22 -4.82 -3.01 2.95
N UNK D 23 -4.10 -1.89 2.89
CA UNK D 23 -3.94 -1.46 1.53
C UNK D 23 -2.55 -1.82 1.01
N UNK D 24 -1.58 -0.93 1.19
CA UNK D 24 -0.22 -0.99 0.68
C UNK D 24 0.45 0.35 1.03
N UNK D 25 1.74 0.54 0.75
CA UNK D 25 2.28 1.88 0.97
C UNK D 25 3.25 2.34 -0.12
N UNK D 26 4.09 1.45 -0.64
CA UNK D 26 5.44 1.89 -0.97
C UNK D 26 5.58 2.48 -2.38
N UNK D 27 5.41 1.66 -3.42
CA UNK D 27 5.43 2.12 -4.80
C UNK D 27 3.98 2.36 -5.26
N UNK D 28 3.77 2.40 -6.57
CA UNK D 28 2.59 2.95 -7.24
C UNK D 28 1.31 2.12 -7.13
N UNK D 29 0.42 2.27 -8.10
CA UNK D 29 -0.99 1.88 -8.04
C UNK D 29 -1.19 0.37 -7.84
N UNK D 30 -2.47 -0.02 -7.78
CA UNK D 30 -2.98 -1.34 -7.35
C UNK D 30 -2.57 -1.64 -5.91
N UNK D 31 -3.13 -0.85 -5.01
CA UNK D 31 -3.26 -1.18 -3.59
C UNK D 31 -4.67 -1.69 -3.32
N UNK D 32 -4.77 -2.88 -2.76
CA UNK D 32 -6.05 -3.60 -2.77
C UNK D 32 -6.82 -3.42 -1.47
N UNK D 33 -7.54 -2.31 -1.40
CA UNK D 33 -8.82 -2.20 -0.68
C UNK D 33 -9.75 -1.33 -1.48
N UNK D 34 -9.75 -1.54 -2.79
CA UNK D 34 -10.14 -0.54 -3.77
C UNK D 34 -11.64 -0.49 -4.07
N UNK D 35 -18.93 -4.61 6.29
CA UNK D 35 -19.96 -3.90 6.99
C UNK D 35 -20.21 -4.58 8.32
N UNK D 36 -20.86 -3.89 9.24
CA UNK D 36 -21.29 -4.55 10.47
C UNK D 36 -22.55 -5.36 10.26
N UNK D 37 -23.24 -5.13 9.14
CA UNK D 37 -24.46 -5.87 8.83
C UNK D 37 -24.14 -7.34 8.66
N UNK D 38 -23.16 -7.66 7.86
CA UNK D 38 -23.14 -9.00 7.36
C UNK D 38 -22.12 -9.91 7.99
N UNK D 39 -21.27 -9.44 8.88
CA UNK D 39 -20.72 -10.41 9.81
C UNK D 39 -21.81 -10.92 10.74
N UNK D 40 -22.77 -10.05 11.06
CA UNK D 40 -23.91 -10.50 11.84
C UNK D 40 -24.80 -11.41 11.02
N UNK D 41 -24.94 -11.17 9.72
CA UNK D 41 -25.67 -12.12 8.88
C UNK D 41 -24.93 -13.44 8.79
N UNK D 42 -23.66 -13.42 8.40
CA UNK D 42 -22.90 -14.66 8.20
C UNK D 42 -22.55 -15.36 9.47
N UNK D 43 -22.84 -14.76 10.63
CA UNK D 43 -22.73 -15.50 11.86
C UNK D 43 -24.09 -15.98 12.36
N UNK D 44 -25.15 -15.21 12.17
CA UNK D 44 -26.47 -15.67 12.57
C UNK D 44 -26.90 -16.85 11.74
N UNK D 45 -26.64 -16.80 10.43
CA UNK D 45 -26.99 -17.90 9.56
C UNK D 45 -26.11 -19.11 9.84
N UNK D 46 -24.81 -18.89 10.06
CA UNK D 46 -23.94 -20.02 10.37
C UNK D 46 -24.19 -20.56 11.77
N UNK D 47 -24.90 -19.81 12.60
CA UNK D 47 -25.35 -20.33 13.87
C UNK D 47 -26.56 -21.23 13.67
N UNK D 48 -27.57 -20.72 12.99
CA UNK D 48 -28.80 -21.48 12.77
C UNK D 48 -28.55 -22.65 11.82
N UNK D 49 -29.51 -23.56 11.77
CA UNK D 49 -29.41 -24.79 10.98
C UNK D 49 -29.30 -24.51 9.49
N UNK D 50 -28.16 -24.88 8.93
CA UNK D 50 -27.85 -24.51 7.56
C UNK D 50 -28.67 -25.29 6.55
N UNK D 51 -29.96 -24.93 6.42
CA UNK D 51 -30.64 -24.96 5.14
C UNK D 51 -30.47 -23.61 4.45
N UNK D 52 -29.63 -22.77 5.03
CA UNK D 52 -29.36 -21.43 4.53
C UNK D 52 -27.89 -21.31 4.17
N UNK D 53 -26.99 -21.68 5.08
CA UNK D 53 -25.59 -21.67 4.71
C UNK D 53 -25.34 -22.78 3.71
N UNK D 54 -25.51 -24.02 4.14
CA UNK D 54 -25.12 -25.17 3.34
C UNK D 54 -25.99 -25.39 2.11
N UNK D 55 -27.20 -24.83 2.05
CA UNK D 55 -28.14 -25.25 1.02
C UNK D 55 -28.27 -24.24 -0.10
N UNK D 56 -28.74 -23.04 0.17
CA UNK D 56 -29.16 -22.31 -1.01
C UNK D 56 -28.00 -21.50 -1.53
N UNK D 57 -28.27 -20.69 -2.56
CA UNK D 57 -27.32 -20.49 -3.64
C UNK D 57 -26.14 -19.63 -3.27
N UNK D 58 -25.32 -19.36 -4.27
CA UNK D 58 -24.05 -18.73 -4.00
C UNK D 58 -23.65 -17.93 -5.21
N UNK D 59 -22.47 -17.32 -5.15
CA UNK D 59 -21.91 -16.39 -6.12
C UNK D 59 -22.83 -15.22 -6.41
N UNK D 60 -23.75 -14.92 -5.51
CA UNK D 60 -24.94 -14.16 -5.82
C UNK D 60 -25.60 -13.82 -4.51
N UNK D 61 -26.85 -13.38 -4.59
CA UNK D 61 -27.64 -12.96 -3.45
C UNK D 61 -27.91 -14.09 -2.47
N UNK D 62 -28.60 -13.75 -1.39
CA UNK D 62 -28.65 -14.59 -0.21
C UNK D 62 -29.43 -15.87 -0.41
N UNK D 63 -29.56 -16.63 0.65
CA UNK D 63 -29.72 -18.05 0.46
C UNK D 63 -30.81 -18.64 1.33
N UNK D 64 -32.02 -18.10 1.29
CA UNK D 64 -33.03 -18.57 2.21
C UNK D 64 -34.35 -18.79 1.47
N UNK D 65 -35.40 -18.97 2.25
CA UNK D 65 -36.52 -19.78 1.83
C UNK D 65 -37.74 -18.94 1.51
N UNK D 66 -38.84 -19.62 1.22
CA UNK D 66 -40.12 -18.99 1.09
C UNK D 66 -40.54 -18.43 2.43
N UNK D 67 -40.87 -19.32 3.38
CA UNK D 67 -40.78 -19.19 4.84
C UNK D 67 -41.11 -17.79 5.37
N UNK D 68 -42.34 -17.33 5.10
CA UNK D 68 -42.76 -15.95 5.33
C UNK D 68 -42.59 -15.44 6.75
N UNK D 69 -42.52 -16.36 7.71
CA UNK D 69 -42.24 -16.08 9.11
C UNK D 69 -40.80 -16.43 9.47
N UNK D 70 -39.84 -16.10 8.60
CA UNK D 70 -38.46 -16.53 8.74
C UNK D 70 -37.78 -15.92 9.96
N UNK D 71 -36.59 -16.38 10.22
CA UNK D 71 -35.76 -15.65 11.15
C UNK D 71 -34.82 -14.72 10.40
N UNK D 72 -33.93 -15.26 9.59
CA UNK D 72 -32.86 -14.47 9.02
C UNK D 72 -33.22 -13.80 7.72
N UNK D 73 -34.49 -13.67 7.43
CA UNK D 73 -34.98 -12.84 6.34
C UNK D 73 -35.95 -11.79 6.79
N UNK D 74 -36.73 -12.06 7.82
CA UNK D 74 -37.36 -10.99 8.56
C UNK D 74 -36.24 -10.15 9.14
N UNK D 75 -35.49 -10.69 10.10
CA UNK D 75 -34.77 -9.78 10.99
C UNK D 75 -33.48 -9.25 10.39
N UNK D 76 -32.43 -10.06 10.36
CA UNK D 76 -31.09 -9.48 10.19
C UNK D 76 -30.76 -9.17 8.75
N UNK D 77 -31.72 -9.27 7.86
CA UNK D 77 -31.52 -9.13 6.44
C UNK D 77 -32.90 -9.03 5.82
N UNK D 78 -32.94 -9.18 4.49
CA UNK D 78 -34.17 -9.24 3.72
C UNK D 78 -33.89 -10.04 2.44
N UNK D 79 -34.77 -9.89 1.46
CA UNK D 79 -34.63 -10.54 0.17
C UNK D 79 -35.30 -9.65 -0.87
N UNK D 80 -35.62 -10.19 -2.03
CA UNK D 80 -35.99 -9.38 -3.18
C UNK D 80 -36.97 -10.07 -4.13
N UNK D 81 -36.91 -9.67 -5.40
CA UNK D 81 -37.77 -10.08 -6.52
C UNK D 81 -37.97 -11.58 -6.70
N UNK D 82 -39.02 -11.93 -7.42
CA UNK D 82 -39.55 -13.29 -7.42
C UNK D 82 -40.50 -13.47 -8.60
N UNK D 83 -41.32 -14.52 -8.53
CA UNK D 83 -42.53 -14.64 -9.31
C UNK D 83 -43.77 -14.64 -8.44
N UNK D 84 -43.88 -15.55 -7.49
CA UNK D 84 -45.00 -15.57 -6.57
C UNK D 84 -44.53 -15.54 -5.12
N UNK D 85 -43.24 -15.36 -4.90
CA UNK D 85 -42.72 -15.04 -3.58
C UNK D 85 -42.65 -13.54 -3.36
N UNK D 86 -43.19 -12.75 -4.29
CA UNK D 86 -43.61 -11.39 -3.95
C UNK D 86 -44.87 -11.41 -3.10
N UNK D 87 -45.59 -12.52 -3.11
CA UNK D 87 -46.65 -12.75 -2.13
C UNK D 87 -46.13 -13.24 -0.80
N UNK D 88 -44.80 -13.32 -0.64
CA UNK D 88 -44.25 -13.45 0.69
C UNK D 88 -44.06 -12.12 1.38
N UNK D 89 -44.65 -11.04 0.86
CA UNK D 89 -44.51 -9.73 1.49
C UNK D 89 -45.37 -9.61 2.74
N UNK D 90 -46.23 -10.59 2.98
CA UNK D 90 -46.83 -10.73 4.29
C UNK D 90 -45.75 -11.00 5.34
N UNK D 91 -46.11 -10.71 6.59
CA UNK D 91 -45.26 -10.84 7.78
C UNK D 91 -43.96 -10.03 7.66
N UNK D 92 -44.16 -8.71 7.64
CA UNK D 92 -43.19 -7.61 7.71
C UNK D 92 -42.31 -7.52 6.47
N UNK D 93 -42.41 -8.45 5.53
CA UNK D 93 -41.27 -8.79 4.69
C UNK D 93 -41.08 -7.86 3.49
N UNK D 94 -41.98 -6.91 3.25
CA UNK D 94 -41.70 -5.79 2.34
C UNK D 94 -41.03 -4.65 3.08
N UNK D 95 -40.57 -4.92 4.30
CA UNK D 95 -39.74 -4.00 5.07
C UNK D 95 -38.59 -4.80 5.68
N UNK D 96 -37.37 -4.46 5.34
CA UNK D 96 -36.20 -5.05 5.97
C UNK D 96 -36.14 -4.56 7.41
N UNK D 97 -36.41 -5.42 8.36
CA UNK D 97 -36.72 -4.92 9.69
C UNK D 97 -35.49 -4.62 10.55
N UNK D 98 -34.33 -4.30 9.97
CA UNK D 98 -33.19 -3.79 10.74
C UNK D 98 -32.24 -3.03 9.84
N UNK D 99 -31.88 -1.83 10.24
CA UNK D 99 -31.09 -0.98 9.34
C UNK D 99 -29.86 -0.46 10.11
N UNK D 100 -28.79 -1.23 10.12
CA UNK D 100 -27.59 -0.89 10.85
C UNK D 100 -26.89 0.30 10.21
N UNK D 101 -26.00 0.93 10.96
CA UNK D 101 -25.44 2.20 10.53
C UNK D 101 -23.97 2.30 10.91
N UNK D 102 -23.28 3.25 10.28
CA UNK D 102 -21.83 3.38 10.28
C UNK D 102 -21.32 3.94 11.60
N UNK D 103 -20.07 4.38 11.65
CA UNK D 103 -19.50 4.59 12.98
C UNK D 103 -18.52 5.74 13.00
N UNK D 104 -17.71 5.79 14.04
CA UNK D 104 -16.72 6.84 14.29
C UNK D 104 -15.80 6.42 15.42
N UNK D 105 -14.59 6.99 15.39
CA UNK D 105 -13.43 6.74 16.24
C UNK D 105 -13.35 7.73 17.43
N UNK D 106 -12.14 7.90 17.99
CA UNK D 106 -11.81 8.72 19.16
C UNK D 106 -10.73 9.77 18.86
N UNK D 107 -10.17 10.33 19.93
CA UNK D 107 -9.28 11.48 19.82
C UNK D 107 -7.94 11.22 20.48
N UNK D 108 -7.37 10.06 20.24
CA UNK D 108 -5.96 9.82 20.51
C UNK D 108 -5.17 10.03 19.22
N UNK D 109 -5.06 11.29 18.83
CA UNK D 109 -4.23 11.66 17.71
C UNK D 109 -2.78 11.80 18.12
N UNK D 110 -2.49 11.83 19.41
CA UNK D 110 -1.16 11.48 19.88
C UNK D 110 -0.99 10.00 19.62
N UNK D 111 -0.20 9.65 18.59
CA UNK D 111 -0.31 8.35 17.94
C UNK D 111 0.15 7.24 18.86
N UNK D 112 -0.77 6.31 19.18
CA UNK D 112 -0.68 5.45 20.37
C UNK D 112 -0.91 3.97 20.05
N UNK D 113 -0.22 3.47 19.03
CA UNK D 113 -0.04 2.03 18.87
C UNK D 113 1.02 1.49 19.80
N UNK D 114 1.64 2.39 20.59
CA UNK D 114 2.93 2.21 21.24
C UNK D 114 2.83 1.90 22.72
N UNK D 115 1.63 1.69 23.24
CA UNK D 115 1.44 1.25 24.61
C UNK D 115 1.87 -0.21 24.81
N UNK D 116 8.25 -1.46 33.75
CA UNK D 116 8.30 -0.77 32.46
C UNK D 116 8.18 -1.70 31.25
N UNK D 117 7.76 -1.16 30.11
CA UNK D 117 7.59 -1.92 28.87
C UNK D 117 8.52 -1.45 27.76
N UNK D 118 8.45 -0.18 27.37
CA UNK D 118 9.40 0.67 26.66
C UNK D 118 9.47 0.53 25.12
N UNK D 119 8.59 -0.24 24.47
CA UNK D 119 8.44 -0.22 23.00
C UNK D 119 7.03 -0.72 22.67
N UNK D 120 6.71 -0.83 21.37
CA UNK D 120 5.35 -1.20 20.97
C UNK D 120 5.08 -2.66 21.28
N UNK D 121 4.98 -3.00 22.58
CA UNK D 121 5.36 -4.31 23.08
C UNK D 121 4.29 -5.36 22.92
N UNK D 122 4.58 -6.37 22.07
CA UNK D 122 3.79 -7.58 21.87
C UNK D 122 2.39 -7.30 21.34
N UNK D 123 2.31 -6.83 20.09
CA UNK D 123 1.06 -6.34 19.56
C UNK D 123 0.94 -6.52 18.06
N UNK D 124 -2.08 2.40 12.65
CA UNK D 124 -0.91 1.55 12.51
C UNK D 124 -0.53 1.53 11.05
N UNK D 125 0.57 0.87 10.71
CA UNK D 125 0.75 0.37 9.36
C UNK D 125 1.62 -0.87 9.50
N UNK D 126 0.98 -2.00 9.74
CA UNK D 126 1.70 -3.19 10.15
C UNK D 126 2.42 -3.81 8.95
N UNK D 127 3.70 -4.09 9.12
CA UNK D 127 4.48 -4.85 8.18
C UNK D 127 4.30 -6.33 8.46
N UNK D 128 4.21 -7.15 7.41
CA UNK D 128 4.08 -8.61 7.52
C UNK D 128 5.08 -9.25 6.57
N UNK D 129 5.16 -10.60 6.51
CA UNK D 129 6.20 -11.20 5.65
C UNK D 129 5.70 -12.15 4.56
N UNK D 130 5.03 -13.26 4.90
CA UNK D 130 4.79 -14.44 4.03
C UNK D 130 6.07 -15.11 3.51
N UNK D 131 6.83 -15.72 4.42
CA UNK D 131 8.10 -16.36 4.08
C UNK D 131 7.89 -17.70 3.42
N UNK D 132 8.54 -17.90 2.27
CA UNK D 132 8.26 -18.99 1.34
C UNK D 132 8.68 -20.33 1.92
N UNK D 133 7.70 -21.20 2.19
CA UNK D 133 7.82 -22.28 3.17
C UNK D 133 8.85 -23.36 2.88
N UNK D 134 9.52 -23.31 1.74
CA UNK D 134 10.58 -24.26 1.44
C UNK D 134 11.77 -23.56 0.81
N UNK D 135 12.24 -22.48 1.45
CA UNK D 135 13.56 -21.90 1.22
C UNK D 135 13.73 -21.29 -0.18
N UNK D 136 13.17 -20.09 -0.33
CA UNK D 136 13.46 -19.21 -1.46
C UNK D 136 13.32 -17.79 -0.93
N UNK D 137 13.11 -16.81 -1.82
CA UNK D 137 12.90 -15.43 -1.37
C UNK D 137 11.55 -15.28 -0.66
N UNK D 138 11.47 -14.33 0.27
CA UNK D 138 10.26 -14.02 1.02
C UNK D 138 9.64 -12.76 0.47
N UNK D 139 8.37 -12.52 0.77
CA UNK D 139 7.54 -11.67 -0.08
C UNK D 139 7.69 -10.17 0.21
N UNK D 140 6.99 -9.64 1.22
CA UNK D 140 6.84 -8.21 1.50
C UNK D 140 5.81 -8.08 2.59
N UNK D 141 5.16 -6.91 2.68
CA UNK D 141 4.47 -6.43 3.87
C UNK D 141 3.18 -5.62 3.64
N UNK D 142 2.90 -4.74 4.62
CA UNK D 142 2.07 -3.52 4.68
C UNK D 142 0.56 -3.55 4.92
N UNK D 143 0.06 -4.38 5.83
CA UNK D 143 -1.34 -4.26 6.25
C UNK D 143 -1.53 -3.05 7.15
N UNK D 144 -2.57 -2.27 6.90
CA UNK D 144 -2.65 -0.90 7.38
C UNK D 144 -3.95 -0.60 8.10
N UNK D 145 -4.04 -0.87 9.40
CA UNK D 145 -5.35 -0.88 10.01
C UNK D 145 -5.34 -0.29 11.43
N UNK D 146 -6.53 0.12 11.88
CA UNK D 146 -6.70 1.05 13.00
C UNK D 146 -6.42 0.39 14.33
N UNK D 147 -5.68 1.12 15.18
CA UNK D 147 -5.04 0.59 16.37
C UNK D 147 -6.05 0.04 17.35
N UNK D 148 -5.60 -0.89 18.18
CA UNK D 148 -6.51 -1.47 19.15
C UNK D 148 -6.74 -0.51 20.29
N UNK D 149 -7.85 -0.72 20.99
CA UNK D 149 -8.50 0.15 21.98
C UNK D 149 -9.00 1.49 21.42
N UNK D 150 -8.93 1.68 20.11
CA UNK D 150 -9.76 2.70 19.50
C UNK D 150 -11.20 2.22 19.51
N UNK D 151 -12.07 3.00 20.11
CA UNK D 151 -13.44 2.59 20.38
C UNK D 151 -14.36 3.28 19.39
N UNK D 152 -14.86 2.53 18.43
CA UNK D 152 -15.82 3.09 17.51
C UNK D 152 -17.20 3.07 18.16
N UNK D 153 -18.12 3.86 17.61
CA UNK D 153 -19.47 3.98 18.17
C UNK D 153 -20.51 3.59 17.12
N UNK D 154 -21.36 2.61 17.41
CA UNK D 154 -22.25 2.04 16.42
C UNK D 154 -23.67 1.91 16.95
N UNK D 155 -24.65 2.22 16.10
CA UNK D 155 -26.08 2.16 16.41
C UNK D 155 -26.83 1.48 15.27
N UNK D 156 -28.00 0.93 15.59
CA UNK D 156 -28.78 0.12 14.67
C UNK D 156 -30.22 0.04 15.16
N UNK D 157 -31.18 0.35 14.27
CA UNK D 157 -32.59 0.40 14.62
C UNK D 157 -33.38 -0.69 13.92
N UNK D 158 -34.32 -1.31 14.63
CA UNK D 158 -35.08 -2.46 14.13
C UNK D 158 -36.56 -2.11 14.11
N UNK D 159 -37.06 -1.70 12.94
CA UNK D 159 -38.34 -1.03 12.81
C UNK D 159 -39.48 -2.01 13.06
N UNK D 160 -39.74 -2.28 14.34
CA UNK D 160 -40.45 -3.48 14.79
C UNK D 160 -41.92 -3.41 14.45
N UNK D 161 -42.20 -3.62 13.16
CA UNK D 161 -43.48 -3.28 12.56
C UNK D 161 -44.54 -4.38 12.71
N UNK D 162 -44.44 -5.25 13.71
CA UNK D 162 -45.41 -6.31 13.89
C UNK D 162 -45.40 -6.76 15.35
N UNK D 163 -46.01 -7.92 15.62
CA UNK D 163 -46.10 -8.44 16.97
C UNK D 163 -44.96 -9.38 17.29
N UNK D 164 -44.81 -10.45 16.52
CA UNK D 164 -43.70 -11.36 16.70
C UNK D 164 -42.40 -10.77 16.23
N UNK D 165 -42.44 -9.74 15.38
CA UNK D 165 -41.23 -9.18 14.79
C UNK D 165 -40.36 -8.44 15.80
N UNK D 166 -40.85 -8.25 17.03
CA UNK D 166 -40.04 -7.76 18.14
C UNK D 166 -39.60 -8.88 19.05
N UNK D 167 -40.41 -9.93 19.18
CA UNK D 167 -39.95 -11.12 19.86
C UNK D 167 -38.74 -11.72 19.17
N UNK D 168 -38.74 -11.70 17.85
CA UNK D 168 -37.54 -12.07 17.11
C UNK D 168 -36.44 -11.05 17.34
N UNK D 169 -36.76 -9.75 17.28
CA UNK D 169 -35.74 -8.71 17.39
C UNK D 169 -35.13 -8.63 18.78
N UNK D 170 -35.69 -9.30 19.77
CA UNK D 170 -34.86 -9.72 20.90
C UNK D 170 -34.16 -11.02 20.56
N UNK D 171 -34.95 -12.11 20.46
CA UNK D 171 -34.47 -13.45 20.74
C UNK D 171 -33.48 -13.97 19.72
N UNK D 172 -33.34 -13.30 18.60
CA UNK D 172 -32.26 -13.63 17.69
C UNK D 172 -31.37 -12.44 17.38
N UNK D 173 -31.81 -11.20 17.58
CA UNK D 173 -30.91 -10.11 17.26
C UNK D 173 -29.87 -9.93 18.33
N UNK D 174 -30.24 -10.08 19.60
CA UNK D 174 -29.22 -10.11 20.63
C UNK D 174 -28.32 -11.34 20.49
N UNK D 175 -28.87 -12.43 19.94
CA UNK D 175 -28.06 -13.60 19.63
C UNK D 175 -27.05 -13.30 18.54
N UNK D 176 -27.47 -12.60 17.49
CA UNK D 176 -26.59 -12.28 16.38
C UNK D 176 -25.71 -11.09 16.66
N UNK D 177 -25.81 -10.50 17.84
CA UNK D 177 -24.69 -9.73 18.32
C UNK D 177 -23.78 -10.56 19.21
N UNK D 178 -24.38 -11.39 20.07
CA UNK D 178 -23.64 -12.18 21.05
C UNK D 178 -22.67 -13.12 20.38
N UNK D 179 -23.03 -13.63 19.22
CA UNK D 179 -22.06 -14.34 18.42
C UNK D 179 -21.16 -13.42 17.62
N UNK D 180 -21.41 -12.11 17.58
CA UNK D 180 -20.38 -11.27 17.00
C UNK D 180 -19.36 -10.89 18.03
N UNK D 181 -19.61 -11.22 19.30
CA UNK D 181 -18.60 -10.98 20.33
C UNK D 181 -17.62 -12.14 20.47
N UNK D 182 -18.12 -13.39 20.37
CA UNK D 182 -17.22 -14.54 20.35
C UNK D 182 -16.35 -14.52 19.11
N UNK D 183 -16.96 -14.52 17.93
CA UNK D 183 -16.25 -14.28 16.69
C UNK D 183 -15.99 -12.79 16.51
N UNK D 184 -15.65 -12.35 15.30
CA UNK D 184 -14.93 -11.09 15.21
C UNK D 184 -15.37 -10.22 14.04
N UNK D 185 -16.23 -9.24 14.30
CA UNK D 185 -16.91 -8.43 13.28
C UNK D 185 -15.93 -7.46 12.63
N UNK D 186 -15.01 -8.03 11.88
CA UNK D 186 -13.74 -7.43 11.51
C UNK D 186 -13.40 -7.93 10.12
N UNK D 187 -12.13 -7.90 9.78
CA UNK D 187 -11.78 -8.05 8.38
C UNK D 187 -10.64 -9.00 8.04
N UNK D 188 -9.81 -9.43 8.97
CA UNK D 188 -8.85 -10.48 8.66
C UNK D 188 -8.65 -11.22 9.96
N UNK D 189 -9.39 -12.29 10.17
CA UNK D 189 -9.38 -12.91 11.48
C UNK D 189 -8.24 -13.92 11.62
N UNK D 190 -7.10 -13.66 10.96
CA UNK D 190 -5.78 -14.07 11.43
C UNK D 190 -5.22 -12.97 12.34
N UNK D 191 -6.00 -12.73 13.39
CA UNK D 191 -5.92 -11.87 14.57
C UNK D 191 -6.25 -10.41 14.37
N UNK D 192 -6.36 -9.88 13.16
CA UNK D 192 -6.62 -8.45 13.00
C UNK D 192 -8.11 -8.17 13.25
N UNK D 193 -8.53 -8.36 14.50
CA UNK D 193 -9.86 -8.87 14.81
C UNK D 193 -10.49 -8.42 16.13
N UNK D 194 -11.50 -9.19 16.52
CA UNK D 194 -12.08 -9.29 17.88
C UNK D 194 -12.56 -7.97 18.39
N UNK D 195 -13.07 -7.15 17.49
CA UNK D 195 -13.68 -5.88 17.84
C UNK D 195 -14.96 -6.21 18.56
N UNK D 196 -14.85 -6.39 19.86
CA UNK D 196 -15.98 -6.83 20.64
C UNK D 196 -15.75 -6.42 22.08
N UNK D 197 -16.32 -5.36 22.47
CA UNK D 197 -16.55 -5.31 23.90
C UNK D 197 -17.99 -4.94 24.20
N UNK D 198 -18.61 -4.12 23.34
CA UNK D 198 -20.01 -3.71 23.44
C UNK D 198 -20.29 -3.07 24.81
N UNK D 199 -19.69 -1.91 25.01
CA UNK D 199 -19.89 -1.07 26.18
C UNK D 199 -21.18 -0.26 26.02
N UNK D 200 -21.68 0.28 27.12
CA UNK D 200 -23.03 0.87 27.06
C UNK D 200 -23.04 2.31 26.56
N UNK D 201 -22.59 3.26 27.38
CA UNK D 201 -22.73 4.65 26.98
C UNK D 201 -21.37 5.33 26.87
N UNK D 202 -20.66 5.49 27.98
CA UNK D 202 -19.26 5.83 28.01
C UNK D 202 -18.58 5.12 29.16
N UNK D 203 -19.34 4.27 29.86
CA UNK D 203 -19.10 3.90 31.25
C UNK D 203 -17.78 3.17 31.41
N UNK D 204 -17.27 3.21 32.64
CA UNK D 204 -16.00 2.58 32.99
C UNK D 204 -16.23 1.59 34.13
N UNK D 205 -16.68 0.38 33.80
CA UNK D 205 -16.53 -0.78 34.66
C UNK D 205 -16.30 -2.09 33.91
N UNK D 206 -16.75 -2.16 32.64
CA UNK D 206 -16.66 -3.31 31.72
C UNK D 206 -17.40 -4.56 32.21
N UNK D 207 -18.74 -4.44 32.25
CA UNK D 207 -19.62 -5.57 32.56
C UNK D 207 -19.95 -6.42 31.31
N UNK D 208 -20.46 -5.78 30.25
CA UNK D 208 -20.59 -6.22 28.84
C UNK D 208 -21.61 -7.31 28.57
N UNK D 209 -22.34 -7.80 29.56
CA UNK D 209 -23.33 -8.87 29.31
C UNK D 209 -24.50 -8.36 28.48
N UNK D 210 -25.21 -7.34 28.98
CA UNK D 210 -26.29 -6.69 28.25
C UNK D 210 -25.99 -5.25 27.93
N UNK D 211 -24.72 -4.86 27.89
CA UNK D 211 -24.31 -3.45 27.79
C UNK D 211 -24.41 -2.91 26.36
N UNK D 212 -25.59 -3.04 25.78
CA UNK D 212 -25.96 -2.32 24.57
C UNK D 212 -27.23 -1.55 24.89
N UNK D 213 -27.26 -0.26 24.57
CA UNK D 213 -28.33 0.61 25.03
C UNK D 213 -29.41 0.67 23.98
N UNK D 214 -30.59 0.15 24.33
CA UNK D 214 -31.72 0.00 23.41
C UNK D 214 -32.88 0.87 23.88
N UNK D 215 -32.97 2.06 23.32
CA UNK D 215 -34.11 2.93 23.52
C UNK D 215 -35.21 2.54 22.54
N UNK D 216 -36.45 2.93 22.83
CA UNK D 216 -37.61 2.46 22.07
C UNK D 216 -38.52 3.62 21.68
N UNK D 217 -38.19 4.31 20.59
CA UNK D 217 -38.85 5.57 20.27
C UNK D 217 -40.24 5.31 19.69
N UNK D 218 -41.15 4.92 20.57
CA UNK D 218 -42.52 4.54 20.23
C UNK D 218 -43.31 5.63 19.53
N UNK E 1 -23.35 -25.44 10.26
CA UNK E 1 -23.64 -25.08 11.64
C UNK E 1 -22.35 -24.91 12.41
N UNK E 2 -22.05 -23.71 12.86
CA UNK E 2 -20.95 -23.51 13.80
C UNK E 2 -21.41 -24.05 15.14
N UNK E 3 -21.28 -25.37 15.29
CA UNK E 3 -21.93 -26.09 16.38
C UNK E 3 -21.29 -25.77 17.73
N UNK E 4 -20.00 -26.05 17.88
CA UNK E 4 -19.25 -25.67 19.07
C UNK E 4 -18.15 -24.70 18.68
N UNK E 5 -17.77 -23.84 19.63
CA UNK E 5 -16.66 -22.92 19.43
C UNK E 5 -15.71 -23.10 20.58
N UNK E 6 -14.60 -23.80 20.35
CA UNK E 6 -13.65 -24.08 21.41
C UNK E 6 -12.62 -22.97 21.41
N UNK E 7 -12.28 -22.49 22.59
CA UNK E 7 -11.46 -21.29 22.75
C UNK E 7 -10.29 -21.63 23.64
N UNK E 8 -9.12 -21.84 23.04
CA UNK E 8 -7.94 -22.00 23.85
C UNK E 8 -7.51 -20.63 24.35
N UNK E 9 -7.06 -20.58 25.59
CA UNK E 9 -6.61 -19.31 26.16
C UNK E 9 -5.54 -19.63 27.18
N UNK E 10 -4.37 -19.02 27.03
CA UNK E 10 -3.26 -19.39 27.87
C UNK E 10 -2.36 -18.19 28.08
N UNK E 11 -1.36 -18.38 28.94
CA UNK E 11 -0.29 -17.42 29.15
C UNK E 11 1.02 -18.08 28.72
N UNK E 12 1.63 -17.53 27.67
CA UNK E 12 2.87 -18.05 27.09
C UNK E 12 4.01 -17.27 27.70
N UNK E 13 4.77 -17.92 28.59
CA UNK E 13 6.00 -17.35 29.09
C UNK E 13 6.97 -17.17 27.94
N UNK E 14 7.86 -16.22 28.07
CA UNK E 14 9.04 -16.25 27.24
C UNK E 14 10.12 -16.85 28.13
N UNK E 15 9.96 -18.14 28.46
CA UNK E 15 10.87 -18.83 29.37
C UNK E 15 12.28 -18.86 28.82
N UNK E 16 12.41 -18.85 27.51
CA UNK E 16 13.69 -18.71 26.85
C UNK E 16 14.03 -17.23 26.76
N UNK E 17 14.87 -16.84 25.83
CA UNK E 17 15.21 -15.44 25.69
C UNK E 17 14.06 -14.65 25.06
N UNK E 18 14.34 -13.46 24.56
CA UNK E 18 13.30 -12.55 24.11
C UNK E 18 12.63 -13.05 22.82
N UNK E 19 11.71 -12.26 22.28
CA UNK E 19 10.87 -12.74 21.18
C UNK E 19 10.79 -11.74 20.04
N UNK E 20 11.92 -11.23 19.53
CA UNK E 20 11.80 -10.13 18.60
C UNK E 20 13.07 -9.93 17.78
N UNK E 21 13.14 -8.79 17.07
CA UNK E 21 14.04 -8.55 15.94
C UNK E 21 14.59 -7.13 16.00
N UNK E 22 15.12 -6.67 14.87
CA UNK E 22 16.26 -5.75 14.77
C UNK E 22 16.03 -4.31 14.33
N UNK E 23 14.99 -3.66 14.83
CA UNK E 23 14.92 -2.22 14.75
C UNK E 23 16.13 -1.63 15.49
N UNK E 24 16.75 -0.58 14.90
CA UNK E 24 18.09 -0.05 15.19
C UNK E 24 18.08 1.08 16.23
N UNK E 25 19.18 1.86 16.29
CA UNK E 25 19.28 3.02 17.18
C UNK E 25 19.67 4.35 16.54
N UNK E 26 20.85 4.49 15.92
CA UNK E 26 21.45 5.84 15.79
C UNK E 26 21.72 6.27 14.35
N UNK E 27 20.65 6.58 13.63
CA UNK E 27 20.70 6.66 12.17
C UNK E 27 19.36 7.17 11.65
N UNK E 28 19.14 6.96 10.35
CA UNK E 28 17.97 7.41 9.62
C UNK E 28 16.73 6.57 9.96
N UNK E 29 15.65 6.84 9.21
CA UNK E 29 14.29 6.42 9.51
C UNK E 29 13.94 5.10 8.82
N UNK E 30 12.64 4.76 8.81
CA UNK E 30 12.05 3.62 8.10
C UNK E 30 12.60 2.26 8.57
N UNK E 31 12.16 1.88 9.77
CA UNK E 31 12.54 0.64 10.44
C UNK E 31 11.57 -0.52 10.12
N UNK E 32 11.59 -1.55 10.94
CA UNK E 32 11.08 -2.89 10.63
C UNK E 32 10.28 -3.36 11.84
N UNK E 33 10.09 -4.66 11.98
CA UNK E 33 9.23 -5.11 13.08
C UNK E 33 9.72 -6.45 13.61
N UNK E 34 8.85 -7.15 14.34
CA UNK E 34 9.13 -8.41 15.03
C UNK E 34 7.89 -9.16 15.55
N UNK E 35 0.83 -13.57 11.69
CA UNK E 35 0.90 -13.46 13.13
C UNK E 35 2.00 -14.37 13.77
N UNK E 36 1.56 -15.11 14.78
CA UNK E 36 2.28 -16.22 15.39
C UNK E 36 1.36 -17.39 15.60
N UNK E 37 0.47 -17.57 14.63
CA UNK E 37 -0.17 -18.79 14.17
C UNK E 37 0.52 -19.26 12.93
N UNK E 38 1.09 -18.35 12.19
CA UNK E 38 1.67 -18.75 10.93
C UNK E 38 2.99 -19.47 11.13
N UNK E 39 3.66 -19.26 12.27
CA UNK E 39 4.74 -20.17 12.61
C UNK E 39 4.18 -21.53 12.96
N UNK E 40 2.93 -21.59 13.44
CA UNK E 40 2.36 -22.92 13.61
C UNK E 40 1.93 -23.51 12.27
N UNK E 41 1.62 -22.69 11.28
CA UNK E 41 1.25 -23.24 9.98
C UNK E 41 2.48 -23.73 9.22
N UNK E 42 3.56 -22.97 9.27
CA UNK E 42 4.83 -23.43 8.72
C UNK E 42 5.68 -24.18 9.71
N UNK E 43 5.08 -24.70 10.78
CA UNK E 43 5.68 -25.80 11.53
C UNK E 43 4.68 -26.91 11.79
N UNK E 44 3.53 -26.88 11.13
CA UNK E 44 2.72 -28.08 10.97
C UNK E 44 2.37 -28.32 9.51
N UNK E 45 3.01 -27.59 8.61
CA UNK E 45 3.13 -27.95 7.21
C UNK E 45 4.45 -28.62 6.93
N UNK E 46 5.26 -28.84 7.94
CA UNK E 46 6.57 -29.46 7.76
C UNK E 46 6.89 -30.41 8.90
N UNK E 47 5.90 -30.78 9.67
CA UNK E 47 6.13 -31.66 10.80
C UNK E 47 5.05 -32.71 10.88
N UNK E 48 4.20 -32.76 9.87
CA UNK E 48 3.34 -33.91 9.61
C UNK E 48 4.06 -34.96 8.78
N UNK E 49 5.40 -34.93 8.79
CA UNK E 49 6.26 -35.40 7.71
C UNK E 49 5.64 -35.04 6.37
N UNK E 50 5.28 -33.78 6.25
CA UNK E 50 4.34 -33.37 5.22
C UNK E 50 5.15 -33.13 3.96
N UNK E 51 4.97 -34.04 3.02
CA UNK E 51 5.84 -34.04 1.85
C UNK E 51 5.26 -33.19 0.74
N UNK E 52 3.99 -33.41 0.41
CA UNK E 52 3.35 -32.61 -0.62
C UNK E 52 3.18 -31.17 -0.15
N UNK E 53 2.97 -30.97 1.15
CA UNK E 53 2.78 -29.64 1.67
C UNK E 53 4.06 -28.82 1.61
N UNK E 54 5.20 -29.41 1.98
CA UNK E 54 6.46 -28.68 1.98
C UNK E 54 7.12 -28.62 0.62
N UNK E 55 6.39 -28.92 -0.46
CA UNK E 55 6.85 -28.73 -1.83
C UNK E 55 5.83 -27.88 -2.56
N UNK E 56 5.50 -26.74 -1.96
CA UNK E 56 4.48 -25.78 -2.42
C UNK E 56 4.99 -24.91 -3.55
N UNK E 57 4.28 -23.82 -3.84
CA UNK E 57 4.71 -22.87 -4.85
C UNK E 57 5.57 -21.79 -4.23
N UNK E 58 6.11 -20.95 -5.09
CA UNK E 58 6.93 -19.84 -4.63
C UNK E 58 6.14 -18.55 -4.73
N UNK E 59 6.29 -17.70 -3.72
CA UNK E 59 5.57 -16.44 -3.56
C UNK E 59 4.06 -16.62 -3.56
N UNK E 60 3.58 -17.80 -3.19
CA UNK E 60 2.17 -18.03 -2.91
C UNK E 60 2.12 -19.28 -2.05
N UNK E 61 1.96 -19.09 -0.76
CA UNK E 61 2.22 -20.14 0.22
C UNK E 61 1.06 -21.11 0.28
N UNK E 62 1.05 -21.93 1.33
CA UNK E 62 -0.08 -22.77 1.71
C UNK E 62 -0.44 -23.75 0.62
N UNK E 63 0.26 -24.88 0.53
CA UNK E 63 0.39 -25.73 -0.65
C UNK E 63 -0.85 -26.23 -1.38
N UNK E 64 -2.05 -25.75 -1.03
CA UNK E 64 -3.22 -25.72 -1.90
C UNK E 64 -3.74 -27.13 -2.16
N UNK E 65 -3.86 -27.91 -1.10
CA UNK E 65 -4.13 -29.33 -1.18
C UNK E 65 -5.54 -29.57 -1.69
N UNK E 66 -5.65 -30.05 -2.91
CA UNK E 66 -6.94 -30.47 -3.44
C UNK E 66 -7.31 -31.76 -2.73
N UNK E 67 -7.96 -31.62 -1.59
CA UNK E 67 -8.56 -32.71 -0.84
C UNK E 67 -9.67 -32.10 -0.01
N UNK E 68 -10.16 -32.84 0.97
CA UNK E 68 -11.17 -32.28 1.84
C UNK E 68 -10.96 -32.60 3.30
N UNK E 69 -9.93 -33.36 3.66
CA UNK E 69 -9.69 -33.74 5.04
C UNK E 69 -8.27 -33.41 5.48
N UNK E 70 -7.54 -32.65 4.66
CA UNK E 70 -6.18 -32.26 4.96
C UNK E 70 -6.17 -31.40 6.21
N UNK E 71 -5.62 -31.93 7.30
CA UNK E 71 -5.70 -31.28 8.61
C UNK E 71 -5.09 -29.89 8.59
N UNK E 72 -4.03 -29.69 7.83
CA UNK E 72 -3.45 -28.37 7.64
C UNK E 72 -4.08 -27.61 6.50
N UNK E 73 -5.32 -27.94 6.17
CA UNK E 73 -6.13 -27.08 5.35
C UNK E 73 -7.53 -26.91 5.90
N UNK E 74 -7.91 -27.71 6.89
CA UNK E 74 -9.08 -27.38 7.69
C UNK E 74 -8.67 -26.55 8.91
N UNK E 75 -7.82 -27.09 9.77
CA UNK E 75 -7.63 -26.43 11.06
C UNK E 75 -6.67 -25.25 10.95
N UNK E 76 -5.38 -25.53 10.78
CA UNK E 76 -4.36 -24.54 11.09
C UNK E 76 -4.22 -23.46 10.05
N UNK E 77 -5.10 -23.43 9.06
CA UNK E 77 -5.21 -22.39 8.03
C UNK E 77 -6.47 -22.70 7.24
N UNK E 78 -6.60 -22.02 6.11
CA UNK E 78 -7.46 -22.43 5.00
C UNK E 78 -6.71 -22.12 3.71
N UNK E 79 -7.42 -22.08 2.60
CA UNK E 79 -6.82 -21.67 1.35
C UNK E 79 -7.75 -20.68 0.68
N UNK E 80 -7.28 -20.06 -0.40
CA UNK E 80 -8.01 -18.97 -1.01
C UNK E 80 -9.15 -19.49 -1.86
N UNK E 81 -9.71 -18.62 -2.67
CA UNK E 81 -10.52 -19.03 -3.79
C UNK E 81 -9.61 -19.35 -4.97
N UNK E 82 -10.15 -19.96 -6.01
CA UNK E 82 -9.32 -20.40 -7.13
C UNK E 82 -10.16 -20.40 -8.42
N UNK E 83 -9.74 -21.18 -9.41
CA UNK E 83 -10.53 -21.31 -10.64
C UNK E 83 -11.65 -22.32 -10.56
N UNK E 84 -11.35 -23.62 -10.41
CA UNK E 84 -12.38 -24.67 -10.35
C UNK E 84 -12.06 -25.67 -9.26
N UNK E 85 -11.53 -25.18 -8.14
CA UNK E 85 -11.05 -26.01 -7.05
C UNK E 85 -12.08 -26.12 -5.94
N UNK E 86 -13.36 -26.29 -6.28
CA UNK E 86 -14.46 -26.13 -5.32
C UNK E 86 -14.58 -27.30 -4.35
N UNK E 87 -13.52 -28.09 -4.18
CA UNK E 87 -13.26 -28.84 -2.96
C UNK E 87 -13.45 -27.98 -1.71
N UNK E 88 -13.06 -26.71 -1.82
CA UNK E 88 -13.38 -25.68 -0.84
C UNK E 88 -14.84 -25.72 -0.45
N UNK E 89 -15.73 -25.65 -1.43
CA UNK E 89 -17.14 -25.79 -1.13
C UNK E 89 -17.44 -27.18 -0.62
N UNK E 90 -16.74 -28.19 -1.14
CA UNK E 90 -16.97 -29.57 -0.74
C UNK E 90 -16.44 -29.77 0.67
N UNK E 91 -17.22 -29.26 1.64
CA UNK E 91 -16.92 -29.27 3.07
C UNK E 91 -15.59 -28.59 3.38
N UNK E 92 -15.52 -27.28 3.12
CA UNK E 92 -14.57 -26.39 3.78
C UNK E 92 -13.10 -26.70 3.56
N UNK E 93 -12.55 -26.41 2.39
CA UNK E 93 -11.14 -26.03 2.34
C UNK E 93 -10.97 -24.52 2.43
N UNK E 94 -12.04 -23.76 2.67
CA UNK E 94 -11.93 -22.32 2.89
C UNK E 94 -12.92 -21.70 3.89
N UNK E 95 -13.35 -22.45 4.92
CA UNK E 95 -13.93 -21.87 6.13
C UNK E 95 -12.92 -22.15 7.23
N UNK E 96 -12.04 -21.18 7.47
CA UNK E 96 -10.85 -21.37 8.29
C UNK E 96 -11.22 -21.59 9.73
N UNK E 97 -11.22 -22.82 10.18
CA UNK E 97 -11.81 -23.12 11.45
C UNK E 97 -10.90 -22.82 12.64
N UNK E 98 -9.87 -21.98 12.53
CA UNK E 98 -9.09 -21.54 13.69
C UNK E 98 -8.68 -20.08 13.49
N UNK E 99 -9.18 -19.22 14.34
CA UNK E 99 -8.86 -17.80 14.33
C UNK E 99 -7.97 -17.47 15.52
N UNK E 100 -6.76 -16.99 15.25
CA UNK E 100 -5.85 -16.63 16.34
C UNK E 100 -6.19 -15.23 16.81
N UNK E 101 -5.64 -14.82 17.94
CA UNK E 101 -5.90 -13.48 18.44
C UNK E 101 -4.63 -12.99 19.10
N UNK E 102 -4.47 -11.67 19.11
CA UNK E 102 -3.15 -11.06 19.27
C UNK E 102 -2.58 -11.29 20.66
N UNK E 103 -1.27 -11.10 20.74
CA UNK E 103 -0.43 -11.56 21.85
C UNK E 103 -0.14 -10.44 22.84
N UNK E 104 -1.15 -9.85 23.46
CA UNK E 104 -0.90 -8.68 24.28
C UNK E 104 -0.23 -9.08 25.58
N UNK E 105 0.63 -8.21 26.09
CA UNK E 105 1.40 -8.52 27.29
C UNK E 105 0.46 -8.64 28.47
N UNK E 106 0.82 -9.46 29.44
CA UNK E 106 -0.11 -9.70 30.53
C UNK E 106 -0.13 -8.49 31.47
N UNK E 107 -0.98 -8.58 32.50
CA UNK E 107 -1.12 -7.47 33.43
C UNK E 107 0.15 -7.24 34.21
N UNK E 108 0.92 -8.29 34.48
CA UNK E 108 2.22 -8.15 35.13
C UNK E 108 3.22 -7.53 34.18
N UNK E 109 3.02 -6.25 33.87
CA UNK E 109 3.98 -5.45 33.12
C UNK E 109 4.85 -4.75 34.14
N UNK E 110 6.10 -5.20 34.22
CA UNK E 110 7.17 -4.55 34.95
C UNK E 110 8.41 -4.65 34.09
N UNK E 111 9.50 -4.08 34.55
CA UNK E 111 10.79 -4.41 33.96
C UNK E 111 11.18 -5.82 34.39
N UNK E 112 11.96 -6.53 33.53
CA UNK E 112 12.41 -7.88 33.88
C UNK E 112 13.86 -8.19 33.53
N UNK E 113 14.59 -7.32 32.83
CA UNK E 113 16.01 -7.53 32.57
C UNK E 113 16.73 -7.33 33.89
N UNK E 114 16.78 -8.42 34.67
CA UNK E 114 17.24 -8.39 36.06
C UNK E 114 18.72 -8.70 36.19
N UNK E 115 19.12 -9.91 35.81
CA UNK E 115 20.51 -10.33 35.85
C UNK E 115 20.79 -11.53 34.95
N UNK E 116 25.43 -13.66 40.55
CA UNK E 116 25.55 -12.63 39.54
C UNK E 116 26.93 -12.02 39.56
N UNK E 117 27.28 -11.30 38.50
CA UNK E 117 28.30 -10.26 38.59
C UNK E 117 27.65 -8.92 38.73
N UNK E 118 26.51 -8.93 39.45
CA UNK E 118 25.63 -7.81 39.75
C UNK E 118 25.01 -7.14 38.53
N UNK E 119 25.05 -7.73 37.33
CA UNK E 119 24.53 -7.07 36.14
C UNK E 119 23.76 -8.10 35.32
N UNK E 120 23.44 -7.74 34.07
CA UNK E 120 22.70 -8.62 33.15
C UNK E 120 23.58 -9.78 32.69
N UNK E 121 23.51 -10.90 33.41
CA UNK E 121 24.49 -11.97 33.31
C UNK E 121 24.00 -13.12 32.44
N UNK E 122 24.88 -13.52 31.53
CA UNK E 122 24.99 -14.75 30.76
C UNK E 122 24.08 -14.87 29.56
N UNK E 123 23.22 -13.91 29.28
CA UNK E 123 22.45 -13.89 28.04
C UNK E 123 23.36 -13.75 26.79
N UNK E 124 14.68 -5.33 26.35
CA UNK E 124 16.11 -5.29 26.19
C UNK E 124 16.46 -4.53 24.94
N UNK E 125 17.75 -4.29 24.72
CA UNK E 125 18.25 -3.87 23.42
C UNK E 125 19.68 -4.39 23.32
N UNK E 126 19.82 -5.59 22.77
CA UNK E 126 21.10 -6.28 22.78
C UNK E 126 21.97 -5.77 21.63
N UNK E 127 23.08 -6.45 21.37
CA UNK E 127 24.08 -5.93 20.44
C UNK E 127 24.52 -7.03 19.47
N UNK E 128 25.48 -6.72 18.58
CA UNK E 128 25.83 -7.68 17.53
C UNK E 128 27.27 -7.68 17.01
N UNK E 129 27.49 -8.38 15.90
CA UNK E 129 28.75 -9.06 15.61
C UNK E 129 29.95 -8.16 15.46
N UNK E 130 30.09 -7.49 14.32
CA UNK E 130 31.26 -6.76 13.79
C UNK E 130 32.52 -7.58 13.62
N UNK E 131 32.45 -8.91 13.70
CA UNK E 131 33.63 -9.76 13.63
C UNK E 131 33.68 -10.39 12.26
N UNK E 132 34.52 -9.84 11.39
CA UNK E 132 34.64 -10.42 10.07
C UNK E 132 35.41 -11.72 10.14
N UNK E 133 35.47 -12.41 9.00
CA UNK E 133 35.82 -13.83 9.02
C UNK E 133 37.28 -14.07 9.35
N UNK E 134 38.18 -13.44 8.62
CA UNK E 134 39.60 -13.64 8.88
C UNK E 134 40.18 -12.57 9.79
N UNK E 135 40.27 -11.33 9.31
CA UNK E 135 40.88 -10.30 10.15
C UNK E 135 40.25 -8.92 10.10
N UNK E 136 39.67 -8.48 8.98
CA UNK E 136 39.40 -7.06 8.74
C UNK E 136 37.97 -6.72 9.11
N UNK E 137 37.78 -6.15 10.30
CA UNK E 137 36.48 -6.12 10.98
C UNK E 137 35.79 -4.78 10.90
N UNK E 138 34.50 -4.80 10.54
CA UNK E 138 33.59 -3.66 10.68
C UNK E 138 32.13 -4.13 10.56
N UNK E 139 31.39 -4.11 11.66
CA UNK E 139 29.93 -3.95 11.67
C UNK E 139 29.54 -3.38 13.02
N UNK E 140 28.33 -3.64 13.45
CA UNK E 140 27.74 -2.93 14.57
C UNK E 140 26.79 -3.88 15.27
N UNK E 141 25.69 -3.34 15.76
CA UNK E 141 24.91 -3.92 16.84
C UNK E 141 23.41 -3.71 16.68
N UNK E 142 22.73 -3.56 17.81
CA UNK E 142 21.43 -2.93 17.93
C UNK E 142 20.25 -3.69 17.34
N UNK E 143 19.85 -4.77 17.99
CA UNK E 143 18.61 -5.47 17.68
C UNK E 143 17.70 -5.39 18.89
N UNK E 144 16.60 -4.68 18.76
CA UNK E 144 15.73 -4.36 19.89
C UNK E 144 14.76 -5.50 20.14
N UNK E 145 15.11 -6.36 21.07
CA UNK E 145 14.32 -7.54 21.38
C UNK E 145 13.26 -7.18 22.42
N UNK E 146 12.65 -8.15 23.07
CA UNK E 146 11.62 -7.85 24.07
C UNK E 146 11.79 -8.74 25.30
N UNK E 147 12.32 -8.13 26.38
CA UNK E 147 13.09 -8.78 27.45
C UNK E 147 12.39 -9.98 28.08
N UNK E 148 13.20 -10.88 28.62
CA UNK E 148 12.82 -12.25 28.90
C UNK E 148 11.82 -12.34 30.04
N UNK E 149 11.31 -13.55 30.23
CA UNK E 149 10.30 -13.91 31.23
C UNK E 149 9.09 -12.97 31.23
N UNK E 150 8.72 -12.49 30.06
CA UNK E 150 7.62 -11.54 29.91
C UNK E 150 6.41 -12.29 29.43
N UNK E 151 5.66 -12.87 30.38
CA UNK E 151 4.53 -13.74 30.07
C UNK E 151 3.44 -13.01 29.30
N UNK E 152 3.15 -13.45 28.08
CA UNK E 152 2.16 -12.78 27.24
C UNK E 152 0.89 -13.61 27.17
N UNK E 153 -0.24 -12.95 26.85
CA UNK E 153 -1.56 -13.59 26.87
C UNK E 153 -1.97 -13.96 25.46
N UNK E 154 -2.30 -15.24 25.26
CA UNK E 154 -2.53 -15.77 23.94
C UNK E 154 -3.85 -16.51 23.94
N UNK E 155 -4.83 -16.00 23.19
CA UNK E 155 -6.10 -16.67 22.99
C UNK E 155 -6.26 -17.01 21.53
N UNK E 156 -6.81 -18.19 21.26
CA UNK E 156 -7.05 -18.70 19.92
C UNK E 156 -8.40 -19.38 19.96
N UNK E 157 -9.05 -19.52 18.81
CA UNK E 157 -10.41 -20.05 18.79
C UNK E 157 -10.58 -20.99 17.62
N UNK E 158 -10.79 -22.27 17.89
CA UNK E 158 -11.11 -23.22 16.84
C UNK E 158 -12.61 -23.35 16.74
N UNK E 159 -13.15 -23.07 15.56
CA UNK E 159 -14.59 -23.15 15.32
C UNK E 159 -14.91 -24.58 14.88
N UNK E 160 -15.57 -25.33 15.75
CA UNK E 160 -15.78 -26.77 15.59
C UNK E 160 -16.93 -27.03 14.64
N UNK E 161 -16.67 -26.88 13.34
CA UNK E 161 -17.76 -26.86 12.37
C UNK E 161 -18.32 -28.25 12.08
N UNK E 162 -17.65 -29.30 12.56
CA UNK E 162 -18.15 -30.67 12.51
C UNK E 162 -17.39 -31.48 13.55
N UNK E 163 -18.00 -32.57 14.00
CA UNK E 163 -17.35 -33.45 14.98
C UNK E 163 -16.09 -34.10 14.41
N UNK E 164 -16.08 -34.39 13.11
CA UNK E 164 -14.85 -34.79 12.44
C UNK E 164 -13.79 -33.71 12.55
N UNK E 165 -14.19 -32.45 12.40
CA UNK E 165 -13.25 -31.37 12.62
C UNK E 165 -13.06 -31.03 14.09
N UNK E 166 -13.65 -31.80 14.99
CA UNK E 166 -13.19 -31.75 16.37
C UNK E 166 -12.13 -32.80 16.62
N UNK E 167 -12.32 -34.00 16.07
CA UNK E 167 -11.33 -35.06 16.21
C UNK E 167 -10.04 -34.69 15.52
N UNK E 168 -10.13 -34.32 14.23
CA UNK E 168 -8.98 -33.95 13.40
C UNK E 168 -8.55 -32.54 13.63
N UNK E 169 -8.93 -31.96 14.76
CA UNK E 169 -8.33 -30.73 15.22
C UNK E 169 -8.01 -30.78 16.70
N UNK E 170 -8.30 -31.88 17.36
CA UNK E 170 -7.68 -32.09 18.66
C UNK E 170 -6.45 -32.96 18.58
N UNK E 171 -6.43 -33.92 17.65
CA UNK E 171 -5.24 -34.74 17.46
C UNK E 171 -4.09 -33.91 16.92
N UNK E 172 -4.29 -33.32 15.76
CA UNK E 172 -3.18 -32.68 15.06
C UNK E 172 -2.85 -31.32 15.65
N UNK E 173 -3.87 -30.53 16.03
CA UNK E 173 -3.62 -29.11 16.28
C UNK E 173 -2.98 -28.82 17.63
N UNK E 174 -3.49 -29.38 18.73
CA UNK E 174 -2.87 -29.12 20.01
C UNK E 174 -1.51 -29.78 20.10
N UNK E 175 -1.34 -30.92 19.46
CA UNK E 175 0.01 -31.45 19.27
C UNK E 175 0.85 -30.58 18.36
N UNK E 176 0.24 -29.81 17.48
CA UNK E 176 1.05 -28.93 16.65
C UNK E 176 1.45 -27.67 17.38
N UNK E 177 0.70 -27.28 18.40
CA UNK E 177 1.23 -26.26 19.29
C UNK E 177 2.32 -26.86 20.18
N UNK E 178 2.18 -28.12 20.55
CA UNK E 178 3.28 -28.83 21.21
C UNK E 178 4.51 -28.94 20.33
N UNK E 179 4.34 -28.89 19.02
CA UNK E 179 5.49 -28.74 18.15
C UNK E 179 6.13 -27.37 18.32
N UNK E 180 5.34 -26.32 18.53
CA UNK E 180 5.96 -25.02 18.68
C UNK E 180 6.53 -24.80 20.07
N UNK E 181 6.22 -25.65 21.04
CA UNK E 181 6.86 -25.52 22.33
C UNK E 181 8.36 -25.76 22.22
N UNK E 182 8.76 -26.72 21.41
CA UNK E 182 10.19 -26.96 21.20
C UNK E 182 10.71 -26.25 19.96
N UNK E 183 10.40 -24.97 19.79
CA UNK E 183 10.91 -24.19 18.64
C UNK E 183 10.66 -22.71 18.88
N UNK E 184 10.86 -21.94 17.80
CA UNK E 184 10.97 -20.50 17.81
C UNK E 184 9.68 -19.84 17.33
N UNK E 185 9.15 -18.90 18.09
CA UNK E 185 8.00 -18.10 17.66
C UNK E 185 8.45 -16.68 17.65
N UNK E 186 9.16 -16.27 16.61
CA UNK E 186 10.02 -15.11 16.73
C UNK E 186 10.54 -14.64 15.40
N UNK E 187 11.57 -13.80 15.43
CA UNK E 187 12.46 -13.70 14.29
C UNK E 187 13.69 -14.54 14.44
N UNK E 188 14.63 -14.09 15.24
CA UNK E 188 15.95 -14.65 15.17
C UNK E 188 15.91 -15.92 15.98
N UNK E 189 16.22 -17.04 15.36
CA UNK E 189 16.40 -18.27 16.09
C UNK E 189 17.89 -18.59 16.27
N UNK E 190 18.72 -17.55 16.22
CA UNK E 190 20.08 -17.53 16.75
C UNK E 190 20.03 -17.12 18.22
N UNK E 191 19.25 -17.88 18.99
CA UNK E 191 18.95 -17.65 20.42
C UNK E 191 18.19 -16.36 20.67
N UNK E 192 17.08 -16.14 19.99
CA UNK E 192 16.21 -15.01 20.28
C UNK E 192 14.75 -15.43 20.22
N UNK E 193 14.39 -16.49 20.93
CA UNK E 193 13.05 -17.00 20.75
C UNK E 193 12.47 -17.62 22.01
N UNK E 194 11.41 -18.42 21.88
CA UNK E 194 10.31 -18.38 22.83
C UNK E 194 9.90 -19.72 23.42
N UNK E 195 10.86 -20.44 24.01
CA UNK E 195 10.59 -21.79 24.49
C UNK E 195 9.65 -21.78 25.68
N UNK E 196 8.35 -21.67 25.37
CA UNK E 196 7.37 -21.16 26.31
C UNK E 196 7.12 -22.11 27.47
N UNK E 197 6.69 -23.33 27.17
CA UNK E 197 5.96 -24.32 27.98
C UNK E 197 4.52 -23.88 28.20
N UNK E 198 4.13 -22.73 27.62
CA UNK E 198 2.80 -22.13 27.62
C UNK E 198 2.21 -22.12 29.03
N UNK E 199 2.81 -21.31 29.92
CA UNK E 199 2.79 -21.48 31.37
C UNK E 199 1.37 -21.57 31.91
N UNK E 200 1.24 -22.24 33.06
CA UNK E 200 0.30 -23.36 33.20
C UNK E 200 -1.09 -23.13 32.60
N UNK E 201 -2.00 -22.47 33.30
CA UNK E 201 -3.18 -22.01 32.60
C UNK E 201 -3.41 -20.56 32.94
N UNK E 202 -3.69 -20.36 34.22
CA UNK E 202 -3.56 -19.10 34.94
C UNK E 202 -3.29 -19.54 36.38
N UNK E 203 -2.01 -19.64 36.70
CA UNK E 203 -1.50 -20.14 37.97
C UNK E 203 -0.02 -19.77 38.00
N UNK E 204 0.70 -20.30 38.99
CA UNK E 204 2.15 -20.25 38.96
C UNK E 204 2.69 -21.55 39.60
N UNK E 205 2.86 -22.60 38.78
CA UNK E 205 3.59 -23.79 39.23
C UNK E 205 4.41 -24.50 38.14
N UNK E 206 4.06 -24.31 36.86
CA UNK E 206 4.72 -24.88 35.67
C UNK E 206 4.66 -26.42 35.62
N UNK E 207 3.45 -26.94 35.44
CA UNK E 207 3.23 -28.37 35.23
C UNK E 207 3.08 -28.75 33.75
N UNK E 208 2.09 -28.15 33.07
CA UNK E 208 1.96 -27.94 31.60
C UNK E 208 2.44 -29.08 30.72
N UNK E 209 1.94 -30.29 30.98
CA UNK E 209 2.08 -31.34 29.99
C UNK E 209 1.21 -31.00 28.78
N UNK E 210 -0.10 -31.04 28.96
CA UNK E 210 -1.05 -30.40 28.07
C UNK E 210 -1.97 -29.48 28.85
N UNK E 211 -1.48 -28.94 29.95
CA UNK E 211 -2.23 -27.94 30.70
C UNK E 211 -2.17 -26.63 29.95
N UNK E 212 -3.24 -26.36 29.20
CA UNK E 212 -3.55 -25.07 28.60
C UNK E 212 -5.05 -24.92 28.70
N UNK E 213 -5.55 -23.75 29.10
CA UNK E 213 -6.95 -23.58 29.48
C UNK E 213 -7.83 -23.43 28.26
N UNK E 214 -8.59 -24.47 27.93
CA UNK E 214 -9.33 -24.60 26.69
C UNK E 214 -10.83 -24.67 26.99
N UNK E 215 -11.51 -23.55 26.86
CA UNK E 215 -12.95 -23.55 27.01
C UNK E 215 -13.61 -24.04 25.74
N UNK E 216 -14.92 -24.22 25.79
CA UNK E 216 -15.70 -24.60 24.61
C UNK E 216 -17.12 -24.11 24.77
N UNK E 217 -17.45 -22.99 24.13
CA UNK E 217 -18.82 -22.52 24.11
C UNK E 217 -19.64 -23.36 23.14
N UNK E 218 -20.91 -23.54 23.44
CA UNK E 218 -21.77 -24.39 22.61
C UNK E 218 -22.87 -23.58 21.94
N UNK F 1 10.62 -32.86 5.44
CA UNK F 1 9.85 -33.55 6.46
C UNK F 1 10.62 -33.66 7.76
N UNK F 2 10.26 -32.92 8.80
CA UNK F 2 11.10 -32.83 9.99
C UNK F 2 11.06 -34.12 10.80
N UNK F 3 11.95 -35.05 10.42
CA UNK F 3 12.00 -36.40 10.97
C UNK F 3 12.28 -36.41 12.47
N UNK F 4 13.47 -36.00 12.88
CA UNK F 4 13.80 -36.08 14.30
C UNK F 4 14.26 -34.73 14.80
N UNK F 5 14.13 -34.48 16.11
CA UNK F 5 14.63 -33.23 16.67
C UNK F 5 15.35 -33.56 17.97
N UNK F 6 16.64 -33.25 18.02
CA UNK F 6 17.51 -33.73 19.08
C UNK F 6 17.98 -32.55 19.92
N UNK F 7 17.68 -32.58 21.21
CA UNK F 7 18.01 -31.50 22.15
C UNK F 7 19.28 -31.87 22.91
N UNK F 8 20.35 -31.14 22.64
CA UNK F 8 21.59 -31.30 23.38
C UNK F 8 21.63 -30.27 24.49
N UNK F 9 21.69 -30.75 25.73
CA UNK F 9 21.56 -29.87 26.89
C UNK F 9 22.70 -30.15 27.86
N UNK F 10 23.56 -29.15 28.09
CA UNK F 10 24.70 -29.30 28.98
C UNK F 10 24.73 -28.15 29.98
N UNK F 11 25.70 -28.19 30.90
CA UNK F 11 25.79 -27.19 31.96
C UNK F 11 27.20 -26.63 32.00
N UNK F 12 27.49 -25.61 31.18
CA UNK F 12 28.85 -25.12 31.00
C UNK F 12 29.39 -24.52 32.30
N UNK F 13 30.51 -25.03 32.78
CA UNK F 13 31.09 -24.64 34.05
C UNK F 13 32.36 -23.83 33.83
N UNK F 14 32.45 -22.69 34.50
CA UNK F 14 33.39 -21.65 34.08
C UNK F 14 34.76 -21.81 34.73
N UNK F 15 35.60 -22.64 34.09
CA UNK F 15 36.88 -22.99 34.69
C UNK F 15 37.85 -21.82 34.69
N UNK F 16 37.91 -21.07 33.59
CA UNK F 16 38.66 -19.82 33.55
C UNK F 16 37.78 -18.70 34.08
N UNK F 17 38.21 -17.46 33.91
CA UNK F 17 37.28 -16.36 34.15
C UNK F 17 36.26 -16.36 33.03
N UNK F 18 35.07 -15.88 33.31
CA UNK F 18 34.01 -16.05 32.33
C UNK F 18 34.11 -15.00 31.22
N UNK F 19 33.03 -14.83 30.48
CA UNK F 19 32.97 -13.86 29.39
C UNK F 19 33.09 -12.46 29.96
N UNK F 20 33.58 -11.53 29.14
CA UNK F 20 33.95 -10.25 29.73
C UNK F 20 34.07 -9.17 28.68
N UNK F 21 33.94 -7.94 29.15
CA UNK F 21 34.58 -6.80 28.53
C UNK F 21 35.01 -5.81 29.63
N UNK F 22 35.40 -4.61 29.18
CA UNK F 22 36.11 -3.61 29.96
C UNK F 22 35.42 -2.28 29.82
N UNK F 23 34.14 -2.25 30.16
CA UNK F 23 33.34 -1.07 29.91
C UNK F 23 33.83 0.16 30.67
N UNK F 24 33.59 0.27 32.00
CA UNK F 24 33.89 1.50 32.74
C UNK F 24 33.52 1.35 34.22
N UNK F 25 33.91 2.40 34.98
CA UNK F 25 33.51 2.59 36.38
C UNK F 25 32.83 3.92 36.68
N UNK F 26 33.46 5.07 36.41
CA UNK F 26 33.07 6.35 37.03
C UNK F 26 33.02 7.53 36.04
N UNK F 27 32.35 7.34 34.91
CA UNK F 27 32.27 8.34 33.85
C UNK F 27 30.96 8.14 33.10
N UNK F 28 30.91 8.65 31.85
CA UNK F 28 29.75 8.75 30.98
C UNK F 28 29.01 7.43 30.75
N UNK F 29 27.80 7.51 30.24
CA UNK F 29 26.96 6.33 30.16
C UNK F 29 26.81 5.87 28.71
N UNK F 30 25.98 4.84 28.52
CA UNK F 30 25.73 4.12 27.26
C UNK F 30 27.02 3.52 26.71
N UNK F 31 27.55 2.57 27.46
CA UNK F 31 28.68 1.75 27.02
C UNK F 31 28.17 0.39 26.59
N UNK F 32 28.92 -0.29 25.72
CA UNK F 32 28.39 -1.46 25.03
C UNK F 32 28.82 -2.75 25.71
N UNK F 33 27.85 -3.59 26.07
CA UNK F 33 28.09 -4.73 26.95
C UNK F 33 28.77 -5.88 26.20
N UNK F 34 28.85 -7.05 26.86
CA UNK F 34 29.51 -8.24 26.29
C UNK F 34 29.03 -9.60 26.81
N UNK F 35 25.08 -15.31 19.41
CA UNK F 35 25.22 -15.89 20.74
C UNK F 35 26.54 -16.68 20.89
N UNK F 36 26.45 -17.96 21.26
CA UNK F 36 27.56 -18.91 21.11
C UNK F 36 27.51 -19.58 19.76
N UNK F 37 26.32 -19.63 19.16
CA UNK F 37 26.02 -20.26 17.88
C UNK F 37 26.32 -19.36 16.74
N UNK F 38 27.27 -18.50 16.92
CA UNK F 38 28.00 -17.93 15.82
C UNK F 38 29.48 -17.82 16.17
N UNK F 39 29.91 -18.33 17.32
CA UNK F 39 31.33 -18.55 17.58
C UNK F 39 31.72 -19.96 17.23
N UNK F 40 30.79 -20.91 17.43
CA UNK F 40 31.01 -22.25 16.90
C UNK F 40 31.15 -22.20 15.38
N UNK F 41 30.36 -21.39 14.70
CA UNK F 41 30.50 -21.28 13.26
C UNK F 41 31.59 -20.31 12.82
N UNK F 42 32.48 -19.90 13.71
CA UNK F 42 33.73 -19.28 13.31
C UNK F 42 34.90 -19.96 13.97
N UNK F 43 34.65 -21.10 14.59
CA UNK F 43 35.71 -22.09 14.80
C UNK F 43 35.63 -23.23 13.82
N UNK F 44 34.43 -23.68 13.45
CA UNK F 44 34.29 -24.75 12.47
C UNK F 44 34.11 -24.24 11.07
N UNK F 45 34.45 -22.99 10.82
CA UNK F 45 34.83 -22.54 9.50
C UNK F 45 36.29 -22.17 9.47
N UNK F 46 37.02 -22.58 10.49
CA UNK F 46 38.47 -22.62 10.50
C UNK F 46 39.00 -24.04 10.58
N UNK F 47 38.37 -24.88 11.39
CA UNK F 47 38.76 -26.27 11.47
C UNK F 47 38.38 -26.96 10.19
N UNK F 48 37.07 -27.05 9.92
CA UNK F 48 36.56 -27.82 8.80
C UNK F 48 36.85 -27.12 7.49
N UNK F 49 38.07 -27.33 6.99
CA UNK F 49 38.51 -27.00 5.63
C UNK F 49 38.40 -25.51 5.35
N UNK F 50 39.23 -24.75 6.05
CA UNK F 50 39.24 -23.31 5.87
C UNK F 50 39.99 -22.93 4.60
N UNK F 51 39.35 -23.20 3.45
CA UNK F 51 39.80 -22.64 2.19
C UNK F 51 38.71 -21.77 1.56
N UNK F 52 37.53 -22.33 1.33
CA UNK F 52 36.40 -21.53 0.89
C UNK F 52 35.56 -21.04 2.06
N UNK F 53 36.16 -20.94 3.25
CA UNK F 53 35.54 -20.27 4.37
C UNK F 53 36.33 -19.03 4.80
N UNK F 54 37.59 -19.20 5.17
CA UNK F 54 38.39 -18.05 5.58
C UNK F 54 38.72 -17.17 4.38
N UNK F 55 39.45 -17.70 3.42
CA UNK F 55 39.94 -16.89 2.32
C UNK F 55 38.90 -16.65 1.23
N UNK F 56 37.67 -17.10 1.39
CA UNK F 56 36.62 -16.82 0.44
C UNK F 56 36.01 -15.45 0.75
N UNK F 57 34.81 -15.20 0.24
CA UNK F 57 34.14 -13.91 0.37
C UNK F 57 33.91 -13.53 1.83
N UNK F 58 33.84 -12.22 2.06
CA UNK F 58 33.73 -11.68 3.40
C UNK F 58 33.21 -10.26 3.34
N UNK F 59 33.08 -9.65 4.53
CA UNK F 59 32.50 -8.36 4.93
C UNK F 59 30.98 -8.36 4.83
N UNK F 60 30.45 -9.37 4.15
CA UNK F 60 29.10 -9.89 4.27
C UNK F 60 29.34 -11.37 4.52
N UNK F 61 29.10 -11.79 5.75
CA UNK F 61 29.85 -12.87 6.36
C UNK F 61 29.46 -14.22 5.79
N UNK F 62 30.16 -15.26 6.26
CA UNK F 62 29.78 -16.65 6.05
C UNK F 62 29.71 -17.04 4.59
N UNK F 63 30.86 -17.27 3.94
CA UNK F 63 31.11 -17.32 2.49
C UNK F 63 30.05 -17.97 1.59
N UNK F 64 29.21 -18.84 2.15
CA UNK F 64 28.04 -19.44 1.50
C UNK F 64 28.47 -20.27 0.28
N UNK F 65 29.20 -21.34 0.61
CA UNK F 65 29.80 -22.21 -0.38
C UNK F 65 28.71 -22.92 -1.19
N UNK F 66 28.71 -22.67 -2.49
CA UNK F 66 27.62 -23.11 -3.36
C UNK F 66 27.71 -24.62 -3.58
N UNK F 67 27.23 -25.37 -2.60
CA UNK F 67 27.09 -26.81 -2.69
C UNK F 67 26.10 -27.25 -1.63
N UNK F 68 25.01 -27.85 -2.06
CA UNK F 68 23.83 -28.14 -1.24
C UNK F 68 24.07 -29.08 -0.08
N UNK F 69 25.24 -29.62 0.16
CA UNK F 69 25.47 -30.41 1.36
C UNK F 69 26.84 -30.08 1.93
N UNK F 70 27.16 -28.79 2.02
CA UNK F 70 28.31 -28.40 2.81
C UNK F 70 28.02 -28.65 4.29
N UNK F 71 29.07 -28.83 5.07
CA UNK F 71 28.81 -29.06 6.48
C UNK F 71 28.56 -27.75 7.21
N UNK F 72 29.36 -26.72 6.93
CA UNK F 72 29.21 -25.41 7.54
C UNK F 72 27.87 -24.78 7.20
N UNK F 73 27.65 -24.49 5.92
CA UNK F 73 26.48 -23.76 5.44
C UNK F 73 25.17 -24.49 5.65
N UNK F 74 25.18 -25.76 6.03
CA UNK F 74 23.92 -26.40 6.37
C UNK F 74 23.75 -26.61 7.85
N UNK F 75 24.80 -26.97 8.60
CA UNK F 75 24.58 -27.26 10.02
C UNK F 75 24.59 -26.00 10.88
N UNK F 76 25.75 -25.35 11.04
CA UNK F 76 25.92 -24.30 12.04
C UNK F 76 25.49 -22.95 11.55
N UNK F 77 24.84 -22.90 10.41
CA UNK F 77 24.57 -21.65 9.75
C UNK F 77 23.44 -21.88 8.77
N UNK F 78 23.35 -20.99 7.81
CA UNK F 78 22.57 -21.09 6.61
C UNK F 78 23.21 -20.12 5.64
N UNK F 79 22.46 -19.68 4.66
CA UNK F 79 22.87 -18.54 3.87
C UNK F 79 21.60 -17.75 3.58
N UNK F 80 21.66 -16.91 2.58
CA UNK F 80 20.55 -16.08 2.22
C UNK F 80 20.13 -16.40 0.80
N UNK F 81 19.29 -15.55 0.25
CA UNK F 81 18.97 -15.63 -1.15
C UNK F 81 19.92 -14.77 -1.98
N UNK F 82 19.81 -14.93 -3.30
CA UNK F 82 20.70 -14.33 -4.29
C UNK F 82 20.02 -14.45 -5.66
N UNK F 83 20.82 -14.50 -6.72
CA UNK F 83 20.32 -14.82 -8.05
C UNK F 83 20.08 -16.33 -8.27
N UNK F 84 21.14 -17.14 -8.24
CA UNK F 84 21.01 -18.55 -8.62
C UNK F 84 21.34 -19.52 -7.48
N UNK F 85 21.59 -19.01 -6.29
CA UNK F 85 21.77 -19.84 -5.10
C UNK F 85 20.45 -20.24 -4.48
N UNK F 86 19.36 -19.57 -4.87
CA UNK F 86 18.02 -19.90 -4.38
C UNK F 86 17.65 -21.33 -4.73
N UNK F 87 18.13 -21.84 -5.86
CA UNK F 87 17.99 -23.26 -6.16
C UNK F 87 18.71 -24.13 -5.16
N UNK F 88 19.95 -23.79 -4.80
CA UNK F 88 20.69 -24.58 -3.83
C UNK F 88 20.03 -24.56 -2.46
N UNK F 89 19.38 -23.45 -2.11
CA UNK F 89 18.58 -23.46 -0.89
C UNK F 89 17.32 -24.30 -1.07
N UNK F 90 16.68 -24.21 -2.22
CA UNK F 90 15.60 -25.12 -2.58
C UNK F 90 16.11 -26.53 -2.81
N UNK F 91 17.42 -26.70 -2.91
CA UNK F 91 18.07 -27.99 -2.78
C UNK F 91 18.45 -28.23 -1.32
N UNK F 92 17.60 -27.75 -0.43
CA UNK F 92 17.34 -28.38 0.86
C UNK F 92 18.44 -28.10 1.88
N UNK F 93 19.18 -27.02 1.73
CA UNK F 93 19.94 -26.49 2.86
C UNK F 93 19.05 -25.59 3.72
N UNK F 94 17.83 -26.03 4.02
CA UNK F 94 16.97 -25.39 5.00
C UNK F 94 16.80 -26.29 6.20
N UNK F 95 17.69 -27.28 6.34
CA UNK F 95 18.00 -27.91 7.62
C UNK F 95 18.97 -27.00 8.39
N UNK F 96 18.61 -25.71 8.51
CA UNK F 96 19.29 -24.72 9.32
C UNK F 96 18.93 -25.13 10.73
N UNK F 97 19.70 -26.08 11.24
CA UNK F 97 19.17 -26.93 12.28
C UNK F 97 19.81 -26.71 13.62
N UNK F 98 20.99 -26.12 13.69
CA UNK F 98 21.53 -25.82 15.00
C UNK F 98 20.78 -24.60 15.50
N UNK F 99 19.72 -24.82 16.24
CA UNK F 99 19.07 -23.73 16.94
C UNK F 99 19.58 -23.79 18.36
N UNK F 100 20.53 -22.92 18.69
CA UNK F 100 21.09 -22.92 20.04
C UNK F 100 20.43 -21.82 20.84
N UNK F 101 20.03 -22.18 22.05
CA UNK F 101 19.32 -21.26 22.90
C UNK F 101 20.32 -20.38 23.65
N UNK F 102 19.84 -19.66 24.64
CA UNK F 102 20.72 -18.86 25.47
C UNK F 102 20.76 -19.50 26.83
N UNK F 103 21.84 -19.27 27.55
CA UNK F 103 22.08 -19.95 28.79
C UNK F 103 22.05 -18.98 29.93
N UNK F 104 21.02 -19.03 30.73
CA UNK F 104 21.07 -18.24 31.94
C UNK F 104 21.97 -18.94 32.94
N UNK F 105 22.37 -18.19 33.96
CA UNK F 105 23.14 -18.80 35.04
C UNK F 105 22.25 -19.79 35.77
N UNK F 106 22.84 -20.90 36.20
CA UNK F 106 22.02 -21.92 36.83
C UNK F 106 21.79 -21.58 38.29
N UNK F 107 21.20 -22.50 39.04
CA UNK F 107 20.78 -22.24 40.40
C UNK F 107 21.90 -22.43 41.42
N UNK F 108 23.14 -22.31 41.01
CA UNK F 108 24.27 -22.23 41.92
C UNK F 108 24.71 -20.77 41.96
N UNK F 109 24.18 -20.02 42.90
CA UNK F 109 24.44 -18.60 43.02
C UNK F 109 25.01 -18.32 44.40
N UNK F 110 25.98 -17.42 44.47
CA UNK F 110 26.69 -17.16 45.72
C UNK F 110 27.16 -15.72 45.72
N UNK F 111 27.97 -15.36 46.74
CA UNK F 111 28.50 -14.01 46.92
C UNK F 111 29.97 -14.02 47.39
N UNK F 112 30.83 -14.83 46.72
CA UNK F 112 32.28 -14.90 47.01
C UNK F 112 33.11 -15.24 45.76
N UNK F 113 33.77 -14.22 45.20
CA UNK F 113 34.37 -14.28 43.87
C UNK F 113 35.72 -14.97 43.82
N UNK F 114 35.75 -16.24 44.21
CA UNK F 114 36.98 -17.01 44.23
C UNK F 114 37.53 -17.26 42.83
N UNK F 115 44.25 -16.15 44.37
CA UNK F 115 43.85 -16.80 45.61
C UNK F 115 42.54 -16.24 46.12
N UNK F 116 42.44 -14.90 46.08
CA UNK F 116 41.25 -14.13 46.43
C UNK F 116 41.06 -13.05 45.39
N UNK F 117 41.24 -13.42 44.14
CA UNK F 117 41.22 -12.56 42.97
C UNK F 117 41.04 -13.47 41.76
N UNK F 118 41.43 -13.00 40.57
CA UNK F 118 41.55 -13.86 39.41
C UNK F 118 42.80 -14.74 39.42
N UNK F 119 43.71 -14.54 40.40
CA UNK F 119 44.98 -15.24 40.55
C UNK F 119 45.85 -15.14 39.30
N UNK F 120 46.32 -13.93 39.01
CA UNK F 120 47.40 -13.65 38.07
C UNK F 120 47.04 -14.00 36.63
N UNK F 121 46.08 -13.30 36.08
CA UNK F 121 45.78 -13.54 34.67
C UNK F 121 46.08 -12.38 33.76
N UNK F 122 32.19 -10.20 38.87
CA UNK F 122 33.09 -9.31 39.58
C UNK F 122 33.75 -8.36 38.59
N UNK F 123 34.55 -7.43 39.11
CA UNK F 123 35.29 -6.50 38.27
C UNK F 123 36.78 -6.69 38.52
N UNK F 124 37.59 -6.20 37.58
CA UNK F 124 39.05 -6.24 37.74
C UNK F 124 39.64 -5.07 36.99
N UNK F 125 40.92 -4.82 37.22
CA UNK F 125 41.60 -3.66 36.66
C UNK F 125 42.47 -4.10 35.49
N UNK F 126 43.13 -3.12 34.87
CA UNK F 126 44.02 -3.36 33.73
C UNK F 126 44.93 -2.16 33.56
N UNK F 127 45.95 -2.27 32.72
CA UNK F 127 46.97 -1.22 32.71
C UNK F 127 47.18 -0.54 31.36
N UNK F 128 47.50 -1.26 30.29
CA UNK F 128 48.07 -0.71 29.05
C UNK F 128 49.27 0.17 29.32
N UNK F 129 50.20 -0.36 30.12
CA UNK F 129 51.11 0.42 30.95
C UNK F 129 51.94 1.45 30.22
N UNK F 130 52.98 1.01 29.56
CA UNK F 130 53.86 1.91 28.84
C UNK F 130 54.88 1.07 28.12
N UNK F 131 55.39 1.57 27.01
CA UNK F 131 56.58 0.97 26.43
C UNK F 131 57.83 1.76 26.76
N UNK F 132 57.73 3.08 26.85
CA UNK F 132 58.83 3.88 27.37
C UNK F 132 58.29 4.73 28.53
N UNK F 133 58.15 4.09 29.70
CA UNK F 133 58.02 4.71 31.02
C UNK F 133 56.85 5.66 31.28
N UNK F 134 55.99 5.89 30.29
CA UNK F 134 55.06 7.01 30.31
C UNK F 134 53.80 6.70 31.13
N UNK F 135 52.76 7.51 30.93
CA UNK F 135 51.44 7.43 31.55
C UNK F 135 50.46 6.60 30.71
N UNK F 136 49.17 6.95 30.80
CA UNK F 136 47.99 6.51 30.03
C UNK F 136 47.36 5.22 30.54
N UNK F 137 47.63 4.88 31.79
CA UNK F 137 47.13 3.66 32.41
C UNK F 137 45.61 3.69 32.59
N UNK F 138 44.93 2.83 31.87
CA UNK F 138 43.49 2.64 31.98
C UNK F 138 43.11 1.77 33.16
N UNK F 139 41.88 1.23 33.17
CA UNK F 139 41.44 0.23 34.16
C UNK F 139 40.16 -0.48 33.71
N UNK F 140 39.56 -1.17 34.68
CA UNK F 140 38.14 -1.49 34.80
C UNK F 140 37.51 -2.45 33.80
N UNK F 141 37.69 -3.75 33.98
CA UNK F 141 36.90 -4.72 33.23
C UNK F 141 35.89 -5.41 34.11
N UNK F 142 34.91 -6.04 33.46
CA UNK F 142 33.82 -6.72 34.16
C UNK F 142 33.68 -8.12 33.59
N UNK F 143 33.67 -9.12 34.46
CA UNK F 143 33.55 -10.50 34.06
C UNK F 143 32.63 -11.20 35.01
N UNK F 144 31.92 -12.22 34.51
CA UNK F 144 31.18 -13.09 35.42
C UNK F 144 32.20 -13.91 36.17
N UNK F 145 31.91 -14.25 37.40
CA UNK F 145 32.92 -14.85 38.27
C UNK F 145 33.31 -16.23 37.77
N UNK F 146 34.54 -16.65 38.06
CA UNK F 146 34.98 -17.98 37.66
C UNK F 146 34.28 -19.03 38.51
N UNK F 147 34.26 -20.27 38.01
CA UNK F 147 33.54 -21.41 38.59
C UNK F 147 32.05 -21.11 38.74
N UNK F 148 31.46 -20.69 37.63
CA UNK F 148 30.03 -20.48 37.55
C UNK F 148 29.44 -21.37 36.47
N UNK F 149 28.18 -21.73 36.66
CA UNK F 149 27.54 -22.78 35.88
C UNK F 149 26.38 -22.18 35.09
N UNK F 150 26.59 -21.92 33.80
CA UNK F 150 25.54 -21.40 32.93
C UNK F 150 24.97 -22.58 32.15
N UNK F 151 23.64 -22.72 32.13
CA UNK F 151 23.05 -23.96 31.64
C UNK F 151 22.63 -23.84 30.19
N UNK F 152 23.38 -24.45 29.29
CA UNK F 152 23.16 -24.28 27.86
C UNK F 152 22.28 -25.38 27.30
N UNK F 153 21.56 -25.02 26.25
CA UNK F 153 20.72 -25.97 25.55
C UNK F 153 20.73 -25.59 24.09
N UNK F 154 20.49 -26.58 23.24
CA UNK F 154 20.49 -26.37 21.81
C UNK F 154 19.72 -27.52 21.21
N UNK F 155 19.26 -27.35 20.00
CA UNK F 155 18.47 -28.35 19.32
C UNK F 155 19.00 -28.50 17.91
N UNK F 156 18.92 -29.71 17.38
CA UNK F 156 19.11 -29.96 15.96
C UNK F 156 17.79 -30.43 15.38
N UNK F 157 17.48 -29.94 14.21
CA UNK F 157 16.28 -30.31 13.48
C UNK F 157 16.71 -31.28 12.36
N UNK F 158 16.64 -32.59 12.64
CA UNK F 158 17.06 -33.65 11.73
C UNK F 158 16.04 -33.79 10.64
N UNK F 159 16.18 -32.98 9.59
CA UNK F 159 15.24 -33.00 8.48
C UNK F 159 15.52 -34.18 7.57
N UNK F 160 16.71 -34.22 6.97
CA UNK F 160 17.12 -35.35 6.14
C UNK F 160 17.55 -36.50 7.03
N UNK F 161 18.21 -37.50 6.47
CA UNK F 161 18.78 -38.54 7.30
C UNK F 161 20.30 -38.53 7.29
N UNK F 162 20.91 -37.73 6.42
CA UNK F 162 22.34 -37.50 6.53
C UNK F 162 22.68 -36.64 7.73
N UNK F 163 21.72 -35.87 8.23
CA UNK F 163 22.00 -34.91 9.29
C UNK F 163 22.27 -35.61 10.62
N UNK F 164 21.71 -36.79 10.85
CA UNK F 164 22.01 -37.50 12.08
C UNK F 164 23.42 -38.03 12.11
N UNK F 165 24.12 -38.04 10.99
CA UNK F 165 25.54 -38.35 10.94
C UNK F 165 26.41 -37.17 10.56
N UNK F 166 25.82 -36.06 10.12
CA UNK F 166 26.61 -34.84 10.11
C UNK F 166 26.64 -34.20 11.48
N UNK F 167 25.69 -34.54 12.35
CA UNK F 167 25.65 -33.99 13.70
C UNK F 167 26.87 -34.41 14.49
N UNK F 168 27.05 -35.72 14.66
CA UNK F 168 28.20 -36.20 15.42
C UNK F 168 29.52 -36.05 14.67
N UNK F 169 29.52 -35.58 13.43
CA UNK F 169 30.77 -35.45 12.69
C UNK F 169 31.14 -34.01 12.40
N UNK F 170 30.25 -33.07 12.66
CA UNK F 170 30.60 -31.67 12.52
C UNK F 170 29.97 -30.75 13.56
N UNK F 171 29.40 -31.27 14.64
CA UNK F 171 29.01 -30.42 15.76
C UNK F 171 29.59 -30.95 17.06
N UNK F 172 29.59 -32.26 17.23
CA UNK F 172 30.27 -32.80 18.39
C UNK F 172 31.77 -32.96 18.17
N UNK F 173 32.27 -32.47 17.04
CA UNK F 173 33.69 -32.20 16.84
C UNK F 173 33.89 -30.77 16.40
N UNK F 174 32.94 -29.90 16.75
CA UNK F 174 33.06 -28.46 16.59
C UNK F 174 32.70 -27.70 17.83
N UNK F 175 31.98 -28.31 18.76
CA UNK F 175 32.00 -27.84 20.14
C UNK F 175 33.30 -28.25 20.81
N UNK F 176 33.79 -29.46 20.50
CA UNK F 176 34.99 -29.98 21.13
C UNK F 176 36.24 -29.20 20.78
N UNK F 177 36.27 -28.56 19.62
CA UNK F 177 37.32 -27.58 19.42
C UNK F 177 37.08 -26.34 20.26
N UNK F 178 35.84 -25.87 20.35
CA UNK F 178 35.56 -24.63 21.07
C UNK F 178 35.30 -24.84 22.54
N UNK F 179 35.81 -25.93 23.10
CA UNK F 179 36.17 -26.00 24.52
C UNK F 179 37.67 -25.93 24.67
N UNK F 180 38.38 -25.73 23.56
CA UNK F 180 39.82 -25.54 23.56
C UNK F 180 40.10 -24.24 22.85
N UNK F 181 39.18 -23.30 23.02
CA UNK F 181 39.33 -21.89 22.68
C UNK F 181 38.30 -21.14 23.50
N UNK F 182 37.96 -19.92 23.09
CA UNK F 182 37.21 -19.03 23.95
C UNK F 182 35.77 -18.86 23.49
N UNK F 183 34.83 -19.01 24.42
CA UNK F 183 33.43 -18.70 24.16
C UNK F 183 33.13 -17.30 24.63
N UNK F 184 33.98 -16.36 24.25
CA UNK F 184 34.00 -15.07 24.89
C UNK F 184 34.86 -14.07 24.16
N UNK F 185 35.23 -13.00 24.85
CA UNK F 185 35.92 -11.86 24.28
C UNK F 185 37.29 -11.55 24.85
N UNK F 186 38.17 -12.53 25.00
CA UNK F 186 39.54 -12.20 25.33
C UNK F 186 40.52 -13.23 24.80
N UNK F 187 41.62 -12.74 24.26
CA UNK F 187 42.84 -13.48 24.13
C UNK F 187 43.62 -13.52 25.43
N UNK F 188 43.55 -12.45 26.23
CA UNK F 188 44.30 -12.29 27.47
C UNK F 188 43.58 -12.92 28.65
N UNK F 189 42.74 -13.90 28.34
CA UNK F 189 42.20 -14.96 29.17
C UNK F 189 41.06 -14.55 30.05
N UNK F 190 40.55 -13.32 29.96
CA UNK F 190 39.24 -12.99 30.53
C UNK F 190 38.16 -13.56 29.60
N UNK F 191 38.08 -14.90 29.58
CA UNK F 191 37.54 -15.66 28.47
C UNK F 191 37.54 -17.14 28.76
N UNK F 192 36.97 -17.93 27.85
CA UNK F 192 37.42 -19.30 27.59
C UNK F 192 37.27 -20.25 28.76
N UNK F 193 36.09 -20.29 29.31
CA UNK F 193 35.90 -21.07 30.51
C UNK F 193 34.91 -22.19 30.21
N UNK F 194 35.08 -22.81 29.05
CA UNK F 194 34.17 -23.84 28.59
C UNK F 194 34.51 -25.19 29.22
N UNK F 195 33.53 -25.83 29.84
CA UNK F 195 33.83 -27.16 30.35
C UNK F 195 32.82 -28.23 29.97
N UNK F 196 31.56 -27.86 29.79
CA UNK F 196 30.46 -28.74 29.34
C UNK F 196 30.31 -29.96 30.25
N UNK F 197 30.22 -29.67 31.56
CA UNK F 197 30.54 -30.57 32.66
C UNK F 197 29.82 -31.92 32.64
N UNK F 198 28.50 -31.93 32.78
CA UNK F 198 27.85 -33.22 32.93
C UNK F 198 26.37 -33.22 32.60
N UNK F 199 25.86 -34.38 32.23
CA UNK F 199 24.46 -34.62 32.42
C UNK F 199 24.18 -35.01 33.86
N UNK F 200 23.93 -34.04 34.74
CA UNK F 200 23.54 -34.21 36.14
C UNK F 200 24.57 -34.94 37.00
N UNK F 201 25.76 -35.19 36.48
CA UNK F 201 26.80 -35.84 37.27
C UNK F 201 27.82 -34.81 37.72
N UNK F 202 28.91 -35.29 38.32
CA UNK F 202 30.07 -34.45 38.67
C UNK F 202 31.32 -35.31 38.66
N UNK F 203 32.00 -35.42 37.52
CA UNK F 203 33.28 -36.12 37.48
C UNK F 203 34.35 -35.54 36.58
N UNK F 204 34.01 -34.66 35.63
CA UNK F 204 34.84 -34.21 34.50
C UNK F 204 35.40 -35.35 33.65
N UNK F 205 34.51 -36.07 32.96
CA UNK F 205 34.88 -36.95 31.84
C UNK F 205 34.59 -36.25 30.52
N UNK F 206 33.52 -35.43 30.50
CA UNK F 206 33.32 -34.24 29.66
C UNK F 206 33.33 -34.43 28.14
N UNK F 207 33.51 -35.66 27.66
CA UNK F 207 33.61 -35.91 26.23
C UNK F 207 32.23 -35.99 25.61
N UNK F 208 31.50 -37.00 26.05
CA UNK F 208 30.11 -37.15 25.74
C UNK F 208 29.38 -37.25 27.05
N UNK F 209 29.69 -36.33 27.97
CA UNK F 209 28.82 -36.11 29.11
C UNK F 209 27.84 -34.96 28.83
N UNK F 210 27.25 -34.99 27.65
CA UNK F 210 26.15 -34.13 27.27
C UNK F 210 24.86 -34.91 27.53
N UNK F 211 23.73 -34.39 27.07
CA UNK F 211 22.48 -35.15 27.17
C UNK F 211 21.72 -34.93 25.87
N UNK F 212 22.03 -35.75 24.86
CA UNK F 212 21.46 -35.59 23.53
C UNK F 212 20.13 -36.30 23.50
N UNK F 213 19.14 -35.69 24.13
CA UNK F 213 17.82 -36.30 24.19
C UNK F 213 17.08 -36.05 22.88
N UNK F 214 16.71 -37.12 22.19
CA UNK F 214 16.05 -37.01 20.90
C UNK F 214 14.56 -37.19 21.05
N UNK F 215 13.78 -36.35 20.38
CA UNK F 215 12.34 -36.49 20.28
C UNK F 215 11.98 -36.74 18.82
N UNK F 216 11.28 -37.82 18.57
CA UNK F 216 10.99 -38.24 17.21
C UNK F 216 9.68 -37.66 16.73
N UNK G 1 43.64 -22.29 8.10
CA UNK G 1 43.00 -23.33 8.89
C UNK G 1 43.76 -23.58 10.16
N UNK G 2 43.06 -23.76 11.28
CA UNK G 2 43.72 -24.00 12.56
C UNK G 2 44.30 -25.40 12.55
N UNK G 3 45.54 -25.52 12.08
CA UNK G 3 46.12 -26.83 11.85
C UNK G 3 46.46 -27.55 13.15
N UNK G 4 46.88 -26.83 14.18
CA UNK G 4 47.27 -27.43 15.45
C UNK G 4 47.15 -26.42 16.58
N UNK G 5 46.94 -26.92 17.79
CA UNK G 5 46.70 -26.08 18.96
C UNK G 5 47.59 -26.55 20.11
N UNK G 6 48.82 -26.04 20.14
CA UNK G 6 49.85 -26.51 21.07
C UNK G 6 49.58 -26.05 22.49
N UNK G 7 48.82 -26.85 23.23
CA UNK G 7 48.36 -26.51 24.57
C UNK G 7 49.52 -26.60 25.56
N UNK G 8 50.36 -25.56 25.54
CA UNK G 8 51.63 -25.58 26.27
C UNK G 8 51.45 -25.38 27.77
N UNK G 9 50.76 -26.31 28.41
CA UNK G 9 50.49 -26.21 29.83
C UNK G 9 51.78 -26.40 30.63
N UNK G 10 51.88 -25.71 31.77
CA UNK G 10 53.02 -25.87 32.66
C UNK G 10 52.68 -25.34 34.05
N UNK G 11 53.23 -25.96 35.07
CA UNK G 11 53.15 -25.31 36.37
C UNK G 11 54.12 -24.15 36.40
N UNK G 12 53.85 -23.19 37.29
CA UNK G 12 54.74 -22.04 37.49
C UNK G 12 55.01 -21.94 38.99
N UNK G 13 56.22 -22.33 39.39
CA UNK G 13 56.62 -22.17 40.77
C UNK G 13 57.07 -20.75 40.99
N UNK G 14 56.93 -20.31 42.23
CA UNK G 14 57.14 -18.92 42.61
C UNK G 14 58.22 -18.84 43.68
N UNK G 15 59.41 -18.39 43.28
CA UNK G 15 60.49 -18.22 44.24
C UNK G 15 60.17 -17.05 45.15
N UNK G 16 60.13 -15.85 44.60
CA UNK G 16 59.74 -14.64 45.31
C UNK G 16 58.22 -14.47 45.21
N UNK G 17 57.69 -13.28 45.46
CA UNK G 17 56.24 -13.09 45.52
C UNK G 17 55.69 -12.46 44.22
N UNK G 18 54.41 -12.09 44.25
CA UNK G 18 53.71 -11.80 43.01
C UNK G 18 52.65 -10.71 43.24
N UNK G 19 51.67 -10.64 42.34
CA UNK G 19 50.81 -9.47 42.13
C UNK G 19 49.34 -9.77 42.47
N UNK G 20 48.96 -9.55 43.74
CA UNK G 20 47.72 -10.11 44.29
C UNK G 20 46.82 -8.98 44.82
N UNK G 21 45.67 -9.36 45.35
CA UNK G 21 44.61 -8.39 45.49
C UNK G 21 44.59 -7.64 46.82
N UNK G 22 45.55 -6.73 47.03
CA UNK G 22 45.48 -5.70 48.06
C UNK G 22 46.52 -4.63 47.79
N UNK G 23 46.47 -3.52 48.52
CA UNK G 23 47.61 -2.61 48.56
C UNK G 23 47.96 -2.16 49.96
N UNK G 24 47.00 -2.13 50.87
CA UNK G 24 47.17 -1.79 52.28
C UNK G 24 45.91 -2.08 53.05
N UNK G 25 45.98 -2.19 54.38
CA UNK G 25 44.78 -2.22 55.21
C UNK G 25 44.98 -1.67 56.63
N UNK G 26 44.77 -0.37 56.83
CA UNK G 26 44.72 0.18 58.19
C UNK G 26 43.73 1.35 58.30
N UNK G 27 42.78 1.43 57.37
CA UNK G 27 42.08 2.68 57.12
C UNK G 27 40.77 2.37 56.38
N UNK G 28 40.25 3.38 55.69
CA UNK G 28 39.05 3.31 54.88
C UNK G 28 39.15 2.22 53.82
N UNK G 29 37.99 1.69 53.45
CA UNK G 29 37.88 0.51 52.59
C UNK G 29 38.05 0.90 51.13
N UNK G 30 37.74 -0.05 50.25
CA UNK G 30 37.81 0.06 48.79
C UNK G 30 39.22 0.43 48.32
N UNK G 31 40.16 -0.47 48.60
CA UNK G 31 41.51 -0.35 48.10
C UNK G 31 41.60 -1.03 46.74
N UNK G 32 42.61 -0.67 45.97
CA UNK G 32 42.69 -1.19 44.61
C UNK G 32 43.28 -2.59 44.61
N UNK G 33 42.98 -3.33 43.54
CA UNK G 33 43.49 -4.67 43.36
C UNK G 33 44.83 -4.62 42.64
N UNK G 34 45.73 -5.52 43.00
CA UNK G 34 47.07 -5.52 42.43
C UNK G 34 47.56 -6.87 41.94
N UNK G 35 47.92 -10.55 31.92
CA UNK G 35 49.08 -10.06 32.65
C UNK G 35 50.32 -10.83 32.28
N UNK G 36 50.32 -12.13 32.59
CA UNK G 36 51.42 -13.01 32.18
C UNK G 36 51.53 -13.13 30.68
N UNK G 37 50.47 -12.77 29.94
CA UNK G 37 50.51 -12.65 28.48
C UNK G 37 50.73 -11.24 28.02
N UNK G 38 51.31 -10.41 28.86
CA UNK G 38 51.64 -9.09 28.38
C UNK G 38 53.01 -8.66 28.85
N UNK G 39 53.46 -9.22 29.96
CA UNK G 39 54.86 -9.08 30.33
C UNK G 39 55.72 -9.70 29.26
N UNK G 40 55.29 -10.85 28.73
CA UNK G 40 55.91 -11.42 27.55
C UNK G 40 55.81 -10.48 26.36
N UNK G 41 54.68 -9.78 26.22
CA UNK G 41 54.53 -8.87 25.09
C UNK G 41 55.42 -7.66 25.20
N UNK G 42 55.81 -7.28 26.42
CA UNK G 42 56.80 -6.24 26.58
C UNK G 42 58.17 -6.78 26.25
N UNK G 43 58.52 -7.91 26.88
CA UNK G 43 59.89 -8.37 26.85
C UNK G 43 60.29 -8.85 25.47
N UNK G 44 59.40 -9.54 24.77
CA UNK G 44 59.71 -9.93 23.40
C UNK G 44 59.75 -8.72 22.48
N UNK G 45 58.96 -7.69 22.79
CA UNK G 45 58.99 -6.49 21.95
C UNK G 45 60.33 -5.80 22.08
N UNK G 46 60.72 -5.48 23.29
CA UNK G 46 61.96 -4.76 23.50
C UNK G 46 63.18 -5.62 23.21
N UNK G 47 63.08 -6.94 23.34
CA UNK G 47 64.19 -7.78 22.91
C UNK G 47 64.24 -7.83 21.40
N UNK G 48 63.11 -7.68 20.72
CA UNK G 48 63.15 -7.56 19.27
C UNK G 48 63.65 -6.19 18.86
N UNK G 49 63.46 -5.18 19.72
CA UNK G 49 64.20 -3.91 19.73
C UNK G 49 64.05 -3.14 18.42
N UNK G 50 62.83 -2.67 18.16
CA UNK G 50 62.56 -2.12 16.84
C UNK G 50 61.83 -0.78 16.91
N UNK G 51 61.67 -0.21 15.71
CA UNK G 51 61.11 1.12 15.55
C UNK G 51 59.62 1.14 15.84
N UNK G 52 58.84 0.35 15.10
CA UNK G 52 57.43 0.15 15.39
C UNK G 52 57.20 -0.99 16.38
N UNK G 53 58.20 -1.30 17.21
CA UNK G 53 58.02 -2.12 18.40
C UNK G 53 58.31 -1.30 19.65
N UNK G 54 59.49 -0.70 19.78
CA UNK G 54 59.81 0.06 20.98
C UNK G 54 59.53 1.54 20.83
N UNK G 55 60.21 2.20 19.91
CA UNK G 55 60.25 3.66 19.85
C UNK G 55 59.15 4.26 18.99
N UNK G 56 58.05 3.56 18.78
CA UNK G 56 56.86 4.15 18.18
C UNK G 56 55.84 4.43 19.27
N UNK G 57 54.61 4.74 18.84
CA UNK G 57 53.63 5.52 19.60
C UNK G 57 53.27 4.91 20.94
N UNK G 58 52.81 5.78 21.84
CA UNK G 58 52.27 5.38 23.12
C UNK G 58 50.93 6.06 23.30
N UNK G 59 50.28 5.70 24.43
CA UNK G 59 48.89 5.91 24.83
C UNK G 59 47.92 5.02 24.05
N UNK G 60 48.42 4.32 23.04
CA UNK G 60 47.72 3.23 22.38
C UNK G 60 48.83 2.24 22.09
N UNK G 61 48.96 1.25 22.96
CA UNK G 61 50.20 0.48 23.11
C UNK G 61 50.39 -0.48 21.94
N UNK G 62 51.39 -1.37 22.04
CA UNK G 62 51.72 -2.38 21.04
C UNK G 62 52.03 -1.73 19.70
N UNK G 63 53.23 -1.21 19.53
CA UNK G 63 53.55 -0.16 18.57
C UNK G 63 53.38 -0.48 17.08
N UNK G 64 52.65 -1.56 16.76
CA UNK G 64 51.95 -1.76 15.50
C UNK G 64 52.87 -1.89 14.30
N UNK G 65 53.68 -2.94 14.29
CA UNK G 65 54.65 -3.18 13.22
C UNK G 65 53.90 -3.49 11.94
N UNK G 66 53.65 -2.44 11.17
CA UNK G 66 52.86 -2.54 9.95
C UNK G 66 53.71 -3.24 8.89
N UNK G 67 53.67 -4.55 8.93
CA UNK G 67 54.36 -5.38 7.94
C UNK G 67 53.47 -6.58 7.68
N UNK G 68 54.03 -7.61 7.06
CA UNK G 68 53.22 -8.77 6.76
C UNK G 68 53.01 -9.59 8.02
N UNK G 69 54.07 -10.18 8.54
CA UNK G 69 54.00 -11.11 9.65
C UNK G 69 55.14 -10.87 10.63
N UNK G 70 55.29 -9.62 11.08
CA UNK G 70 56.26 -9.30 12.12
C UNK G 70 55.98 -10.10 13.38
N UNK G 71 57.05 -10.50 14.06
CA UNK G 71 57.02 -11.62 15.00
C UNK G 71 56.15 -11.32 16.20
N UNK G 72 56.13 -10.06 16.64
CA UNK G 72 55.25 -9.65 17.73
C UNK G 72 53.88 -9.21 17.24
N UNK G 73 53.64 -9.22 15.94
CA UNK G 73 52.30 -8.98 15.42
C UNK G 73 51.56 -10.27 15.17
N UNK G 74 52.15 -11.36 15.47
CA UNK G 74 51.38 -12.60 15.58
C UNK G 74 51.64 -13.29 16.89
N UNK G 75 52.89 -13.32 17.34
CA UNK G 75 53.30 -14.27 18.37
C UNK G 75 52.83 -13.82 19.75
N UNK G 76 53.34 -12.68 20.23
CA UNK G 76 52.99 -12.21 21.57
C UNK G 76 51.54 -11.78 21.64
N UNK G 77 51.05 -11.17 20.57
CA UNK G 77 49.66 -10.92 20.27
C UNK G 77 49.66 -10.47 18.83
N UNK G 78 48.56 -9.92 18.39
CA UNK G 78 48.54 -9.23 17.11
C UNK G 78 48.15 -7.79 17.34
N UNK G 79 48.32 -6.98 16.31
CA UNK G 79 47.76 -5.64 16.33
C UNK G 79 46.26 -5.73 16.03
N UNK G 80 45.60 -4.62 15.77
CA UNK G 80 44.17 -4.65 15.58
C UNK G 80 43.84 -3.72 14.42
N UNK G 81 42.57 -3.34 14.33
CA UNK G 81 42.02 -2.64 13.18
C UNK G 81 42.65 -1.25 13.00
N UNK G 82 42.50 -0.72 11.79
CA UNK G 82 43.18 0.48 11.33
C UNK G 82 42.41 1.03 10.12
N UNK G 83 43.08 1.81 9.28
CA UNK G 83 42.56 2.10 7.94
C UNK G 83 43.52 1.73 6.80
N UNK G 84 44.57 0.93 7.07
CA UNK G 84 45.42 0.28 6.06
C UNK G 84 45.68 -1.16 6.45
N UNK G 85 44.60 -1.87 6.81
CA UNK G 85 44.59 -3.28 7.18
C UNK G 85 44.72 -4.22 5.99
N UNK G 86 45.02 -3.67 4.81
CA UNK G 86 45.40 -4.45 3.63
C UNK G 86 46.57 -5.37 3.92
N UNK G 87 47.55 -4.90 4.71
CA UNK G 87 48.59 -5.78 5.18
C UNK G 87 48.20 -6.54 6.45
N UNK G 88 46.95 -6.44 6.88
CA UNK G 88 46.53 -7.15 8.08
C UNK G 88 45.56 -8.27 7.79
N UNK G 89 44.99 -8.32 6.60
CA UNK G 89 44.12 -9.45 6.28
C UNK G 89 44.92 -10.72 6.00
N UNK G 90 46.22 -10.59 5.79
CA UNK G 90 47.00 -11.66 5.20
C UNK G 90 48.23 -11.96 6.04
N UNK G 91 49.12 -12.76 5.45
CA UNK G 91 50.35 -13.31 6.03
C UNK G 91 50.09 -14.20 7.24
N UNK G 92 48.91 -14.84 7.26
CA UNK G 92 48.37 -15.60 8.39
C UNK G 92 48.35 -14.75 9.67
N UNK G 93 48.07 -13.46 9.51
CA UNK G 93 47.84 -12.55 10.63
C UNK G 93 46.37 -12.38 10.89
N UNK G 94 45.60 -13.45 10.78
CA UNK G 94 44.17 -13.31 10.93
C UNK G 94 43.74 -13.54 12.37
N UNK G 95 44.35 -14.49 13.04
CA UNK G 95 44.09 -14.71 14.44
C UNK G 95 45.29 -14.24 15.22
N UNK G 96 45.04 -13.54 16.31
CA UNK G 96 46.09 -13.24 17.25
C UNK G 96 46.47 -14.56 17.88
N UNK G 97 47.54 -15.15 17.39
CA UNK G 97 47.75 -16.59 17.54
C UNK G 97 48.29 -17.00 18.91
N UNK G 98 48.15 -16.21 19.96
CA UNK G 98 48.42 -16.69 21.30
C UNK G 98 47.17 -16.52 22.15
N UNK G 99 47.19 -17.15 23.32
CA UNK G 99 46.13 -17.04 24.31
C UNK G 99 46.68 -17.58 25.62
N UNK G 100 46.47 -16.87 26.73
CA UNK G 100 46.91 -17.32 28.04
C UNK G 100 45.76 -17.98 28.79
N UNK G 101 45.95 -18.24 30.09
CA UNK G 101 44.87 -18.74 30.91
C UNK G 101 45.11 -18.33 32.36
N UNK G 102 44.02 -18.15 33.09
CA UNK G 102 44.06 -17.67 34.47
C UNK G 102 44.56 -18.79 35.36
N UNK G 103 45.84 -18.76 35.65
CA UNK G 103 46.45 -19.81 36.45
C UNK G 103 45.98 -19.71 37.87
N UNK G 104 44.99 -20.52 38.24
CA UNK G 104 44.56 -20.56 39.63
C UNK G 104 45.65 -21.16 40.50
N UNK G 105 45.58 -20.90 41.79
CA UNK G 105 46.58 -21.46 42.70
C UNK G 105 46.24 -22.90 43.03
N UNK G 106 47.26 -23.75 43.10
CA UNK G 106 47.10 -25.21 43.20
C UNK G 106 46.73 -25.63 44.61
N UNK G 107 46.89 -26.92 44.91
CA UNK G 107 46.32 -27.58 46.08
C UNK G 107 46.66 -27.00 47.45
N UNK G 108 47.94 -27.01 47.84
CA UNK G 108 48.32 -26.88 49.25
C UNK G 108 48.09 -25.48 49.80
N UNK G 109 47.31 -25.39 50.88
CA UNK G 109 47.19 -24.19 51.70
C UNK G 109 48.06 -24.27 52.96
N UNK G 110 49.33 -24.61 52.80
CA UNK G 110 50.21 -24.85 53.92
C UNK G 110 50.91 -23.54 54.29
N UNK G 111 51.98 -23.62 55.08
CA UNK G 111 52.83 -22.48 55.43
C UNK G 111 54.23 -22.70 54.88
N UNK G 112 54.74 -21.72 54.12
CA UNK G 112 55.90 -21.94 53.26
C UNK G 112 57.13 -21.13 53.63
N UNK G 113 57.02 -19.81 53.69
CA UNK G 113 58.20 -18.97 53.87
C UNK G 113 58.66 -19.00 55.33
N UNK G 114 59.98 -18.98 55.53
CA UNK G 114 60.56 -19.16 56.86
C UNK G 114 61.65 -18.18 57.23
N UNK G 115 62.14 -17.34 56.33
CA UNK G 115 63.20 -16.42 56.68
C UNK G 115 63.05 -15.14 55.90
N UNK G 116 57.67 -19.84 58.92
CA UNK G 116 57.53 -18.61 59.68
C UNK G 116 58.47 -17.57 59.14
N UNK G 117 57.98 -16.77 58.18
CA UNK G 117 58.78 -15.88 57.37
C UNK G 117 59.55 -14.85 58.18
N UNK G 118 58.84 -13.98 58.89
CA UNK G 118 59.36 -12.94 59.80
C UNK G 118 60.14 -11.84 59.08
N UNK G 119 60.37 -11.98 57.78
CA UNK G 119 60.79 -11.03 56.78
C UNK G 119 60.83 -11.84 55.49
N UNK G 120 60.92 -11.17 54.36
CA UNK G 120 61.62 -11.78 53.24
C UNK G 120 63.09 -11.66 53.55
N UNK G 121 63.82 -12.77 53.41
CA UNK G 121 65.18 -12.89 53.92
C UNK G 121 66.13 -11.93 53.24
N UNK G 122 66.50 -10.88 53.98
CA UNK G 122 67.20 -9.70 53.46
C UNK G 122 66.50 -9.15 52.24
N UNK G 123 65.28 -8.67 52.49
CA UNK G 123 64.40 -8.17 51.42
C UNK G 123 64.95 -6.95 50.70
N UNK G 124 51.74 -10.09 59.01
CA UNK G 124 51.71 -11.20 58.06
C UNK G 124 52.19 -10.76 56.67
N UNK G 125 51.57 -9.74 56.09
CA UNK G 125 52.06 -9.21 54.82
C UNK G 125 53.29 -8.34 55.07
N UNK G 126 54.13 -8.25 54.05
CA UNK G 126 55.34 -7.44 54.18
C UNK G 126 54.97 -5.96 54.19
N UNK G 127 55.61 -5.21 55.10
CA UNK G 127 55.23 -3.83 55.41
C UNK G 127 56.48 -2.95 55.25
N UNK G 128 56.52 -2.18 54.16
CA UNK G 128 57.72 -1.39 53.89
C UNK G 128 57.71 -0.09 54.68
N UNK G 129 58.35 -0.11 55.86
CA UNK G 129 58.29 1.01 56.80
C UNK G 129 58.95 2.26 56.25
N UNK G 130 60.15 2.13 55.71
CA UNK G 130 60.94 3.18 55.07
C UNK G 130 61.22 4.40 55.96
N UNK G 131 56.62 4.37 50.15
CA UNK G 131 56.61 3.28 51.11
C UNK G 131 55.31 2.53 51.04
N UNK G 132 55.32 1.37 50.42
CA UNK G 132 54.15 0.51 50.46
C UNK G 132 54.05 -0.11 51.84
N UNK G 133 53.38 0.58 52.75
CA UNK G 133 53.10 -0.02 54.03
C UNK G 133 52.05 -1.12 53.86
N UNK G 134 52.43 -2.33 54.26
CA UNK G 134 51.58 -3.53 54.24
C UNK G 134 51.09 -3.84 52.83
N UNK G 135 52.02 -4.19 51.95
CA UNK G 135 51.68 -4.52 50.57
C UNK G 135 51.53 -6.03 50.46
N UNK G 136 50.28 -6.48 50.41
CA UNK G 136 50.00 -7.91 50.46
C UNK G 136 50.27 -8.53 49.10
N UNK G 137 51.07 -9.58 49.10
CA UNK G 137 51.45 -10.33 47.91
C UNK G 137 51.30 -11.82 48.16
N UNK G 138 51.24 -12.57 47.07
CA UNK G 138 51.09 -14.01 47.15
C UNK G 138 52.36 -14.62 47.70
N UNK G 139 52.23 -15.36 48.80
CA UNK G 139 53.38 -15.80 49.57
C UNK G 139 54.23 -16.77 48.79
N UNK G 140 55.48 -16.89 49.20
CA UNK G 140 56.48 -17.59 48.40
C UNK G 140 56.23 -19.08 48.40
N UNK G 141 56.91 -19.76 47.47
CA UNK G 141 56.91 -21.22 47.31
C UNK G 141 55.49 -21.75 47.08
N UNK G 142 54.96 -21.38 45.90
CA UNK G 142 53.74 -22.01 45.41
C UNK G 142 53.82 -22.06 43.90
N UNK G 143 52.93 -22.84 43.30
CA UNK G 143 52.96 -23.03 41.86
C UNK G 143 51.54 -23.01 41.32
N UNK G 144 51.36 -22.33 40.19
CA UNK G 144 50.04 -22.16 39.61
C UNK G 144 50.02 -22.79 38.22
N UNK G 145 48.91 -23.45 37.88
CA UNK G 145 48.86 -24.28 36.69
C UNK G 145 48.68 -23.46 35.42
N UNK G 146 49.72 -22.74 34.99
CA UNK G 146 49.61 -21.80 33.88
C UNK G 146 49.47 -22.56 32.58
N UNK G 147 48.28 -22.53 31.99
CA UNK G 147 48.14 -23.03 30.63
C UNK G 147 48.54 -21.94 29.65
N UNK G 148 48.40 -22.24 28.36
CA UNK G 148 48.51 -21.29 27.27
C UNK G 148 47.86 -21.94 26.07
N UNK G 149 48.07 -21.35 24.89
CA UNK G 149 47.72 -21.97 23.62
C UNK G 149 48.46 -21.24 22.52
N UNK G 150 48.44 -21.83 21.32
CA UNK G 150 48.97 -21.15 20.15
C UNK G 150 48.24 -21.70 18.94
N UNK G 151 47.45 -20.84 18.29
CA UNK G 151 46.57 -21.25 17.21
C UNK G 151 47.36 -21.33 15.91
N UNK G 152 48.08 -22.44 15.72
CA UNK G 152 49.08 -22.56 14.66
C UNK G 152 48.39 -22.69 13.32
N UNK G 153 48.11 -21.54 12.69
CA UNK G 153 47.40 -21.55 11.42
C UNK G 153 48.32 -21.94 10.27
N UNK G 154 49.35 -21.14 10.02
CA UNK G 154 50.35 -21.46 9.02
C UNK G 154 51.61 -22.01 9.70
N UNK G 155 52.68 -22.23 8.93
CA UNK G 155 53.88 -22.88 9.43
C UNK G 155 54.98 -21.92 9.88
N UNK G 156 55.10 -20.73 9.25
CA UNK G 156 55.89 -19.68 9.88
C UNK G 156 55.26 -19.25 11.19
N UNK G 157 53.93 -19.33 11.29
CA UNK G 157 53.24 -19.27 12.56
C UNK G 157 53.28 -20.59 13.32
N UNK G 158 54.18 -21.50 12.94
CA UNK G 158 54.53 -22.64 13.78
C UNK G 158 56.00 -22.67 14.12
N UNK G 159 56.82 -21.87 13.45
CA UNK G 159 58.21 -21.73 13.86
C UNK G 159 58.42 -20.48 14.72
N UNK G 160 57.60 -19.44 14.53
CA UNK G 160 57.65 -18.27 15.40
C UNK G 160 57.34 -18.66 16.83
N UNK G 161 56.39 -19.56 17.04
CA UNK G 161 55.93 -19.98 18.36
C UNK G 161 56.85 -21.00 19.01
N UNK G 162 58.07 -21.13 18.54
CA UNK G 162 59.15 -21.68 19.34
C UNK G 162 60.45 -20.91 19.19
N UNK G 163 60.61 -20.05 18.18
CA UNK G 163 61.82 -19.24 18.10
C UNK G 163 61.70 -17.97 18.93
N UNK G 164 60.63 -17.20 18.72
CA UNK G 164 60.45 -16.00 19.54
C UNK G 164 59.83 -16.34 20.88
N UNK G 165 58.60 -16.86 20.88
CA UNK G 165 57.84 -17.00 22.11
C UNK G 165 58.25 -18.17 22.97
N UNK G 166 59.38 -18.81 22.71
CA UNK G 166 60.07 -19.54 23.75
C UNK G 166 61.24 -18.75 24.32
N UNK G 167 61.91 -17.92 23.50
CA UNK G 167 62.94 -17.04 24.01
C UNK G 167 62.37 -15.97 24.92
N UNK G 168 61.13 -15.55 24.68
CA UNK G 168 60.52 -14.58 25.57
C UNK G 168 60.20 -15.17 26.92
N UNK G 169 59.70 -16.41 26.97
CA UNK G 169 59.47 -17.03 28.26
C UNK G 169 60.76 -17.37 28.96
N UNK G 170 61.82 -17.66 28.22
CA UNK G 170 63.11 -17.78 28.85
C UNK G 170 63.68 -16.45 29.29
N UNK G 171 63.23 -15.33 28.71
CA UNK G 171 63.74 -14.03 29.12
C UNK G 171 62.97 -13.47 30.30
N UNK G 172 61.66 -13.70 30.35
CA UNK G 172 60.90 -13.41 31.55
C UNK G 172 61.11 -14.44 32.63
N UNK G 173 61.79 -15.54 32.30
CA UNK G 173 62.36 -16.36 33.35
C UNK G 173 63.53 -15.66 34.02
N UNK G 174 64.27 -14.85 33.26
CA UNK G 174 65.21 -13.93 33.90
C UNK G 174 64.32 -12.93 34.60
N UNK G 175 64.16 -13.15 35.90
CA UNK G 175 62.93 -12.90 36.64
C UNK G 175 62.46 -11.46 36.61
N UNK G 176 61.34 -11.22 35.92
CA UNK G 176 60.78 -9.89 35.85
C UNK G 176 59.26 -9.86 35.74
N UNK G 177 58.53 -10.81 36.34
CA UNK G 177 57.14 -10.98 35.89
C UNK G 177 56.09 -10.90 36.98
N UNK G 178 56.14 -9.85 37.80
CA UNK G 178 55.14 -9.64 38.83
C UNK G 178 54.89 -8.17 39.13
N UNK G 179 54.37 -7.92 40.33
CA UNK G 179 53.90 -6.62 40.79
C UNK G 179 54.93 -5.52 40.76
N UNK G 180 55.94 -5.59 41.61
CA UNK G 180 56.83 -4.46 41.84
C UNK G 180 58.27 -4.93 41.70
N UNK G 181 58.86 -4.70 40.52
CA UNK G 181 60.20 -5.21 40.24
C UNK G 181 61.29 -4.39 40.91
N UNK G 182 61.18 -4.22 42.23
CA UNK G 182 62.30 -3.92 43.13
C UNK G 182 61.83 -4.30 44.52
N UNK G 183 62.37 -5.39 45.06
CA UNK G 183 62.23 -6.00 46.39
C UNK G 183 60.96 -6.84 46.60
N UNK G 184 60.00 -6.89 45.66
CA UNK G 184 58.92 -7.90 45.74
C UNK G 184 58.34 -8.12 44.34
N UNK G 185 58.84 -9.13 43.63
CA UNK G 185 58.36 -9.45 42.28
C UNK G 185 58.79 -10.82 41.81
N UNK G 186 58.70 -11.07 40.50
CA UNK G 186 59.73 -11.78 39.73
C UNK G 186 60.11 -13.17 40.20
N UNK G 187 59.21 -14.11 40.07
CA UNK G 187 59.38 -15.42 40.65
C UNK G 187 59.18 -16.50 39.61
N UNK G 188 59.79 -16.35 38.46
CA UNK G 188 59.57 -17.28 37.38
C UNK G 188 60.46 -18.50 37.58
N UNK G 189 59.86 -19.66 37.86
CA UNK G 189 60.60 -20.90 38.00
C UNK G 189 60.16 -21.99 37.04
N UNK G 190 58.85 -22.23 36.93
CA UNK G 190 58.22 -23.06 35.89
C UNK G 190 58.70 -24.51 35.92
N UNK G 191 58.28 -25.25 36.94
CA UNK G 191 58.59 -26.67 37.07
C UNK G 191 57.54 -27.61 36.46
N UNK G 192 57.92 -28.39 35.42
CA UNK G 192 56.98 -29.03 34.49
C UNK G 192 56.02 -30.11 34.99
N UNK G 193 56.57 -31.28 35.25
CA UNK G 193 55.73 -32.46 35.27
C UNK G 193 55.87 -33.21 36.58
N UNK G 194 57.10 -33.47 36.97
CA UNK G 194 57.43 -34.15 38.20
C UNK G 194 58.21 -33.18 39.09
N UNK G 195 58.03 -33.31 40.40
CA UNK G 195 58.60 -32.34 41.33
C UNK G 195 59.81 -32.94 42.01
N UNK G 196 60.97 -32.92 41.33
CA UNK G 196 62.20 -33.17 42.05
C UNK G 196 63.28 -32.09 41.96
N UNK G 197 63.88 -31.91 40.78
CA UNK G 197 65.04 -31.04 40.66
C UNK G 197 65.18 -30.37 39.29
N UNK G 198 64.11 -29.80 38.75
CA UNK G 198 63.86 -29.53 37.33
C UNK G 198 65.03 -28.97 36.51
N UNK G 199 65.15 -29.45 35.27
CA UNK G 199 66.33 -29.24 34.43
C UNK G 199 66.15 -28.13 33.40
N UNK G 200 67.09 -28.01 32.47
CA UNK G 200 67.27 -26.77 31.74
C UNK G 200 66.44 -26.72 30.46
N UNK G 201 65.72 -25.61 30.32
CA UNK G 201 65.20 -25.02 29.09
C UNK G 201 64.01 -25.73 28.44
N UNK G 202 63.68 -26.93 28.88
CA UNK G 202 62.39 -27.52 28.55
C UNK G 202 61.85 -28.03 29.87
N UNK G 203 61.30 -27.11 30.64
CA UNK G 203 60.68 -27.40 31.92
C UNK G 203 59.20 -27.13 31.85
N UNK G 204 58.61 -27.50 30.73
CA UNK G 204 57.22 -27.23 30.40
C UNK G 204 56.61 -28.50 29.83
N UNK G 205 55.46 -28.41 29.18
CA UNK G 205 54.86 -29.56 28.50
C UNK G 205 54.01 -29.05 27.37
N UNK G 206 54.24 -29.55 26.16
CA UNK G 206 53.59 -28.99 24.98
C UNK G 206 52.85 -30.07 24.22
N UNK G 207 51.62 -30.37 24.64
CA UNK G 207 50.77 -31.26 23.87
C UNK G 207 50.34 -30.57 22.59
N UNK G 208 50.32 -31.33 21.50
CA UNK G 208 50.10 -30.75 20.17
C UNK G 208 48.89 -31.39 19.50
N UNK G 209 47.70 -30.92 19.84
CA UNK G 209 46.51 -31.42 19.20
C UNK G 209 46.35 -30.78 17.83
N UNK G 210 45.45 -31.33 17.02
CA UNK G 210 45.28 -30.89 15.63
C UNK G 210 44.41 -29.65 15.52
N UNK H 1 60.78 -3.31 29.92
CA UNK H 1 60.46 -2.69 28.64
C UNK H 1 61.75 -2.30 27.94
N UNK H 2 62.75 -3.15 28.08
CA UNK H 2 64.14 -2.76 27.90
C UNK H 2 64.86 -3.67 26.92
N UNK H 3 65.78 -3.07 26.14
CA UNK H 3 66.55 -3.71 25.08
C UNK H 3 67.82 -4.37 25.58
N UNK H 4 67.88 -4.66 26.87
CA UNK H 4 68.99 -5.37 27.47
C UNK H 4 68.48 -5.97 28.75
N UNK H 5 69.32 -6.79 29.37
CA UNK H 5 69.23 -7.11 30.80
C UNK H 5 70.62 -7.59 31.21
N UNK H 6 71.39 -6.69 31.79
CA UNK H 6 72.72 -7.07 32.28
C UNK H 6 72.51 -7.64 33.66
N UNK H 7 72.38 -8.96 33.74
CA UNK H 7 72.14 -9.59 35.02
C UNK H 7 73.42 -9.66 35.82
N UNK H 8 73.27 -9.60 37.13
CA UNK H 8 74.41 -9.67 38.04
C UNK H 8 73.89 -10.31 39.33
N UNK H 9 74.30 -11.54 39.56
CA UNK H 9 73.92 -12.23 40.79
C UNK H 9 74.96 -11.92 41.84
N UNK H 10 74.64 -11.00 42.73
CA UNK H 10 75.54 -10.75 43.84
C UNK H 10 75.17 -11.66 45.00
N UNK H 11 76.01 -11.63 46.03
CA UNK H 11 75.70 -12.41 47.24
C UNK H 11 76.28 -11.64 48.42
N UNK H 12 75.38 -11.13 49.26
CA UNK H 12 75.83 -10.33 50.40
C UNK H 12 76.17 -11.22 51.57
N UNK H 13 77.23 -10.87 52.29
CA UNK H 13 77.68 -11.59 53.49
C UNK H 13 77.86 -10.60 54.62
N UNK H 14 77.41 -10.97 55.82
CA UNK H 14 77.37 -10.00 56.91
C UNK H 14 77.64 -10.64 58.25
N UNK H 15 78.46 -9.97 59.07
CA UNK H 15 78.81 -10.44 60.41
C UNK H 15 77.84 -9.90 61.47
N UNK H 16 77.74 -8.58 61.61
CA UNK H 16 76.71 -8.00 62.46
C UNK H 16 75.36 -8.19 61.81
N UNK H 17 74.39 -8.65 62.60
CA UNK H 17 73.13 -9.19 62.07
C UNK H 17 72.15 -8.11 61.65
N UNK H 18 70.89 -8.49 61.44
CA UNK H 18 69.85 -7.54 61.13
C UNK H 18 68.61 -7.90 61.94
N UNK H 19 67.53 -7.16 61.73
CA UNK H 19 66.30 -7.32 62.49
C UNK H 19 65.18 -7.79 61.56
N UNK H 20 64.70 -9.01 61.79
CA UNK H 20 63.49 -9.55 61.19
C UNK H 20 62.32 -9.21 62.11
N UNK H 21 61.18 -9.90 61.96
CA UNK H 21 60.10 -9.72 62.91
C UNK H 21 60.53 -10.24 64.28
N UNK H 22 60.83 -9.31 65.17
CA UNK H 22 61.45 -9.54 66.43
C UNK H 22 60.76 -8.61 67.43
N UNK H 23 59.88 -9.17 68.25
CA UNK H 23 59.41 -8.44 69.41
C UNK H 23 59.50 -9.27 70.69
N UNK H 24 59.18 -10.56 70.63
CA UNK H 24 59.11 -11.42 71.81
C UNK H 24 58.98 -12.90 71.47
N UNK H 25 58.65 -13.70 72.49
CA UNK H 25 58.21 -15.10 72.32
C UNK H 25 56.95 -15.44 73.09
N UNK H 26 56.61 -14.72 74.17
CA UNK H 26 55.32 -14.82 74.83
C UNK H 26 54.59 -13.50 74.94
N UNK H 27 55.29 -12.39 74.77
CA UNK H 27 54.68 -11.08 74.61
C UNK H 27 54.46 -10.83 73.11
N UNK H 28 54.26 -9.58 72.72
CA UNK H 28 53.67 -9.22 71.43
C UNK H 28 54.62 -9.47 70.26
N UNK H 29 54.15 -9.11 69.06
CA UNK H 29 54.77 -9.46 67.79
C UNK H 29 54.42 -8.38 66.77
N UNK H 30 54.51 -8.75 65.49
CA UNK H 30 54.12 -7.97 64.30
C UNK H 30 54.91 -6.69 64.14
N UNK H 31 56.23 -6.82 63.97
CA UNK H 31 57.09 -5.66 63.77
C UNK H 31 57.11 -5.25 62.30
N UNK H 32 57.73 -4.10 62.05
CA UNK H 32 57.83 -3.51 60.72
C UNK H 32 59.21 -3.77 60.12
N UNK H 33 59.48 -3.13 58.99
CA UNK H 33 60.78 -3.21 58.36
C UNK H 33 61.73 -2.32 59.14
N UNK H 34 62.90 -2.85 59.48
CA UNK H 34 63.85 -2.08 60.27
C UNK H 34 65.27 -2.26 59.76
N UNK H 35 64.64 -3.55 50.92
CA UNK H 35 65.39 -3.20 52.12
C UNK H 35 66.80 -2.89 51.72
N UNK H 36 67.35 -3.77 50.91
CA UNK H 36 68.68 -3.52 50.38
C UNK H 36 68.66 -2.57 49.20
N UNK H 37 67.53 -2.42 48.51
CA UNK H 37 67.46 -1.47 47.43
C UNK H 37 67.46 -0.04 47.93
N UNK H 38 66.92 0.18 49.12
CA UNK H 38 66.75 1.53 49.64
C UNK H 38 68.09 2.13 50.05
N UNK H 39 68.90 1.38 50.79
CA UNK H 39 70.22 1.88 51.12
C UNK H 39 71.10 1.96 49.89
N UNK H 40 70.90 1.07 48.92
CA UNK H 40 71.64 1.16 47.68
C UNK H 40 71.23 2.36 46.84
N UNK H 41 70.02 2.87 47.02
CA UNK H 41 69.72 4.14 46.37
C UNK H 41 70.23 5.32 47.16
N UNK H 42 70.11 5.25 48.50
CA UNK H 42 70.51 6.37 49.34
C UNK H 42 72.01 6.60 49.29
N UNK H 43 72.78 5.52 49.16
CA UNK H 43 74.20 5.68 48.96
C UNK H 43 74.51 6.26 47.58
N UNK H 44 73.81 5.76 46.55
CA UNK H 44 74.10 6.20 45.19
C UNK H 44 73.72 7.65 44.95
N UNK H 45 72.80 8.17 45.75
CA UNK H 45 72.47 9.60 45.67
C UNK H 45 73.66 10.44 46.11
N UNK H 46 74.23 10.13 47.28
CA UNK H 46 75.41 10.85 47.74
C UNK H 46 76.62 10.53 46.89
N UNK H 47 76.62 9.36 46.25
CA UNK H 47 77.73 8.99 45.38
C UNK H 47 77.69 9.76 44.08
N UNK H 48 76.52 9.95 43.50
CA UNK H 48 76.43 10.72 42.28
C UNK H 48 76.54 12.20 42.54
N UNK H 49 76.41 12.62 43.80
CA UNK H 49 75.97 13.96 44.16
C UNK H 49 74.76 14.32 43.31
N UNK H 50 73.72 13.50 43.49
CA UNK H 50 72.62 13.40 42.53
C UNK H 50 71.59 14.50 42.64
N UNK H 51 71.53 15.40 41.64
CA UNK H 51 70.52 16.44 41.56
C UNK H 51 69.16 15.91 41.12
N UNK H 52 69.03 14.59 40.96
CA UNK H 52 67.73 13.95 40.92
C UNK H 52 67.08 13.88 42.29
N UNK H 53 67.75 14.39 43.32
CA UNK H 53 67.26 14.29 44.67
C UNK H 53 67.92 15.36 45.54
N UNK H 54 67.33 15.58 46.73
CA UNK H 54 67.98 16.08 47.93
C UNK H 54 68.74 17.40 47.80
N UNK H 55 68.25 18.31 46.97
CA UNK H 55 68.88 19.62 46.87
C UNK H 55 67.87 20.73 47.09
N UNK H 56 66.68 20.58 46.51
CA UNK H 56 65.65 21.60 46.66
C UNK H 56 64.78 21.27 47.86
N UNK H 57 63.96 22.22 48.28
CA UNK H 57 63.07 22.03 49.42
C UNK H 57 61.99 21.01 49.08
N UNK H 58 62.17 19.78 49.57
CA UNK H 58 61.50 18.64 49.00
C UNK H 58 60.23 18.19 49.73
N UNK H 59 60.39 17.75 50.99
CA UNK H 59 59.53 16.86 51.79
C UNK H 59 59.40 15.47 51.20
N UNK H 60 60.10 15.23 50.09
CA UNK H 60 60.20 13.97 49.38
C UNK H 60 61.50 14.08 48.59
N UNK H 61 62.55 13.48 49.14
CA UNK H 61 63.92 13.74 48.71
C UNK H 61 64.19 13.12 47.33
N UNK H 62 63.62 13.76 46.32
CA UNK H 62 63.80 13.36 44.94
C UNK H 62 63.41 14.55 44.07
N UNK H 63 64.31 14.98 43.21
CA UNK H 63 63.91 15.81 42.09
C UNK H 63 63.49 14.96 40.92
N UNK H 64 63.92 13.69 40.91
CA UNK H 64 63.73 12.74 39.80
C UNK H 64 64.21 13.34 38.48
N UNK H 65 65.36 14.01 38.57
CA UNK H 65 66.04 14.58 37.42
C UNK H 65 67.14 13.59 37.03
N UNK H 66 66.73 12.49 36.44
CA UNK H 66 67.65 11.47 35.97
C UNK H 66 67.91 11.62 34.49
N UNK H 67 68.84 10.82 33.98
CA UNK H 67 69.03 10.76 32.54
C UNK H 67 69.44 9.36 32.17
N UNK H 68 69.53 9.14 30.86
CA UNK H 68 69.95 7.89 30.25
C UNK H 68 71.36 7.51 30.69
N UNK H 69 72.33 8.33 30.26
CA UNK H 69 73.73 8.11 30.64
C UNK H 69 73.99 8.47 32.09
N UNK H 70 73.08 9.21 32.74
CA UNK H 70 73.15 9.37 34.18
C UNK H 70 72.78 8.03 34.77
N UNK H 71 73.78 7.17 34.93
CA UNK H 71 73.57 5.76 35.18
C UNK H 71 73.46 5.44 36.67
N UNK H 72 74.07 6.26 37.52
CA UNK H 72 73.78 6.27 38.96
C UNK H 72 72.57 7.13 39.29
N UNK H 73 72.00 7.79 38.28
CA UNK H 73 70.64 8.28 38.34
C UNK H 73 69.68 7.42 37.52
N UNK H 74 70.18 6.60 36.59
CA UNK H 74 69.29 5.60 36.01
C UNK H 74 69.04 4.47 36.98
N UNK H 75 70.07 3.68 37.26
CA UNK H 75 70.00 2.65 38.29
C UNK H 75 69.99 3.31 39.65
N UNK H 76 69.64 2.51 40.67
CA UNK H 76 69.19 3.02 41.97
C UNK H 76 68.09 4.05 41.71
N UNK H 77 66.91 3.52 41.38
CA UNK H 77 66.02 3.85 40.28
C UNK H 77 65.91 5.28 39.76
N UNK H 78 65.59 5.38 38.46
CA UNK H 78 65.41 6.61 37.72
C UNK H 78 64.02 7.23 37.74
N UNK H 79 63.79 8.06 36.75
CA UNK H 79 62.57 8.78 36.42
C UNK H 79 61.36 7.87 36.29
N UNK H 80 60.20 8.51 36.31
CA UNK H 80 58.89 7.90 36.20
C UNK H 80 58.10 8.79 35.24
N UNK H 81 56.78 8.69 35.29
CA UNK H 81 55.92 9.48 34.42
C UNK H 81 56.03 10.96 34.76
N UNK H 82 56.80 11.70 33.96
CA UNK H 82 57.14 13.10 34.21
C UNK H 82 57.30 13.80 32.87
N UNK H 83 57.97 14.96 32.87
CA UNK H 83 57.94 15.87 31.71
C UNK H 83 58.70 15.32 30.50
N UNK H 84 59.87 14.73 30.73
CA UNK H 84 60.78 14.33 29.65
C UNK H 84 61.14 12.85 29.78
N UNK H 85 60.11 12.01 29.87
CA UNK H 85 60.24 10.56 29.98
C UNK H 85 60.87 9.90 28.77
N UNK H 86 60.96 10.59 27.63
CA UNK H 86 61.82 10.13 26.55
C UNK H 86 63.27 10.08 27.01
N UNK H 87 63.85 11.25 27.30
CA UNK H 87 65.27 11.38 27.62
C UNK H 87 65.66 10.82 28.98
N UNK H 88 64.94 11.21 30.04
CA UNK H 88 65.32 10.83 31.40
C UNK H 88 65.20 9.33 31.62
N UNK H 89 64.29 8.69 30.93
CA UNK H 89 64.13 7.25 30.98
C UNK H 89 64.69 6.57 29.73
N UNK H 90 65.38 7.32 28.88
CA UNK H 90 65.95 6.75 27.67
C UNK H 90 67.16 5.88 28.00
N UNK H 91 67.72 5.28 26.94
CA UNK H 91 68.67 4.16 27.00
C UNK H 91 68.15 3.04 27.89
N UNK H 92 66.83 2.83 27.84
CA UNK H 92 66.03 2.09 28.81
C UNK H 92 66.42 2.41 30.24
N UNK H 93 66.22 3.65 30.66
CA UNK H 93 66.13 3.97 32.08
C UNK H 93 64.68 4.10 32.52
N UNK H 94 63.82 3.25 31.94
CA UNK H 94 62.36 3.34 32.09
C UNK H 94 61.88 3.12 33.52
N UNK H 95 62.03 1.91 34.02
CA UNK H 95 61.72 1.61 35.40
C UNK H 95 63.00 1.79 36.22
N UNK H 96 63.04 1.19 37.40
CA UNK H 96 64.32 0.94 38.05
C UNK H 96 65.28 0.25 37.10
N UNK H 97 66.38 0.91 36.81
CA UNK H 97 67.46 0.27 36.06
C UNK H 97 68.35 -0.57 36.97
N UNK H 98 67.96 -0.78 38.21
CA UNK H 98 68.59 -1.78 39.07
C UNK H 98 67.46 -2.52 39.78
N UNK H 99 66.89 -3.51 39.11
CA UNK H 99 65.80 -4.29 39.66
C UNK H 99 66.38 -5.36 40.56
N UNK H 100 66.66 -4.97 41.81
CA UNK H 100 67.08 -5.96 42.77
C UNK H 100 65.91 -6.86 43.14
N UNK H 101 66.22 -8.05 43.62
CA UNK H 101 65.21 -9.03 43.95
C UNK H 101 65.39 -9.48 45.38
N UNK H 102 64.39 -10.20 45.87
CA UNK H 102 64.41 -10.70 47.23
C UNK H 102 65.52 -11.71 47.37
N UNK H 103 66.43 -11.43 48.30
CA UNK H 103 67.55 -12.31 48.55
C UNK H 103 67.08 -13.64 49.08
N UNK H 104 67.89 -14.67 48.85
CA UNK H 104 67.49 -16.06 49.07
C UNK H 104 67.19 -16.33 50.53
N UNK H 105 66.40 -17.36 50.77
CA UNK H 105 65.96 -17.71 52.12
C UNK H 105 67.17 -18.19 52.89
N UNK H 106 67.74 -17.30 53.69
CA UNK H 106 69.01 -17.55 54.35
C UNK H 106 68.86 -18.60 55.44
N UNK H 107 70.00 -19.09 55.93
CA UNK H 107 70.03 -20.30 56.71
C UNK H 107 69.54 -20.13 58.14
N UNK H 108 70.22 -19.33 58.94
CA UNK H 108 70.01 -19.33 60.39
C UNK H 108 68.85 -18.41 60.75
N UNK H 109 67.65 -18.85 60.40
CA UNK H 109 66.43 -18.18 60.86
C UNK H 109 66.22 -18.56 62.32
N UNK H 110 66.94 -17.86 63.19
CA UNK H 110 66.91 -18.17 64.61
C UNK H 110 66.92 -16.88 65.42
N UNK H 111 67.20 -17.00 66.70
CA UNK H 111 67.07 -15.86 67.60
C UNK H 111 68.26 -14.91 67.49
N UNK H 112 68.38 -14.03 68.48
CA UNK H 112 69.55 -13.17 68.60
C UNK H 112 70.82 -13.99 68.83
N UNK H 113 70.70 -15.18 69.39
CA UNK H 113 71.84 -16.08 69.56
C UNK H 113 72.03 -17.01 68.37
N UNK H 114 71.60 -16.60 67.17
CA UNK H 114 71.88 -17.38 65.97
C UNK H 114 73.36 -17.40 65.64
N UNK H 115 74.06 -16.30 65.92
CA UNK H 115 75.50 -16.24 65.71
C UNK H 115 76.24 -16.63 66.98
N UNK H 116 72.77 -12.65 72.68
CA UNK H 116 72.39 -11.35 72.17
C UNK H 116 73.48 -10.33 72.41
N UNK H 117 74.17 -9.92 71.34
CA UNK H 117 75.18 -8.88 71.43
C UNK H 117 74.58 -7.51 71.12
N UNK H 118 73.86 -7.41 70.00
CA UNK H 118 73.22 -6.19 69.49
C UNK H 118 74.22 -5.05 69.35
N UNK H 119 75.47 -5.40 69.00
CA UNK H 119 76.58 -4.48 68.99
C UNK H 119 77.72 -5.05 68.19
N UNK H 120 78.22 -4.29 67.22
CA UNK H 120 79.41 -4.68 66.48
C UNK H 120 80.61 -4.50 67.40
N UNK H 121 80.89 -5.55 68.17
CA UNK H 121 81.84 -5.49 69.28
C UNK H 121 83.26 -5.41 68.74
N UNK H 122 83.80 -4.20 68.66
CA UNK H 122 85.18 -3.88 68.26
C UNK H 122 85.51 -4.43 66.87
N UNK H 123 84.78 -3.92 65.88
CA UNK H 123 85.04 -4.28 64.49
C UNK H 123 84.74 -3.09 63.60
N UNK H 124 68.00 -16.00 80.55
CA UNK H 124 68.00 -14.58 80.22
C UNK H 124 66.68 -13.94 80.63
N UNK H 125 66.70 -13.22 81.75
CA UNK H 125 65.49 -12.60 82.29
C UNK H 125 65.89 -11.40 83.15
N UNK H 126 65.64 -10.19 82.63
CA UNK H 126 65.96 -8.95 83.32
C UNK H 126 65.14 -7.82 82.71
N UNK H 127 65.16 -6.65 83.37
CA UNK H 127 64.43 -5.47 82.91
C UNK H 127 65.08 -4.21 83.49
N UNK H 128 65.40 -3.26 82.62
CA UNK H 128 66.00 -2.00 83.04
C UNK H 128 65.70 -0.93 82.01
N UNK H 129 64.77 -0.02 82.33
CA UNK H 129 64.40 1.07 81.44
C UNK H 129 64.78 2.43 81.99
N UNK H 130 64.31 2.75 83.20
CA UNK H 130 64.56 4.00 83.93
C UNK H 130 64.22 5.25 83.13
N UNK H 131 65.76 -3.85 78.70
CA UNK H 131 67.00 -3.68 77.95
C UNK H 131 67.00 -4.53 76.69
N UNK H 132 67.70 -5.65 76.73
CA UNK H 132 67.86 -6.52 75.57
C UNK H 132 66.57 -7.30 75.29
N UNK H 133 65.71 -6.75 74.45
CA UNK H 133 64.47 -7.41 74.07
C UNK H 133 64.49 -7.67 72.57
N UNK H 134 63.35 -8.12 72.04
CA UNK H 134 63.05 -8.27 70.62
C UNK H 134 64.05 -9.19 69.92
N UNK H 135 64.04 -10.47 70.26
CA UNK H 135 65.09 -11.39 69.83
C UNK H 135 64.58 -12.28 68.69
N UNK H 136 64.88 -11.84 67.47
CA UNK H 136 64.86 -12.71 66.30
C UNK H 136 65.81 -12.07 65.29
N UNK H 137 67.03 -12.58 65.20
CA UNK H 137 68.03 -11.89 64.39
C UNK H 137 68.78 -12.92 63.55
N UNK H 138 69.50 -12.44 62.55
CA UNK H 138 70.29 -13.33 61.70
C UNK H 138 71.61 -13.65 62.38
N UNK H 139 72.54 -14.24 61.62
CA UNK H 139 73.83 -14.64 62.17
C UNK H 139 74.95 -14.06 61.31
N UNK H 140 76.17 -14.29 61.77
CA UNK H 140 77.35 -13.78 61.08
C UNK H 140 77.62 -14.59 59.83
N UNK H 141 78.08 -13.89 58.78
CA UNK H 141 78.52 -14.44 57.50
C UNK H 141 77.44 -15.27 56.79
N UNK H 142 76.18 -15.06 57.11
CA UNK H 142 75.09 -15.77 56.45
C UNK H 142 74.89 -15.09 55.11
N UNK H 143 75.60 -15.59 54.10
CA UNK H 143 75.52 -15.03 52.76
C UNK H 143 74.14 -15.35 52.18
N UNK H 144 73.44 -14.32 51.76
CA UNK H 144 72.23 -14.49 50.98
C UNK H 144 72.47 -13.93 49.59
N UNK H 145 72.16 -14.74 48.58
CA UNK H 145 72.35 -14.33 47.21
C UNK H 145 71.20 -13.43 46.81
N UNK H 146 71.43 -12.60 45.80
CA UNK H 146 70.44 -11.65 45.34
C UNK H 146 70.72 -11.33 43.89
N UNK H 147 69.70 -10.91 43.17
CA UNK H 147 69.82 -10.61 41.75
C UNK H 147 69.85 -9.11 41.51
N UNK H 148 70.38 -8.72 40.37
CA UNK H 148 70.33 -7.33 39.94
C UNK H 148 70.37 -7.33 38.43
N UNK H 149 69.88 -6.26 37.81
CA UNK H 149 69.80 -6.24 36.36
C UNK H 149 69.85 -4.81 35.84
N UNK H 150 70.98 -4.44 35.26
CA UNK H 150 71.10 -3.11 34.67
C UNK H 150 70.33 -3.09 33.36
N UNK H 151 69.00 -2.95 33.47
CA UNK H 151 68.07 -3.17 32.36
C UNK H 151 68.08 -2.00 31.39
N UNK H 152 69.21 -1.82 30.73
CA UNK H 152 69.38 -0.67 29.87
C UNK H 152 69.16 -1.04 28.40
N UNK H 153 69.24 -0.02 27.54
CA UNK H 153 69.19 -0.23 26.09
C UNK H 153 70.54 0.13 25.49
N UNK H 154 71.16 1.18 26.03
CA UNK H 154 72.54 1.50 25.70
C UNK H 154 73.45 0.94 26.79
N UNK H 155 74.60 0.41 26.37
CA UNK H 155 75.52 -0.22 27.30
C UNK H 155 76.20 0.77 28.22
N UNK H 156 76.23 2.06 27.86
CA UNK H 156 76.76 3.07 28.76
C UNK H 156 75.78 3.40 29.87
N UNK H 157 74.52 2.96 29.73
CA UNK H 157 73.56 3.09 30.83
C UNK H 157 73.51 1.81 31.66
N UNK H 158 74.03 0.71 31.13
CA UNK H 158 74.07 -0.51 31.91
C UNK H 158 75.37 -0.64 32.68
N UNK H 159 76.50 -0.66 31.96
CA UNK H 159 77.79 -1.00 32.57
C UNK H 159 78.30 0.10 33.48
N UNK H 160 78.08 1.37 33.12
CA UNK H 160 78.47 2.46 34.00
C UNK H 160 77.61 2.48 35.25
N UNK H 161 76.35 2.06 35.13
CA UNK H 161 75.52 1.88 36.31
C UNK H 161 76.07 0.78 37.19
N UNK H 162 76.47 -0.33 36.58
CA UNK H 162 77.07 -1.43 37.32
C UNK H 162 78.41 -1.09 37.94
N UNK H 163 79.15 -0.16 37.34
CA UNK H 163 80.43 0.28 37.86
C UNK H 163 80.27 1.31 38.98
N UNK H 164 79.50 2.36 38.75
CA UNK H 164 79.32 3.40 39.76
C UNK H 164 78.48 2.90 40.92
N UNK H 165 77.53 1.99 40.66
CA UNK H 165 76.82 1.35 41.74
C UNK H 165 77.75 0.47 42.56
N UNK H 166 78.70 -0.19 41.91
CA UNK H 166 79.72 -0.91 42.67
C UNK H 166 80.64 0.03 43.41
N UNK H 167 80.89 1.22 42.88
CA UNK H 167 81.75 2.21 43.49
C UNK H 167 81.09 2.94 44.64
N UNK H 168 79.76 2.94 44.70
CA UNK H 168 79.06 3.50 45.85
C UNK H 168 79.22 2.63 47.07
N UNK H 169 79.46 1.33 46.87
CA UNK H 169 79.77 0.43 47.96
C UNK H 169 81.08 0.76 48.63
N UNK H 170 81.97 1.52 47.99
CA UNK H 170 83.14 2.04 48.68
C UNK H 170 82.73 3.02 49.78
N UNK H 171 81.73 3.84 49.52
CA UNK H 171 81.25 4.74 50.57
C UNK H 171 80.40 4.01 51.59
N UNK H 172 79.44 3.21 51.12
CA UNK H 172 78.41 2.63 51.98
C UNK H 172 78.14 1.16 51.66
N UNK H 173 79.18 0.32 51.66
CA UNK H 173 79.02 -1.09 51.32
C UNK H 173 78.23 -1.85 52.36
N UNK H 174 78.18 -1.34 53.59
CA UNK H 174 77.64 -2.07 54.74
C UNK H 174 76.66 -1.18 55.50
N UNK H 175 75.37 -1.37 55.25
CA UNK H 175 74.27 -0.60 55.85
C UNK H 175 72.96 -1.33 55.55
N UNK H 176 71.85 -0.63 55.77
CA UNK H 176 70.50 -0.98 55.33
C UNK H 176 69.68 0.31 55.39
N UNK H 177 68.53 0.35 54.68
CA UNK H 177 67.60 1.47 54.89
C UNK H 177 66.15 0.98 54.98
N UNK H 178 65.75 0.54 56.17
CA UNK H 178 64.33 0.39 56.47
C UNK H 178 63.88 1.24 57.65
N UNK H 179 64.37 1.00 58.89
CA UNK H 179 64.02 1.91 59.98
C UNK H 179 65.13 2.26 60.96
N UNK H 180 66.12 1.40 61.21
CA UNK H 180 67.08 1.64 62.28
C UNK H 180 68.33 0.81 62.07
N UNK H 181 69.47 1.48 61.83
CA UNK H 181 70.77 0.84 61.75
C UNK H 181 71.52 0.96 63.06
N UNK H 182 70.79 0.86 64.18
CA UNK H 182 71.23 1.39 65.46
C UNK H 182 72.35 0.60 66.14
N UNK H 183 73.55 0.64 65.53
CA UNK H 183 74.78 0.03 66.06
C UNK H 183 74.68 -1.47 66.26
N UNK H 184 73.83 -2.14 65.47
CA UNK H 184 73.75 -3.60 65.44
C UNK H 184 73.59 -4.05 63.99
N UNK H 185 74.40 -3.46 63.12
CA UNK H 185 74.18 -3.52 61.69
C UNK H 185 75.49 -3.23 60.99
N UNK H 186 75.42 -2.84 59.72
CA UNK H 186 76.54 -2.33 58.92
C UNK H 186 77.63 -3.38 58.76
N UNK H 187 77.25 -4.45 58.05
CA UNK H 187 78.18 -5.55 57.84
C UNK H 187 78.14 -6.18 56.45
N UNK H 188 77.36 -5.64 55.51
CA UNK H 188 77.17 -6.28 54.21
C UNK H 188 78.43 -6.18 53.35
N UNK H 189 78.79 -7.30 52.70
CA UNK H 189 80.03 -7.39 51.94
C UNK H 189 79.89 -7.09 50.45
N UNK H 190 78.70 -7.37 49.86
CA UNK H 190 78.36 -7.16 48.45
C UNK H 190 79.29 -7.96 47.52
N UNK H 191 79.15 -9.28 47.59
CA UNK H 191 80.11 -10.20 47.00
C UNK H 191 79.45 -11.20 46.04
N UNK H 192 80.23 -12.22 45.67
CA UNK H 192 79.85 -13.27 44.72
C UNK H 192 79.58 -14.61 45.39
N UNK H 193 80.57 -15.16 46.10
CA UNK H 193 80.39 -16.35 46.92
C UNK H 193 80.67 -16.09 48.38
N UNK H 194 81.88 -15.63 48.72
CA UNK H 194 82.30 -15.39 50.10
C UNK H 194 83.56 -14.54 50.06
N UNK H 195 83.54 -13.39 50.76
CA UNK H 195 84.65 -12.45 50.73
C UNK H 195 84.79 -11.73 52.06
N UNK H 196 86.02 -11.37 52.40
CA UNK H 196 86.28 -10.50 53.55
C UNK H 196 87.56 -9.72 53.26
N UNK H 197 87.42 -8.53 52.68
CA UNK H 197 88.57 -7.69 52.38
C UNK H 197 88.35 -6.22 52.65
N UNK H 198 87.14 -5.81 53.08
CA UNK H 198 86.72 -4.41 53.21
C UNK H 198 86.92 -3.64 51.90
N UNK H 199 86.62 -4.29 50.77
CA UNK H 199 86.80 -3.65 49.48
C UNK H 199 85.51 -3.62 48.65
N UNK H 200 84.77 -4.74 48.67
CA UNK H 200 83.62 -5.00 47.76
C UNK H 200 84.00 -4.78 46.31
N UNK H 201 85.21 -5.18 45.94
CA UNK H 201 85.76 -4.82 44.64
C UNK H 201 85.29 -5.76 43.55
N UNK H 202 85.65 -7.03 43.64
CA UNK H 202 85.69 -7.91 42.48
C UNK H 202 84.90 -9.19 42.75
N UNK H 203 83.67 -9.06 43.22
CA UNK H 203 82.87 -10.24 43.53
C UNK H 203 81.39 -9.97 43.23
N UNK H 204 80.93 -10.50 42.10
CA UNK H 204 79.55 -10.72 41.68
C UNK H 204 79.60 -11.55 40.41
N UNK H 205 78.65 -12.48 40.26
CA UNK H 205 78.54 -13.18 39.01
C UNK H 205 78.05 -12.22 37.93
N UNK H 206 78.34 -12.56 36.68
CA UNK H 206 78.03 -11.67 35.57
C UNK H 206 77.22 -12.39 34.51
N UNK H 207 76.34 -11.64 33.87
CA UNK H 207 75.73 -12.03 32.60
C UNK H 207 75.26 -10.75 31.93
N UNK H 208 74.84 -10.88 30.66
CA UNK H 208 74.30 -9.73 29.95
C UNK H 208 73.41 -10.23 28.81
N UNK H 209 72.31 -9.51 28.58
CA UNK H 209 71.41 -9.76 27.47
C UNK H 209 71.21 -8.46 26.71
N UNK H 210 70.95 -8.57 25.41
CA UNK H 210 70.63 -7.41 24.60
C UNK H 210 69.25 -7.58 23.95
N UNK I 1 18.91 19.10 -13.53
CA UNK I 1 17.60 18.56 -13.83
C UNK I 1 16.52 19.42 -13.21
N UNK I 2 16.00 20.36 -13.99
CA UNK I 2 14.89 21.22 -13.58
C UNK I 2 13.62 20.67 -14.20
N UNK I 3 12.90 19.87 -13.43
CA UNK I 3 11.61 19.36 -13.85
C UNK I 3 10.65 20.54 -13.83
N UNK I 4 10.40 21.11 -15.01
CA UNK I 4 9.64 22.34 -15.16
C UNK I 4 8.19 22.16 -14.70
N UNK I 5 7.87 22.71 -13.54
CA UNK I 5 6.63 22.36 -12.86
C UNK I 5 5.63 23.50 -12.80
N UNK I 6 6.01 24.65 -12.21
CA UNK I 6 5.03 25.71 -11.96
C UNK I 6 4.61 26.41 -13.25
N UNK I 7 5.57 26.68 -14.12
CA UNK I 7 5.30 27.05 -15.50
C UNK I 7 5.95 26.02 -16.39
N UNK I 8 5.41 25.89 -17.60
CA UNK I 8 5.75 24.83 -18.56
C UNK I 8 5.65 23.45 -17.89
N UNK I 9 4.44 23.14 -17.43
CA UNK I 9 4.21 22.01 -16.53
C UNK I 9 4.38 20.64 -17.19
N UNK I 10 4.72 20.60 -18.48
CA UNK I 10 5.00 19.36 -19.18
C UNK I 10 6.20 18.64 -18.58
N UNK I 11 7.38 19.25 -18.69
CA UNK I 11 8.63 18.76 -18.13
C UNK I 11 8.93 17.35 -18.59
N UNK I 12 9.30 17.14 -19.86
CA UNK I 12 9.55 15.77 -20.34
C UNK I 12 10.84 15.24 -19.72
N UNK I 13 10.76 14.92 -18.43
CA UNK I 13 11.75 14.15 -17.68
C UNK I 13 11.61 12.68 -18.02
N UNK I 14 11.86 12.42 -19.28
CA UNK I 14 11.65 11.18 -19.99
C UNK I 14 12.82 10.27 -19.72
N UNK I 15 13.13 9.44 -20.71
CA UNK I 15 14.27 8.53 -20.74
C UNK I 15 15.63 9.12 -20.35
N UNK I 16 15.75 10.44 -20.18
CA UNK I 16 16.77 10.98 -19.28
C UNK I 16 16.74 10.27 -17.92
N UNK I 17 15.56 10.07 -17.35
CA UNK I 17 15.46 9.32 -16.11
C UNK I 17 15.81 7.86 -16.31
N UNK I 18 15.42 7.28 -17.45
CA UNK I 18 15.77 5.90 -17.72
C UNK I 18 17.27 5.74 -17.92
N UNK I 19 17.92 6.74 -18.51
CA UNK I 19 19.36 6.69 -18.68
C UNK I 19 20.07 6.90 -17.35
N UNK I 20 19.48 7.71 -16.47
CA UNK I 20 20.02 7.82 -15.12
C UNK I 20 19.90 6.50 -14.39
N UNK I 21 18.81 5.78 -14.62
CA UNK I 21 18.69 4.45 -14.03
C UNK I 21 19.65 3.47 -14.67
N UNK I 22 19.90 3.62 -15.97
CA UNK I 22 20.84 2.75 -16.65
C UNK I 22 22.26 2.98 -16.14
N UNK I 23 22.57 4.22 -15.80
CA UNK I 23 23.85 4.51 -15.17
C UNK I 23 23.90 3.96 -13.76
N UNK I 24 22.85 4.17 -12.97
CA UNK I 24 22.83 3.70 -11.59
C UNK I 24 22.80 2.19 -11.49
N UNK I 25 22.43 1.51 -12.55
CA UNK I 25 22.52 0.06 -12.61
C UNK I 25 23.77 -0.41 -13.34
N UNK I 26 24.47 0.48 -14.05
CA UNK I 26 25.73 0.09 -14.65
C UNK I 26 26.80 -0.15 -13.59
N UNK I 27 26.69 0.55 -12.47
CA UNK I 27 27.49 0.27 -11.29
C UNK I 27 26.73 -0.71 -10.41
N UNK I 28 27.15 -0.86 -9.15
CA UNK I 28 26.54 -1.80 -8.23
C UNK I 28 25.58 -1.12 -7.25
N UNK I 29 25.34 0.18 -7.38
CA UNK I 29 24.78 0.97 -6.31
C UNK I 29 23.28 0.84 -6.17
N UNK I 30 22.64 -0.17 -6.76
CA UNK I 30 21.22 -0.41 -6.57
C UNK I 30 20.96 -1.52 -5.56
N UNK I 31 21.97 -1.89 -4.80
CA UNK I 31 21.87 -3.05 -3.91
C UNK I 31 21.04 -2.72 -2.67
N UNK I 32 19.73 -2.55 -2.90
CA UNK I 32 18.70 -2.26 -1.90
C UNK I 32 19.00 -1.08 -1.00
N UNK I 33 19.90 -0.19 -1.39
CA UNK I 33 20.01 1.06 -0.69
C UNK I 33 19.16 2.13 -1.34
N UNK I 34 18.90 1.97 -2.64
CA UNK I 34 17.94 2.83 -3.31
C UNK I 34 16.56 2.67 -2.72
N UNK I 35 16.19 1.44 -2.37
CA UNK I 35 14.95 1.24 -1.64
C UNK I 35 15.05 1.82 -0.24
N UNK I 36 16.21 1.74 0.39
CA UNK I 36 16.36 2.23 1.76
C UNK I 36 16.31 3.75 1.82
N UNK I 37 16.60 4.44 0.74
CA UNK I 37 16.47 5.90 0.72
C UNK I 37 15.18 6.36 0.09
N UNK I 38 14.63 5.60 -0.86
CA UNK I 38 13.32 5.93 -1.40
C UNK I 38 12.24 5.74 -0.35
N UNK I 39 12.46 4.84 0.60
CA UNK I 39 11.55 4.71 1.72
C UNK I 39 11.56 5.96 2.57
N UNK I 40 12.75 6.52 2.82
CA UNK I 40 12.82 7.74 3.60
C UNK I 40 12.23 8.92 2.85
N UNK I 41 12.42 8.95 1.53
CA UNK I 41 11.84 10.04 0.75
C UNK I 41 10.32 9.94 0.71
N UNK I 42 9.79 8.73 0.61
CA UNK I 42 8.34 8.58 0.62
C UNK I 42 7.78 8.83 2.00
N UNK I 43 8.54 8.56 3.05
CA UNK I 43 8.06 8.87 4.38
C UNK I 43 8.10 10.36 4.65
N UNK I 44 9.02 11.07 4.01
CA UNK I 44 8.98 12.52 4.13
C UNK I 44 7.89 13.12 3.26
N UNK I 45 7.57 12.49 2.14
CA UNK I 45 6.59 13.07 1.23
C UNK I 45 5.17 12.75 1.66
N UNK I 46 4.82 11.45 1.64
CA UNK I 46 3.45 11.04 1.92
C UNK I 46 3.08 11.33 3.36
N UNK I 47 3.77 10.71 4.30
CA UNK I 47 3.65 11.15 5.67
C UNK I 47 4.30 12.51 5.81
N UNK I 48 3.80 13.27 6.78
CA UNK I 48 4.41 14.48 7.33
C UNK I 48 4.50 15.65 6.37
N UNK I 49 4.14 15.48 5.10
CA UNK I 49 3.90 16.64 4.25
C UNK I 49 2.47 16.65 3.74
N UNK I 50 2.04 15.57 3.10
CA UNK I 50 0.66 15.50 2.66
C UNK I 50 -0.29 15.39 3.84
N UNK I 51 0.14 14.72 4.91
CA UNK I 51 -0.64 14.74 6.13
C UNK I 51 -0.62 16.12 6.77
N UNK I 52 0.48 16.85 6.61
CA UNK I 52 0.49 18.24 7.03
C UNK I 52 -0.08 19.16 5.98
N UNK I 53 -0.36 18.66 4.77
CA UNK I 53 -1.01 19.48 3.75
C UNK I 53 -2.49 19.65 3.99
N UNK I 54 -3.01 19.19 5.13
CA UNK I 54 -4.22 19.74 5.70
C UNK I 54 -3.97 21.03 6.47
N UNK I 55 -2.75 21.57 6.39
CA UNK I 55 -2.44 22.95 6.73
C UNK I 55 -1.42 23.50 5.73
N UNK I 56 -1.66 23.28 4.44
CA UNK I 56 -0.59 23.31 3.43
C UNK I 56 -0.06 24.70 3.09
N UNK I 57 0.42 25.40 4.11
CA UNK I 57 0.95 26.74 3.92
C UNK I 57 2.39 26.66 3.46
N UNK I 58 3.10 27.77 3.59
CA UNK I 58 4.56 27.71 3.59
C UNK I 58 5.09 27.04 4.85
N UNK I 59 4.25 26.84 5.87
CA UNK I 59 4.64 26.06 7.04
C UNK I 59 5.00 24.63 6.66
N UNK I 60 4.19 24.01 5.79
CA UNK I 60 4.47 22.64 5.36
C UNK I 60 5.74 22.57 4.54
N UNK I 61 5.92 23.53 3.62
CA UNK I 61 7.14 23.56 2.83
C UNK I 61 8.36 23.85 3.68
N UNK I 62 8.21 24.63 4.75
CA UNK I 62 9.32 24.91 5.64
C UNK I 62 9.72 23.67 6.42
N UNK I 63 8.74 23.00 7.01
CA UNK I 63 9.02 21.79 7.77
C UNK I 63 9.50 20.65 6.87
N UNK I 64 9.16 20.67 5.59
CA UNK I 64 9.70 19.67 4.70
C UNK I 64 11.11 20.02 4.25
N UNK I 65 11.38 21.30 4.02
CA UNK I 65 12.71 21.72 3.58
C UNK I 65 13.75 21.51 4.66
N UNK I 66 13.37 21.70 5.92
CA UNK I 66 14.29 21.46 7.02
C UNK I 66 14.73 20.01 7.07
N UNK I 67 13.80 19.07 6.98
CA UNK I 67 14.16 17.67 7.07
C UNK I 67 14.79 17.15 5.79
N UNK I 68 14.36 17.66 4.64
CA UNK I 68 14.97 17.25 3.38
C UNK I 68 16.37 17.81 3.24
N UNK I 69 16.71 18.85 3.99
CA UNK I 69 18.10 19.22 4.10
C UNK I 69 18.90 18.15 4.83
N UNK I 70 18.36 17.61 5.92
CA UNK I 70 19.10 16.64 6.71
C UNK I 70 19.22 15.31 5.99
N UNK I 71 18.27 15.02 5.09
CA UNK I 71 18.40 13.81 4.29
C UNK I 71 19.58 13.87 3.34
N UNK I 72 19.96 15.08 2.90
CA UNK I 72 21.19 15.20 2.13
C UNK I 72 22.41 14.89 2.98
N UNK I 73 22.37 15.28 4.25
CA UNK I 73 23.48 14.97 5.14
C UNK I 73 23.57 13.48 5.41
N UNK I 74 22.43 12.82 5.60
CA UNK I 74 22.44 11.38 5.80
C UNK I 74 22.84 10.65 4.53
N UNK I 75 22.55 11.22 3.37
CA UNK I 75 23.06 10.63 2.13
C UNK I 75 24.56 10.81 2.05
N UNK I 76 25.08 11.89 2.59
CA UNK I 76 26.53 12.07 2.60
C UNK I 76 27.21 11.15 3.61
N UNK I 77 26.53 10.86 4.72
CA UNK I 77 27.15 10.11 5.81
C UNK I 77 27.41 8.66 5.45
N UNK I 78 26.69 8.11 4.48
CA UNK I 78 26.94 6.76 4.03
C UNK I 78 27.99 6.71 2.94
N UNK I 79 28.63 7.84 2.64
CA UNK I 79 29.73 7.82 1.70
C UNK I 79 31.07 7.57 2.36
N UNK I 80 31.09 7.22 3.64
CA UNK I 80 32.33 6.83 4.30
C UNK I 80 32.79 5.47 3.83
N UNK I 81 31.99 4.43 4.08
CA UNK I 81 32.29 3.08 3.58
C UNK I 81 31.04 2.40 3.03
N UNK I 82 29.85 2.86 3.45
CA UNK I 82 28.59 2.17 3.16
C UNK I 82 28.24 2.20 1.68
N UNK I 83 28.08 3.38 1.12
CA UNK I 83 27.90 3.54 -0.31
C UNK I 83 29.06 4.36 -0.87
N UNK I 84 30.16 3.68 -1.17
CA UNK I 84 31.33 4.38 -1.66
C UNK I 84 31.44 4.26 -3.18
N UNK I 85 27.10 8.21 -9.69
CA UNK I 85 26.64 7.29 -8.67
C UNK I 85 25.29 7.73 -8.12
N UNK I 86 24.72 6.91 -7.24
CA UNK I 86 23.46 7.27 -6.60
C UNK I 86 23.62 8.47 -5.70
N UNK I 87 24.84 8.71 -5.22
CA UNK I 87 25.15 9.96 -4.54
C UNK I 87 24.88 11.15 -5.46
N UNK I 88 25.33 11.06 -6.71
CA UNK I 88 25.11 12.15 -7.65
C UNK I 88 23.64 12.31 -8.00
N UNK I 89 22.94 11.21 -8.22
CA UNK I 89 21.53 11.26 -8.61
C UNK I 89 20.68 11.84 -7.48
N UNK I 90 20.83 11.30 -6.29
CA UNK I 90 20.04 11.79 -5.17
C UNK I 90 20.47 13.19 -4.74
N UNK I 91 21.73 13.56 -4.98
CA UNK I 91 22.15 14.91 -4.66
C UNK I 91 21.54 15.92 -5.59
N UNK I 92 21.56 15.65 -6.90
CA UNK I 92 20.92 16.56 -7.84
C UNK I 92 19.42 16.57 -7.68
N UNK I 93 18.84 15.47 -7.21
CA UNK I 93 17.41 15.44 -6.98
C UNK I 93 17.03 16.26 -5.76
N UNK I 94 17.65 15.99 -4.62
CA UNK I 94 17.32 16.71 -3.41
C UNK I 94 17.76 18.16 -3.45
N UNK I 95 18.66 18.52 -4.36
CA UNK I 95 18.92 19.92 -4.62
C UNK I 95 17.75 20.59 -5.31
N UNK I 96 16.94 19.83 -6.05
CA UNK I 96 15.83 20.40 -6.80
C UNK I 96 14.55 20.49 -5.99
N UNK I 97 14.66 20.57 -4.67
CA UNK I 97 13.49 20.82 -3.82
C UNK I 97 13.43 22.30 -3.46
N UNK I 98 13.25 23.13 -4.48
CA UNK I 98 13.16 24.57 -4.25
C UNK I 98 11.75 24.98 -3.87
N UNK I 99 10.80 24.80 -4.77
CA UNK I 99 9.44 25.25 -4.58
C UNK I 99 8.61 24.14 -3.95
N UNK I 100 7.29 24.25 -3.98
CA UNK I 100 6.41 23.11 -3.73
C UNK I 100 6.38 22.25 -4.99
N UNK I 101 7.45 21.49 -5.16
CA UNK I 101 7.66 20.67 -6.33
C UNK I 101 7.68 19.19 -5.92
N UNK I 102 7.43 18.35 -6.91
CA UNK I 102 7.09 16.95 -6.67
C UNK I 102 8.08 16.07 -7.40
N UNK I 103 9.38 16.30 -7.17
CA UNK I 103 10.45 15.49 -7.72
C UNK I 103 10.44 14.04 -7.27
N UNK I 104 9.63 13.67 -6.27
CA UNK I 104 9.38 12.28 -5.97
C UNK I 104 8.86 11.53 -7.19
N UNK I 105 8.00 12.16 -7.99
CA UNK I 105 7.56 11.56 -9.25
C UNK I 105 8.72 11.36 -10.21
N UNK I 106 9.76 12.18 -10.10
CA UNK I 106 10.99 11.84 -10.80
C UNK I 106 11.65 10.64 -10.18
N UNK I 107 11.87 10.67 -8.86
CA UNK I 107 12.77 9.73 -8.21
C UNK I 107 12.23 8.32 -8.24
N UNK I 108 10.92 8.17 -8.02
CA UNK I 108 10.26 6.89 -8.15
C UNK I 108 10.46 6.30 -9.53
N UNK I 109 10.39 7.15 -10.56
CA UNK I 109 10.67 6.73 -11.92
C UNK I 109 12.06 6.13 -12.06
N UNK I 110 13.05 6.73 -11.41
CA UNK I 110 14.39 6.13 -11.39
C UNK I 110 14.35 4.77 -10.71
N UNK I 111 13.71 4.69 -9.55
CA UNK I 111 13.57 3.39 -8.91
C UNK I 111 12.59 2.51 -9.66
N UNK I 112 11.77 3.08 -10.55
CA UNK I 112 10.93 2.24 -11.36
C UNK I 112 11.73 1.55 -12.43
N UNK I 113 12.83 2.14 -12.84
CA UNK I 113 13.60 1.50 -13.88
C UNK I 113 14.87 0.87 -13.35
N UNK I 114 15.39 1.35 -12.23
CA UNK I 114 16.61 0.77 -11.68
C UNK I 114 16.36 -0.63 -11.14
N UNK I 115 15.17 -0.88 -10.63
CA UNK I 115 14.80 -2.24 -10.29
C UNK I 115 14.28 -2.99 -11.50
N UNK I 116 14.11 -2.31 -12.63
CA UNK I 116 13.61 -2.97 -13.83
C UNK I 116 14.73 -3.25 -14.81
N UNK I 117 15.53 -2.24 -15.13
CA UNK I 117 16.62 -2.41 -16.08
C UNK I 117 17.76 -3.24 -15.51
N UNK I 118 17.83 -3.41 -14.20
CA UNK I 118 18.79 -4.32 -13.59
C UNK I 118 18.12 -5.62 -13.22
N UNK J 1 24.79 29.93 17.64
CA UNK J 1 23.94 29.12 16.77
C UNK J 1 22.57 28.94 17.39
N UNK J 2 21.64 29.80 17.01
CA UNK J 2 20.26 29.71 17.45
C UNK J 2 19.45 29.07 16.31
N UNK J 3 19.27 27.76 16.40
CA UNK J 3 18.42 27.06 15.45
C UNK J 3 16.99 27.47 15.74
N UNK J 4 16.48 28.40 14.93
CA UNK J 4 15.18 29.03 15.15
C UNK J 4 14.05 28.02 15.05
N UNK J 5 13.48 27.65 16.20
CA UNK J 5 12.61 26.48 16.27
C UNK J 5 11.16 26.83 16.56
N UNK J 6 10.88 27.51 17.67
CA UNK J 6 9.49 27.71 18.10
C UNK J 6 8.77 28.71 17.22
N UNK J 7 9.44 29.80 16.86
CA UNK J 7 9.02 30.68 15.80
C UNK J 7 10.12 30.70 14.76
N UNK J 8 9.73 31.02 13.51
CA UNK J 8 10.57 30.91 12.32
C UNK J 8 11.20 29.53 12.24
N UNK J 9 10.34 28.51 12.15
CA UNK J 9 10.74 27.12 12.33
C UNK J 9 11.59 26.56 11.20
N UNK J 10 11.90 27.37 10.19
CA UNK J 10 12.79 26.98 9.10
C UNK J 10 14.18 26.67 9.61
N UNK J 11 14.88 27.70 10.12
CA UNK J 11 16.21 27.60 10.72
C UNK J 11 17.20 26.95 9.77
N UNK J 12 17.61 27.63 8.71
CA UNK J 12 18.55 27.03 7.76
C UNK J 12 19.93 26.89 8.40
N UNK J 13 20.02 25.93 9.32
CA UNK J 13 21.27 25.41 9.88
C UNK J 13 21.92 24.47 8.89
N UNK J 14 22.28 25.06 7.77
CA UNK J 14 22.74 24.46 6.55
C UNK J 14 24.22 24.18 6.68
N UNK J 15 24.91 24.25 5.56
CA UNK J 15 26.35 24.11 5.45
C UNK J 15 27.21 24.92 6.42
N UNK J 16 26.62 25.85 7.20
CA UNK J 16 27.21 26.19 8.49
C UNK J 16 27.56 24.95 9.30
N UNK J 17 26.65 23.98 9.36
CA UNK J 17 26.95 22.74 10.05
C UNK J 17 28.02 21.94 9.31
N UNK J 18 27.99 21.97 7.98
CA UNK J 18 29.02 21.26 7.22
C UNK J 18 30.37 21.92 7.39
N UNK J 19 30.41 23.24 7.53
CA UNK J 19 31.66 23.94 7.77
C UNK J 19 32.15 23.69 9.18
N UNK J 20 31.23 23.54 10.13
CA UNK J 20 31.63 23.14 11.47
C UNK J 20 32.22 21.75 11.46
N UNK J 21 31.67 20.86 10.63
CA UNK J 21 32.26 19.55 10.48
C UNK J 21 33.60 19.61 9.77
N UNK J 22 33.73 20.51 8.81
CA UNK J 22 34.98 20.67 8.10
C UNK J 22 36.07 21.18 9.04
N UNK J 23 35.69 22.04 9.97
CA UNK J 23 36.62 22.48 10.99
C UNK J 23 36.96 21.35 11.95
N UNK J 24 35.95 20.61 12.43
CA UNK J 24 36.18 19.53 13.37
C UNK J 24 36.96 18.38 12.76
N UNK J 25 36.99 18.28 11.44
CA UNK J 25 37.83 17.33 10.76
C UNK J 25 39.14 17.92 10.28
N UNK J 26 39.27 19.25 10.28
CA UNK J 26 40.55 19.85 9.95
C UNK J 26 41.58 19.59 11.03
N UNK J 27 41.12 19.45 12.27
CA UNK J 27 41.95 18.96 13.36
C UNK J 27 41.81 17.44 13.45
N UNK J 28 42.25 16.86 14.56
CA UNK J 28 42.21 15.43 14.75
C UNK J 28 41.04 14.96 15.61
N UNK J 29 40.17 15.86 16.02
CA UNK J 29 39.27 15.61 17.13
C UNK J 29 38.05 14.78 16.77
N UNK J 30 38.04 14.09 15.63
CA UNK J 30 36.95 13.18 15.28
C UNK J 30 37.32 11.72 15.56
N UNK J 31 38.38 11.49 16.32
CA UNK J 31 38.91 10.15 16.53
C UNK J 31 38.02 9.35 17.48
N UNK J 32 36.81 9.02 17.00
CA UNK J 32 35.78 8.23 17.69
C UNK J 32 35.42 8.74 19.07
N UNK J 33 35.72 9.98 19.40
CA UNK J 33 35.16 10.56 20.60
C UNK J 33 33.88 11.29 20.28
N UNK J 34 33.73 11.76 19.05
CA UNK J 34 32.47 12.33 18.59
C UNK J 34 31.38 11.28 18.65
N UNK J 35 31.71 10.04 18.27
CA UNK J 35 30.76 8.96 18.46
C UNK J 35 30.52 8.68 19.93
N UNK J 36 31.57 8.79 20.76
CA UNK J 36 31.43 8.48 22.17
C UNK J 36 30.60 9.52 22.91
N UNK J 37 30.48 10.73 22.38
CA UNK J 37 29.62 11.72 23.00
C UNK J 37 28.27 11.82 22.31
N UNK J 38 28.20 11.54 21.01
CA UNK J 38 26.91 11.48 20.35
C UNK J 38 26.09 10.31 20.84
N UNK J 39 26.76 9.25 21.29
CA UNK J 39 26.04 8.15 21.92
C UNK J 39 25.40 8.60 23.22
N UNK J 40 26.12 9.41 24.02
CA UNK J 40 25.54 9.90 25.25
C UNK J 40 24.42 10.89 24.98
N UNK J 41 24.56 11.70 23.94
CA UNK J 41 23.50 12.64 23.61
C UNK J 41 22.26 11.92 23.11
N UNK J 42 22.44 10.87 22.32
CA UNK J 42 21.28 10.12 21.87
C UNK J 42 20.67 9.31 22.98
N UNK J 43 21.46 8.90 23.97
CA UNK J 43 20.88 8.20 25.10
C UNK J 43 20.15 9.14 26.02
N UNK J 44 20.56 10.40 26.06
CA UNK J 44 19.77 11.36 26.81
C UNK J 44 18.52 11.77 26.04
N UNK J 45 18.58 11.78 24.70
CA UNK J 45 17.44 12.24 23.93
C UNK J 45 16.41 11.15 23.76
N UNK J 46 16.78 10.08 23.06
CA UNK J 46 15.83 9.03 22.72
C UNK J 46 15.36 8.30 23.95
N UNK J 47 16.27 7.66 24.65
CA UNK J 47 15.94 7.19 25.98
C UNK J 47 15.78 8.38 26.92
N UNK J 48 14.95 8.19 27.93
CA UNK J 48 14.85 9.04 29.12
C UNK J 48 14.30 10.44 28.87
N UNK J 49 14.09 10.84 27.62
CA UNK J 49 13.28 12.02 27.36
C UNK J 49 12.06 11.67 26.53
N UNK J 50 12.25 11.04 25.37
CA UNK J 50 11.11 10.61 24.59
C UNK J 50 10.37 9.47 25.27
N UNK J 51 11.08 8.62 25.99
CA UNK J 51 10.41 7.63 26.82
C UNK J 51 9.70 8.29 27.99
N UNK J 52 10.26 9.39 28.49
CA UNK J 52 9.54 10.17 29.49
C UNK J 52 8.56 11.15 28.86
N UNK J 53 8.59 11.30 27.53
CA UNK J 53 7.61 12.16 26.87
C UNK J 53 6.26 11.50 26.72
N UNK J 54 6.06 10.33 27.33
CA UNK J 54 4.74 9.88 27.73
C UNK J 54 4.28 10.51 29.04
N UNK J 55 5.04 11.48 29.56
CA UNK J 55 4.58 12.43 30.56
C UNK J 55 5.15 13.81 30.25
N UNK J 56 5.07 14.24 28.99
CA UNK J 56 5.96 15.27 28.44
C UNK J 56 5.68 16.68 28.95
N UNK J 57 5.73 16.87 30.25
CA UNK J 57 5.49 18.16 30.86
C UNK J 57 6.75 19.00 30.83
N UNK J 58 6.77 20.04 31.65
CA UNK J 58 8.05 20.64 32.02
C UNK J 58 8.85 19.72 32.93
N UNK J 59 8.25 18.66 33.47
CA UNK J 59 8.99 17.63 34.21
C UNK J 59 10.04 16.97 33.34
N UNK J 60 9.67 16.64 32.10
CA UNK J 60 10.62 16.00 31.19
C UNK J 60 11.74 16.95 30.82
N UNK J 61 11.40 18.20 30.53
CA UNK J 61 12.42 19.20 30.21
C UNK J 61 13.31 19.49 31.41
N UNK J 62 12.77 19.41 32.62
CA UNK J 62 13.57 19.64 33.82
C UNK J 62 14.56 18.50 34.02
N UNK J 63 14.08 17.26 33.94
CA UNK J 63 14.95 16.11 34.10
C UNK J 63 15.95 15.99 32.96
N UNK J 64 15.65 16.54 31.80
CA UNK J 64 16.65 16.52 30.74
C UNK J 64 17.65 17.65 30.92
N UNK J 65 17.21 18.82 31.39
CA UNK J 65 18.13 19.93 31.57
C UNK J 65 19.12 19.67 32.67
N UNK J 66 18.70 18.96 33.73
CA UNK J 66 19.61 18.60 34.81
C UNK J 66 20.75 17.73 34.31
N UNK J 67 20.44 16.69 33.54
CA UNK J 67 21.49 15.79 33.08
C UNK J 67 22.29 16.38 31.93
N UNK J 68 21.66 17.17 31.07
CA UNK J 68 22.39 17.81 30.00
C UNK J 68 23.30 18.91 30.53
N UNK J 69 23.04 19.42 31.72
CA UNK J 69 24.04 20.25 32.38
C UNK J 69 25.27 19.44 32.73
N UNK J 70 25.08 18.22 33.26
CA UNK J 70 26.23 17.43 33.69
C UNK J 70 27.03 16.91 32.50
N UNK J 71 26.38 16.75 31.35
CA UNK J 71 27.11 16.37 30.15
C UNK J 71 28.09 17.45 29.72
N UNK J 72 27.79 18.73 29.99
CA UNK J 72 28.77 19.78 29.75
C UNK J 72 29.97 19.63 30.66
N UNK J 73 29.74 19.20 31.90
CA UNK J 73 30.85 19.00 32.82
C UNK J 73 31.70 17.82 32.40
N UNK J 74 31.06 16.74 31.93
CA UNK J 74 31.83 15.61 31.45
C UNK J 74 32.55 15.92 30.16
N UNK J 75 32.02 16.84 29.35
CA UNK J 75 32.75 17.29 28.20
C UNK J 75 33.94 18.13 28.61
N UNK J 76 33.82 18.86 29.72
CA UNK J 76 34.96 19.62 30.20
C UNK J 76 36.00 18.72 30.83
N UNK J 77 35.59 17.61 31.45
CA UNK J 77 36.51 16.76 32.20
C UNK J 77 37.49 16.04 31.31
N UNK J 78 37.17 15.83 30.04
CA UNK J 78 38.08 15.22 29.11
C UNK J 78 39.01 16.22 28.46
N UNK J 79 38.96 17.47 28.90
CA UNK J 79 39.91 18.46 28.40
C UNK J 79 41.18 18.52 29.22
N UNK J 80 41.37 17.58 30.16
CA UNK J 80 42.63 17.51 30.88
C UNK J 80 43.75 16.97 29.99
N UNK J 81 43.61 15.74 29.51
CA UNK J 81 44.56 15.17 28.55
C UNK J 81 43.86 14.42 27.43
N UNK J 82 42.61 13.99 27.66
CA UNK J 82 41.89 13.10 26.75
C UNK J 82 41.58 13.75 25.42
N UNK J 83 40.83 14.84 25.44
CA UNK J 83 40.59 15.64 24.25
C UNK J 83 41.15 17.03 24.47
N UNK J 84 42.44 17.19 24.22
CA UNK J 84 43.07 18.48 24.44
C UNK J 84 43.22 19.25 23.15
N UNK J 85 37.46 23.66 18.22
CA UNK J 85 37.55 22.25 18.54
C UNK J 85 36.17 21.68 18.81
N UNK J 86 36.12 20.35 19.04
CA UNK J 86 34.86 19.71 19.39
C UNK J 86 34.36 20.17 20.74
N UNK J 87 35.27 20.64 21.60
CA UNK J 87 34.87 21.31 22.82
C UNK J 87 34.03 22.53 22.52
N UNK J 88 34.46 23.34 21.54
CA UNK J 88 33.71 24.52 21.18
C UNK J 88 32.37 24.18 20.54
N UNK J 89 32.34 23.19 19.66
CA UNK J 89 31.11 22.82 18.97
C UNK J 89 30.09 22.25 19.94
N UNK J 90 30.50 21.28 20.76
CA UNK J 90 29.57 20.69 21.70
C UNK J 90 29.21 21.66 22.82
N UNK J 91 30.09 22.61 23.13
CA UNK J 91 29.74 23.61 24.15
C UNK J 91 28.68 24.56 23.65
N UNK J 92 28.85 25.06 22.42
CA UNK J 92 27.83 25.95 21.85
C UNK J 92 26.54 25.21 21.58
N UNK J 93 26.62 23.91 21.31
CA UNK J 93 25.42 23.14 21.09
C UNK J 93 24.66 22.90 22.39
N UNK J 94 25.34 22.37 23.41
CA UNK J 94 24.67 22.10 24.67
C UNK J 94 24.29 23.36 25.41
N UNK J 95 24.88 24.51 25.05
CA UNK J 95 24.36 25.76 25.55
C UNK J 95 23.01 26.10 24.94
N UNK J 96 22.72 25.58 23.75
CA UNK J 96 21.48 25.91 23.06
C UNK J 96 20.34 24.98 23.43
N UNK J 97 20.39 24.37 24.60
CA UNK J 97 19.27 23.58 25.11
C UNK J 97 18.44 24.43 26.09
N UNK J 98 17.86 25.50 25.55
CA UNK J 98 17.03 26.36 26.37
C UNK J 98 15.60 25.83 26.49
N UNK J 99 14.90 25.77 25.38
CA UNK J 99 13.49 25.39 25.37
C UNK J 99 13.38 23.88 25.15
N UNK J 100 12.18 23.40 24.82
CA UNK J 100 12.03 22.05 24.27
C UNK J 100 12.46 22.09 22.80
N UNK J 101 13.77 22.11 22.61
CA UNK J 101 14.38 22.23 21.29
C UNK J 101 15.17 20.97 20.98
N UNK J 102 15.39 20.77 19.69
CA UNK J 102 15.84 19.49 19.17
C UNK J 102 17.14 19.68 18.42
N UNK J 103 18.12 20.29 19.08
CA UNK J 103 19.46 20.49 18.56
C UNK J 103 20.21 19.19 18.26
N UNK J 104 19.71 18.03 18.71
CA UNK J 104 20.23 16.75 18.25
C UNK J 104 20.19 16.64 16.75
N UNK J 105 19.12 17.15 16.12
CA UNK J 105 19.05 17.19 14.67
C UNK J 105 20.15 18.06 14.08
N UNK J 106 20.61 19.06 14.83
CA UNK J 106 21.82 19.74 14.43
C UNK J 106 23.02 18.83 14.60
N UNK J 107 23.19 18.25 15.79
CA UNK J 107 24.46 17.62 16.15
C UNK J 107 24.73 16.38 15.34
N UNK J 108 23.69 15.58 15.10
CA UNK J 108 23.79 14.43 14.21
C UNK J 108 24.27 14.84 12.84
N UNK J 109 23.78 15.96 12.33
CA UNK J 109 24.24 16.52 11.07
C UNK J 109 25.73 16.77 11.07
N UNK J 110 26.27 17.28 12.18
CA UNK J 110 27.71 17.45 12.29
C UNK J 110 28.40 16.10 12.22
N UNK J 111 27.90 15.13 13.00
CA UNK J 111 28.44 13.77 12.91
C UNK J 111 28.08 13.11 11.60
N UNK J 112 27.09 13.64 10.89
CA UNK J 112 26.79 13.09 9.57
C UNK J 112 27.85 13.52 8.58
N UNK J 113 28.48 14.66 8.81
CA UNK J 113 29.47 15.08 7.85
C UNK J 113 30.89 14.91 8.36
N UNK J 114 31.08 14.90 9.69
CA UNK J 114 32.41 14.71 10.23
C UNK J 114 32.93 13.31 9.96
N UNK J 115 32.05 12.33 9.95
CA UNK J 115 32.45 11.00 9.52
C UNK J 115 32.40 10.88 8.01
N UNK J 116 31.89 11.90 7.32
CA UNK J 116 31.81 11.84 5.87
C UNK J 116 32.92 12.66 5.22
N UNK J 117 33.06 13.91 5.64
CA UNK J 117 34.09 14.77 5.06
C UNK J 117 35.49 14.39 5.48
N UNK J 118 35.64 13.59 6.54
CA UNK J 118 36.94 13.04 6.90
C UNK J 118 37.05 11.60 6.42
N UNK K 1 24.14 23.77 50.53
CA UNK K 1 23.84 23.28 49.19
C UNK K 1 22.76 22.22 49.25
N UNK K 2 21.52 22.64 49.08
CA UNK K 2 20.38 21.73 49.03
C UNK K 2 20.02 21.53 47.56
N UNK K 3 20.53 20.46 46.98
CA UNK K 3 20.17 20.08 45.62
C UNK K 3 18.73 19.61 45.65
N UNK K 4 17.81 20.48 45.26
CA UNK K 4 16.38 20.25 45.37
C UNK K 4 15.94 19.07 44.52
N UNK K 5 15.64 17.95 45.16
CA UNK K 5 15.50 16.68 44.45
C UNK K 5 14.08 16.15 44.46
N UNK K 6 13.48 15.91 45.64
CA UNK K 6 12.20 15.23 45.71
C UNK K 6 11.06 16.11 45.23
N UNK K 7 11.07 17.38 45.61
CA UNK K 7 10.25 18.39 44.99
C UNK K 7 11.19 19.45 44.42
N UNK K 8 10.68 20.16 43.40
CA UNK K 8 11.45 21.09 42.58
C UNK K 8 12.71 20.42 42.05
N UNK K 9 12.49 19.35 41.27
CA UNK K 9 13.55 18.42 40.90
C UNK K 9 14.57 19.00 39.92
N UNK K 10 14.42 20.26 39.51
CA UNK K 10 15.38 20.95 38.66
C UNK K 10 16.74 21.06 39.34
N UNK K 11 16.79 21.83 40.43
CA UNK K 11 17.99 22.02 41.26
C UNK K 11 19.17 22.50 40.43
N UNK K 12 19.18 23.74 39.96
CA UNK K 12 20.28 24.22 39.13
C UNK K 12 21.53 24.38 39.98
N UNK K 13 22.12 23.24 40.35
CA UNK K 13 23.45 23.11 40.93
C UNK K 13 24.48 23.24 39.84
N UNK K 14 24.49 24.42 39.26
CA UNK K 14 25.19 24.83 38.08
C UNK K 14 26.60 25.22 38.48
N UNK K 15 27.15 26.17 37.74
CA UNK K 15 28.46 26.76 37.98
C UNK K 15 28.77 27.20 39.41
N UNK K 16 27.81 27.20 40.33
CA UNK K 16 28.12 27.02 41.75
C UNK K 16 29.06 25.84 41.96
N UNK K 17 28.79 24.71 41.31
CA UNK K 17 29.70 23.57 41.41
C UNK K 17 31.02 23.86 40.71
N UNK K 18 30.98 24.57 39.58
CA UNK K 18 32.22 24.92 38.91
C UNK K 18 33.04 25.91 39.72
N UNK K 19 32.38 26.80 40.45
CA UNK K 19 33.10 27.72 41.32
C UNK K 19 33.65 27.01 42.54
N UNK K 20 32.95 25.98 43.02
CA UNK K 20 33.49 25.15 44.08
C UNK K 20 34.72 24.42 43.60
N UNK K 21 34.71 23.98 42.34
CA UNK K 21 35.89 23.36 41.77
C UNK K 21 37.00 24.37 41.56
N UNK K 22 36.64 25.60 41.19
CA UNK K 22 37.64 26.64 41.02
C UNK K 22 38.31 26.98 42.34
N UNK K 23 37.54 26.95 43.41
CA UNK K 23 38.11 27.12 44.74
C UNK K 23 38.99 25.94 45.13
N UNK K 24 38.50 24.72 44.91
CA UNK K 24 39.26 23.52 45.28
C UNK K 24 40.52 23.36 44.45
N UNK K 25 40.59 24.02 43.30
CA UNK K 25 41.81 24.05 42.51
C UNK K 25 42.62 25.31 42.74
N UNK K 26 42.04 26.32 43.38
CA UNK K 26 42.83 27.49 43.73
C UNK K 26 43.84 27.17 44.81
N UNK K 27 43.53 26.22 45.67
CA UNK K 27 44.49 25.65 46.59
C UNK K 27 45.16 24.45 45.94
N UNK K 28 45.84 23.62 46.73
CA UNK K 28 46.55 22.46 46.21
C UNK K 28 45.79 21.16 46.42
N UNK K 29 44.58 21.21 46.94
CA UNK K 29 43.94 20.03 47.52
C UNK K 29 43.34 19.09 46.49
N UNK K 30 43.68 19.20 45.21
CA UNK K 30 43.21 18.25 44.21
C UNK K 30 44.28 17.21 43.87
N UNK K 31 45.31 17.11 44.71
CA UNK K 31 46.45 16.25 44.40
C UNK K 31 46.11 14.78 44.61
N UNK K 32 45.25 14.26 43.72
CA UNK K 32 44.77 12.88 43.66
C UNK K 32 44.21 12.35 44.96
N UNK K 33 43.81 13.20 45.89
CA UNK K 33 43.04 12.74 47.01
C UNK K 33 41.56 12.86 46.73
N UNK K 34 41.19 13.81 45.86
CA UNK K 34 39.82 13.90 45.38
C UNK K 34 39.43 12.64 44.65
N UNK K 35 40.35 12.09 43.85
CA UNK K 35 40.09 10.80 43.26
C UNK K 35 40.05 9.70 44.31
N UNK K 36 40.88 9.80 45.35
CA UNK K 36 40.93 8.76 46.37
C UNK K 36 39.69 8.75 47.24
N UNK K 37 38.95 9.86 47.31
CA UNK K 37 37.70 9.87 48.05
C UNK K 37 36.49 9.72 47.15
N UNK K 38 36.58 10.17 45.90
CA UNK K 38 35.50 9.92 44.96
C UNK K 38 35.41 8.46 44.61
N UNK K 39 36.52 7.73 44.69
CA UNK K 39 36.49 6.29 44.53
C UNK K 39 35.70 5.65 45.66
N UNK K 40 35.90 6.11 46.89
CA UNK K 40 35.16 5.55 48.00
C UNK K 40 33.69 5.93 47.93
N UNK K 41 33.39 7.13 47.46
CA UNK K 41 31.99 7.53 47.32
C UNK K 41 31.30 6.72 46.22
N UNK K 42 32.00 6.46 45.12
CA UNK K 42 31.40 5.66 44.08
C UNK K 42 31.30 4.21 44.48
N UNK K 43 32.19 3.73 45.34
CA UNK K 43 32.06 2.37 45.82
C UNK K 43 30.94 2.24 46.82
N UNK K 44 30.63 3.30 47.55
CA UNK K 44 29.46 3.26 48.40
C UNK K 44 28.18 3.43 47.61
N UNK K 45 28.23 4.16 46.50
CA UNK K 45 27.01 4.41 45.74
C UNK K 45 26.69 3.26 44.81
N UNK K 46 27.56 3.02 43.84
CA UNK K 46 27.30 2.02 42.80
C UNK K 46 27.27 0.63 43.39
N UNK K 47 28.38 0.20 43.94
CA UNK K 47 28.34 -1.00 44.76
C UNK K 47 27.59 -0.70 46.04
N UNK K 48 26.99 -1.74 46.59
CA UNK K 48 26.46 -1.81 47.96
C UNK K 48 25.27 -0.90 48.24
N UNK K 49 24.88 -0.05 47.30
CA UNK K 49 23.58 0.59 47.39
C UNK K 49 22.70 0.24 46.21
N UNK K 50 23.19 0.49 44.99
CA UNK K 50 22.44 0.10 43.81
C UNK K 50 22.39 -1.40 43.67
N UNK K 51 23.45 -2.10 44.09
CA UNK K 51 23.38 -3.55 44.15
C UNK K 51 22.43 -4.00 45.25
N UNK K 52 22.34 -3.24 46.32
CA UNK K 52 21.33 -3.52 47.33
C UNK K 52 19.99 -2.91 46.97
N UNK K 53 19.93 -2.06 45.93
CA UNK K 53 18.66 -1.53 45.49
C UNK K 53 17.83 -2.52 44.69
N UNK K 54 18.26 -3.77 44.62
CA UNK K 54 17.37 -4.89 44.39
C UNK K 54 16.66 -5.33 45.65
N UNK K 55 16.80 -4.58 46.75
CA UNK K 55 15.91 -4.63 47.90
C UNK K 55 15.70 -3.21 48.43
N UNK K 56 15.40 -2.26 47.54
CA UNK K 56 15.63 -0.83 47.80
C UNK K 56 14.66 -0.20 48.79
N UNK K 57 14.61 -0.75 50.00
CA UNK K 57 13.73 -0.24 51.03
C UNK K 57 14.39 0.93 51.73
N UNK K 58 13.87 1.26 52.91
CA UNK K 58 14.65 2.05 53.84
C UNK K 58 15.82 1.25 54.42
N UNK K 59 15.85 -0.07 54.23
CA UNK K 59 17.01 -0.87 54.59
C UNK K 59 18.25 -0.43 53.82
N UNK K 60 18.11 -0.18 52.54
CA UNK K 60 19.24 0.26 51.73
C UNK K 60 19.71 1.64 52.16
N UNK K 61 18.77 2.56 52.39
CA UNK K 61 19.14 3.89 52.85
C UNK K 61 19.75 3.85 54.24
N UNK K 62 19.33 2.91 55.09
CA UNK K 62 19.90 2.78 56.42
C UNK K 62 21.34 2.30 56.35
N UNK K 63 21.56 1.23 55.57
CA UNK K 63 22.90 0.69 55.44
C UNK K 63 23.82 1.64 54.69
N UNK K 64 23.28 2.54 53.87
CA UNK K 64 24.13 3.53 53.24
C UNK K 64 24.42 4.68 54.18
N UNK K 65 23.44 5.08 55.00
CA UNK K 65 23.65 6.20 55.90
C UNK K 65 24.63 5.86 57.00
N UNK K 66 24.63 4.60 57.45
CA UNK K 66 25.60 4.15 58.45
C UNK K 66 27.03 4.30 57.94
N UNK K 67 27.30 3.81 56.73
CA UNK K 67 28.66 3.86 56.21
C UNK K 67 29.04 5.26 55.72
N UNK K 68 28.09 6.01 55.19
CA UNK K 68 28.38 7.38 54.78
C UNK K 68 28.59 8.29 55.98
N UNK K 69 28.11 7.89 57.15
CA UNK K 69 28.54 8.58 58.35
C UNK K 69 30.02 8.35 58.62
N UNK K 70 30.49 7.11 58.46
CA UNK K 70 31.87 6.81 58.77
C UNK K 70 32.83 7.42 57.75
N UNK K 71 32.35 7.63 56.53
CA UNK K 71 33.17 8.32 55.54
C UNK K 71 33.45 9.76 55.94
N UNK K 72 32.54 10.39 56.67
CA UNK K 72 32.83 11.72 57.21
C UNK K 72 33.93 11.65 58.25
N UNK K 73 33.95 10.59 59.04
CA UNK K 73 35.01 10.43 60.02
C UNK K 73 36.35 10.18 59.36
N UNK K 74 36.36 9.37 58.31
CA UNK K 74 37.60 9.13 57.59
C UNK K 74 38.05 10.37 56.84
N UNK K 75 37.13 11.22 56.42
CA UNK K 75 37.52 12.51 55.86
C UNK K 75 38.10 13.41 56.92
N UNK K 76 37.62 13.28 58.15
CA UNK K 76 38.20 14.08 59.23
C UNK K 76 39.57 13.55 59.63
N UNK K 77 39.79 12.24 59.53
CA UNK K 77 41.01 11.63 60.03
C UNK K 77 42.23 12.00 59.22
N UNK K 78 42.05 12.40 57.97
CA UNK K 78 43.16 12.83 57.14
C UNK K 78 43.43 14.32 57.31
N UNK K 79 42.74 14.98 58.24
CA UNK K 79 43.04 16.36 58.53
C UNK K 79 44.11 16.53 59.59
N UNK K 80 44.75 15.44 60.01
CA UNK K 80 45.87 15.55 60.93
C UNK K 80 47.11 16.12 60.24
N UNK K 81 47.61 15.43 59.23
CA UNK K 81 48.73 15.95 58.43
C UNK K 81 48.51 15.69 56.94
N UNK K 82 47.66 14.72 56.60
CA UNK K 82 47.51 14.25 55.22
C UNK K 82 46.90 15.29 54.31
N UNK K 83 45.69 15.74 54.61
CA UNK K 83 45.07 16.85 53.90
C UNK K 83 44.83 17.97 54.88
N UNK K 84 45.85 18.79 55.10
CA UNK K 84 45.73 19.88 56.06
C UNK K 84 45.46 21.19 55.35
N UNK K 85 38.23 24.49 51.62
CA UNK K 85 39.04 23.33 51.27
C UNK K 85 38.15 22.17 50.86
N UNK K 86 38.79 21.07 50.43
CA UNK K 86 38.05 19.87 50.09
C UNK K 86 37.39 19.26 51.31
N UNK K 87 37.93 19.53 52.50
CA UNK K 87 37.25 19.19 53.73
C UNK K 87 35.89 19.88 53.80
N UNK K 88 35.84 21.17 53.46
CA UNK K 88 34.58 21.89 53.49
C UNK K 88 33.61 21.39 52.43
N UNK K 89 34.10 21.14 51.22
CA UNK K 89 33.24 20.69 50.13
C UNK K 89 32.66 19.32 50.42
N UNK K 90 33.51 18.37 50.77
CA UNK K 90 33.03 17.03 51.05
C UNK K 90 32.21 16.98 52.33
N UNK K 91 32.47 17.88 53.28
CA UNK K 91 31.67 17.90 54.50
C UNK K 91 30.27 18.40 54.21
N UNK K 92 30.14 19.49 53.46
CA UNK K 92 28.82 19.99 53.10
C UNK K 92 28.10 19.03 52.18
N UNK K 93 28.84 18.27 51.39
CA UNK K 93 28.21 17.30 50.51
C UNK K 93 27.68 16.11 51.29
N UNK K 94 28.53 15.47 52.10
CA UNK K 94 28.12 14.31 52.86
C UNK K 94 27.13 14.67 53.96
N UNK K 95 27.04 15.94 54.34
CA UNK K 95 25.95 16.36 55.20
C UNK K 95 24.62 16.34 54.47
N UNK K 96 24.63 16.48 53.14
CA UNK K 96 23.40 16.53 52.37
C UNK K 96 22.91 15.16 51.94
N UNK K 97 23.26 14.11 52.67
CA UNK K 97 22.70 12.79 52.43
C UNK K 97 21.57 12.51 53.41
N UNK K 98 20.52 13.31 53.29
CA UNK K 98 19.36 13.14 54.15
C UNK K 98 18.42 12.07 53.62
N UNK K 99 17.84 12.31 52.45
CA UNK K 99 16.84 11.42 51.88
C UNK K 99 17.52 10.39 50.99
N UNK K 100 16.75 9.70 50.15
CA UNK K 100 17.32 8.96 49.03
C UNK K 100 17.66 9.95 47.93
N UNK K 101 18.76 10.64 48.13
CA UNK K 101 19.22 11.70 47.25
C UNK K 101 20.55 11.30 46.61
N UNK K 102 20.84 11.94 45.49
CA UNK K 102 21.88 11.49 44.59
C UNK K 102 22.90 12.60 44.40
N UNK K 103 23.42 13.11 45.51
CA UNK K 103 24.47 14.13 45.52
C UNK K 103 25.78 13.68 44.88
N UNK K 104 25.95 12.38 44.60
CA UNK K 104 27.06 11.92 43.78
C UNK K 104 27.07 12.63 42.43
N UNK K 105 25.90 12.87 41.83
CA UNK K 105 25.81 13.64 40.60
C UNK K 105 26.29 15.06 40.82
N UNK K 106 26.18 15.58 42.03
CA UNK K 106 26.86 16.82 42.34
C UNK K 106 28.37 16.60 42.38
N UNK K 107 28.82 15.62 43.18
CA UNK K 107 30.22 15.53 43.54
C UNK K 107 31.10 15.18 42.36
N UNK K 108 30.62 14.27 41.51
CA UNK K 108 31.30 13.96 40.26
C UNK K 108 31.50 15.20 39.42
N UNK K 109 30.49 16.06 39.37
CA UNK K 109 30.60 17.34 38.68
C UNK K 109 31.74 18.18 39.20
N UNK K 110 31.93 18.20 40.52
CA UNK K 110 33.09 18.88 41.09
C UNK K 110 34.37 18.24 40.61
N UNK K 111 34.45 16.91 40.68
CA UNK K 111 35.61 16.22 40.13
C UNK K 111 35.65 16.28 38.63
N UNK K 112 34.52 16.61 37.99
CA UNK K 112 34.56 16.78 36.55
C UNK K 112 35.22 18.08 36.19
N UNK K 113 35.18 19.06 37.08
CA UNK K 113 35.81 20.32 36.74
C UNK K 113 37.10 20.54 37.48
N UNK K 114 37.28 19.90 38.64
CA UNK K 114 38.52 20.08 39.38
C UNK K 114 39.69 19.43 38.67
N UNK K 115 39.44 18.32 37.96
CA UNK K 115 40.46 17.78 37.10
C UNK K 115 40.48 18.47 35.75
N UNK K 116 39.52 19.36 35.49
CA UNK K 116 39.48 20.06 34.22
C UNK K 116 40.00 21.48 34.34
N UNK K 117 39.48 22.23 35.31
CA UNK K 117 39.91 23.61 35.50
C UNK K 117 41.31 23.71 36.06
N UNK K 118 41.86 22.64 36.63
CA UNK K 118 43.25 22.62 37.05
C UNK K 118 44.10 21.87 36.02
N UNK L 1 26.94 1.16 75.59
CA UNK L 1 26.90 1.39 74.15
C UNK L 1 26.51 0.12 73.43
N UNK L 2 25.22 -0.03 73.16
CA UNK L 2 24.70 -1.16 72.40
C UNK L 2 24.46 -0.69 70.98
N UNK L 3 25.43 -0.92 70.12
CA UNK L 3 25.28 -0.63 68.69
C UNK L 3 24.28 -1.63 68.13
N UNK L 4 23.04 -1.19 67.98
CA UNK L 4 21.92 -2.05 67.60
C UNK L 4 22.12 -2.63 66.22
N UNK L 5 22.46 -3.93 66.16
CA UNK L 5 22.96 -4.52 64.93
C UNK L 5 22.01 -5.53 64.32
N UNK L 6 21.64 -6.59 65.06
CA UNK L 6 20.88 -7.69 64.47
C UNK L 6 19.45 -7.30 64.18
N UNK L 7 18.83 -6.58 65.10
CA UNK L 7 17.59 -5.88 64.85
C UNK L 7 17.84 -4.40 65.10
N UNK L 8 17.02 -3.56 64.45
CA UNK L 8 17.18 -2.11 64.38
C UNK L 8 18.60 -1.76 63.94
N UNK L 9 18.94 -2.21 62.73
CA UNK L 9 20.32 -2.22 62.24
C UNK L 9 20.88 -0.83 61.95
N UNK L 10 20.10 0.23 62.16
CA UNK L 10 20.56 1.60 62.00
C UNK L 10 21.69 1.92 62.98
N UNK L 11 21.37 1.92 64.28
CA UNK L 11 22.32 2.14 65.36
C UNK L 11 23.08 3.44 65.20
N UNK L 12 22.44 4.59 65.38
CA UNK L 12 23.12 5.87 65.19
C UNK L 12 24.14 6.08 66.30
N UNK L 13 25.23 5.31 66.22
CA UNK L 13 26.47 5.50 66.99
C UNK L 13 27.26 6.64 66.40
N UNK L 14 26.64 7.80 66.46
CA UNK L 14 27.03 9.04 65.84
C UNK L 14 28.04 9.72 66.71
N UNK L 15 28.02 11.04 66.68
CA UNK L 15 28.85 11.92 67.49
C UNK L 15 28.93 11.62 68.99
N UNK L 16 28.12 10.69 69.52
CA UNK L 16 28.52 9.95 70.71
C UNK L 16 29.93 9.40 70.57
N UNK L 17 30.26 8.81 69.43
CA UNK L 17 31.62 8.33 69.21
C UNK L 17 32.59 9.50 69.09
N UNK L 18 32.17 10.59 68.46
CA UNK L 18 33.05 11.76 68.37
C UNK L 18 33.27 12.39 69.73
N UNK L 19 32.27 12.35 70.61
CA UNK L 19 32.43 12.87 71.95
C UNK L 19 33.31 11.95 72.78
N UNK L 20 33.22 10.64 72.53
CA UNK L 20 34.14 9.71 73.18
C UNK L 20 35.57 9.98 72.73
N UNK L 21 35.74 10.33 71.46
CA UNK L 21 37.06 10.71 70.99
C UNK L 21 37.50 12.05 71.57
N UNK L 22 36.56 12.97 71.74
CA UNK L 22 36.89 14.25 72.34
C UNK L 22 37.31 14.08 73.78
N UNK L 23 36.70 13.14 74.48
CA UNK L 23 37.13 12.82 75.83
C UNK L 23 38.50 12.14 75.83
N UNK L 24 38.70 11.16 74.94
CA UNK L 24 39.96 10.44 74.90
C UNK L 24 41.11 11.31 74.43
N UNK L 25 40.82 12.43 73.78
CA UNK L 25 41.82 13.41 73.44
C UNK L 25 41.89 14.55 74.44
N UNK L 26 40.90 14.70 75.31
CA UNK L 26 40.98 15.71 76.36
C UNK L 26 42.05 15.35 77.37
N UNK L 27 42.29 14.05 77.57
CA UNK L 27 43.42 13.57 78.33
C UNK L 27 44.59 13.35 77.38
N UNK L 28 45.61 12.63 77.83
CA UNK L 28 46.80 12.38 77.04
C UNK L 28 46.82 11.00 76.41
N UNK L 29 45.76 10.23 76.56
CA UNK L 29 45.82 8.78 76.33
C UNK L 29 45.75 8.38 74.87
N UNK L 30 45.96 9.29 73.93
CA UNK L 30 46.03 8.94 72.51
C UNK L 30 47.46 8.83 72.01
N UNK L 31 48.43 8.77 72.93
CA UNK L 31 49.83 8.82 72.56
C UNK L 31 50.29 7.50 71.95
N UNK L 32 49.79 7.22 70.74
CA UNK L 32 50.09 6.04 69.92
C UNK L 32 49.89 4.72 70.62
N UNK L 33 49.14 4.67 71.71
CA UNK L 33 48.74 3.38 72.25
C UNK L 33 47.39 2.98 71.69
N UNK L 34 46.58 3.97 71.31
CA UNK L 34 45.34 3.68 70.60
C UNK L 34 45.62 3.00 69.28
N UNK L 35 46.68 3.43 68.59
CA UNK L 35 47.10 2.69 67.41
C UNK L 35 47.65 1.32 67.77
N UNK L 36 48.34 1.21 68.91
CA UNK L 36 48.92 -0.06 69.30
C UNK L 36 47.88 -1.09 69.71
N UNK L 37 46.69 -0.65 70.10
CA UNK L 37 45.62 -1.58 70.42
C UNK L 37 44.63 -1.75 69.27
N UNK L 38 44.45 -0.71 68.45
CA UNK L 38 43.62 -0.87 67.26
C UNK L 38 44.28 -1.79 66.27
N UNK L 39 45.62 -1.85 66.27
CA UNK L 39 46.31 -2.82 65.45
C UNK L 39 46.00 -4.24 65.90
N UNK L 40 45.95 -4.47 67.22
CA UNK L 40 45.61 -5.80 67.70
C UNK L 40 44.17 -6.13 67.44
N UNK L 41 43.28 -5.14 67.53
CA UNK L 41 41.87 -5.40 67.25
C UNK L 41 41.66 -5.70 65.77
N UNK L 42 42.38 -4.99 64.89
CA UNK L 42 42.24 -5.27 63.47
C UNK L 42 42.89 -6.59 63.11
N UNK L 43 43.93 -6.99 63.84
CA UNK L 43 44.53 -8.29 63.57
C UNK L 43 43.65 -9.41 64.08
N UNK L 44 42.86 -9.17 65.11
CA UNK L 44 41.89 -10.18 65.52
C UNK L 44 40.69 -10.19 64.59
N UNK L 45 40.33 -9.05 64.01
CA UNK L 45 39.13 -9.00 63.18
C UNK L 45 39.42 -9.47 61.77
N UNK L 46 40.27 -8.74 61.05
CA UNK L 46 40.52 -9.02 59.64
C UNK L 46 41.22 -10.35 59.48
N UNK L 47 42.41 -10.48 60.02
CA UNK L 47 43.00 -11.79 60.15
C UNK L 47 42.24 -12.59 61.19
N UNK L 48 42.26 -13.91 61.00
CA UNK L 48 41.88 -14.92 61.99
C UNK L 48 40.39 -14.93 62.35
N UNK L 49 39.60 -13.98 61.86
CA UNK L 49 38.15 -14.15 61.91
C UNK L 49 37.56 -14.14 60.52
N UNK L 50 37.82 -13.11 59.73
CA UNK L 50 37.34 -13.09 58.36
C UNK L 50 38.06 -14.12 57.51
N UNK L 51 39.33 -14.38 57.81
CA UNK L 51 40.02 -15.50 57.16
C UNK L 51 39.46 -16.83 57.65
N UNK L 52 39.01 -16.89 58.89
CA UNK L 52 38.31 -18.06 59.35
C UNK L 52 36.83 -18.02 59.00
N UNK L 53 36.33 -16.90 58.50
CA UNK L 53 34.95 -16.83 58.04
C UNK L 53 34.73 -17.48 56.71
N UNK L 54 35.73 -18.17 56.16
CA UNK L 54 35.52 -19.24 55.21
C UNK L 54 35.17 -20.54 55.89
N UNK L 55 34.92 -20.52 57.21
CA UNK L 55 34.22 -21.56 57.94
C UNK L 55 33.33 -20.92 59.00
N UNK L 56 32.56 -19.89 58.61
CA UNK L 56 32.04 -18.89 59.55
C UNK L 56 30.91 -19.40 60.44
N UNK L 57 31.17 -20.45 61.19
CA UNK L 57 30.18 -21.02 62.09
C UNK L 57 30.17 -20.26 63.40
N UNK L 58 29.58 -20.88 64.41
CA UNK L 58 29.88 -20.47 65.77
C UNK L 58 31.30 -20.84 66.19
N UNK L 59 32.00 -21.68 65.40
CA UNK L 59 33.41 -21.94 65.62
C UNK L 59 34.23 -20.67 65.51
N UNK L 60 33.95 -19.84 64.50
CA UNK L 60 34.69 -18.61 64.31
C UNK L 60 34.40 -17.63 65.44
N UNK L 61 33.13 -17.51 65.84
CA UNK L 61 32.78 -16.64 66.94
C UNK L 61 33.35 -17.14 68.25
N UNK L 62 33.49 -18.46 68.41
CA UNK L 62 34.09 -19.00 69.63
C UNK L 62 35.56 -18.69 69.70
N UNK L 63 36.29 -18.95 68.61
CA UNK L 63 37.70 -18.67 68.58
C UNK L 63 38.00 -17.18 68.63
N UNK L 64 37.06 -16.34 68.21
CA UNK L 64 37.27 -14.91 68.37
C UNK L 64 36.96 -14.45 69.78
N UNK L 65 35.93 -15.02 70.41
CA UNK L 65 35.56 -14.62 71.76
C UNK L 65 36.61 -15.01 72.77
N UNK L 66 37.26 -16.16 72.56
CA UNK L 66 38.34 -16.58 73.44
C UNK L 66 39.49 -15.58 73.44
N UNK L 67 39.94 -15.17 72.26
CA UNK L 67 41.08 -14.26 72.20
C UNK L 67 40.68 -12.82 72.54
N UNK L 68 39.47 -12.41 72.19
CA UNK L 68 39.02 -11.08 72.57
C UNK L 68 38.76 -10.97 74.05
N UNK L 69 38.57 -12.09 74.74
CA UNK L 69 38.63 -12.05 76.20
C UNK L 69 40.02 -11.71 76.69
N UNK L 70 41.05 -12.31 76.08
CA UNK L 70 42.41 -12.09 76.55
C UNK L 70 42.89 -10.68 76.22
N UNK L 71 42.34 -10.08 75.17
CA UNK L 71 42.68 -8.70 74.87
C UNK L 71 42.19 -7.75 75.95
N UNK L 72 41.11 -8.08 76.64
CA UNK L 72 40.70 -7.28 77.79
C UNK L 72 41.71 -7.40 78.91
N UNK L 73 42.28 -8.58 79.09
CA UNK L 73 43.29 -8.76 80.12
C UNK L 73 44.56 -8.00 79.78
N UNK L 74 44.96 -8.02 78.51
CA UNK L 74 46.13 -7.25 78.10
C UNK L 74 45.87 -5.76 78.17
N UNK L 75 44.63 -5.33 77.98
CA UNK L 75 44.30 -3.93 78.20
C UNK L 75 44.37 -3.60 79.69
N UNK L 76 44.05 -4.55 80.54
CA UNK L 76 44.18 -4.30 81.97
C UNK L 76 45.63 -4.28 82.42
N UNK L 77 46.48 -5.09 81.77
CA UNK L 77 47.86 -5.26 82.21
C UNK L 77 48.70 -4.02 82.01
N UNK L 78 48.31 -3.15 81.09
CA UNK L 78 49.02 -1.90 80.88
C UNK L 78 48.50 -0.80 81.79
N UNK L 79 47.60 -1.13 82.72
CA UNK L 79 47.16 -0.14 83.69
C UNK L 79 48.02 -0.13 84.93
N UNK L 80 49.14 -0.84 84.94
CA UNK L 80 50.06 -0.76 86.06
C UNK L 80 50.82 0.56 86.06
N UNK L 81 51.58 0.83 85.01
CA UNK L 81 52.27 2.11 84.86
C UNK L 81 52.18 2.63 83.41
N UNK L 82 51.93 1.73 82.46
CA UNK L 82 52.01 2.06 81.03
C UNK L 82 50.94 3.03 80.60
N UNK L 83 49.67 2.66 80.76
CA UNK L 83 48.56 3.57 80.52
C UNK L 83 47.80 3.75 81.82
N UNK L 84 48.26 4.68 82.65
CA UNK L 84 47.63 4.91 83.93
C UNK L 84 46.71 6.11 83.88
N UNK L 85 38.73 7.29 80.44
CA UNK L 85 40.01 7.01 79.80
C UNK L 85 39.83 5.99 78.69
N UNK L 86 40.93 5.71 77.97
CA UNK L 86 40.89 4.70 76.93
C UNK L 86 40.65 3.31 77.50
N UNK L 87 41.01 3.12 78.78
CA UNK L 87 40.63 1.91 79.49
C UNK L 87 39.11 1.77 79.52
N UNK L 88 38.40 2.87 79.83
CA UNK L 88 36.95 2.82 79.87
C UNK L 88 36.35 2.59 78.50
N UNK L 89 36.87 3.27 77.48
CA UNK L 89 36.33 3.16 76.12
C UNK L 89 36.53 1.76 75.58
N UNK L 90 37.76 1.26 75.64
CA UNK L 90 38.03 -0.07 75.12
C UNK L 90 37.39 -1.15 75.98
N UNK L 91 37.17 -0.89 77.27
CA UNK L 91 36.50 -1.88 78.10
C UNK L 91 35.03 -2.00 77.75
N UNK L 92 34.35 -0.85 77.58
CA UNK L 92 32.95 -0.89 77.18
C UNK L 92 32.79 -1.40 75.76
N UNK L 93 33.80 -1.20 74.92
CA UNK L 93 33.72 -1.72 73.57
C UNK L 93 33.90 -3.23 73.54
N UNK L 94 34.97 -3.73 74.14
CA UNK L 94 35.22 -5.17 74.13
C UNK L 94 34.22 -5.93 74.98
N UNK L 95 33.50 -5.25 75.88
CA UNK L 95 32.38 -5.89 76.52
C UNK L 95 31.22 -6.09 75.55
N UNK L 96 31.13 -5.29 74.49
CA UNK L 96 30.03 -5.37 73.55
C UNK L 96 30.29 -6.36 72.42
N UNK L 97 31.15 -7.34 72.64
CA UNK L 97 31.33 -8.42 71.68
C UNK L 97 30.51 -9.64 72.08
N UNK L 98 29.20 -9.46 72.09
CA UNK L 98 28.31 -10.55 72.44
C UNK L 98 28.03 -11.45 71.25
N UNK L 99 27.38 -10.91 70.23
CA UNK L 99 26.95 -11.69 69.07
C UNK L 99 28.04 -11.66 68.01
N UNK L 100 27.70 -12.04 66.78
CA UNK L 100 28.55 -11.73 65.63
C UNK L 100 28.31 -10.28 65.25
N UNK L 101 28.92 -9.40 66.03
CA UNK L 101 28.76 -7.97 65.89
C UNK L 101 30.09 -7.34 65.51
N UNK L 102 29.99 -6.14 64.94
CA UNK L 102 31.09 -5.53 64.22
C UNK L 102 31.41 -4.18 64.85
N UNK L 103 31.62 -4.17 66.16
CA UNK L 103 32.01 -2.98 66.91
C UNK L 103 33.35 -2.40 66.50
N UNK L 104 34.14 -3.10 65.69
CA UNK L 104 35.31 -2.51 65.06
C UNK L 104 34.94 -1.27 64.25
N UNK L 105 33.80 -1.30 63.57
CA UNK L 105 33.29 -0.13 62.87
C UNK L 105 32.99 1.01 63.84
N UNK L 106 32.66 0.68 65.09
CA UNK L 106 32.64 1.71 66.10
C UNK L 106 34.03 2.19 66.42
N UNK L 107 34.93 1.26 66.73
CA UNK L 107 36.20 1.61 67.37
C UNK L 107 37.10 2.38 66.43
N UNK L 108 37.14 1.97 65.15
CA UNK L 108 37.85 2.71 64.13
C UNK L 108 37.38 4.15 64.05
N UNK L 109 36.06 4.35 64.16
CA UNK L 109 35.49 5.68 64.19
C UNK L 109 36.07 6.51 65.32
N UNK L 110 36.25 5.91 66.51
CA UNK L 110 36.91 6.61 67.59
C UNK L 110 38.33 6.97 67.21
N UNK L 111 39.07 6.00 66.66
CA UNK L 111 40.41 6.30 66.18
C UNK L 111 40.38 7.17 64.94
N UNK L 112 39.23 7.25 64.26
CA UNK L 112 39.14 8.16 63.14
C UNK L 112 39.05 9.58 63.62
N UNK L 113 38.53 9.80 64.81
CA UNK L 113 38.42 11.17 65.28
C UNK L 113 39.45 11.50 66.35
N UNK L 114 39.94 10.50 67.07
CA UNK L 114 40.94 10.77 68.10
C UNK L 114 42.26 11.20 67.48
N UNK L 115 42.59 10.67 66.31
CA UNK L 115 43.73 11.19 65.58
C UNK L 115 43.36 12.42 64.77
N UNK L 116 42.09 12.77 64.72
CA UNK L 116 41.66 13.94 63.96
C UNK L 116 41.39 15.12 64.88
N UNK L 117 40.58 14.92 65.91
CA UNK L 117 40.26 16.01 66.83
C UNK L 117 41.43 16.40 67.71
N UNK L 118 42.45 15.56 67.82
CA UNK L 118 43.67 15.94 68.52
C UNK L 118 44.74 16.31 67.52
#